data_3FHN
#
_entry.id   3FHN
#
_cell.length_a   85.480
_cell.length_b   111.620
_cell.length_c   149.840
_cell.angle_alpha   77.09
_cell.angle_beta   88.12
_cell.angle_gamma   70.35
#
_symmetry.space_group_name_H-M   'P 1'
#
_entity_poly.entity_id   1
_entity_poly.type   'polypeptide(L)'
_entity_poly.pdbx_seq_one_letter_code
;GA(MSE)GS(MSE)NGIDDLLNINDRIKQVQNERNELASKLQNLKQSLASNDTEVALSEVIAQDIIEVGASVEGLEQLRA
KYGDLQILNKLEKVAVQQTQ(MSE)QAGVDKLDSFERQLDELAEQPPDQFTLDDVKALHSKLTSVFATVPQINNIDSQYA
AYNKLKSKVTGKYNDVIIQRLATNWSNTFDQKLLEAQWDTQKFASTSVGLVKCLRENSTKLYQLSLLYLPLEEETQNGDS
ERPLSRSNNNQEPVLWNFKSLANNFNVRFTYHFHATSSSSKIETYFQFLNDYLAENLYKCINIFHDDCNGLTKPVIHEQF
INYVLQPIRDKVRSTLFQNDLKTLIVLISQILATDKNLLNSFHYHGLGLVSLISDEVWEKWINYEVE(MSE)ANRQFINI
TKNPEDFPKSSQNFVKLINKIYDYLEPFYDLDFDLLVRYKL(MSE)TCSLIF(MSE)NLTSSYLDYILTVDSLNETRTKE
QELYQT(MSE)AKLQHVNFVYRKIKSLSSNFIFIQLTDIVNSTESKKYNSLFQNVENDYEKA(MSE)STD(MSE)QNSIV
HRIQKLLKETLRNYFKISTWSTLE(MSE)SVDENIGPSSVPSAELVNSINVLRRLINKLDS(MSE)DIPLAISLKVKNEL
LNVIVNYFTESILKLNKFNQNGLNQFLHDFKSLSSILSLPSHATNYKC(MSE)SLHELVKILKLKYDPNNQQFLNPEYIK
TGNFTSLKEAYSIKYLKDTKIQDALYRIIYGNIL
;
_entity_poly.pdbx_strand_id   A,B,C,D
#
# COMPACT_ATOMS: atom_id res chain seq x y z
N ASP A 10 55.77 39.17 -13.66
CA ASP A 10 56.07 39.31 -12.21
C ASP A 10 55.04 40.24 -11.56
N ASP A 11 55.31 41.54 -11.58
CA ASP A 11 54.39 42.53 -11.04
C ASP A 11 53.42 42.86 -12.16
N LEU A 12 53.79 42.47 -13.37
CA LEU A 12 52.94 42.69 -14.54
C LEU A 12 51.73 41.77 -14.40
N LEU A 13 51.89 40.70 -13.63
CA LEU A 13 50.80 39.76 -13.41
C LEU A 13 49.77 40.48 -12.57
N ASN A 14 50.27 41.27 -11.63
CA ASN A 14 49.43 42.05 -10.74
C ASN A 14 48.73 43.13 -11.58
N ILE A 15 49.49 43.80 -12.42
CA ILE A 15 48.97 44.85 -13.28
C ILE A 15 47.95 44.31 -14.28
N ASN A 16 48.17 43.09 -14.75
CA ASN A 16 47.25 42.49 -15.70
C ASN A 16 45.94 42.29 -14.98
N ASP A 17 46.02 41.96 -13.70
CA ASP A 17 44.83 41.73 -12.90
C ASP A 17 44.10 43.04 -12.50
N ARG A 18 44.84 44.06 -12.09
CA ARG A 18 44.20 45.31 -11.74
C ARG A 18 43.46 45.88 -12.95
N ILE A 19 43.97 45.62 -14.15
CA ILE A 19 43.29 46.13 -15.34
C ILE A 19 41.94 45.46 -15.42
N LYS A 20 41.94 44.14 -15.33
CA LYS A 20 40.70 43.36 -15.38
C LYS A 20 39.75 43.85 -14.30
N GLN A 21 40.29 44.13 -13.12
CA GLN A 21 39.47 44.62 -12.02
C GLN A 21 38.75 45.90 -12.40
N VAL A 22 39.52 46.89 -12.82
CA VAL A 22 38.97 48.18 -13.21
C VAL A 22 37.93 48.05 -14.29
N GLN A 23 38.15 47.16 -15.24
CA GLN A 23 37.18 46.96 -16.31
C GLN A 23 35.87 46.42 -15.76
N ASN A 24 35.94 45.68 -14.66
CA ASN A 24 34.73 45.14 -14.03
C ASN A 24 34.12 46.24 -13.18
N GLU A 25 34.87 46.68 -12.18
CA GLU A 25 34.40 47.73 -11.30
C GLU A 25 33.76 48.86 -12.09
N ARG A 26 34.21 49.07 -13.32
CA ARG A 26 33.64 50.11 -14.16
C ARG A 26 32.22 49.73 -14.51
N ASN A 27 32.04 48.48 -14.92
CA ASN A 27 30.74 47.98 -15.29
C ASN A 27 29.80 48.00 -14.09
N GLU A 28 30.27 47.53 -12.94
CA GLU A 28 29.44 47.50 -11.75
C GLU A 28 28.92 48.92 -11.53
N LEU A 29 29.82 49.82 -11.19
CA LEU A 29 29.48 51.21 -10.95
C LEU A 29 28.59 51.75 -12.05
N ALA A 30 28.77 51.23 -13.25
CA ALA A 30 27.95 51.67 -14.36
C ALA A 30 26.51 51.24 -14.10
N SER A 31 26.22 49.96 -14.29
CA SER A 31 24.87 49.47 -14.08
C SER A 31 24.28 49.74 -12.70
N LYS A 32 25.12 49.95 -11.69
CA LYS A 32 24.60 50.24 -10.38
C LYS A 32 24.02 51.65 -10.43
N LEU A 33 24.71 52.51 -11.17
CA LEU A 33 24.31 53.89 -11.34
C LEU A 33 23.07 53.99 -12.22
N GLN A 34 22.86 52.99 -13.07
CA GLN A 34 21.68 52.98 -13.93
C GLN A 34 20.47 52.56 -13.07
N ASN A 35 20.58 51.41 -12.43
CA ASN A 35 19.53 50.90 -11.56
C ASN A 35 19.11 51.96 -10.54
N LEU A 36 20.06 52.80 -10.14
CA LEU A 36 19.77 53.86 -9.18
C LEU A 36 18.93 54.93 -9.83
N LYS A 37 19.36 55.40 -11.00
CA LYS A 37 18.62 56.43 -11.71
C LYS A 37 17.19 55.96 -11.90
N GLN A 38 17.02 54.67 -12.14
CA GLN A 38 15.70 54.12 -12.33
C GLN A 38 14.92 54.18 -11.02
N SER A 39 15.63 54.05 -9.91
CA SER A 39 14.95 54.10 -8.62
C SER A 39 14.50 55.51 -8.27
N LEU A 40 15.33 56.52 -8.55
CA LEU A 40 14.92 57.90 -8.28
C LEU A 40 13.72 58.25 -9.14
N ALA A 41 13.63 57.60 -10.30
CA ALA A 41 12.51 57.84 -11.20
C ALA A 41 11.26 57.28 -10.54
N SER A 42 11.26 55.97 -10.31
CA SER A 42 10.13 55.31 -9.68
C SER A 42 9.64 56.04 -8.43
N ASN A 43 10.53 56.26 -7.48
CA ASN A 43 10.15 56.93 -6.24
C ASN A 43 9.86 58.40 -6.44
N ASP A 44 9.53 58.78 -7.68
CA ASP A 44 9.19 60.15 -7.98
C ASP A 44 7.80 60.17 -8.64
N THR A 45 6.77 60.10 -7.82
CA THR A 45 5.40 60.12 -8.33
C THR A 45 5.06 61.47 -8.98
N GLU A 46 5.76 62.50 -8.52
CA GLU A 46 5.57 63.86 -9.02
C GLU A 46 6.01 64.02 -10.47
N VAL A 47 6.97 63.21 -10.90
CA VAL A 47 7.51 63.24 -12.26
C VAL A 47 8.10 64.62 -12.63
N ALA A 48 9.00 65.10 -11.77
CA ALA A 48 9.61 66.40 -12.02
C ALA A 48 11.10 66.32 -12.27
N LEU A 49 11.63 65.10 -12.23
CA LEU A 49 13.07 64.90 -12.45
C LEU A 49 13.46 64.85 -13.91
N SER A 50 14.65 65.37 -14.19
CA SER A 50 15.20 65.37 -15.52
C SER A 50 16.37 64.40 -15.41
N GLU A 51 17.35 64.54 -16.29
CA GLU A 51 18.51 63.68 -16.24
C GLU A 51 19.58 64.42 -15.47
N VAL A 52 19.82 65.67 -15.86
CA VAL A 52 20.84 66.50 -15.20
C VAL A 52 20.63 66.64 -13.69
N ILE A 53 19.38 66.78 -13.26
CA ILE A 53 19.09 66.91 -11.84
C ILE A 53 19.35 65.58 -11.16
N ALA A 54 18.78 64.51 -11.73
CA ALA A 54 18.98 63.18 -11.18
C ALA A 54 20.45 62.98 -10.92
N GLN A 55 21.29 63.40 -11.87
CA GLN A 55 22.72 63.25 -11.75
C GLN A 55 23.27 64.09 -10.61
N ASP A 56 22.81 65.35 -10.51
CA ASP A 56 23.25 66.23 -9.42
C ASP A 56 22.84 65.65 -8.07
N ILE A 57 21.67 65.05 -8.00
CA ILE A 57 21.24 64.43 -6.76
C ILE A 57 22.30 63.39 -6.41
N ILE A 58 22.65 62.57 -7.41
CA ILE A 58 23.64 61.53 -7.22
C ILE A 58 25.05 62.04 -6.86
N GLU A 59 25.34 63.29 -7.19
CA GLU A 59 26.65 63.87 -6.88
C GLU A 59 26.69 64.33 -5.43
N VAL A 60 25.80 65.25 -5.07
CA VAL A 60 25.70 65.81 -3.72
C VAL A 60 24.30 65.54 -3.14
N GLY A 61 23.96 64.27 -2.94
CA GLY A 61 22.63 63.97 -2.44
C GLY A 61 22.51 63.19 -1.15
N ALA A 62 23.60 63.12 -0.39
CA ALA A 62 23.57 62.40 0.87
C ALA A 62 23.74 63.43 1.98
N SER A 63 24.23 64.61 1.61
CA SER A 63 24.45 65.70 2.56
C SER A 63 23.22 66.59 2.64
N VAL A 64 22.96 67.12 3.81
CA VAL A 64 21.80 67.99 3.97
C VAL A 64 22.09 69.31 3.26
N GLU A 65 23.31 69.80 3.42
CA GLU A 65 23.71 71.06 2.79
C GLU A 65 23.55 70.96 1.27
N GLY A 66 23.83 69.78 0.72
CA GLY A 66 23.70 69.57 -0.71
C GLY A 66 22.27 69.70 -1.16
N LEU A 67 21.42 68.79 -0.68
CA LEU A 67 20.02 68.80 -1.04
C LEU A 67 19.44 70.20 -0.96
N GLU A 68 19.83 70.95 0.05
CA GLU A 68 19.34 72.33 0.21
C GLU A 68 19.69 73.21 -0.98
N GLN A 69 20.91 73.09 -1.50
CA GLN A 69 21.31 73.89 -2.64
C GLN A 69 20.59 73.39 -3.91
N LEU A 70 20.26 72.10 -3.93
CA LEU A 70 19.56 71.53 -5.07
C LEU A 70 18.08 71.95 -5.01
N ARG A 71 17.77 72.82 -4.07
CA ARG A 71 16.41 73.32 -3.94
C ARG A 71 16.49 74.80 -4.30
N ALA A 72 17.63 75.39 -3.99
CA ALA A 72 17.88 76.79 -4.31
C ALA A 72 17.82 76.90 -5.82
N LYS A 73 18.08 75.76 -6.47
CA LYS A 73 18.08 75.67 -7.92
C LYS A 73 16.75 75.16 -8.47
N TYR A 74 16.60 73.85 -8.56
CA TYR A 74 15.39 73.25 -9.12
C TYR A 74 14.14 73.30 -8.23
N GLY A 75 14.00 74.36 -7.45
CA GLY A 75 12.82 74.51 -6.60
C GLY A 75 12.57 73.45 -5.55
N ASP A 76 11.37 73.45 -4.97
CA ASP A 76 11.01 72.49 -3.93
C ASP A 76 10.41 71.18 -4.43
N LEU A 77 11.29 70.27 -4.86
CA LEU A 77 10.83 68.98 -5.35
C LEU A 77 10.42 68.01 -4.27
N GLN A 78 9.24 67.43 -4.44
CA GLN A 78 8.71 66.49 -3.48
C GLN A 78 9.56 65.22 -3.36
N ILE A 79 10.63 65.12 -4.15
CA ILE A 79 11.51 63.95 -4.06
C ILE A 79 12.76 64.35 -3.30
N LEU A 80 13.13 65.62 -3.40
CA LEU A 80 14.29 66.12 -2.69
C LEU A 80 13.97 66.08 -1.20
N ASN A 81 12.71 66.37 -0.86
CA ASN A 81 12.26 66.36 0.53
C ASN A 81 12.40 64.96 1.09
N LYS A 82 11.76 64.01 0.40
CA LYS A 82 11.79 62.60 0.79
C LYS A 82 13.24 62.07 0.93
N LEU A 83 14.21 62.90 0.58
CA LEU A 83 15.63 62.55 0.68
C LEU A 83 16.25 63.32 1.83
N GLU A 84 15.93 64.62 1.91
CA GLU A 84 16.46 65.50 2.96
C GLU A 84 15.97 65.14 4.35
N LYS A 85 14.73 64.70 4.46
CA LYS A 85 14.22 64.27 5.75
C LYS A 85 15.18 63.15 6.11
N VAL A 86 15.26 62.14 5.25
CA VAL A 86 16.15 61.00 5.47
C VAL A 86 17.59 61.49 5.69
N ALA A 87 17.97 62.56 5.01
CA ALA A 87 19.31 63.09 5.14
C ALA A 87 19.54 63.63 6.54
N VAL A 88 18.74 64.61 6.95
CA VAL A 88 18.88 65.21 8.27
C VAL A 88 18.83 64.17 9.39
N GLN A 89 18.02 63.13 9.20
CA GLN A 89 17.86 62.06 10.17
C GLN A 89 19.14 61.25 10.36
N GLN A 90 20.00 61.24 9.34
CA GLN A 90 21.28 60.52 9.37
C GLN A 90 22.42 61.40 9.85
N THR A 91 22.43 62.64 9.36
CA THR A 91 23.47 63.58 9.73
C THR A 91 23.48 63.87 11.23
N GLN A 92 22.34 63.67 11.88
CA GLN A 92 22.25 63.92 13.31
C GLN A 92 22.61 62.65 14.05
N GLN A 94 24.46 60.45 13.18
CA GLN A 94 25.89 60.26 13.10
C GLN A 94 26.57 61.29 14.01
N ALA A 95 25.91 62.43 14.18
CA ALA A 95 26.41 63.51 15.03
C ALA A 95 26.26 63.06 16.48
N GLY A 96 25.27 62.21 16.70
CA GLY A 96 25.05 61.68 18.03
C GLY A 96 26.20 60.79 18.40
N VAL A 97 26.42 59.74 17.62
CA VAL A 97 27.51 58.83 17.88
C VAL A 97 28.83 59.56 18.07
N ASP A 98 29.03 60.66 17.34
CA ASP A 98 30.28 61.41 17.50
C ASP A 98 30.33 62.04 18.89
N LYS A 99 29.21 62.59 19.35
CA LYS A 99 29.15 63.21 20.68
C LYS A 99 29.31 62.17 21.79
N LEU A 100 28.62 61.05 21.67
CA LEU A 100 28.71 59.98 22.65
C LEU A 100 30.18 59.60 22.81
N ASP A 101 30.83 59.28 21.70
CA ASP A 101 32.25 58.90 21.73
C ASP A 101 33.11 59.94 22.43
N SER A 102 32.86 61.21 22.16
CA SER A 102 33.65 62.25 22.79
C SER A 102 33.35 62.24 24.29
N PHE A 103 32.19 61.71 24.66
CA PHE A 103 31.80 61.64 26.06
C PHE A 103 32.40 60.42 26.73
N GLU A 104 32.35 59.27 26.06
CA GLU A 104 32.92 58.06 26.62
C GLU A 104 34.32 58.43 27.05
N ARG A 105 35.06 59.06 26.15
CA ARG A 105 36.41 59.49 26.45
C ARG A 105 36.45 60.34 27.72
N GLN A 106 35.70 61.44 27.78
CA GLN A 106 35.70 62.29 28.97
C GLN A 106 35.48 61.51 30.27
N LEU A 107 34.58 60.53 30.22
CA LEU A 107 34.28 59.68 31.36
C LEU A 107 35.55 58.92 31.71
N ASP A 108 36.01 58.11 30.77
CA ASP A 108 37.21 57.30 30.93
C ASP A 108 38.31 58.04 31.67
N GLU A 109 38.45 59.33 31.39
CA GLU A 109 39.48 60.12 32.06
C GLU A 109 39.05 60.57 33.47
N LEU A 110 37.75 60.79 33.67
CA LEU A 110 37.25 61.22 34.98
C LEU A 110 37.24 60.04 35.95
N ALA A 111 37.31 58.82 35.38
CA ALA A 111 37.33 57.60 36.16
C ALA A 111 38.61 57.55 36.98
N GLU A 112 39.51 58.49 36.70
CA GLU A 112 40.78 58.61 37.40
C GLU A 112 40.62 59.60 38.54
N GLN A 113 40.09 60.77 38.22
CA GLN A 113 39.88 61.78 39.23
C GLN A 113 39.18 61.13 40.43
N PRO A 114 39.78 61.21 41.63
CA PRO A 114 39.18 60.60 42.82
C PRO A 114 37.88 61.28 43.22
N PRO A 115 36.90 60.49 43.66
CA PRO A 115 35.55 60.87 44.10
C PRO A 115 35.37 62.07 45.04
N ASP A 116 36.45 62.50 45.68
CA ASP A 116 36.39 63.63 46.61
C ASP A 116 36.43 64.95 45.85
N GLN A 117 37.14 64.95 44.73
CA GLN A 117 37.29 66.14 43.90
C GLN A 117 36.07 66.51 43.05
N PHE A 118 34.93 65.87 43.32
CA PHE A 118 33.72 66.16 42.57
C PHE A 118 32.74 66.90 43.47
N THR A 119 31.85 67.64 42.84
CA THR A 119 30.83 68.40 43.54
C THR A 119 29.47 67.98 43.02
N LEU A 120 28.42 68.25 43.79
CA LEU A 120 27.06 67.94 43.37
C LEU A 120 26.88 68.54 41.99
N ASP A 121 27.44 69.74 41.82
CA ASP A 121 27.39 70.48 40.56
C ASP A 121 28.11 69.68 39.48
N ASP A 122 29.43 69.54 39.62
CA ASP A 122 30.23 68.77 38.65
C ASP A 122 29.44 67.61 38.08
N VAL A 123 28.73 66.89 38.94
CA VAL A 123 27.93 65.74 38.52
C VAL A 123 26.79 66.30 37.68
N LYS A 124 26.03 67.21 38.27
CA LYS A 124 24.89 67.85 37.61
C LYS A 124 25.27 68.25 36.18
N ALA A 125 26.45 68.87 36.02
CA ALA A 125 26.89 69.27 34.70
C ALA A 125 26.91 68.05 33.80
N LEU A 126 27.78 67.09 34.11
CA LEU A 126 27.87 65.86 33.33
C LEU A 126 26.52 65.29 32.92
N HIS A 127 25.58 65.28 33.86
CA HIS A 127 24.23 64.76 33.61
C HIS A 127 23.47 65.58 32.57
N SER A 128 23.55 66.90 32.69
CA SER A 128 22.91 67.79 31.74
C SER A 128 23.52 67.50 30.37
N LYS A 129 24.84 67.61 30.28
CA LYS A 129 25.54 67.37 29.02
C LYS A 129 25.23 66.04 28.35
N LEU A 130 24.99 65.00 29.14
CA LEU A 130 24.69 63.70 28.55
C LEU A 130 23.25 63.65 28.07
N THR A 131 22.33 64.25 28.81
CA THR A 131 20.92 64.26 28.38
C THR A 131 20.79 65.15 27.13
N SER A 132 21.68 66.15 27.03
CA SER A 132 21.70 67.07 25.91
C SER A 132 22.10 66.35 24.65
N VAL A 133 22.98 65.37 24.78
CA VAL A 133 23.41 64.60 23.63
C VAL A 133 22.22 63.74 23.21
N PHE A 134 21.62 63.03 24.16
CA PHE A 134 20.47 62.17 23.88
C PHE A 134 19.38 62.93 23.12
N ALA A 135 19.24 64.22 23.42
CA ALA A 135 18.23 65.08 22.80
C ALA A 135 18.56 65.47 21.34
N THR A 136 19.82 65.34 20.98
CA THR A 136 20.25 65.66 19.62
C THR A 136 19.56 64.72 18.64
N VAL A 137 19.68 63.42 18.93
CA VAL A 137 19.11 62.38 18.10
C VAL A 137 17.59 62.23 18.22
N PRO A 138 16.86 62.38 17.11
CA PRO A 138 15.40 62.25 17.11
C PRO A 138 15.00 60.77 17.06
N GLN A 139 14.12 60.36 17.97
CA GLN A 139 13.68 58.95 18.00
C GLN A 139 12.88 58.59 16.76
N ILE A 140 13.47 57.73 15.93
CA ILE A 140 12.84 57.26 14.70
C ILE A 140 12.58 55.75 14.83
N ASN A 141 11.48 55.27 14.25
CA ASN A 141 11.15 53.84 14.32
C ASN A 141 11.42 53.05 13.03
N ASN A 142 12.60 53.27 12.43
CA ASN A 142 12.98 52.54 11.22
C ASN A 142 13.68 51.26 11.67
N ILE A 143 12.94 50.16 11.70
CA ILE A 143 13.46 48.85 12.12
C ILE A 143 14.96 48.67 11.84
N ASP A 144 15.74 48.54 12.91
CA ASP A 144 17.19 48.33 12.81
C ASP A 144 17.96 49.22 11.83
N SER A 145 17.69 50.52 11.83
CA SER A 145 18.42 51.40 10.93
C SER A 145 19.87 51.37 11.39
N GLN A 146 20.63 52.41 11.05
CA GLN A 146 22.01 52.51 11.49
C GLN A 146 21.84 52.84 12.98
N TYR A 147 20.56 52.85 13.38
CA TYR A 147 20.07 53.13 14.72
C TYR A 147 20.62 52.14 15.74
N ALA A 148 20.40 50.85 15.48
CA ALA A 148 20.87 49.78 16.35
C ALA A 148 22.29 50.05 16.84
N ALA A 149 23.15 50.52 15.95
CA ALA A 149 24.52 50.84 16.29
C ALA A 149 24.53 51.93 17.34
N TYR A 150 23.96 53.09 17.00
CA TYR A 150 23.89 54.24 17.91
C TYR A 150 23.32 53.82 19.26
N ASN A 151 22.26 53.02 19.22
CA ASN A 151 21.62 52.56 20.44
C ASN A 151 22.57 51.78 21.33
N LYS A 152 23.30 50.82 20.78
CA LYS A 152 24.22 50.05 21.60
C LYS A 152 25.21 50.98 22.29
N LEU A 153 25.71 51.95 21.54
CA LEU A 153 26.67 52.91 22.06
C LEU A 153 26.05 53.76 23.17
N LYS A 154 24.83 54.25 22.93
CA LYS A 154 24.15 55.08 23.93
C LYS A 154 24.12 54.29 25.25
N SER A 155 23.60 53.07 25.18
CA SER A 155 23.48 52.19 26.33
C SER A 155 24.83 52.02 27.02
N LYS A 156 25.88 51.77 26.23
CA LYS A 156 27.22 51.59 26.76
C LYS A 156 27.74 52.80 27.54
N VAL A 157 27.59 53.99 26.99
CA VAL A 157 28.05 55.20 27.67
C VAL A 157 27.19 55.48 28.89
N THR A 158 25.90 55.20 28.81
CA THR A 158 25.01 55.42 29.95
C THR A 158 25.51 54.52 31.08
N GLY A 159 25.85 53.28 30.72
CA GLY A 159 26.36 52.34 31.70
C GLY A 159 27.59 52.90 32.40
N LYS A 160 28.61 53.29 31.63
CA LYS A 160 29.81 53.86 32.21
C LYS A 160 29.46 55.09 33.08
N TYR A 161 28.57 55.94 32.60
CA TYR A 161 28.21 57.13 33.36
C TYR A 161 27.68 56.78 34.76
N ASN A 162 26.77 55.81 34.85
CA ASN A 162 26.22 55.43 36.15
C ASN A 162 27.22 54.74 37.03
N ASP A 163 28.09 53.93 36.43
CA ASP A 163 29.10 53.23 37.18
C ASP A 163 30.21 54.15 37.67
N VAL A 164 31.03 54.62 36.73
CA VAL A 164 32.15 55.51 37.01
C VAL A 164 31.83 56.86 37.64
N ILE A 165 30.60 57.35 37.46
CA ILE A 165 30.26 58.64 38.04
C ILE A 165 29.23 58.56 39.14
N ILE A 166 28.03 58.09 38.82
CA ILE A 166 27.01 58.04 39.85
C ILE A 166 27.30 57.08 40.99
N GLN A 167 27.62 55.82 40.68
CA GLN A 167 27.88 54.84 41.74
C GLN A 167 29.12 55.05 42.59
N ARG A 168 30.27 55.28 41.96
CA ARG A 168 31.48 55.52 42.72
C ARG A 168 31.25 56.66 43.70
N LEU A 169 30.90 57.82 43.16
CA LEU A 169 30.61 58.98 43.98
C LEU A 169 29.61 58.68 45.08
N ALA A 170 28.52 57.99 44.75
CA ALA A 170 27.48 57.68 45.72
C ALA A 170 27.92 56.78 46.86
N THR A 171 28.67 55.73 46.53
CA THR A 171 29.13 54.82 47.57
C THR A 171 29.99 55.64 48.51
N ASN A 172 30.95 56.34 47.93
CA ASN A 172 31.86 57.20 48.68
C ASN A 172 31.15 58.22 49.61
N TRP A 173 30.37 59.16 49.06
CA TRP A 173 29.70 60.11 49.93
C TRP A 173 28.77 59.42 50.92
N SER A 174 28.19 58.30 50.50
CA SER A 174 27.28 57.57 51.38
C SER A 174 27.99 57.05 52.60
N ASN A 175 29.23 56.59 52.41
CA ASN A 175 30.04 56.09 53.51
C ASN A 175 30.39 57.25 54.42
N THR A 176 30.89 58.32 53.84
CA THR A 176 31.23 59.46 54.64
C THR A 176 30.00 59.95 55.37
N PHE A 177 28.83 59.80 54.77
CA PHE A 177 27.62 60.26 55.44
C PHE A 177 27.09 59.34 56.55
N ASP A 178 27.31 58.02 56.44
CA ASP A 178 26.83 57.18 57.52
C ASP A 178 27.80 57.14 58.71
N GLN A 179 28.95 57.80 58.56
CA GLN A 179 29.93 57.88 59.65
C GLN A 179 29.37 58.95 60.57
N LYS A 180 28.98 60.07 59.96
CA LYS A 180 28.40 61.17 60.72
C LYS A 180 27.10 60.72 61.39
N LEU A 181 26.41 59.77 60.77
CA LEU A 181 25.15 59.27 61.34
C LEU A 181 25.38 58.32 62.52
N LEU A 182 26.56 57.72 62.57
CA LEU A 182 26.91 56.82 63.68
C LEU A 182 27.32 57.70 64.86
N GLU A 183 28.24 58.63 64.58
CA GLU A 183 28.70 59.56 65.61
C GLU A 183 27.49 60.28 66.20
N ALA A 184 26.65 60.84 65.34
CA ALA A 184 25.48 61.56 65.82
C ALA A 184 24.42 60.65 66.44
N GLN A 185 24.68 59.35 66.46
CA GLN A 185 23.74 58.36 67.00
C GLN A 185 22.32 58.95 67.08
N TRP A 186 21.83 59.43 65.93
CA TRP A 186 20.52 60.07 65.82
C TRP A 186 19.30 59.20 66.13
N ASP A 187 19.41 57.88 65.94
CA ASP A 187 18.28 57.02 66.20
C ASP A 187 18.27 56.43 67.60
N THR A 188 18.69 57.25 68.56
CA THR A 188 18.72 56.88 69.97
C THR A 188 18.48 58.16 70.77
N GLN A 189 18.08 58.00 72.03
CA GLN A 189 17.79 59.15 72.88
C GLN A 189 19.03 59.99 73.15
N LYS A 190 20.20 59.45 72.84
CA LYS A 190 21.47 60.14 73.05
C LYS A 190 21.68 61.19 71.96
N PHE A 191 20.64 61.49 71.21
CA PHE A 191 20.72 62.46 70.10
C PHE A 191 20.49 63.93 70.50
N ALA A 192 21.49 64.75 70.20
CA ALA A 192 21.49 66.18 70.49
C ALA A 192 20.52 67.00 69.62
N SER A 193 19.24 66.59 69.61
CA SER A 193 18.21 67.27 68.81
C SER A 193 18.13 68.79 69.07
N THR A 194 18.58 69.20 70.24
CA THR A 194 18.55 70.61 70.64
C THR A 194 19.66 71.42 69.96
N SER A 195 20.61 70.73 69.32
CA SER A 195 21.71 71.42 68.66
C SER A 195 21.22 72.29 67.49
N VAL A 196 20.23 71.79 66.75
CA VAL A 196 19.66 72.49 65.59
C VAL A 196 20.71 72.72 64.50
N GLY A 197 21.96 72.92 64.91
CA GLY A 197 23.05 73.11 63.95
C GLY A 197 23.32 71.78 63.27
N LEU A 198 23.16 70.70 64.04
CA LEU A 198 23.36 69.35 63.52
C LEU A 198 22.25 69.06 62.52
N VAL A 199 21.02 69.03 63.03
CA VAL A 199 19.83 68.76 62.22
C VAL A 199 19.95 69.32 60.81
N LYS A 200 20.47 70.54 60.67
CA LYS A 200 20.63 71.14 59.34
C LYS A 200 21.75 70.44 58.57
N CYS A 201 22.91 70.26 59.19
CA CYS A 201 24.03 69.61 58.54
C CYS A 201 23.61 68.20 58.10
N LEU A 202 22.78 67.55 58.91
CA LEU A 202 22.30 66.20 58.63
C LEU A 202 21.40 66.09 57.39
N ARG A 203 20.30 66.84 57.36
CA ARG A 203 19.40 66.77 56.21
C ARG A 203 20.04 67.35 54.96
N GLU A 204 20.93 68.32 55.14
CA GLU A 204 21.62 68.92 54.00
C GLU A 204 22.46 67.83 53.33
N ASN A 205 22.93 66.89 54.13
CA ASN A 205 23.73 65.77 53.65
C ASN A 205 22.86 64.69 53.00
N SER A 206 21.69 64.44 53.58
CA SER A 206 20.79 63.45 53.02
C SER A 206 20.28 63.97 51.69
N THR A 207 20.00 65.27 51.63
CA THR A 207 19.54 65.88 50.39
C THR A 207 20.66 65.82 49.35
N LYS A 208 21.83 66.35 49.69
CA LYS A 208 22.95 66.32 48.75
C LYS A 208 23.10 64.93 48.14
N LEU A 209 22.94 63.89 48.96
CA LEU A 209 23.07 62.52 48.49
C LEU A 209 21.83 62.05 47.71
N TYR A 210 20.65 62.43 48.20
CA TYR A 210 19.38 62.07 47.54
C TYR A 210 19.36 62.60 46.10
N GLN A 211 19.73 63.87 45.94
CA GLN A 211 19.75 64.49 44.63
C GLN A 211 20.79 63.85 43.71
N LEU A 212 21.94 63.46 44.27
CA LEU A 212 22.95 62.81 43.46
C LEU A 212 22.36 61.51 42.97
N SER A 213 21.58 60.86 43.84
CA SER A 213 20.95 59.60 43.49
C SER A 213 20.07 59.76 42.26
N LEU A 214 19.32 60.86 42.22
CA LEU A 214 18.41 61.12 41.12
C LEU A 214 19.09 61.42 39.79
N LEU A 215 20.41 61.61 39.80
CA LEU A 215 21.12 61.89 38.55
C LEU A 215 21.48 60.62 37.80
N TYR A 216 20.86 59.54 38.22
CA TYR A 216 21.06 58.25 37.59
C TYR A 216 20.22 58.29 36.31
N LEU A 217 20.74 57.77 35.21
CA LEU A 217 20.00 57.75 33.96
C LEU A 217 19.70 56.31 33.62
N PRO A 218 18.44 55.90 33.71
CA PRO A 218 18.06 54.51 33.41
C PRO A 218 18.32 54.10 31.96
N LEU A 219 18.74 52.86 31.77
CA LEU A 219 19.03 52.36 30.43
C LEU A 219 17.72 52.05 29.72
N GLU A 220 17.63 52.45 28.44
CA GLU A 220 16.41 52.20 27.67
C GLU A 220 16.17 50.71 27.35
N GLU A 221 14.92 50.27 27.55
CA GLU A 221 14.47 48.89 27.31
C GLU A 221 14.98 47.85 28.31
N GLU A 240 12.67 53.40 41.23
CA GLU A 240 13.58 52.52 40.43
C GLU A 240 15.06 52.67 40.82
N PRO A 241 15.60 53.91 40.81
CA PRO A 241 17.01 54.14 41.18
C PRO A 241 17.28 54.01 42.67
N VAL A 242 18.52 53.66 42.99
CA VAL A 242 18.94 53.51 44.37
C VAL A 242 19.04 54.89 44.99
N LEU A 243 18.47 55.02 46.18
CA LEU A 243 18.47 56.28 46.90
C LEU A 243 19.52 56.24 48.02
N TRP A 244 20.76 56.53 47.64
CA TRP A 244 21.88 56.50 48.58
C TRP A 244 21.67 57.22 49.90
N ASN A 245 20.96 58.35 49.89
CA ASN A 245 20.74 59.06 51.13
C ASN A 245 19.99 58.14 52.09
N PHE A 246 19.10 57.31 51.56
CA PHE A 246 18.35 56.41 52.41
C PHE A 246 19.16 55.20 52.81
N LYS A 247 20.12 54.81 51.98
CA LYS A 247 20.95 53.67 52.31
C LYS A 247 21.62 54.03 53.63
N SER A 248 22.18 55.24 53.70
CA SER A 248 22.85 55.72 54.91
C SER A 248 21.93 55.79 56.13
N LEU A 249 20.76 56.38 55.99
CA LEU A 249 19.85 56.49 57.14
C LEU A 249 19.56 55.13 57.77
N ALA A 250 19.37 54.10 56.93
CA ALA A 250 19.09 52.77 57.43
C ALA A 250 20.34 52.03 57.90
N ASN A 251 21.50 52.63 57.69
CA ASN A 251 22.76 52.02 58.09
C ASN A 251 22.91 51.80 59.59
N ASN A 252 22.49 52.76 60.40
CA ASN A 252 22.59 52.57 61.83
C ASN A 252 21.73 51.36 62.18
N PHE A 253 20.52 51.31 61.62
CA PHE A 253 19.68 50.15 61.90
C PHE A 253 20.45 48.91 61.41
N ASN A 254 21.06 49.04 60.25
CA ASN A 254 21.80 47.94 59.67
C ASN A 254 22.96 47.42 60.54
N VAL A 255 23.78 48.32 61.05
CA VAL A 255 24.90 47.93 61.91
C VAL A 255 24.41 47.16 63.11
N ARG A 256 23.38 47.71 63.75
CA ARG A 256 22.78 47.08 64.92
C ARG A 256 22.18 45.73 64.54
N PHE A 257 21.40 45.72 63.47
CA PHE A 257 20.75 44.50 63.01
C PHE A 257 21.71 43.37 62.68
N THR A 258 22.80 43.68 61.97
CA THR A 258 23.74 42.64 61.60
C THR A 258 24.46 42.09 62.82
N TYR A 259 24.86 42.97 63.73
CA TYR A 259 25.56 42.50 64.90
C TYR A 259 24.69 41.60 65.73
N HIS A 260 23.52 42.11 66.14
CA HIS A 260 22.65 41.33 66.96
C HIS A 260 22.20 40.02 66.34
N PHE A 261 21.85 40.02 65.07
CA PHE A 261 21.42 38.77 64.47
C PHE A 261 22.56 38.09 63.72
N HIS A 262 23.65 37.83 64.44
CA HIS A 262 24.82 37.22 63.84
C HIS A 262 24.54 35.84 63.27
N ALA A 263 24.13 34.89 64.10
CA ALA A 263 23.82 33.54 63.65
C ALA A 263 22.93 33.55 62.38
N THR A 264 22.82 32.39 61.74
CA THR A 264 22.00 32.25 60.52
C THR A 264 20.53 32.57 60.79
N SER A 265 19.80 32.98 59.75
CA SER A 265 18.38 33.32 59.88
C SER A 265 17.52 32.05 59.99
N SER A 266 16.78 31.93 61.09
CA SER A 266 15.92 30.76 61.32
C SER A 266 14.45 31.09 61.02
N SER A 267 13.65 30.04 60.87
CA SER A 267 12.23 30.18 60.60
C SER A 267 11.64 30.99 61.76
N SER A 268 11.89 30.51 62.98
CA SER A 268 11.42 31.17 64.20
C SER A 268 12.07 32.54 64.36
N LYS A 269 13.17 32.77 63.65
CA LYS A 269 13.91 34.01 63.73
C LYS A 269 13.31 35.17 62.94
N ILE A 270 12.73 34.90 61.78
CA ILE A 270 12.14 35.97 60.99
C ILE A 270 11.20 36.84 61.82
N GLU A 271 10.52 36.22 62.78
CA GLU A 271 9.59 36.95 63.63
C GLU A 271 10.35 37.89 64.56
N THR A 272 11.53 37.46 64.99
CA THR A 272 12.34 38.29 65.86
C THR A 272 12.79 39.53 65.13
N TYR A 273 13.01 39.37 63.83
CA TYR A 273 13.46 40.47 63.00
C TYR A 273 12.44 41.59 63.03
N PHE A 274 11.23 41.28 62.58
CA PHE A 274 10.16 42.27 62.53
C PHE A 274 9.82 42.85 63.87
N GLN A 275 10.13 42.09 64.92
CA GLN A 275 9.86 42.59 66.25
C GLN A 275 10.84 43.76 66.46
N PHE A 276 12.13 43.52 66.22
CA PHE A 276 13.12 44.57 66.38
C PHE A 276 12.77 45.72 65.44
N LEU A 277 12.24 45.36 64.27
CA LEU A 277 11.86 46.34 63.27
C LEU A 277 10.73 47.23 63.79
N ASN A 278 9.65 46.60 64.24
CA ASN A 278 8.51 47.35 64.79
C ASN A 278 9.02 48.33 65.83
N ASP A 279 9.63 47.78 66.87
CA ASP A 279 10.18 48.59 67.97
C ASP A 279 11.08 49.70 67.42
N TYR A 280 12.00 49.34 66.53
CA TYR A 280 12.91 50.33 65.96
C TYR A 280 12.15 51.46 65.27
N LEU A 281 11.18 51.06 64.44
CA LEU A 281 10.39 52.01 63.68
C LEU A 281 9.47 52.82 64.58
N ALA A 282 8.71 52.12 65.41
CA ALA A 282 7.77 52.73 66.35
C ALA A 282 8.46 53.77 67.23
N GLU A 283 9.78 53.79 67.21
CA GLU A 283 10.54 54.70 68.04
C GLU A 283 11.40 55.64 67.21
N ASN A 284 11.53 55.36 65.92
CA ASN A 284 12.38 56.19 65.07
C ASN A 284 11.74 56.66 63.79
N LEU A 285 10.71 55.95 63.35
CA LEU A 285 10.03 56.31 62.13
C LEU A 285 9.82 57.80 62.00
N TYR A 286 9.23 58.40 63.03
CA TYR A 286 8.95 59.83 63.01
C TYR A 286 10.12 60.76 63.30
N LYS A 287 11.10 60.28 64.07
CA LYS A 287 12.29 61.09 64.38
C LYS A 287 12.92 61.45 63.04
N CYS A 288 12.95 60.45 62.17
CA CYS A 288 13.51 60.58 60.83
C CYS A 288 12.67 61.52 59.97
N ILE A 289 11.37 61.23 59.88
CA ILE A 289 10.44 62.02 59.09
C ILE A 289 10.61 63.51 59.39
N ASN A 290 10.83 63.83 60.66
CA ASN A 290 10.99 65.21 61.11
C ASN A 290 12.41 65.75 60.91
N ILE A 291 13.40 64.91 61.14
CA ILE A 291 14.79 65.33 61.02
C ILE A 291 15.25 65.60 59.59
N PHE A 292 14.80 64.77 58.64
CA PHE A 292 15.26 64.91 57.26
C PHE A 292 14.30 65.44 56.19
N HIS A 293 13.04 65.71 56.52
CA HIS A 293 12.14 66.21 55.49
C HIS A 293 12.60 67.59 54.99
N ASP A 294 12.74 67.68 53.68
CA ASP A 294 13.19 68.87 52.98
C ASP A 294 12.32 68.92 51.74
N ASP A 295 11.05 69.30 51.93
CA ASP A 295 10.04 69.35 50.87
C ASP A 295 10.44 70.11 49.60
N CYS A 296 10.97 71.30 49.77
CA CYS A 296 11.39 72.10 48.62
C CYS A 296 12.29 71.32 47.67
N ASN A 297 12.99 70.30 48.18
CA ASN A 297 13.89 69.51 47.37
C ASN A 297 13.41 68.11 46.99
N GLY A 298 12.13 67.84 47.23
CA GLY A 298 11.60 66.54 46.84
C GLY A 298 11.46 65.56 47.97
N LEU A 299 12.05 65.88 49.12
CA LEU A 299 11.99 64.99 50.28
C LEU A 299 10.74 65.22 51.14
N THR A 300 9.62 64.75 50.60
CA THR A 300 8.34 64.88 51.25
C THR A 300 8.23 63.89 52.40
N LYS A 301 7.49 64.25 53.43
CA LYS A 301 7.32 63.40 54.59
C LYS A 301 6.78 62.01 54.21
N PRO A 302 5.79 61.95 53.30
CA PRO A 302 5.25 60.65 52.88
C PRO A 302 6.36 59.80 52.29
N VAL A 303 7.28 60.48 51.58
CA VAL A 303 8.44 59.85 50.96
C VAL A 303 9.29 59.19 52.04
N ILE A 304 9.84 60.01 52.92
CA ILE A 304 10.64 59.51 54.01
C ILE A 304 9.86 58.41 54.71
N HIS A 305 8.66 58.71 55.19
CA HIS A 305 7.88 57.66 55.86
C HIS A 305 7.91 56.38 55.02
N GLU A 306 7.79 56.55 53.70
CA GLU A 306 7.77 55.43 52.76
C GLU A 306 9.12 54.77 52.51
N GLN A 307 10.07 55.56 52.02
CA GLN A 307 11.40 55.06 51.71
C GLN A 307 12.20 54.52 52.88
N PHE A 308 12.22 55.26 53.98
CA PHE A 308 12.95 54.86 55.18
C PHE A 308 12.63 53.40 55.52
N ILE A 309 11.35 53.08 55.58
CA ILE A 309 10.96 51.71 55.90
C ILE A 309 11.50 50.78 54.82
N ASN A 310 11.43 51.23 53.57
CA ASN A 310 11.91 50.42 52.45
C ASN A 310 13.38 50.01 52.60
N TYR A 311 14.23 50.98 52.96
CA TYR A 311 15.65 50.73 53.11
C TYR A 311 16.05 50.09 54.44
N VAL A 312 15.21 50.26 55.45
CA VAL A 312 15.49 49.67 56.75
C VAL A 312 15.15 48.18 56.63
N LEU A 313 14.35 47.83 55.63
CA LEU A 313 13.95 46.44 55.40
C LEU A 313 15.02 45.64 54.66
N GLN A 314 15.91 46.37 53.99
CA GLN A 314 16.98 45.77 53.21
C GLN A 314 17.86 44.81 53.99
N PRO A 315 18.48 45.28 55.09
CA PRO A 315 19.34 44.39 55.87
C PRO A 315 18.61 43.11 56.26
N ILE A 316 17.29 43.19 56.38
CA ILE A 316 16.50 42.02 56.72
C ILE A 316 16.33 41.16 55.49
N ARG A 317 15.99 41.80 54.38
CA ARG A 317 15.79 41.10 53.12
C ARG A 317 17.01 40.26 52.83
N ASP A 318 18.18 40.76 53.18
CA ASP A 318 19.42 40.02 52.93
C ASP A 318 19.66 38.83 53.87
N LYS A 319 19.34 38.98 55.16
CA LYS A 319 19.49 37.87 56.10
C LYS A 319 18.63 36.72 55.61
N VAL A 320 17.37 37.03 55.35
CA VAL A 320 16.41 36.05 54.87
C VAL A 320 16.90 35.49 53.55
N ARG A 321 17.11 36.37 52.59
CA ARG A 321 17.60 35.99 51.26
C ARG A 321 18.79 35.03 51.43
N SER A 322 19.74 35.43 52.24
CA SER A 322 20.91 34.60 52.50
C SER A 322 20.52 33.21 52.97
N THR A 323 19.99 33.13 54.18
CA THR A 323 19.58 31.88 54.81
C THR A 323 18.69 31.01 53.91
N LEU A 324 17.96 31.66 53.01
CA LEU A 324 17.04 30.96 52.11
C LEU A 324 17.69 29.90 51.22
N PHE A 325 18.38 30.33 50.16
CA PHE A 325 19.01 29.38 49.25
C PHE A 325 20.06 28.49 49.89
N GLN A 326 20.61 28.90 51.02
CA GLN A 326 21.59 28.05 51.69
C GLN A 326 20.79 27.12 52.62
N ASN A 327 19.54 26.83 52.24
CA ASN A 327 18.69 25.98 53.05
C ASN A 327 17.83 24.99 52.26
N ASP A 328 17.19 24.07 52.98
CA ASP A 328 16.34 23.02 52.41
C ASP A 328 15.22 23.49 51.50
N LEU A 329 14.67 22.53 50.75
CA LEU A 329 13.56 22.77 49.83
C LEU A 329 12.30 22.81 50.70
N LYS A 330 12.28 21.92 51.70
CA LYS A 330 11.16 21.82 52.65
C LYS A 330 11.04 23.12 53.40
N THR A 331 12.19 23.77 53.60
CA THR A 331 12.23 25.04 54.31
C THR A 331 11.83 26.16 53.36
N LEU A 332 12.18 25.99 52.09
CA LEU A 332 11.83 26.99 51.08
C LEU A 332 10.33 27.24 51.14
N ILE A 333 9.55 26.16 51.10
CA ILE A 333 8.10 26.28 51.13
C ILE A 333 7.65 27.00 52.41
N VAL A 334 8.28 26.67 53.54
CA VAL A 334 7.95 27.29 54.80
C VAL A 334 8.35 28.76 54.80
N LEU A 335 9.62 29.02 54.48
CA LEU A 335 10.15 30.38 54.45
C LEU A 335 9.41 31.35 53.51
N ILE A 336 8.72 30.83 52.49
CA ILE A 336 8.00 31.71 51.58
C ILE A 336 6.66 32.14 52.14
N SER A 337 5.94 31.20 52.74
CA SER A 337 4.64 31.51 53.34
C SER A 337 4.87 32.51 54.47
N GLN A 338 5.86 32.20 55.29
CA GLN A 338 6.22 33.03 56.41
C GLN A 338 6.57 34.44 55.92
N ILE A 339 7.29 34.52 54.81
CA ILE A 339 7.64 35.82 54.25
C ILE A 339 6.35 36.54 53.92
N LEU A 340 5.47 35.85 53.18
CA LEU A 340 4.19 36.41 52.79
C LEU A 340 3.41 36.83 54.02
N ALA A 341 3.24 35.88 54.93
CA ALA A 341 2.52 36.16 56.16
C ALA A 341 3.09 37.42 56.82
N THR A 342 4.37 37.38 57.15
CA THR A 342 5.08 38.49 57.78
C THR A 342 5.00 39.80 57.02
N ASP A 343 4.84 39.71 55.71
CA ASP A 343 4.76 40.91 54.88
C ASP A 343 3.41 41.57 54.93
N LYS A 344 2.36 40.78 55.01
CA LYS A 344 1.04 41.37 55.08
C LYS A 344 0.97 42.03 56.44
N ASN A 345 1.66 41.42 57.41
CA ASN A 345 1.67 41.95 58.76
C ASN A 345 2.22 43.37 58.78
N LEU A 346 3.25 43.64 57.98
CA LEU A 346 3.81 44.99 57.94
C LEU A 346 2.88 45.92 57.17
N LEU A 347 2.23 45.40 56.15
CA LEU A 347 1.30 46.19 55.34
C LEU A 347 0.31 46.96 56.19
N ASN A 348 -0.24 46.29 57.20
CA ASN A 348 -1.23 46.89 58.10
C ASN A 348 -0.61 47.61 59.31
N SER A 349 0.59 47.20 59.73
CA SER A 349 1.22 47.83 60.89
C SER A 349 1.56 49.30 60.71
N PHE A 350 2.36 49.62 59.71
CA PHE A 350 2.76 51.00 59.45
C PHE A 350 2.18 51.50 58.14
N HIS A 351 1.28 50.71 57.58
CA HIS A 351 0.64 51.02 56.32
C HIS A 351 1.68 51.53 55.34
N TYR A 352 2.56 50.59 55.00
CA TYR A 352 3.65 50.80 54.07
C TYR A 352 3.17 50.22 52.76
N HIS A 353 3.22 51.02 51.71
CA HIS A 353 2.77 50.58 50.40
C HIS A 353 3.92 50.13 49.52
N GLY A 354 5.14 50.47 49.94
CA GLY A 354 6.31 50.09 49.18
C GLY A 354 6.53 48.59 49.06
N LEU A 355 7.77 48.22 48.78
CA LEU A 355 8.14 46.82 48.63
C LEU A 355 8.27 46.14 49.98
N GLY A 356 7.63 45.00 50.15
CA GLY A 356 7.77 44.29 51.41
C GLY A 356 9.02 43.46 51.28
N LEU A 357 9.10 42.33 51.97
CA LEU A 357 10.26 41.46 51.84
C LEU A 357 10.00 40.63 50.60
N VAL A 358 8.76 40.71 50.11
CA VAL A 358 8.32 39.98 48.93
C VAL A 358 9.37 40.01 47.83
N SER A 359 9.95 41.19 47.65
CA SER A 359 10.96 41.38 46.63
C SER A 359 12.25 40.61 46.88
N LEU A 360 12.50 40.18 48.11
CA LEU A 360 13.72 39.45 48.39
C LEU A 360 13.69 38.12 47.65
N ILE A 361 12.49 37.55 47.48
CA ILE A 361 12.36 36.27 46.78
C ILE A 361 12.65 36.46 45.29
N SER A 362 13.78 35.91 44.88
CA SER A 362 14.24 35.98 43.49
C SER A 362 13.32 35.27 42.51
N ASP A 363 13.36 35.73 41.26
CA ASP A 363 12.53 35.14 40.22
C ASP A 363 12.83 33.64 40.05
N GLU A 364 14.08 33.26 40.25
CA GLU A 364 14.50 31.88 40.13
C GLU A 364 14.05 31.09 41.36
N VAL A 365 14.02 31.74 42.52
CA VAL A 365 13.59 31.05 43.73
C VAL A 365 12.11 30.74 43.65
N TRP A 366 11.35 31.59 42.96
CA TRP A 366 9.92 31.38 42.80
C TRP A 366 9.72 30.13 41.94
N GLU A 367 10.37 30.09 40.78
CA GLU A 367 10.28 28.94 39.88
C GLU A 367 10.54 27.61 40.60
N LYS A 368 11.46 27.62 41.55
CA LYS A 368 11.81 26.41 42.30
C LYS A 368 10.65 26.08 43.22
N TRP A 369 9.97 27.11 43.71
CA TRP A 369 8.83 26.93 44.61
C TRP A 369 7.69 26.17 43.92
N ILE A 370 7.14 26.77 42.88
CA ILE A 370 6.06 26.14 42.12
C ILE A 370 6.40 24.70 41.77
N ASN A 371 7.65 24.46 41.43
CA ASN A 371 8.06 23.10 41.11
C ASN A 371 7.85 22.28 42.36
N TYR A 372 8.50 22.68 43.44
CA TYR A 372 8.36 21.94 44.68
C TYR A 372 6.93 21.92 45.20
N GLU A 373 6.11 22.85 44.73
CA GLU A 373 4.73 22.88 45.18
C GLU A 373 3.93 21.90 44.36
N VAL A 374 4.26 21.81 43.08
CA VAL A 374 3.60 20.87 42.19
C VAL A 374 3.91 19.46 42.65
N GLU A 375 5.19 19.15 42.81
CA GLU A 375 5.55 17.82 43.26
C GLU A 375 4.84 17.47 44.56
N ALA A 377 1.74 18.45 45.40
CA ALA A 377 0.36 18.15 45.10
C ALA A 377 0.27 16.70 44.62
N ASN A 378 1.10 16.36 43.63
CA ASN A 378 1.11 15.01 43.07
C ASN A 378 1.44 13.96 44.13
N ARG A 379 2.28 14.30 45.09
CA ARG A 379 2.63 13.36 46.15
C ARG A 379 1.36 13.03 46.92
N GLN A 380 0.70 14.07 47.38
CA GLN A 380 -0.53 13.93 48.17
C GLN A 380 -1.65 13.24 47.40
N PHE A 381 -1.83 13.64 46.14
CA PHE A 381 -2.87 13.04 45.34
C PHE A 381 -2.74 11.54 45.44
N ILE A 382 -1.55 11.04 45.18
CA ILE A 382 -1.30 9.60 45.25
C ILE A 382 -1.73 9.01 46.60
N ASN A 383 -1.20 9.56 47.68
CA ASN A 383 -1.52 9.08 49.02
C ASN A 383 -3.02 8.83 49.26
N ILE A 384 -3.89 9.56 48.59
CA ILE A 384 -5.34 9.36 48.78
C ILE A 384 -5.99 8.58 47.63
N THR A 385 -5.19 8.03 46.74
CA THR A 385 -5.73 7.26 45.62
C THR A 385 -4.89 6.04 45.26
N LYS A 386 -3.85 5.77 46.04
CA LYS A 386 -2.95 4.64 45.74
C LYS A 386 -3.48 3.23 45.95
N ASN A 387 -4.55 3.07 46.72
CA ASN A 387 -5.08 1.74 46.97
C ASN A 387 -6.59 1.70 46.75
N PRO A 388 -7.17 0.50 46.56
CA PRO A 388 -8.61 0.35 46.35
C PRO A 388 -9.43 0.69 47.58
N GLU A 389 -8.80 0.62 48.74
CA GLU A 389 -9.45 0.94 50.00
C GLU A 389 -9.80 2.43 50.02
N ASP A 390 -8.98 3.22 49.33
CA ASP A 390 -9.14 4.68 49.27
C ASP A 390 -10.27 5.17 48.38
N PHE A 391 -10.71 4.34 47.45
CA PHE A 391 -11.76 4.72 46.50
C PHE A 391 -13.09 5.30 47.03
N PRO A 392 -13.73 4.62 48.00
CA PRO A 392 -15.00 5.11 48.54
C PRO A 392 -15.06 6.53 49.10
N LYS A 393 -13.95 7.07 49.57
CA LYS A 393 -13.94 8.44 50.10
C LYS A 393 -13.00 9.36 49.31
N SER A 394 -12.64 8.94 48.10
CA SER A 394 -11.73 9.70 47.26
C SER A 394 -12.23 11.10 46.94
N SER A 395 -13.51 11.22 46.62
CA SER A 395 -14.08 12.53 46.29
C SER A 395 -13.93 13.45 47.49
N GLN A 396 -14.31 12.96 48.65
CA GLN A 396 -14.19 13.76 49.84
C GLN A 396 -12.73 14.18 49.96
N ASN A 397 -11.88 13.19 50.17
CA ASN A 397 -10.45 13.40 50.32
C ASN A 397 -9.81 14.25 49.24
N PHE A 398 -10.29 14.15 48.00
CA PHE A 398 -9.74 14.95 46.91
C PHE A 398 -10.10 16.41 47.08
N VAL A 399 -11.36 16.70 47.43
CA VAL A 399 -11.73 18.09 47.65
C VAL A 399 -11.00 18.60 48.89
N LYS A 400 -10.80 17.73 49.88
CA LYS A 400 -10.06 18.13 51.09
C LYS A 400 -8.64 18.52 50.70
N LEU A 401 -8.05 17.77 49.76
CA LEU A 401 -6.71 18.04 49.30
C LEU A 401 -6.73 19.33 48.50
N ILE A 402 -7.74 19.50 47.67
CA ILE A 402 -7.81 20.73 46.91
C ILE A 402 -8.00 21.91 47.85
N ASN A 403 -8.75 21.74 48.92
CA ASN A 403 -8.91 22.83 49.84
C ASN A 403 -7.57 23.16 50.48
N LYS A 404 -6.96 22.18 51.15
CA LYS A 404 -5.66 22.35 51.80
C LYS A 404 -4.65 23.13 50.96
N ILE A 405 -4.54 22.77 49.69
CA ILE A 405 -3.62 23.45 48.79
C ILE A 405 -3.99 24.93 48.57
N TYR A 406 -5.29 25.22 48.50
CA TYR A 406 -5.71 26.60 48.27
C TYR A 406 -5.55 27.46 49.50
N ASP A 407 -5.77 26.86 50.67
CA ASP A 407 -5.62 27.60 51.89
C ASP A 407 -4.16 28.02 51.93
N TYR A 408 -3.28 27.07 51.60
CA TYR A 408 -1.85 27.34 51.58
C TYR A 408 -1.50 28.48 50.61
N LEU A 409 -2.06 28.44 49.41
CA LEU A 409 -1.79 29.48 48.43
C LEU A 409 -2.53 30.77 48.66
N GLU A 410 -3.39 30.83 49.68
CA GLU A 410 -4.16 32.04 49.94
C GLU A 410 -3.26 33.28 50.08
N PRO A 411 -2.21 33.21 50.93
CA PRO A 411 -1.31 34.35 51.11
C PRO A 411 -0.71 34.78 49.77
N PHE A 412 -0.23 33.81 48.99
CA PHE A 412 0.27 34.08 47.64
C PHE A 412 -1.10 34.49 47.07
N TYR A 413 -1.27 34.81 45.79
CA TYR A 413 -2.63 35.20 45.32
C TYR A 413 -3.06 36.53 45.94
N ASP A 414 -2.89 36.66 47.25
CA ASP A 414 -3.21 37.86 48.01
C ASP A 414 -2.31 38.99 47.48
N LEU A 415 -1.03 38.70 47.31
CA LEU A 415 -0.06 39.65 46.80
C LEU A 415 -0.58 40.34 45.54
N ASP A 416 -0.29 41.64 45.42
CA ASP A 416 -0.79 42.42 44.30
C ASP A 416 0.14 42.74 43.13
N PHE A 417 1.44 42.89 43.36
CA PHE A 417 2.28 43.25 42.22
C PHE A 417 2.34 42.16 41.14
N ASP A 418 1.80 42.51 39.98
CA ASP A 418 1.70 41.62 38.83
C ASP A 418 2.94 40.89 38.35
N LEU A 419 4.13 41.26 38.82
CA LEU A 419 5.33 40.57 38.37
C LEU A 419 5.14 39.06 38.53
N LEU A 420 4.69 38.64 39.72
CA LEU A 420 4.47 37.23 39.98
C LEU A 420 3.03 36.80 39.67
N VAL A 421 2.56 37.21 38.50
CA VAL A 421 1.22 36.85 38.04
C VAL A 421 1.42 35.67 37.10
N ARG A 422 2.67 35.49 36.65
CA ARG A 422 3.00 34.39 35.76
C ARG A 422 2.97 33.10 36.56
N TYR A 423 3.31 33.21 37.84
CA TYR A 423 3.33 32.06 38.74
C TYR A 423 1.94 31.78 39.25
N LYS A 424 1.07 32.78 39.19
CA LYS A 424 -0.29 32.58 39.64
C LYS A 424 -1.02 31.75 38.59
N LEU A 425 -0.75 32.00 37.31
CA LEU A 425 -1.39 31.22 36.27
C LEU A 425 -0.82 29.81 36.27
N THR A 427 0.29 28.16 38.88
CA THR A 427 -0.35 27.55 40.03
C THR A 427 -1.66 26.86 39.59
N CYS A 428 -2.40 27.53 38.72
CA CYS A 428 -3.65 26.98 38.22
C CYS A 428 -3.39 25.70 37.49
N SER A 429 -2.93 25.85 36.26
CA SER A 429 -2.63 24.75 35.34
C SER A 429 -1.81 23.58 35.86
N LEU A 430 -0.71 23.85 36.56
CA LEU A 430 0.13 22.76 37.03
C LEU A 430 -0.27 22.15 38.35
N ILE A 431 -1.28 22.70 39.02
CA ILE A 431 -1.72 22.16 40.30
C ILE A 431 -3.21 21.81 40.33
N PHE A 432 -4.05 22.82 40.35
CA PHE A 432 -5.48 22.59 40.39
C PHE A 432 -5.97 21.88 39.14
N ASN A 434 -4.20 20.21 36.80
CA ASN A 434 -3.65 18.88 36.64
C ASN A 434 -4.35 17.95 37.61
N LEU A 435 -4.22 18.24 38.90
CA LEU A 435 -4.83 17.43 39.94
C LEU A 435 -6.27 17.02 39.64
N THR A 436 -7.07 17.97 39.17
CA THR A 436 -8.46 17.71 38.85
C THR A 436 -8.64 16.68 37.73
N SER A 437 -8.04 16.94 36.58
CA SER A 437 -8.15 16.01 35.46
C SER A 437 -7.39 14.74 35.82
N SER A 438 -6.41 14.87 36.69
CA SER A 438 -5.65 13.70 37.14
C SER A 438 -6.61 12.80 37.94
N TYR A 439 -7.60 13.41 38.56
CA TYR A 439 -8.60 12.68 39.34
C TYR A 439 -9.60 12.01 38.40
N LEU A 440 -10.03 12.74 37.37
CA LEU A 440 -10.96 12.19 36.41
C LEU A 440 -10.31 10.96 35.80
N ASP A 441 -8.99 11.02 35.61
CA ASP A 441 -8.29 9.88 35.06
C ASP A 441 -8.30 8.73 36.06
N TYR A 442 -8.04 9.04 37.33
CA TYR A 442 -8.07 8.02 38.39
C TYR A 442 -9.40 7.28 38.41
N ILE A 443 -10.48 8.04 38.27
CA ILE A 443 -11.79 7.47 38.30
C ILE A 443 -12.09 6.64 37.07
N LEU A 444 -11.64 7.10 35.91
CA LEU A 444 -11.91 6.36 34.70
C LEU A 444 -11.06 5.08 34.56
N THR A 445 -10.04 4.92 35.39
CA THR A 445 -9.20 3.72 35.33
C THR A 445 -8.88 3.10 36.69
N VAL A 446 -9.91 2.70 37.41
CA VAL A 446 -9.71 2.12 38.72
C VAL A 446 -10.66 0.95 38.90
N ASP A 447 -10.44 0.16 39.93
CA ASP A 447 -11.30 -0.97 40.23
C ASP A 447 -11.00 -1.39 41.64
N SER A 448 -11.88 -1.02 42.57
CA SER A 448 -11.68 -1.35 43.97
C SER A 448 -12.23 -2.72 44.34
N LEU A 449 -12.89 -3.37 43.39
CA LEU A 449 -13.48 -4.67 43.65
C LEU A 449 -12.48 -5.81 43.77
N ASN A 450 -12.89 -6.90 44.43
CA ASN A 450 -12.02 -8.06 44.61
C ASN A 450 -11.75 -8.70 43.26
N GLU A 451 -10.68 -9.47 43.19
CA GLU A 451 -10.33 -10.14 41.96
C GLU A 451 -11.59 -10.73 41.39
N THR A 452 -12.37 -11.35 42.25
CA THR A 452 -13.64 -11.97 41.87
C THR A 452 -14.77 -11.01 42.24
N ARG A 453 -15.81 -10.94 41.41
CA ARG A 453 -16.91 -10.00 41.64
C ARG A 453 -18.20 -10.38 40.89
N THR A 454 -19.27 -9.70 41.26
CA THR A 454 -20.58 -9.90 40.64
C THR A 454 -20.94 -8.73 39.72
N LYS A 455 -21.75 -8.99 38.70
CA LYS A 455 -22.16 -7.94 37.78
C LYS A 455 -22.77 -6.75 38.55
N GLU A 456 -23.56 -7.06 39.57
CA GLU A 456 -24.19 -6.01 40.34
C GLU A 456 -23.21 -5.13 41.12
N GLN A 457 -22.13 -5.72 41.60
CA GLN A 457 -21.12 -4.95 42.36
C GLN A 457 -20.46 -3.97 41.42
N GLU A 458 -20.30 -4.40 40.18
CA GLU A 458 -19.65 -3.59 39.17
C GLU A 458 -20.54 -2.42 38.77
N LEU A 459 -21.85 -2.64 38.76
CA LEU A 459 -22.77 -1.59 38.39
C LEU A 459 -22.72 -0.53 39.46
N TYR A 460 -22.79 -0.95 40.71
CA TYR A 460 -22.74 -0.01 41.83
C TYR A 460 -21.44 0.81 41.86
N GLN A 461 -20.34 0.18 41.46
CA GLN A 461 -19.06 0.86 41.42
C GLN A 461 -19.17 1.96 40.38
N THR A 462 -19.76 1.64 39.23
CA THR A 462 -19.94 2.63 38.18
C THR A 462 -20.77 3.78 38.71
N ALA A 464 -21.16 4.65 41.71
CA ALA A 464 -20.38 5.32 42.72
C ALA A 464 -19.44 6.32 42.04
N LYS A 465 -18.81 5.87 40.95
CA LYS A 465 -17.88 6.73 40.21
C LYS A 465 -18.60 7.97 39.67
N LEU A 466 -19.83 7.79 39.18
CA LEU A 466 -20.57 8.94 38.67
C LEU A 466 -20.79 9.92 39.82
N GLN A 467 -21.11 9.40 41.00
CA GLN A 467 -21.33 10.26 42.15
C GLN A 467 -20.05 10.97 42.51
N HIS A 468 -18.94 10.22 42.48
CA HIS A 468 -17.64 10.81 42.81
C HIS A 468 -17.34 11.94 41.84
N VAL A 469 -17.38 11.65 40.54
CA VAL A 469 -17.10 12.67 39.54
C VAL A 469 -17.98 13.91 39.69
N ASN A 470 -19.28 13.71 39.91
CA ASN A 470 -20.16 14.86 40.05
C ASN A 470 -19.87 15.72 41.27
N PHE A 471 -19.30 15.10 42.31
CA PHE A 471 -18.98 15.83 43.52
C PHE A 471 -17.81 16.74 43.23
N VAL A 472 -16.74 16.17 42.69
CA VAL A 472 -15.56 16.97 42.36
C VAL A 472 -15.91 17.99 41.28
N TYR A 473 -16.90 17.69 40.45
CA TYR A 473 -17.29 18.62 39.39
C TYR A 473 -17.88 19.88 40.03
N ARG A 474 -18.73 19.71 41.03
CA ARG A 474 -19.34 20.85 41.72
C ARG A 474 -18.25 21.72 42.35
N LYS A 475 -17.29 21.09 43.01
CA LYS A 475 -16.23 21.81 43.70
C LYS A 475 -15.47 22.69 42.76
N ILE A 476 -15.24 22.20 41.54
CA ILE A 476 -14.52 22.99 40.57
C ILE A 476 -15.40 24.17 40.21
N LYS A 477 -16.62 23.87 39.77
CA LYS A 477 -17.54 24.93 39.42
C LYS A 477 -17.57 25.99 40.51
N SER A 478 -17.56 25.54 41.76
CA SER A 478 -17.57 26.46 42.88
C SER A 478 -16.29 27.27 42.87
N LEU A 479 -15.17 26.58 42.83
CA LEU A 479 -13.85 27.18 42.83
C LEU A 479 -13.68 28.22 41.76
N SER A 480 -14.45 28.10 40.68
CA SER A 480 -14.34 29.04 39.58
C SER A 480 -15.06 30.34 39.89
N SER A 481 -15.73 30.38 41.03
CA SER A 481 -16.45 31.59 41.41
C SER A 481 -15.65 32.29 42.50
N ASN A 482 -14.36 31.98 42.54
CA ASN A 482 -13.49 32.58 43.52
C ASN A 482 -12.89 33.80 42.82
N PHE A 483 -13.16 34.98 43.37
CA PHE A 483 -12.68 36.26 42.80
C PHE A 483 -11.28 36.12 42.19
N ILE A 484 -10.38 35.46 42.92
CA ILE A 484 -9.01 35.26 42.49
C ILE A 484 -8.92 34.71 41.06
N PHE A 485 -9.75 33.70 40.79
CA PHE A 485 -9.75 33.08 39.49
C PHE A 485 -10.62 33.81 38.48
N ILE A 486 -11.64 34.54 38.95
CA ILE A 486 -12.47 35.25 37.98
C ILE A 486 -11.55 36.28 37.33
N GLN A 487 -10.68 36.90 38.12
CA GLN A 487 -9.77 37.89 37.57
C GLN A 487 -8.61 37.31 36.79
N LEU A 488 -7.97 36.28 37.32
CA LEU A 488 -6.86 35.65 36.61
C LEU A 488 -7.32 35.29 35.22
N THR A 489 -8.62 35.01 35.08
CA THR A 489 -9.18 34.66 33.80
C THR A 489 -9.29 35.90 32.91
N ASP A 490 -9.82 36.98 33.48
CA ASP A 490 -9.96 38.25 32.74
C ASP A 490 -8.57 38.59 32.19
N ILE A 491 -7.55 38.43 33.02
CA ILE A 491 -6.18 38.70 32.62
C ILE A 491 -5.88 37.86 31.39
N VAL A 492 -5.89 36.55 31.55
CA VAL A 492 -5.62 35.67 30.44
C VAL A 492 -6.43 36.08 29.22
N ASN A 493 -7.67 36.49 29.43
CA ASN A 493 -8.56 36.88 28.34
C ASN A 493 -8.19 38.14 27.56
N SER A 494 -7.62 39.13 28.24
CA SER A 494 -7.21 40.36 27.57
C SER A 494 -5.82 40.13 26.99
N THR A 495 -4.96 39.54 27.81
CA THR A 495 -3.58 39.24 27.43
C THR A 495 -3.41 38.57 26.07
N GLU A 496 -4.31 37.65 25.70
CA GLU A 496 -4.21 37.00 24.40
C GLU A 496 -5.50 37.00 23.61
N SER A 497 -6.21 38.13 23.71
CA SER A 497 -7.47 38.36 23.01
C SER A 497 -8.42 37.19 22.88
N LYS A 498 -8.58 36.42 23.95
CA LYS A 498 -9.51 35.28 23.91
C LYS A 498 -10.58 35.45 24.98
N LYS A 499 -11.72 34.81 24.77
CA LYS A 499 -12.83 34.95 25.71
C LYS A 499 -13.29 33.66 26.37
N TYR A 500 -12.48 33.19 27.32
CA TYR A 500 -12.79 32.00 28.08
C TYR A 500 -13.82 32.37 29.13
N ASN A 501 -14.58 31.38 29.61
CA ASN A 501 -15.59 31.65 30.63
C ASN A 501 -14.92 31.46 31.99
N SER A 502 -13.80 30.75 31.99
CA SER A 502 -13.02 30.48 33.20
C SER A 502 -11.79 29.68 32.81
N LEU A 503 -10.81 29.62 33.70
CA LEU A 503 -9.61 28.86 33.42
C LEU A 503 -9.87 27.40 33.75
N PHE A 504 -11.11 27.11 34.12
CA PHE A 504 -11.46 25.75 34.46
C PHE A 504 -12.31 25.11 33.37
N GLN A 505 -12.73 25.93 32.42
CA GLN A 505 -13.57 25.54 31.31
C GLN A 505 -13.26 24.22 30.59
N ASN A 506 -11.98 23.91 30.35
CA ASN A 506 -11.65 22.67 29.68
C ASN A 506 -11.89 21.47 30.58
N VAL A 507 -11.26 21.47 31.75
CA VAL A 507 -11.45 20.37 32.67
C VAL A 507 -12.93 20.25 33.06
N GLU A 508 -13.67 21.34 32.95
CA GLU A 508 -15.09 21.28 33.26
C GLU A 508 -15.80 20.54 32.16
N ASN A 509 -15.30 20.64 30.93
CA ASN A 509 -15.91 19.93 29.79
C ASN A 509 -15.54 18.47 29.87
N ASP A 510 -14.31 18.18 30.29
CA ASP A 510 -13.85 16.81 30.43
C ASP A 510 -14.81 16.06 31.33
N TYR A 511 -15.09 16.65 32.48
CA TYR A 511 -16.00 16.06 33.45
C TYR A 511 -17.38 15.92 32.88
N GLU A 512 -17.92 17.01 32.35
CA GLU A 512 -19.24 17.00 31.75
C GLU A 512 -19.47 15.86 30.77
N LYS A 513 -18.53 15.66 29.85
CA LYS A 513 -18.60 14.60 28.87
C LYS A 513 -18.53 13.23 29.53
N ALA A 514 -17.54 13.06 30.41
CA ALA A 514 -17.37 11.80 31.13
C ALA A 514 -18.69 11.39 31.75
N SER A 516 -21.79 12.69 31.04
CA SER A 516 -22.82 12.61 30.02
C SER A 516 -22.78 11.45 29.04
N THR A 517 -21.62 10.93 28.71
CA THR A 517 -21.60 9.80 27.80
C THR A 517 -20.96 8.59 28.46
N ASP A 518 -19.64 8.59 28.56
CA ASP A 518 -18.90 7.49 29.17
C ASP A 518 -19.60 6.74 30.29
N GLN A 520 -22.67 7.55 31.94
CA GLN A 520 -24.09 7.41 31.76
C GLN A 520 -24.43 6.19 30.91
N ASN A 521 -23.72 6.00 29.78
CA ASN A 521 -24.01 4.86 28.92
C ASN A 521 -23.60 3.57 29.59
N SER A 522 -22.49 3.63 30.34
CA SER A 522 -22.02 2.47 31.03
C SER A 522 -23.09 2.01 32.01
N ILE A 523 -23.66 2.95 32.76
CA ILE A 523 -24.71 2.60 33.69
C ILE A 523 -25.82 1.93 32.91
N VAL A 524 -26.29 2.56 31.85
CA VAL A 524 -27.36 1.97 31.05
C VAL A 524 -27.08 0.57 30.50
N HIS A 525 -25.91 0.39 29.88
CA HIS A 525 -25.57 -0.90 29.29
C HIS A 525 -25.47 -1.98 30.36
N ARG A 526 -24.83 -1.67 31.47
CA ARG A 526 -24.68 -2.64 32.55
C ARG A 526 -26.04 -3.08 33.09
N ILE A 527 -26.93 -2.12 33.32
CA ILE A 527 -28.26 -2.44 33.82
C ILE A 527 -28.99 -3.30 32.80
N GLN A 528 -28.87 -2.93 31.53
CA GLN A 528 -29.53 -3.70 30.49
C GLN A 528 -29.00 -5.14 30.53
N LYS A 529 -27.69 -5.28 30.74
CA LYS A 529 -27.07 -6.60 30.83
C LYS A 529 -27.73 -7.37 31.99
N LEU A 530 -27.77 -6.77 33.18
CA LEU A 530 -28.40 -7.41 34.35
C LEU A 530 -29.86 -7.76 34.10
N LEU A 531 -30.59 -6.83 33.49
CA LEU A 531 -31.99 -7.04 33.25
C LEU A 531 -32.23 -8.21 32.31
N LYS A 532 -31.44 -8.28 31.24
CA LYS A 532 -31.59 -9.36 30.26
C LYS A 532 -31.45 -10.71 30.89
N GLU A 533 -30.54 -10.84 31.85
CA GLU A 533 -30.32 -12.13 32.49
C GLU A 533 -31.55 -12.62 33.23
N THR A 534 -32.20 -11.72 33.94
CA THR A 534 -33.38 -12.07 34.73
C THR A 534 -34.63 -12.32 33.91
N LEU A 535 -34.60 -12.02 32.63
CA LEU A 535 -35.79 -12.25 31.82
C LEU A 535 -35.83 -13.58 31.11
N ARG A 536 -34.83 -14.42 31.36
CA ARG A 536 -34.74 -15.73 30.70
C ARG A 536 -36.04 -16.52 30.70
N ASN A 537 -36.68 -16.66 31.85
CA ASN A 537 -37.92 -17.40 31.95
C ASN A 537 -39.13 -16.65 31.45
N TYR A 538 -39.13 -15.35 31.62
CA TYR A 538 -40.26 -14.56 31.17
C TYR A 538 -40.35 -14.65 29.64
N PHE A 539 -39.21 -14.85 29.00
CA PHE A 539 -39.15 -14.97 27.55
C PHE A 539 -39.77 -16.28 27.08
N LYS A 540 -39.71 -17.31 27.93
CA LYS A 540 -40.23 -18.64 27.67
C LYS A 540 -41.72 -18.88 27.93
N ILE A 541 -42.38 -17.93 28.57
CA ILE A 541 -43.81 -18.05 28.83
C ILE A 541 -44.50 -18.49 27.52
N SER A 542 -45.48 -19.40 27.63
CA SER A 542 -46.23 -19.87 26.46
C SER A 542 -47.71 -19.47 26.60
N THR A 543 -48.10 -19.31 27.86
CA THR A 543 -49.44 -18.93 28.29
C THR A 543 -50.13 -17.90 27.40
N TRP A 544 -49.37 -16.93 26.91
CA TRP A 544 -49.91 -15.83 26.10
C TRP A 544 -51.09 -16.11 25.17
N SER A 545 -51.29 -17.35 24.76
CA SER A 545 -52.39 -17.68 23.85
C SER A 545 -53.51 -18.54 24.42
N THR A 546 -53.32 -19.06 25.63
CA THR A 546 -54.31 -19.93 26.24
C THR A 546 -54.94 -19.46 27.56
N LEU A 547 -54.37 -18.43 28.18
CA LEU A 547 -54.90 -17.95 29.45
C LEU A 547 -56.21 -17.18 29.30
N GLU A 548 -57.00 -17.17 30.37
CA GLU A 548 -58.29 -16.49 30.39
C GLU A 548 -58.51 -15.75 31.72
N SER A 550 -59.71 -14.60 34.54
CA SER A 550 -61.02 -14.74 35.16
C SER A 550 -61.55 -13.39 35.65
N PRO A 557 -61.77 -8.17 40.05
CA PRO A 557 -60.61 -8.97 39.59
C PRO A 557 -59.26 -8.32 39.95
N SER A 558 -58.60 -8.86 40.96
CA SER A 558 -57.31 -8.35 41.41
C SER A 558 -56.18 -9.09 40.68
N SER A 559 -55.75 -8.53 39.55
CA SER A 559 -54.68 -9.12 38.75
C SER A 559 -53.31 -8.92 39.38
N VAL A 560 -52.37 -9.77 38.97
CA VAL A 560 -51.01 -9.72 39.47
C VAL A 560 -50.08 -9.94 38.27
N PRO A 561 -48.87 -9.35 38.30
CA PRO A 561 -47.96 -9.54 37.16
C PRO A 561 -47.50 -10.99 36.98
N SER A 562 -47.14 -11.34 35.76
CA SER A 562 -46.69 -12.70 35.47
C SER A 562 -45.67 -13.15 36.49
N ALA A 563 -45.89 -14.33 37.05
CA ALA A 563 -45.01 -14.86 38.07
C ALA A 563 -43.52 -14.82 37.74
N GLU A 564 -43.18 -15.17 36.51
CA GLU A 564 -41.79 -15.20 36.08
C GLU A 564 -41.15 -13.82 35.91
N LEU A 565 -41.94 -12.76 36.08
CA LEU A 565 -41.42 -11.41 35.93
C LEU A 565 -41.09 -10.81 37.29
N VAL A 566 -41.44 -11.54 38.35
CA VAL A 566 -41.19 -11.04 39.70
C VAL A 566 -39.75 -10.76 40.04
N ASN A 567 -38.84 -11.65 39.67
CA ASN A 567 -37.43 -11.41 39.97
C ASN A 567 -36.90 -10.18 39.23
N SER A 568 -37.32 -10.02 37.97
CA SER A 568 -36.91 -8.87 37.16
C SER A 568 -37.33 -7.58 37.85
N ILE A 569 -38.54 -7.57 38.38
CA ILE A 569 -39.03 -6.39 39.08
C ILE A 569 -38.21 -6.13 40.35
N ASN A 570 -37.81 -7.18 41.04
CA ASN A 570 -37.01 -7.02 42.27
C ASN A 570 -35.63 -6.45 41.99
N VAL A 571 -34.95 -6.98 40.99
CA VAL A 571 -33.63 -6.52 40.65
C VAL A 571 -33.66 -5.05 40.23
N LEU A 572 -34.52 -4.77 39.25
CA LEU A 572 -34.64 -3.41 38.76
C LEU A 572 -35.05 -2.47 39.88
N ARG A 573 -36.00 -2.89 40.71
CA ARG A 573 -36.40 -2.01 41.80
C ARG A 573 -35.13 -1.72 42.60
N ARG A 574 -34.38 -2.77 42.89
CA ARG A 574 -33.14 -2.66 43.65
C ARG A 574 -32.13 -1.71 42.99
N LEU A 575 -31.80 -1.97 41.72
CA LEU A 575 -30.83 -1.15 40.98
C LEU A 575 -31.18 0.34 40.94
N ILE A 576 -32.44 0.63 40.69
CA ILE A 576 -32.88 2.01 40.62
C ILE A 576 -32.93 2.71 41.95
N ASN A 577 -33.09 1.95 43.02
CA ASN A 577 -33.11 2.56 44.32
C ASN A 577 -31.72 3.08 44.58
N LYS A 578 -30.73 2.30 44.15
CA LYS A 578 -29.33 2.67 44.30
C LYS A 578 -29.03 3.92 43.51
N LEU A 579 -29.64 4.05 42.34
CA LEU A 579 -29.42 5.21 41.49
C LEU A 579 -30.03 6.46 42.14
N ASP A 580 -31.22 6.31 42.70
CA ASP A 580 -31.88 7.46 43.31
C ASP A 580 -31.24 7.86 44.63
N SER A 581 -30.30 7.06 45.11
CA SER A 581 -29.63 7.39 46.35
C SER A 581 -28.27 8.03 46.07
N ASP A 583 -25.81 10.90 44.41
CA ASP A 583 -25.85 12.32 44.15
C ASP A 583 -25.34 12.53 42.72
N ILE A 584 -26.26 12.29 41.80
CA ILE A 584 -26.00 12.38 40.39
C ILE A 584 -26.81 13.55 39.89
N PRO A 585 -26.35 14.23 38.83
CA PRO A 585 -27.11 15.37 38.32
C PRO A 585 -28.44 14.89 37.79
N LEU A 586 -29.47 15.71 37.97
CA LEU A 586 -30.82 15.35 37.57
C LEU A 586 -30.99 15.00 36.10
N ALA A 587 -30.32 15.73 35.22
CA ALA A 587 -30.46 15.46 33.80
C ALA A 587 -29.99 14.05 33.45
N ILE A 588 -28.89 13.60 34.07
CA ILE A 588 -28.36 12.27 33.81
C ILE A 588 -29.24 11.18 34.43
N SER A 589 -29.67 11.38 35.67
CA SER A 589 -30.54 10.40 36.31
C SER A 589 -31.73 10.13 35.38
N LEU A 590 -32.21 11.17 34.72
CA LEU A 590 -33.34 11.07 33.80
C LEU A 590 -33.03 10.45 32.46
N LYS A 591 -31.84 10.72 31.92
CA LYS A 591 -31.47 10.15 30.63
C LYS A 591 -31.30 8.65 30.80
N VAL A 592 -30.68 8.25 31.91
CA VAL A 592 -30.49 6.84 32.16
C VAL A 592 -31.83 6.14 32.24
N LYS A 593 -32.71 6.69 33.08
CA LYS A 593 -34.04 6.12 33.28
C LYS A 593 -34.80 6.07 31.99
N ASN A 594 -34.70 7.13 31.20
CA ASN A 594 -35.41 7.18 29.92
C ASN A 594 -34.87 6.13 28.96
N GLU A 595 -33.56 6.13 28.75
CA GLU A 595 -32.94 5.15 27.87
C GLU A 595 -33.38 3.74 28.25
N LEU A 596 -33.40 3.45 29.54
CA LEU A 596 -33.80 2.14 30.03
C LEU A 596 -35.22 1.84 29.65
N LEU A 597 -36.06 2.87 29.74
CA LEU A 597 -37.46 2.69 29.39
C LEU A 597 -37.58 2.24 27.96
N ASN A 598 -36.84 2.89 27.06
CA ASN A 598 -36.89 2.55 25.64
C ASN A 598 -36.45 1.10 25.45
N VAL A 599 -35.38 0.74 26.14
CA VAL A 599 -34.85 -0.61 26.08
C VAL A 599 -35.91 -1.59 26.52
N ILE A 600 -36.52 -1.33 27.68
CA ILE A 600 -37.57 -2.21 28.18
C ILE A 600 -38.68 -2.31 27.16
N VAL A 601 -39.04 -1.18 26.55
CA VAL A 601 -40.11 -1.17 25.55
C VAL A 601 -39.74 -2.02 24.35
N ASN A 602 -38.52 -1.88 23.85
CA ASN A 602 -38.07 -2.67 22.72
C ASN A 602 -38.15 -4.16 23.05
N TYR A 603 -37.79 -4.50 24.29
CA TYR A 603 -37.82 -5.89 24.70
C TYR A 603 -39.21 -6.47 24.57
N PHE A 604 -40.18 -5.84 25.22
CA PHE A 604 -41.56 -6.33 25.16
C PHE A 604 -42.13 -6.37 23.73
N THR A 605 -41.73 -5.42 22.90
CA THR A 605 -42.21 -5.35 21.51
C THR A 605 -41.64 -6.44 20.61
N GLU A 606 -40.32 -6.64 20.70
CA GLU A 606 -39.67 -7.61 19.85
C GLU A 606 -39.55 -9.02 20.41
N SER A 607 -39.10 -9.12 21.65
CA SER A 607 -38.90 -10.43 22.27
C SER A 607 -40.15 -11.13 22.82
N ILE A 608 -41.23 -10.38 23.00
CA ILE A 608 -42.43 -11.00 23.55
C ILE A 608 -43.62 -10.86 22.62
N LEU A 609 -43.98 -9.62 22.33
CA LEU A 609 -45.12 -9.36 21.50
C LEU A 609 -45.04 -9.98 20.12
N LYS A 610 -43.95 -9.73 19.40
CA LYS A 610 -43.75 -10.24 18.04
C LYS A 610 -43.62 -11.77 17.87
N LEU A 611 -43.05 -12.45 18.86
CA LEU A 611 -42.82 -13.90 18.79
C LEU A 611 -43.85 -14.80 19.48
N ASN A 612 -45.02 -14.25 19.81
CA ASN A 612 -46.05 -15.03 20.49
C ASN A 612 -47.45 -14.69 20.02
N LYS A 613 -48.35 -15.66 20.23
CA LYS A 613 -49.75 -15.48 19.89
C LYS A 613 -50.47 -15.06 21.17
N PHE A 614 -51.31 -14.03 21.09
CA PHE A 614 -52.04 -13.54 22.26
C PHE A 614 -53.54 -13.65 22.12
N ASN A 615 -54.24 -13.62 23.26
CA ASN A 615 -55.69 -13.68 23.27
C ASN A 615 -56.18 -12.70 24.34
N GLN A 616 -57.19 -11.91 23.99
CA GLN A 616 -57.78 -10.90 24.88
C GLN A 616 -57.15 -10.83 26.26
N ASN A 617 -57.33 -11.89 27.04
CA ASN A 617 -56.81 -11.93 28.40
C ASN A 617 -55.29 -11.80 28.47
N GLY A 618 -54.58 -12.50 27.59
CA GLY A 618 -53.13 -12.44 27.59
C GLY A 618 -52.60 -11.10 27.14
N LEU A 619 -53.35 -10.43 26.28
CA LEU A 619 -52.95 -9.14 25.76
C LEU A 619 -52.97 -8.08 26.86
N ASN A 620 -53.77 -8.31 27.89
CA ASN A 620 -53.81 -7.34 28.98
C ASN A 620 -52.78 -7.74 30.01
N GLN A 621 -52.53 -9.03 30.12
CA GLN A 621 -51.51 -9.51 31.06
C GLN A 621 -50.22 -8.86 30.61
N PHE A 622 -50.06 -8.73 29.29
CA PHE A 622 -48.90 -8.12 28.67
C PHE A 622 -48.73 -6.69 29.18
N LEU A 623 -49.74 -5.85 28.94
CA LEU A 623 -49.69 -4.46 29.38
C LEU A 623 -49.55 -4.35 30.89
N HIS A 624 -50.09 -5.31 31.62
CA HIS A 624 -49.98 -5.26 33.05
C HIS A 624 -48.52 -5.51 33.38
N ASP A 625 -47.94 -6.55 32.77
CA ASP A 625 -46.54 -6.88 33.00
C ASP A 625 -45.65 -5.73 32.59
N PHE A 626 -45.94 -5.15 31.44
CA PHE A 626 -45.13 -4.04 30.96
C PHE A 626 -45.14 -2.89 31.94
N LYS A 627 -46.34 -2.51 32.36
CA LYS A 627 -46.47 -1.39 33.27
C LYS A 627 -45.87 -1.71 34.62
N SER A 628 -46.10 -2.93 35.08
CA SER A 628 -45.57 -3.34 36.36
C SER A 628 -44.06 -3.25 36.46
N LEU A 629 -43.38 -3.47 35.34
CA LEU A 629 -41.93 -3.40 35.32
C LEU A 629 -41.42 -2.00 35.10
N SER A 630 -41.87 -1.36 34.01
CA SER A 630 -41.45 0.00 33.64
C SER A 630 -41.81 1.12 34.63
N SER A 631 -42.78 0.89 35.49
CA SER A 631 -43.16 1.91 36.46
C SER A 631 -42.15 1.99 37.60
N ILE A 632 -41.13 1.14 37.54
CA ILE A 632 -40.12 1.14 38.57
C ILE A 632 -39.09 2.20 38.27
N LEU A 633 -38.87 2.49 36.99
CA LEU A 633 -37.90 3.49 36.64
C LEU A 633 -38.36 4.75 37.36
N SER A 634 -39.67 4.82 37.60
CA SER A 634 -40.28 5.95 38.30
C SER A 634 -39.99 7.29 37.62
N LEU A 635 -40.22 7.35 36.31
CA LEU A 635 -39.99 8.58 35.58
C LEU A 635 -41.08 9.57 35.97
N PRO A 636 -40.88 10.87 35.71
CA PRO A 636 -41.94 11.80 36.09
C PRO A 636 -43.26 11.33 35.49
N SER A 637 -44.33 11.43 36.27
CA SER A 637 -45.66 11.02 35.81
C SER A 637 -46.07 11.86 34.60
N HIS A 638 -47.19 11.49 33.98
CA HIS A 638 -47.67 12.17 32.78
C HIS A 638 -46.59 12.94 32.00
N ALA A 639 -45.46 12.26 31.81
CA ALA A 639 -44.31 12.76 31.05
C ALA A 639 -44.22 11.78 29.90
N THR A 640 -44.29 12.30 28.67
CA THR A 640 -44.27 11.45 27.50
C THR A 640 -42.94 10.86 27.06
N ASN A 641 -42.98 9.56 26.77
CA ASN A 641 -41.83 8.82 26.27
C ASN A 641 -42.37 8.27 24.95
N TYR A 642 -41.75 8.67 23.85
CA TYR A 642 -42.21 8.27 22.54
C TYR A 642 -42.41 6.75 22.38
N LYS A 643 -41.34 5.99 22.55
CA LYS A 643 -41.38 4.55 22.41
C LYS A 643 -42.46 3.91 23.27
N CYS A 644 -42.56 4.37 24.51
CA CYS A 644 -43.53 3.85 25.45
C CYS A 644 -44.98 4.05 25.02
N SER A 646 -46.06 4.62 21.89
CA SER A 646 -46.20 3.82 20.67
C SER A 646 -46.52 2.37 21.01
N LEU A 647 -45.99 1.87 22.13
CA LEU A 647 -46.26 0.50 22.53
C LEU A 647 -47.72 0.34 22.89
N HIS A 648 -48.26 1.31 23.64
CA HIS A 648 -49.67 1.25 24.04
C HIS A 648 -50.52 1.29 22.77
N GLU A 649 -50.31 2.31 21.94
CA GLU A 649 -51.04 2.44 20.69
C GLU A 649 -51.02 1.16 19.87
N LEU A 650 -49.87 0.46 19.89
CA LEU A 650 -49.73 -0.77 19.15
C LEU A 650 -50.60 -1.89 19.73
N VAL A 651 -50.64 -1.98 21.05
CA VAL A 651 -51.43 -3.02 21.69
C VAL A 651 -52.91 -2.74 21.50
N LYS A 652 -53.26 -1.48 21.23
CA LYS A 652 -54.65 -1.09 21.01
C LYS A 652 -55.11 -1.57 19.64
N ILE A 653 -54.36 -1.20 18.61
CA ILE A 653 -54.70 -1.61 17.25
C ILE A 653 -54.81 -3.12 17.14
N LEU A 654 -54.13 -3.85 18.02
CA LEU A 654 -54.20 -5.31 17.97
C LEU A 654 -55.51 -5.84 18.55
N LYS A 655 -56.11 -5.04 19.43
CA LYS A 655 -57.38 -5.42 20.06
C LYS A 655 -58.53 -5.19 19.08
N LEU A 656 -58.21 -4.67 17.90
CA LEU A 656 -59.24 -4.43 16.89
C LEU A 656 -59.97 -5.72 16.59
N LYS A 657 -59.40 -6.86 16.99
CA LYS A 657 -60.07 -8.12 16.75
C LYS A 657 -61.19 -8.33 17.75
N TYR A 658 -61.20 -7.52 18.81
CA TYR A 658 -62.23 -7.63 19.84
C TYR A 658 -63.09 -6.36 19.95
N ASP A 659 -63.19 -5.64 18.85
CA ASP A 659 -63.96 -4.39 18.77
C ASP A 659 -64.95 -4.48 17.60
N PRO A 660 -66.23 -4.82 17.89
CA PRO A 660 -67.21 -4.92 16.81
C PRO A 660 -67.54 -3.63 16.06
N ASN A 661 -67.72 -2.52 16.79
CA ASN A 661 -68.06 -1.24 16.18
C ASN A 661 -67.09 -0.75 15.09
N ASN A 662 -65.88 -1.30 15.07
CA ASN A 662 -64.90 -0.89 14.08
C ASN A 662 -64.22 -2.05 13.37
N GLN A 663 -64.75 -3.26 13.49
CA GLN A 663 -64.13 -4.41 12.84
C GLN A 663 -64.19 -4.31 11.31
N GLN A 664 -64.25 -3.08 10.84
CA GLN A 664 -64.29 -2.77 9.43
C GLN A 664 -62.85 -2.72 8.90
N PHE A 665 -61.98 -2.08 9.66
CA PHE A 665 -60.58 -1.92 9.31
C PHE A 665 -59.83 -3.23 9.17
N LEU A 666 -60.50 -4.35 9.38
CA LEU A 666 -59.85 -5.65 9.26
C LEU A 666 -60.06 -6.35 7.91
N ASN A 667 -60.37 -5.57 6.87
CA ASN A 667 -60.58 -6.14 5.54
C ASN A 667 -59.29 -6.00 4.73
N PRO A 668 -58.76 -7.13 4.24
CA PRO A 668 -57.52 -7.12 3.45
C PRO A 668 -57.34 -5.94 2.51
N GLU A 669 -58.43 -5.50 1.90
CA GLU A 669 -58.35 -4.39 0.97
C GLU A 669 -57.92 -3.08 1.62
N TYR A 670 -58.34 -2.85 2.86
CA TYR A 670 -57.99 -1.61 3.55
C TYR A 670 -56.55 -1.61 4.04
N ILE A 671 -56.08 -2.76 4.50
CA ILE A 671 -54.71 -2.87 4.98
C ILE A 671 -53.77 -2.48 3.85
N LYS A 672 -53.79 -3.28 2.78
CA LYS A 672 -52.94 -3.05 1.63
C LYS A 672 -53.07 -1.63 1.06
N THR A 673 -54.21 -0.97 1.29
CA THR A 673 -54.39 0.38 0.79
C THR A 673 -53.28 1.29 1.29
N GLY A 674 -52.85 1.09 2.53
CA GLY A 674 -51.78 1.89 3.07
C GLY A 674 -52.18 3.22 3.68
N ASN A 675 -53.44 3.63 3.52
CA ASN A 675 -53.88 4.89 4.09
C ASN A 675 -54.69 4.67 5.35
N PHE A 676 -54.09 4.99 6.49
CA PHE A 676 -54.76 4.82 7.77
C PHE A 676 -55.02 6.19 8.40
N THR A 677 -56.17 6.78 8.06
CA THR A 677 -56.51 8.08 8.64
C THR A 677 -57.81 7.89 9.42
N SER A 678 -58.55 6.86 9.05
CA SER A 678 -59.82 6.54 9.71
C SER A 678 -59.49 5.89 11.05
N LEU A 679 -58.51 5.00 11.03
CA LEU A 679 -58.08 4.31 12.23
C LEU A 679 -57.41 5.30 13.17
N LYS A 680 -56.43 6.04 12.65
CA LYS A 680 -55.72 7.01 13.46
C LYS A 680 -56.69 7.87 14.26
N GLU A 681 -57.64 8.50 13.58
CA GLU A 681 -58.63 9.36 14.24
C GLU A 681 -59.52 8.60 15.22
N ALA A 682 -59.93 7.40 14.83
CA ALA A 682 -60.79 6.58 15.66
C ALA A 682 -60.09 6.17 16.97
N TYR A 683 -58.86 5.66 16.87
CA TYR A 683 -58.11 5.23 18.06
C TYR A 683 -57.12 6.25 18.61
N SER A 684 -57.22 7.49 18.16
CA SER A 684 -56.33 8.56 18.61
C SER A 684 -54.84 8.19 18.57
N ILE A 685 -54.44 7.51 17.50
CA ILE A 685 -53.05 7.10 17.29
C ILE A 685 -52.20 8.28 16.81
N LYS A 686 -51.39 8.84 17.71
CA LYS A 686 -50.54 9.99 17.36
C LYS A 686 -49.07 9.63 17.16
N TYR A 687 -48.65 8.44 17.60
CA TYR A 687 -47.24 8.05 17.50
C TYR A 687 -46.88 6.91 16.56
N LEU A 688 -47.63 5.82 16.62
CA LEU A 688 -47.36 4.67 15.79
C LEU A 688 -47.27 5.05 14.31
N LYS A 689 -46.09 4.85 13.72
CA LYS A 689 -45.84 5.16 12.32
C LYS A 689 -46.71 4.25 11.44
N ASP A 690 -47.16 4.75 10.29
CA ASP A 690 -48.02 3.98 9.39
C ASP A 690 -47.52 2.58 9.06
N THR A 691 -46.21 2.46 8.85
CA THR A 691 -45.62 1.17 8.52
C THR A 691 -45.90 0.13 9.60
N LYS A 692 -45.76 0.54 10.86
CA LYS A 692 -45.99 -0.35 12.00
C LYS A 692 -47.47 -0.65 12.24
N ILE A 693 -48.33 0.28 11.83
CA ILE A 693 -49.76 0.11 12.00
C ILE A 693 -50.26 -1.00 11.07
N GLN A 694 -49.72 -1.03 9.87
CA GLN A 694 -50.11 -2.04 8.89
C GLN A 694 -49.75 -3.44 9.35
N ASP A 695 -48.50 -3.61 9.75
CA ASP A 695 -48.02 -4.90 10.22
C ASP A 695 -48.88 -5.34 11.38
N ALA A 696 -49.33 -4.37 12.17
CA ALA A 696 -50.20 -4.67 13.30
C ALA A 696 -51.40 -5.45 12.77
N LEU A 697 -52.20 -4.79 11.94
CA LEU A 697 -53.39 -5.38 11.34
C LEU A 697 -53.04 -6.75 10.78
N TYR A 698 -52.10 -6.77 9.86
CA TYR A 698 -51.67 -8.01 9.24
C TYR A 698 -51.49 -9.09 10.29
N ARG A 699 -50.90 -8.71 11.44
CA ARG A 699 -50.67 -9.69 12.49
C ARG A 699 -51.97 -10.28 13.00
N ILE A 700 -53.05 -9.50 12.88
CA ILE A 700 -54.37 -9.93 13.31
C ILE A 700 -54.94 -10.85 12.24
N ILE A 701 -55.11 -10.29 11.05
CA ILE A 701 -55.65 -11.02 9.90
C ILE A 701 -55.02 -12.39 9.69
N TYR A 702 -53.71 -12.50 9.86
CA TYR A 702 -53.03 -13.79 9.68
C TYR A 702 -53.20 -14.69 10.90
N GLY A 703 -54.06 -14.25 11.82
CA GLY A 703 -54.35 -15.02 13.02
C GLY A 703 -53.36 -15.10 14.16
N ASN A 704 -52.38 -14.21 14.20
CA ASN A 704 -51.40 -14.24 15.29
C ASN A 704 -52.08 -13.83 16.60
N ILE A 705 -53.27 -13.23 16.48
CA ILE A 705 -54.06 -12.80 17.63
C ILE A 705 -55.36 -13.61 17.71
N LEU A 706 -55.29 -14.72 18.44
CA LEU A 706 -56.41 -15.64 18.65
C LEU A 706 -57.56 -14.96 19.41
N ASP B 10 -94.52 42.40 -7.24
CA ASP B 10 -94.37 40.92 -7.33
C ASP B 10 -93.24 40.56 -8.31
N ASP B 11 -93.55 40.62 -9.60
CA ASP B 11 -92.57 40.35 -10.65
C ASP B 11 -91.66 41.57 -10.64
N LEU B 12 -92.19 42.67 -10.08
CA LEU B 12 -91.48 43.93 -9.97
C LEU B 12 -90.26 43.86 -9.06
N LEU B 13 -90.32 43.01 -8.05
CA LEU B 13 -89.18 42.85 -7.12
C LEU B 13 -88.07 42.13 -7.86
N ASN B 14 -88.47 41.30 -8.82
CA ASN B 14 -87.54 40.55 -9.62
C ASN B 14 -86.95 41.47 -10.68
N ILE B 15 -87.79 42.29 -11.30
CA ILE B 15 -87.31 43.21 -12.32
C ILE B 15 -86.28 44.19 -11.76
N ASN B 16 -86.45 44.61 -10.51
CA ASN B 16 -85.50 45.51 -9.90
C ASN B 16 -84.19 44.80 -9.67
N ASP B 17 -84.24 43.48 -9.50
CA ASP B 17 -83.01 42.72 -9.28
C ASP B 17 -82.31 42.32 -10.58
N ARG B 18 -83.09 42.10 -11.64
CA ARG B 18 -82.47 41.76 -12.89
C ARG B 18 -81.79 42.98 -13.48
N ILE B 19 -82.26 44.17 -13.11
CA ILE B 19 -81.66 45.40 -13.58
C ILE B 19 -80.29 45.53 -12.96
N LYS B 20 -80.18 45.12 -11.70
CA LYS B 20 -78.90 45.17 -11.01
C LYS B 20 -77.98 44.08 -11.55
N GLN B 21 -78.57 42.94 -11.93
CA GLN B 21 -77.80 41.83 -12.49
C GLN B 21 -77.13 42.26 -13.79
N VAL B 22 -77.93 42.74 -14.74
CA VAL B 22 -77.41 43.18 -16.02
C VAL B 22 -76.37 44.27 -15.83
N GLN B 23 -76.52 45.09 -14.80
CA GLN B 23 -75.53 46.13 -14.58
C GLN B 23 -74.21 45.53 -14.12
N ASN B 24 -74.28 44.40 -13.44
CA ASN B 24 -73.07 43.73 -12.93
C ASN B 24 -72.44 42.92 -14.03
N GLU B 25 -73.26 42.13 -14.70
CA GLU B 25 -72.80 41.30 -15.78
C GLU B 25 -72.13 42.10 -16.90
N ARG B 26 -72.55 43.34 -17.08
CA ARG B 26 -71.94 44.20 -18.09
C ARG B 26 -70.54 44.54 -17.64
N ASN B 27 -70.40 44.82 -16.35
CA ASN B 27 -69.12 45.19 -15.79
C ASN B 27 -68.14 44.04 -15.67
N GLU B 28 -68.65 42.85 -15.41
CA GLU B 28 -67.76 41.71 -15.31
C GLU B 28 -67.24 41.44 -16.73
N LEU B 29 -68.17 41.41 -17.68
CA LEU B 29 -67.82 41.17 -19.09
C LEU B 29 -66.76 42.15 -19.52
N ALA B 30 -66.88 43.38 -19.07
CA ALA B 30 -65.93 44.41 -19.42
C ALA B 30 -64.52 44.07 -18.96
N SER B 31 -64.37 43.68 -17.70
CA SER B 31 -63.06 43.34 -17.18
C SER B 31 -62.53 42.05 -17.79
N LYS B 32 -63.34 40.99 -17.79
CA LYS B 32 -62.90 39.73 -18.37
C LYS B 32 -62.32 39.99 -19.76
N LEU B 33 -63.07 40.76 -20.55
CA LEU B 33 -62.67 41.14 -21.90
C LEU B 33 -61.35 41.91 -21.91
N GLN B 34 -61.12 42.69 -20.87
CA GLN B 34 -59.89 43.47 -20.72
C GLN B 34 -58.74 42.53 -20.42
N ASN B 35 -58.97 41.53 -19.55
CA ASN B 35 -57.92 40.60 -19.20
C ASN B 35 -57.55 39.73 -20.37
N LEU B 36 -58.52 39.41 -21.21
CA LEU B 36 -58.25 38.59 -22.37
C LEU B 36 -57.29 39.34 -23.28
N LYS B 37 -57.58 40.61 -23.53
CA LYS B 37 -56.72 41.42 -24.37
C LYS B 37 -55.28 41.41 -23.85
N GLN B 38 -55.14 41.44 -22.53
CA GLN B 38 -53.82 41.44 -21.91
C GLN B 38 -53.19 40.06 -21.91
N SER B 39 -54.01 39.02 -21.90
CA SER B 39 -53.50 37.67 -21.94
C SER B 39 -53.05 37.36 -23.35
N LEU B 40 -53.61 38.08 -24.32
CA LEU B 40 -53.25 37.90 -25.71
C LEU B 40 -51.94 38.64 -25.96
N ALA B 41 -51.77 39.76 -25.29
CA ALA B 41 -50.54 40.52 -25.45
C ALA B 41 -49.36 39.71 -24.91
N SER B 42 -49.53 39.18 -23.70
CA SER B 42 -48.49 38.38 -23.05
C SER B 42 -48.06 37.23 -23.90
N ASN B 43 -49.06 36.52 -24.42
CA ASN B 43 -48.83 35.36 -25.26
C ASN B 43 -48.25 35.69 -26.63
N ASP B 44 -48.13 36.98 -26.94
CA ASP B 44 -47.62 37.41 -28.25
C ASP B 44 -46.14 37.78 -28.20
N THR B 45 -45.28 36.77 -28.28
CA THR B 45 -43.84 36.95 -28.25
C THR B 45 -43.31 37.98 -29.26
N GLU B 46 -43.95 38.04 -30.42
CA GLU B 46 -43.55 38.96 -31.48
C GLU B 46 -43.96 40.40 -31.25
N VAL B 47 -44.84 40.62 -30.27
CA VAL B 47 -45.32 41.96 -30.02
C VAL B 47 -45.82 42.44 -31.40
N ALA B 48 -46.72 41.67 -31.98
CA ALA B 48 -47.24 42.03 -33.29
C ALA B 48 -48.69 42.47 -33.23
N LEU B 49 -49.34 42.26 -32.10
CA LEU B 49 -50.74 42.63 -31.99
C LEU B 49 -50.95 44.12 -31.85
N SER B 50 -52.19 44.51 -32.09
CA SER B 50 -52.65 45.88 -32.00
C SER B 50 -54.04 45.76 -31.40
N GLU B 51 -54.51 46.80 -30.75
CA GLU B 51 -55.84 46.76 -30.18
C GLU B 51 -56.87 46.32 -31.23
N VAL B 52 -56.70 46.77 -32.47
CA VAL B 52 -57.64 46.41 -33.53
C VAL B 52 -57.70 44.91 -33.73
N ILE B 53 -56.57 44.33 -34.13
CA ILE B 53 -56.45 42.90 -34.34
C ILE B 53 -57.06 42.13 -33.17
N ALA B 54 -56.49 42.33 -31.99
CA ALA B 54 -56.96 41.68 -30.78
C ALA B 54 -58.48 41.68 -30.72
N GLN B 55 -59.12 42.82 -30.97
CA GLN B 55 -60.58 42.85 -30.92
C GLN B 55 -61.19 41.94 -31.95
N ASP B 56 -60.52 41.74 -33.08
CA ASP B 56 -61.05 40.85 -34.10
C ASP B 56 -60.80 39.38 -33.78
N ILE B 57 -59.79 39.11 -32.96
CA ILE B 57 -59.54 37.73 -32.59
C ILE B 57 -60.65 37.32 -31.61
N ILE B 58 -60.91 38.15 -30.60
CA ILE B 58 -61.95 37.83 -29.63
C ILE B 58 -63.33 37.71 -30.32
N GLU B 59 -63.47 38.30 -31.51
CA GLU B 59 -64.73 38.26 -32.24
C GLU B 59 -64.96 36.91 -32.92
N VAL B 60 -64.04 36.51 -33.79
CA VAL B 60 -64.18 35.23 -34.48
C VAL B 60 -63.44 34.14 -33.69
N GLY B 61 -62.17 34.46 -33.38
CA GLY B 61 -61.26 33.64 -32.61
C GLY B 61 -61.34 32.13 -32.48
N ALA B 62 -62.52 31.60 -32.21
CA ALA B 62 -62.65 30.17 -32.05
C ALA B 62 -62.84 29.36 -33.33
N SER B 63 -63.29 30.01 -34.41
CA SER B 63 -63.53 29.31 -35.67
C SER B 63 -62.31 29.23 -36.59
N VAL B 64 -62.17 28.09 -37.26
CA VAL B 64 -61.06 27.90 -38.17
C VAL B 64 -61.19 28.82 -39.37
N GLU B 65 -62.37 28.87 -39.99
CA GLU B 65 -62.52 29.74 -41.14
C GLU B 65 -62.28 31.19 -40.74
N GLY B 66 -62.72 31.53 -39.53
CA GLY B 66 -62.56 32.88 -39.04
C GLY B 66 -61.10 33.27 -38.85
N LEU B 67 -60.30 32.39 -38.25
CA LEU B 67 -58.90 32.68 -38.04
C LEU B 67 -58.19 32.82 -39.38
N GLU B 68 -58.61 32.02 -40.36
CA GLU B 68 -58.01 32.08 -41.69
C GLU B 68 -58.19 33.45 -42.34
N GLN B 69 -59.41 34.00 -42.27
CA GLN B 69 -59.66 35.33 -42.83
C GLN B 69 -58.80 36.38 -42.11
N LEU B 70 -58.57 36.18 -40.82
CA LEU B 70 -57.77 37.11 -40.04
C LEU B 70 -56.32 37.04 -40.46
N ARG B 71 -55.89 35.87 -40.90
CA ARG B 71 -54.52 35.69 -41.37
C ARG B 71 -54.43 36.31 -42.78
N ALA B 72 -55.54 36.26 -43.51
CA ALA B 72 -55.63 36.81 -44.86
C ALA B 72 -55.83 38.31 -44.80
N LYS B 73 -55.60 38.88 -43.62
CA LYS B 73 -55.78 40.31 -43.43
C LYS B 73 -54.60 40.92 -42.70
N TYR B 74 -54.36 40.50 -41.46
CA TYR B 74 -53.25 41.08 -40.73
C TYR B 74 -51.97 40.27 -40.84
N GLY B 75 -51.91 39.33 -41.77
CA GLY B 75 -50.70 38.53 -41.93
C GLY B 75 -50.58 37.27 -41.08
N ASP B 76 -49.61 36.43 -41.44
CA ASP B 76 -49.36 35.17 -40.73
C ASP B 76 -48.74 35.33 -39.35
N LEU B 77 -49.40 36.09 -38.50
CA LEU B 77 -48.91 36.35 -37.16
C LEU B 77 -48.72 35.09 -36.35
N GLN B 78 -47.58 35.00 -35.71
CA GLN B 78 -47.24 33.86 -34.87
C GLN B 78 -48.40 33.47 -33.95
N ILE B 79 -49.11 34.45 -33.39
CA ILE B 79 -50.21 34.12 -32.49
C ILE B 79 -51.45 33.66 -33.24
N LEU B 80 -51.67 34.22 -34.42
CA LEU B 80 -52.82 33.84 -35.21
C LEU B 80 -52.68 32.37 -35.60
N ASN B 81 -51.45 31.94 -35.90
CA ASN B 81 -51.23 30.54 -36.29
C ASN B 81 -51.50 29.66 -35.06
N LYS B 82 -50.86 29.99 -33.95
CA LYS B 82 -51.06 29.22 -32.72
C LYS B 82 -52.53 28.98 -32.42
N LEU B 83 -53.35 30.02 -32.56
CA LEU B 83 -54.77 29.90 -32.28
C LEU B 83 -55.51 29.03 -33.27
N GLU B 84 -55.07 29.04 -34.52
CA GLU B 84 -55.72 28.19 -35.53
C GLU B 84 -55.26 26.74 -35.37
N LYS B 85 -54.14 26.53 -34.68
CA LYS B 85 -53.62 25.19 -34.41
C LYS B 85 -54.71 24.59 -33.54
N VAL B 86 -54.91 25.24 -32.39
CA VAL B 86 -55.90 24.80 -31.44
C VAL B 86 -57.27 24.71 -32.07
N ALA B 87 -57.61 25.67 -32.91
CA ALA B 87 -58.91 25.64 -33.54
C ALA B 87 -59.14 24.35 -34.31
N VAL B 88 -58.11 23.92 -35.05
CA VAL B 88 -58.20 22.70 -35.84
C VAL B 88 -58.25 21.42 -35.00
N GLN B 89 -57.43 21.35 -33.95
CA GLN B 89 -57.46 20.20 -33.06
C GLN B 89 -58.92 20.00 -32.68
N GLN B 90 -59.51 21.06 -32.13
CA GLN B 90 -60.92 21.04 -31.70
C GLN B 90 -61.91 20.63 -32.78
N THR B 91 -61.70 21.04 -34.03
CA THR B 91 -62.63 20.65 -35.07
C THR B 91 -62.48 19.18 -35.37
N GLN B 92 -61.29 18.65 -35.15
CA GLN B 92 -61.06 17.25 -35.41
C GLN B 92 -61.64 16.37 -34.32
N GLN B 94 -64.04 16.95 -32.21
CA GLN B 94 -65.49 16.94 -32.30
C GLN B 94 -65.92 16.03 -33.45
N ALA B 95 -65.31 16.21 -34.61
CA ALA B 95 -65.65 15.38 -35.76
C ALA B 95 -65.39 13.89 -35.47
N GLY B 96 -64.46 13.62 -34.57
CA GLY B 96 -64.16 12.25 -34.20
C GLY B 96 -65.28 11.76 -33.30
N VAL B 97 -65.61 12.57 -32.32
CA VAL B 97 -66.68 12.25 -31.42
C VAL B 97 -67.93 11.95 -32.24
N ASP B 98 -68.08 12.62 -33.38
CA ASP B 98 -69.24 12.38 -34.24
C ASP B 98 -69.13 11.06 -35.00
N LYS B 99 -67.91 10.60 -35.25
CA LYS B 99 -67.73 9.35 -35.96
C LYS B 99 -67.77 8.22 -34.95
N LEU B 100 -67.24 8.46 -33.76
CA LEU B 100 -67.29 7.42 -32.75
C LEU B 100 -68.77 7.18 -32.47
N ASP B 101 -69.50 8.25 -32.12
CA ASP B 101 -70.93 8.16 -31.83
C ASP B 101 -71.61 7.33 -32.91
N SER B 102 -71.34 7.67 -34.16
CA SER B 102 -71.95 6.96 -35.27
C SER B 102 -71.56 5.49 -35.30
N PHE B 103 -70.31 5.20 -34.96
CA PHE B 103 -69.82 3.82 -34.95
C PHE B 103 -70.49 3.05 -33.82
N GLU B 104 -70.57 3.68 -32.65
CA GLU B 104 -71.21 3.03 -31.51
C GLU B 104 -72.62 2.63 -31.89
N ARG B 105 -73.29 3.49 -32.63
CA ARG B 105 -74.66 3.20 -33.05
C ARG B 105 -74.70 2.00 -33.97
N GLN B 106 -73.69 1.87 -34.82
CA GLN B 106 -73.62 0.75 -35.74
C GLN B 106 -73.35 -0.54 -34.97
N LEU B 107 -72.57 -0.43 -33.91
CA LEU B 107 -72.24 -1.59 -33.08
C LEU B 107 -73.47 -2.16 -32.42
N ASP B 108 -74.35 -1.28 -31.92
CA ASP B 108 -75.56 -1.70 -31.24
C ASP B 108 -76.49 -2.45 -32.18
N GLU B 109 -76.45 -2.09 -33.45
CA GLU B 109 -77.26 -2.76 -34.43
C GLU B 109 -76.65 -4.12 -34.71
N LEU B 110 -75.32 -4.18 -34.70
CA LEU B 110 -74.61 -5.42 -34.96
C LEU B 110 -74.63 -6.37 -33.77
N ALA B 111 -74.93 -5.87 -32.59
CA ALA B 111 -74.98 -6.71 -31.40
C ALA B 111 -76.19 -7.61 -31.50
N GLU B 112 -76.97 -7.44 -32.56
CA GLU B 112 -78.17 -8.23 -32.76
C GLU B 112 -77.88 -9.36 -33.72
N GLN B 113 -77.25 -9.02 -34.84
CA GLN B 113 -76.90 -10.00 -35.87
C GLN B 113 -76.27 -11.21 -35.18
N PRO B 114 -76.73 -12.43 -35.53
CA PRO B 114 -76.20 -13.66 -34.95
C PRO B 114 -74.75 -13.91 -35.37
N PRO B 115 -73.89 -14.27 -34.41
CA PRO B 115 -72.47 -14.54 -34.63
C PRO B 115 -72.13 -15.48 -35.79
N ASP B 116 -73.17 -15.95 -36.49
CA ASP B 116 -72.98 -16.84 -37.62
C ASP B 116 -72.81 -16.05 -38.90
N GLN B 117 -73.57 -14.98 -39.02
CA GLN B 117 -73.53 -14.13 -40.22
C GLN B 117 -72.36 -13.14 -40.24
N PHE B 118 -71.31 -13.43 -39.47
CA PHE B 118 -70.14 -12.57 -39.46
C PHE B 118 -69.01 -13.31 -40.13
N THR B 119 -68.23 -12.60 -40.94
CA THR B 119 -67.09 -13.19 -41.60
C THR B 119 -65.86 -12.57 -40.99
N LEU B 120 -64.72 -13.23 -41.11
CA LEU B 120 -63.51 -12.64 -40.56
C LEU B 120 -63.32 -11.29 -41.22
N ASP B 121 -63.91 -11.13 -42.40
CA ASP B 121 -63.78 -9.87 -43.11
C ASP B 121 -64.75 -8.80 -42.65
N ASP B 122 -65.99 -9.19 -42.33
CA ASP B 122 -66.93 -8.19 -41.83
C ASP B 122 -66.23 -7.57 -40.63
N VAL B 123 -65.46 -8.39 -39.94
CA VAL B 123 -64.74 -7.96 -38.75
C VAL B 123 -63.50 -7.17 -39.06
N LYS B 124 -62.73 -7.59 -40.04
CA LYS B 124 -61.53 -6.85 -40.40
C LYS B 124 -61.98 -5.44 -40.79
N ALA B 125 -63.09 -5.36 -41.53
CA ALA B 125 -63.64 -4.08 -41.93
C ALA B 125 -63.99 -3.29 -40.68
N LEU B 126 -64.81 -3.87 -39.81
CA LEU B 126 -65.18 -3.21 -38.58
C LEU B 126 -63.96 -2.69 -37.83
N HIS B 127 -62.92 -3.52 -37.73
CA HIS B 127 -61.70 -3.13 -37.04
C HIS B 127 -61.03 -1.96 -37.74
N SER B 128 -60.91 -2.06 -39.06
CA SER B 128 -60.30 -1.02 -39.87
C SER B 128 -60.97 0.34 -39.66
N LYS B 129 -62.28 0.40 -39.92
CA LYS B 129 -63.04 1.61 -39.75
C LYS B 129 -62.77 2.27 -38.41
N LEU B 130 -62.92 1.51 -37.33
CA LEU B 130 -62.72 2.06 -36.00
C LEU B 130 -61.33 2.65 -35.80
N THR B 131 -60.29 1.95 -36.22
CA THR B 131 -58.93 2.49 -36.07
C THR B 131 -58.68 3.63 -37.05
N SER B 132 -59.36 3.58 -38.19
CA SER B 132 -59.22 4.60 -39.21
C SER B 132 -59.77 5.89 -38.62
N VAL B 133 -60.81 5.78 -37.81
CA VAL B 133 -61.38 6.95 -37.15
C VAL B 133 -60.36 7.43 -36.12
N PHE B 134 -59.85 6.52 -35.28
CA PHE B 134 -58.87 6.89 -34.28
C PHE B 134 -57.80 7.80 -34.87
N ALA B 135 -57.30 7.43 -36.04
CA ALA B 135 -56.27 8.17 -36.73
C ALA B 135 -56.63 9.61 -37.07
N THR B 136 -57.90 9.90 -37.33
CA THR B 136 -58.28 11.28 -37.68
C THR B 136 -58.24 12.27 -36.53
N VAL B 137 -57.77 11.83 -35.37
CA VAL B 137 -57.68 12.74 -34.22
C VAL B 137 -56.32 12.58 -33.60
N PRO B 138 -55.34 13.32 -34.11
CA PRO B 138 -53.93 13.35 -33.70
C PRO B 138 -53.67 13.27 -32.19
N GLN B 139 -52.52 12.69 -31.84
CA GLN B 139 -52.10 12.50 -30.46
C GLN B 139 -51.45 13.76 -29.89
N ILE B 140 -52.15 14.42 -28.97
CA ILE B 140 -51.66 15.63 -28.34
C ILE B 140 -51.69 15.41 -26.83
N ASN B 141 -50.64 15.82 -26.13
CA ASN B 141 -50.57 15.62 -24.68
C ASN B 141 -50.77 16.85 -23.81
N ASN B 142 -51.99 17.37 -23.81
CA ASN B 142 -52.34 18.53 -23.01
C ASN B 142 -53.29 18.06 -21.90
N ILE B 143 -52.80 18.16 -20.67
CA ILE B 143 -53.55 17.73 -19.50
C ILE B 143 -55.05 17.98 -19.60
N ASP B 144 -55.74 17.01 -20.19
CA ASP B 144 -57.20 17.04 -20.34
C ASP B 144 -57.83 18.23 -21.06
N SER B 145 -57.63 18.32 -22.37
CA SER B 145 -58.28 19.40 -23.12
C SER B 145 -59.71 18.89 -23.22
N GLN B 146 -60.43 19.27 -24.27
CA GLN B 146 -61.79 18.76 -24.47
C GLN B 146 -61.51 17.33 -24.96
N TYR B 147 -60.21 17.00 -24.90
CA TYR B 147 -59.63 15.74 -25.30
C TYR B 147 -60.17 14.61 -24.43
N ALA B 148 -60.17 14.83 -23.12
CA ALA B 148 -60.66 13.84 -22.15
C ALA B 148 -62.09 13.40 -22.43
N ALA B 149 -62.89 14.28 -23.02
CA ALA B 149 -64.28 13.96 -23.33
C ALA B 149 -64.33 12.95 -24.46
N TYR B 150 -63.47 13.17 -25.46
CA TYR B 150 -63.37 12.30 -26.61
C TYR B 150 -62.68 10.98 -26.22
N ASN B 151 -61.60 11.07 -25.46
CA ASN B 151 -60.91 9.85 -25.06
C ASN B 151 -61.84 8.91 -24.29
N LYS B 152 -62.71 9.48 -23.46
CA LYS B 152 -63.63 8.67 -22.69
C LYS B 152 -64.53 7.94 -23.68
N LEU B 153 -65.19 8.70 -24.55
CA LEU B 153 -66.08 8.11 -25.54
C LEU B 153 -65.34 7.07 -26.38
N LYS B 154 -64.07 7.32 -26.67
CA LYS B 154 -63.26 6.40 -27.45
C LYS B 154 -63.12 5.09 -26.67
N SER B 155 -62.74 5.20 -25.40
CA SER B 155 -62.56 4.05 -24.55
C SER B 155 -63.85 3.22 -24.47
N LYS B 156 -64.97 3.92 -24.34
CA LYS B 156 -66.27 3.27 -24.24
C LYS B 156 -66.60 2.50 -25.51
N VAL B 157 -66.41 3.13 -26.66
CA VAL B 157 -66.73 2.50 -27.93
C VAL B 157 -65.76 1.37 -28.23
N THR B 158 -64.53 1.46 -27.75
CA THR B 158 -63.57 0.38 -28.02
C THR B 158 -63.99 -0.85 -27.24
N GLY B 159 -64.25 -0.67 -25.96
CA GLY B 159 -64.67 -1.79 -25.14
C GLY B 159 -65.91 -2.43 -25.73
N LYS B 160 -66.87 -1.62 -26.15
CA LYS B 160 -68.08 -2.16 -26.74
C LYS B 160 -67.69 -3.03 -27.93
N TYR B 161 -66.79 -2.53 -28.76
CA TYR B 161 -66.32 -3.27 -29.92
C TYR B 161 -65.72 -4.57 -29.45
N ASN B 162 -64.75 -4.48 -28.54
CA ASN B 162 -64.05 -5.64 -27.97
C ASN B 162 -64.98 -6.71 -27.48
N ASP B 163 -66.02 -6.26 -26.81
CA ASP B 163 -67.00 -7.15 -26.24
C ASP B 163 -68.07 -7.60 -27.24
N VAL B 164 -68.89 -6.68 -27.72
CA VAL B 164 -69.96 -7.05 -28.63
C VAL B 164 -69.59 -7.72 -29.96
N ILE B 165 -68.40 -7.46 -30.47
CA ILE B 165 -68.02 -8.07 -31.73
C ILE B 165 -66.97 -9.15 -31.55
N ILE B 166 -65.84 -8.78 -30.96
CA ILE B 166 -64.79 -9.74 -30.80
C ILE B 166 -65.04 -10.81 -29.76
N GLN B 167 -65.36 -10.46 -28.52
CA GLN B 167 -65.65 -11.49 -27.51
C GLN B 167 -66.69 -12.50 -28.02
N ARG B 168 -67.86 -12.00 -28.42
CA ARG B 168 -68.95 -12.85 -28.92
C ARG B 168 -68.47 -13.82 -29.99
N LEU B 169 -68.04 -13.28 -31.12
CA LEU B 169 -67.54 -14.12 -32.21
C LEU B 169 -66.45 -15.05 -31.70
N ALA B 170 -65.40 -14.48 -31.11
CA ALA B 170 -64.31 -15.28 -30.59
C ALA B 170 -64.84 -16.53 -29.92
N THR B 171 -65.64 -16.33 -28.88
CA THR B 171 -66.21 -17.45 -28.13
C THR B 171 -66.95 -18.42 -29.04
N ASN B 172 -68.00 -17.95 -29.67
CA ASN B 172 -68.78 -18.78 -30.56
C ASN B 172 -67.93 -19.61 -31.52
N TRP B 173 -67.03 -18.96 -32.24
CA TRP B 173 -66.16 -19.64 -33.20
C TRP B 173 -65.21 -20.57 -32.51
N SER B 174 -64.81 -20.17 -31.30
CA SER B 174 -63.89 -20.95 -30.51
C SER B 174 -64.56 -22.27 -30.08
N ASN B 175 -65.84 -22.22 -29.72
CA ASN B 175 -66.55 -23.44 -29.32
C ASN B 175 -66.70 -24.34 -30.50
N THR B 176 -67.14 -23.78 -31.61
CA THR B 176 -67.28 -24.57 -32.82
C THR B 176 -65.96 -25.31 -33.04
N PHE B 177 -64.86 -24.59 -32.85
CA PHE B 177 -63.52 -25.13 -33.06
C PHE B 177 -63.04 -26.17 -32.06
N ASP B 178 -63.47 -26.06 -30.81
CA ASP B 178 -63.08 -27.01 -29.78
C ASP B 178 -63.69 -28.35 -30.17
N GLN B 179 -64.82 -28.28 -30.86
CA GLN B 179 -65.52 -29.47 -31.29
C GLN B 179 -64.85 -30.13 -32.49
N LYS B 180 -64.55 -29.38 -33.54
CA LYS B 180 -63.89 -30.01 -34.68
C LYS B 180 -62.59 -30.68 -34.20
N LEU B 181 -61.99 -30.12 -33.16
CA LEU B 181 -60.75 -30.64 -32.61
C LEU B 181 -60.90 -31.90 -31.78
N LEU B 182 -61.93 -31.93 -30.93
CA LEU B 182 -62.20 -33.10 -30.10
C LEU B 182 -62.47 -34.28 -31.02
N GLU B 183 -63.24 -34.03 -32.08
CA GLU B 183 -63.58 -35.04 -33.05
C GLU B 183 -62.38 -35.69 -33.70
N ALA B 184 -61.52 -34.92 -34.32
CA ALA B 184 -60.36 -35.50 -34.99
C ALA B 184 -59.25 -35.97 -34.05
N GLN B 185 -59.46 -35.84 -32.74
CA GLN B 185 -58.49 -36.23 -31.71
C GLN B 185 -57.06 -36.02 -32.18
N TRP B 186 -56.73 -34.79 -32.55
CA TRP B 186 -55.40 -34.49 -33.07
C TRP B 186 -54.23 -34.82 -32.16
N ASP B 187 -54.40 -34.62 -30.86
CA ASP B 187 -53.34 -34.91 -29.90
C ASP B 187 -53.43 -36.37 -29.43
N THR B 188 -53.64 -37.25 -30.40
CA THR B 188 -53.80 -38.67 -30.18
C THR B 188 -53.19 -39.42 -31.34
N GLN B 189 -52.90 -40.70 -31.16
CA GLN B 189 -52.33 -41.52 -32.22
C GLN B 189 -53.38 -41.90 -33.26
N LYS B 190 -54.64 -41.67 -32.93
CA LYS B 190 -55.72 -41.98 -33.85
C LYS B 190 -55.81 -40.90 -34.93
N PHE B 191 -55.04 -39.82 -34.77
CA PHE B 191 -55.08 -38.73 -35.72
C PHE B 191 -54.62 -39.08 -37.12
N ALA B 192 -55.58 -39.16 -38.04
CA ALA B 192 -55.33 -39.50 -39.44
C ALA B 192 -54.57 -38.39 -40.17
N SER B 193 -53.34 -38.11 -39.71
CA SER B 193 -52.51 -37.06 -40.30
C SER B 193 -52.49 -37.02 -41.84
N THR B 194 -52.39 -38.17 -42.48
CA THR B 194 -52.35 -38.17 -43.93
C THR B 194 -53.70 -38.00 -44.59
N SER B 195 -54.52 -37.11 -44.01
CA SER B 195 -55.82 -36.82 -44.59
C SER B 195 -55.53 -35.58 -45.43
N VAL B 196 -54.48 -34.87 -45.01
CA VAL B 196 -53.98 -33.65 -45.65
C VAL B 196 -55.06 -32.59 -45.69
N GLY B 197 -56.21 -32.93 -46.27
CA GLY B 197 -57.32 -32.02 -46.34
C GLY B 197 -57.82 -31.72 -44.94
N LEU B 198 -57.80 -32.74 -44.08
CA LEU B 198 -58.23 -32.58 -42.70
C LEU B 198 -57.28 -31.62 -41.98
N VAL B 199 -55.98 -31.84 -42.12
CA VAL B 199 -55.01 -30.94 -41.50
C VAL B 199 -55.26 -29.54 -42.04
N LYS B 200 -55.46 -29.45 -43.35
CA LYS B 200 -55.70 -28.15 -43.97
C LYS B 200 -56.87 -27.43 -43.32
N CYS B 201 -57.97 -28.15 -43.12
CA CYS B 201 -59.15 -27.55 -42.53
C CYS B 201 -58.89 -27.09 -41.10
N LEU B 202 -58.26 -27.93 -40.30
CA LEU B 202 -57.96 -27.57 -38.91
C LEU B 202 -57.07 -26.35 -38.83
N ARG B 203 -56.07 -26.27 -39.70
CA ARG B 203 -55.18 -25.13 -39.68
C ARG B 203 -55.91 -23.83 -40.00
N GLU B 204 -56.51 -23.77 -41.18
CA GLU B 204 -57.24 -22.56 -41.61
C GLU B 204 -58.22 -22.12 -40.54
N ASN B 205 -58.73 -23.09 -39.79
CA ASN B 205 -59.67 -22.83 -38.72
C ASN B 205 -59.01 -22.08 -37.56
N SER B 206 -57.78 -22.45 -37.21
CA SER B 206 -57.07 -21.79 -36.13
C SER B 206 -56.55 -20.44 -36.59
N THR B 207 -56.07 -20.39 -37.83
CA THR B 207 -55.54 -19.16 -38.37
C THR B 207 -56.66 -18.14 -38.35
N LYS B 208 -57.86 -18.58 -38.68
CA LYS B 208 -59.04 -17.71 -38.69
C LYS B 208 -59.23 -17.14 -37.28
N LEU B 209 -59.43 -18.04 -36.32
CA LEU B 209 -59.61 -17.70 -34.93
C LEU B 209 -58.48 -16.82 -34.41
N TYR B 210 -57.26 -17.15 -34.80
CA TYR B 210 -56.08 -16.40 -34.36
C TYR B 210 -56.17 -14.96 -34.86
N GLN B 211 -56.47 -14.81 -36.14
CA GLN B 211 -56.58 -13.50 -36.74
C GLN B 211 -57.71 -12.69 -36.16
N LEU B 212 -58.84 -13.34 -35.88
CA LEU B 212 -59.93 -12.61 -35.26
C LEU B 212 -59.45 -12.05 -33.91
N SER B 213 -58.65 -12.83 -33.21
CA SER B 213 -58.17 -12.45 -31.91
C SER B 213 -57.26 -11.25 -31.91
N LEU B 214 -56.49 -11.07 -32.98
CA LEU B 214 -55.58 -9.93 -33.02
C LEU B 214 -56.27 -8.62 -33.37
N LEU B 215 -57.56 -8.69 -33.70
CA LEU B 215 -58.36 -7.52 -34.04
C LEU B 215 -58.93 -6.87 -32.81
N TYR B 216 -58.54 -7.41 -31.67
CA TYR B 216 -58.96 -6.85 -30.38
C TYR B 216 -58.19 -5.55 -30.25
N LEU B 217 -58.86 -4.46 -29.89
CA LEU B 217 -58.16 -3.18 -29.74
C LEU B 217 -57.96 -2.94 -28.25
N PRO B 218 -56.69 -2.80 -27.81
CA PRO B 218 -56.42 -2.57 -26.40
C PRO B 218 -56.85 -1.17 -25.98
N LEU B 219 -57.27 -1.06 -24.74
CA LEU B 219 -57.72 0.22 -24.18
C LEU B 219 -56.52 1.03 -23.68
N GLU B 220 -56.48 2.30 -24.06
CA GLU B 220 -55.38 3.19 -23.67
C GLU B 220 -55.35 3.46 -22.17
N GLU B 221 -54.35 2.84 -21.52
CA GLU B 221 -54.10 2.93 -20.07
C GLU B 221 -54.81 1.83 -19.26
N GLU B 240 -51.19 -10.08 -23.81
CA GLU B 240 -52.40 -9.36 -23.29
C GLU B 240 -53.71 -9.88 -23.90
N PRO B 241 -53.86 -9.79 -25.24
CA PRO B 241 -55.08 -10.27 -25.88
C PRO B 241 -55.21 -11.77 -25.76
N VAL B 242 -56.43 -12.22 -25.50
CA VAL B 242 -56.70 -13.63 -25.44
C VAL B 242 -56.52 -14.20 -26.83
N LEU B 243 -55.79 -15.31 -26.92
CA LEU B 243 -55.55 -15.97 -28.19
C LEU B 243 -56.47 -17.18 -28.32
N TRP B 244 -57.72 -16.88 -28.66
CA TRP B 244 -58.78 -17.86 -28.80
C TRP B 244 -58.45 -19.10 -29.57
N ASN B 245 -57.64 -19.00 -30.62
CA ASN B 245 -57.30 -20.20 -31.36
C ASN B 245 -56.53 -21.12 -30.42
N PHE B 246 -55.63 -20.55 -29.63
CA PHE B 246 -54.87 -21.36 -28.69
C PHE B 246 -55.73 -21.87 -27.55
N LYS B 247 -56.78 -21.13 -27.19
CA LYS B 247 -57.65 -21.59 -26.11
C LYS B 247 -58.28 -22.91 -26.54
N SER B 248 -58.46 -23.08 -27.85
CA SER B 248 -59.05 -24.29 -28.43
C SER B 248 -58.03 -25.41 -28.52
N LEU B 249 -56.87 -25.12 -29.12
CA LEU B 249 -55.81 -26.11 -29.25
C LEU B 249 -55.52 -26.76 -27.90
N ALA B 250 -55.67 -26.00 -26.83
CA ALA B 250 -55.42 -26.54 -25.51
C ALA B 250 -56.65 -27.21 -24.89
N ASN B 251 -57.75 -27.26 -25.63
CA ASN B 251 -58.97 -27.85 -25.09
C ASN B 251 -58.95 -29.35 -24.87
N ASN B 252 -58.54 -30.12 -25.88
CA ASN B 252 -58.53 -31.56 -25.68
C ASN B 252 -57.72 -31.85 -24.43
N PHE B 253 -56.65 -31.10 -24.24
CA PHE B 253 -55.85 -31.32 -23.05
C PHE B 253 -56.71 -31.03 -21.84
N ASN B 254 -57.35 -29.86 -21.85
CA ASN B 254 -58.22 -29.43 -20.74
C ASN B 254 -59.28 -30.46 -20.41
N VAL B 255 -59.91 -30.97 -21.46
CA VAL B 255 -60.94 -31.98 -21.32
C VAL B 255 -60.32 -33.17 -20.62
N ARG B 256 -59.26 -33.68 -21.22
CA ARG B 256 -58.56 -34.81 -20.65
C ARG B 256 -58.17 -34.53 -19.20
N PHE B 257 -57.48 -33.42 -18.96
CA PHE B 257 -57.03 -33.08 -17.63
C PHE B 257 -58.11 -33.01 -16.55
N THR B 258 -59.20 -32.30 -16.84
CA THR B 258 -60.29 -32.13 -15.88
C THR B 258 -60.88 -33.47 -15.45
N TYR B 259 -61.24 -34.28 -16.43
CA TYR B 259 -61.84 -35.57 -16.17
C TYR B 259 -60.95 -36.49 -15.39
N HIS B 260 -59.65 -36.43 -15.65
CA HIS B 260 -58.76 -37.33 -14.97
C HIS B 260 -58.49 -37.02 -13.53
N PHE B 261 -58.37 -35.73 -13.23
CA PHE B 261 -58.10 -35.32 -11.85
C PHE B 261 -59.31 -34.67 -11.21
N HIS B 262 -60.48 -35.27 -11.39
CA HIS B 262 -61.70 -34.70 -10.84
C HIS B 262 -61.66 -34.46 -9.35
N ALA B 263 -61.31 -35.49 -8.59
CA ALA B 263 -61.22 -35.35 -7.14
C ALA B 263 -60.58 -34.00 -6.77
N THR B 264 -60.87 -33.49 -5.57
CA THR B 264 -60.33 -32.19 -5.15
C THR B 264 -58.81 -32.20 -5.18
N SER B 265 -58.20 -31.09 -4.77
CA SER B 265 -56.75 -30.97 -4.77
C SER B 265 -56.12 -31.35 -3.42
N SER B 266 -55.35 -32.43 -3.45
CA SER B 266 -54.65 -32.94 -2.27
C SER B 266 -53.14 -32.77 -2.53
N SER B 267 -52.39 -32.46 -1.49
CA SER B 267 -50.95 -32.25 -1.58
C SER B 267 -50.20 -33.21 -2.52
N SER B 268 -50.47 -34.51 -2.39
CA SER B 268 -49.82 -35.55 -3.21
C SER B 268 -50.22 -35.51 -4.67
N LYS B 269 -51.44 -35.06 -4.93
CA LYS B 269 -51.96 -35.00 -6.29
C LYS B 269 -51.13 -34.14 -7.24
N ILE B 270 -50.84 -32.91 -6.84
CA ILE B 270 -50.07 -31.98 -7.65
C ILE B 270 -49.00 -32.61 -8.56
N GLU B 271 -48.00 -33.25 -7.98
CA GLU B 271 -46.92 -33.86 -8.76
C GLU B 271 -47.35 -34.76 -9.91
N THR B 272 -48.56 -35.29 -9.86
CA THR B 272 -49.00 -36.15 -10.95
C THR B 272 -49.63 -35.30 -12.06
N TYR B 273 -49.91 -34.04 -11.73
CA TYR B 273 -50.47 -33.10 -12.71
C TYR B 273 -49.32 -32.84 -13.66
N PHE B 274 -48.20 -32.47 -13.06
CA PHE B 274 -46.99 -32.12 -13.76
C PHE B 274 -46.41 -33.27 -14.54
N GLN B 275 -46.60 -34.49 -14.03
CA GLN B 275 -46.10 -35.65 -14.72
C GLN B 275 -46.87 -35.75 -16.01
N PHE B 276 -48.19 -35.57 -15.92
CA PHE B 276 -49.01 -35.65 -17.12
C PHE B 276 -48.75 -34.48 -18.04
N LEU B 277 -48.63 -33.29 -17.46
CA LEU B 277 -48.36 -32.08 -18.24
C LEU B 277 -47.15 -32.34 -19.12
N ASN B 278 -46.07 -32.78 -18.46
CA ASN B 278 -44.81 -33.08 -19.11
C ASN B 278 -44.90 -34.15 -20.21
N ASP B 279 -45.47 -35.31 -19.88
CA ASP B 279 -45.55 -36.37 -20.88
C ASP B 279 -46.39 -35.93 -22.05
N TYR B 280 -47.48 -35.24 -21.77
CA TYR B 280 -48.38 -34.75 -22.81
C TYR B 280 -47.66 -33.79 -23.73
N LEU B 281 -47.06 -32.75 -23.14
CA LEU B 281 -46.33 -31.76 -23.92
C LEU B 281 -45.24 -32.42 -24.75
N ALA B 282 -44.51 -33.35 -24.13
CA ALA B 282 -43.43 -34.06 -24.81
C ALA B 282 -43.91 -34.73 -26.10
N GLU B 283 -45.13 -35.25 -26.05
CA GLU B 283 -45.71 -35.95 -27.19
C GLU B 283 -46.53 -35.15 -28.19
N ASN B 284 -47.17 -34.08 -27.75
CA ASN B 284 -47.98 -33.31 -28.67
C ASN B 284 -47.49 -31.90 -29.02
N LEU B 285 -46.50 -31.39 -28.29
CA LEU B 285 -46.01 -30.04 -28.54
C LEU B 285 -45.66 -29.77 -30.00
N TYR B 286 -44.79 -30.58 -30.59
CA TYR B 286 -44.42 -30.36 -31.98
C TYR B 286 -45.44 -30.92 -32.94
N LYS B 287 -46.27 -31.84 -32.47
CA LYS B 287 -47.31 -32.41 -33.30
C LYS B 287 -48.17 -31.20 -33.65
N CYS B 288 -48.38 -30.34 -32.64
CA CYS B 288 -49.17 -29.10 -32.73
C CYS B 288 -48.48 -28.05 -33.62
N ILE B 289 -47.21 -27.81 -33.34
CA ILE B 289 -46.43 -26.85 -34.11
C ILE B 289 -46.34 -27.20 -35.58
N ASN B 290 -46.34 -28.48 -35.91
CA ASN B 290 -46.26 -28.88 -37.31
C ASN B 290 -47.62 -28.75 -37.97
N ILE B 291 -48.65 -29.25 -37.31
CA ILE B 291 -49.98 -29.17 -37.87
C ILE B 291 -50.54 -27.75 -38.01
N PHE B 292 -50.25 -26.87 -37.04
CA PHE B 292 -50.82 -25.53 -37.10
C PHE B 292 -50.01 -24.31 -37.52
N HIS B 293 -48.73 -24.44 -37.83
CA HIS B 293 -48.02 -23.23 -38.22
C HIS B 293 -48.36 -22.74 -39.63
N ASP B 294 -48.60 -21.43 -39.71
CA ASP B 294 -48.96 -20.76 -40.94
C ASP B 294 -48.09 -19.49 -41.02
N ASP B 295 -46.79 -19.66 -41.20
CA ASP B 295 -45.85 -18.54 -41.23
C ASP B 295 -46.28 -17.28 -41.93
N CYS B 296 -46.83 -17.40 -43.14
CA CYS B 296 -47.25 -16.21 -43.85
C CYS B 296 -48.26 -15.36 -43.09
N ASN B 297 -49.09 -15.99 -42.25
CA ASN B 297 -50.10 -15.26 -41.50
C ASN B 297 -49.76 -14.96 -40.04
N GLY B 298 -48.48 -15.01 -39.68
CA GLY B 298 -48.13 -14.68 -38.30
C GLY B 298 -47.99 -15.81 -37.30
N LEU B 299 -48.60 -16.96 -37.59
CA LEU B 299 -48.50 -18.12 -36.71
C LEU B 299 -47.22 -18.91 -36.92
N THR B 300 -46.09 -18.29 -36.62
CA THR B 300 -44.82 -18.97 -36.81
C THR B 300 -44.54 -20.07 -35.80
N LYS B 301 -43.62 -20.95 -36.16
CA LYS B 301 -43.24 -22.06 -35.31
C LYS B 301 -43.13 -21.63 -33.85
N PRO B 302 -42.36 -20.57 -33.56
CA PRO B 302 -42.16 -20.05 -32.21
C PRO B 302 -43.43 -19.58 -31.52
N VAL B 303 -44.28 -18.91 -32.28
CA VAL B 303 -45.53 -18.42 -31.72
C VAL B 303 -46.39 -19.61 -31.27
N ILE B 304 -46.41 -20.68 -32.06
CA ILE B 304 -47.19 -21.85 -31.67
C ILE B 304 -46.56 -22.41 -30.41
N HIS B 305 -45.25 -22.60 -30.47
CA HIS B 305 -44.48 -23.16 -29.36
C HIS B 305 -44.77 -22.53 -28.01
N GLU B 306 -44.79 -21.19 -27.95
CA GLU B 306 -45.01 -20.49 -26.69
C GLU B 306 -46.45 -20.44 -26.23
N GLN B 307 -47.34 -20.06 -27.15
CA GLN B 307 -48.73 -19.96 -26.79
C GLN B 307 -49.37 -21.30 -26.51
N PHE B 308 -48.99 -22.33 -27.26
CA PHE B 308 -49.58 -23.63 -26.99
C PHE B 308 -49.27 -24.06 -25.56
N ILE B 309 -48.02 -23.93 -25.14
CA ILE B 309 -47.64 -24.30 -23.79
C ILE B 309 -48.37 -23.39 -22.81
N ASN B 310 -48.23 -22.09 -23.00
CA ASN B 310 -48.87 -21.13 -22.12
C ASN B 310 -50.35 -21.45 -21.89
N TYR B 311 -51.08 -21.79 -22.94
CA TYR B 311 -52.49 -22.10 -22.75
C TYR B 311 -52.74 -23.51 -22.21
N VAL B 312 -51.81 -24.42 -22.45
CA VAL B 312 -51.97 -25.77 -21.93
C VAL B 312 -51.86 -25.73 -20.42
N LEU B 313 -51.14 -24.75 -19.90
CA LEU B 313 -50.97 -24.63 -18.44
C LEU B 313 -52.15 -24.05 -17.67
N GLN B 314 -53.08 -23.38 -18.37
CA GLN B 314 -54.21 -22.77 -17.66
C GLN B 314 -55.03 -23.75 -16.87
N PRO B 315 -55.46 -24.86 -17.49
CA PRO B 315 -56.25 -25.77 -16.65
C PRO B 315 -55.48 -26.13 -15.37
N ILE B 316 -54.16 -26.35 -15.47
CA ILE B 316 -53.38 -26.69 -14.29
C ILE B 316 -53.32 -25.51 -13.32
N ARG B 317 -53.04 -24.31 -13.85
CA ARG B 317 -52.97 -23.08 -13.06
C ARG B 317 -54.20 -22.92 -12.17
N ASP B 318 -55.39 -23.02 -12.76
CA ASP B 318 -56.65 -22.87 -12.06
C ASP B 318 -56.91 -23.97 -11.06
N LYS B 319 -56.46 -25.18 -11.39
CA LYS B 319 -56.65 -26.33 -10.53
C LYS B 319 -55.91 -26.17 -9.21
N VAL B 320 -54.63 -25.82 -9.30
CA VAL B 320 -53.79 -25.68 -8.11
C VAL B 320 -54.23 -24.48 -7.26
N ARG B 321 -54.47 -23.37 -7.93
CA ARG B 321 -54.88 -22.16 -7.26
C ARG B 321 -56.21 -22.29 -6.51
N SER B 322 -57.07 -23.16 -7.00
CA SER B 322 -58.39 -23.37 -6.42
C SER B 322 -58.34 -23.80 -4.96
N THR B 323 -57.22 -24.39 -4.54
CA THR B 323 -57.12 -24.84 -3.17
C THR B 323 -55.77 -24.57 -2.55
N LEU B 324 -54.78 -24.19 -3.35
CA LEU B 324 -53.47 -23.92 -2.80
C LEU B 324 -53.53 -23.09 -1.51
N PHE B 325 -54.21 -21.95 -1.56
CA PHE B 325 -54.35 -21.07 -0.41
C PHE B 325 -54.84 -21.75 0.87
N GLN B 326 -55.89 -22.56 0.78
CA GLN B 326 -56.44 -23.25 1.95
C GLN B 326 -55.66 -24.52 2.23
N ASN B 327 -54.34 -24.39 2.31
CA ASN B 327 -53.46 -25.52 2.54
C ASN B 327 -52.58 -25.22 3.74
N ASP B 328 -52.07 -26.27 4.38
CA ASP B 328 -51.21 -26.13 5.54
C ASP B 328 -49.81 -25.61 5.19
N LEU B 329 -49.24 -24.76 6.04
CA LEU B 329 -47.92 -24.15 5.79
C LEU B 329 -46.76 -25.06 5.41
N LYS B 330 -46.58 -26.18 6.09
CA LYS B 330 -45.47 -27.04 5.71
C LYS B 330 -45.73 -27.71 4.39
N THR B 331 -47.00 -27.89 4.05
CA THR B 331 -47.36 -28.50 2.78
C THR B 331 -47.20 -27.46 1.68
N LEU B 332 -47.45 -26.20 2.04
CA LEU B 332 -47.37 -25.10 1.11
C LEU B 332 -45.95 -24.92 0.61
N ILE B 333 -44.97 -25.12 1.49
CA ILE B 333 -43.57 -24.97 1.11
C ILE B 333 -43.22 -26.02 0.06
N VAL B 334 -43.67 -27.25 0.30
CA VAL B 334 -43.45 -28.36 -0.63
C VAL B 334 -44.15 -28.11 -1.97
N LEU B 335 -45.37 -27.59 -1.91
CA LEU B 335 -46.13 -27.31 -3.11
C LEU B 335 -45.49 -26.23 -3.96
N ILE B 336 -45.10 -25.14 -3.33
CA ILE B 336 -44.48 -24.03 -4.06
C ILE B 336 -43.22 -24.49 -4.76
N SER B 337 -42.35 -25.16 -4.03
CA SER B 337 -41.08 -25.65 -4.57
C SER B 337 -41.31 -26.60 -5.76
N GLN B 338 -42.35 -27.43 -5.64
CA GLN B 338 -42.67 -28.35 -6.73
C GLN B 338 -43.15 -27.54 -7.91
N ILE B 339 -43.85 -26.45 -7.62
CA ILE B 339 -44.37 -25.60 -8.67
C ILE B 339 -43.21 -24.96 -9.40
N LEU B 340 -42.32 -24.30 -8.66
CA LEU B 340 -41.16 -23.67 -9.29
C LEU B 340 -40.37 -24.69 -10.09
N ALA B 341 -40.19 -25.89 -9.53
CA ALA B 341 -39.45 -26.97 -10.19
C ALA B 341 -40.03 -27.34 -11.56
N THR B 342 -41.33 -27.55 -11.61
CA THR B 342 -41.94 -27.88 -12.88
C THR B 342 -41.67 -26.73 -13.82
N ASP B 343 -41.87 -25.52 -13.35
CA ASP B 343 -41.66 -24.34 -14.16
C ASP B 343 -40.23 -24.33 -14.70
N LYS B 344 -39.27 -24.69 -13.86
CA LYS B 344 -37.88 -24.73 -14.29
C LYS B 344 -37.68 -25.72 -15.42
N ASN B 345 -38.39 -26.84 -15.35
CA ASN B 345 -38.26 -27.85 -16.38
C ASN B 345 -38.75 -27.31 -17.72
N LEU B 346 -39.86 -26.59 -17.73
CA LEU B 346 -40.38 -26.01 -18.97
C LEU B 346 -39.31 -25.10 -19.60
N LEU B 347 -38.52 -24.45 -18.74
CA LEU B 347 -37.46 -23.59 -19.22
C LEU B 347 -36.24 -24.39 -19.73
N ASN B 348 -35.91 -25.50 -19.06
CA ASN B 348 -34.77 -26.27 -19.51
C ASN B 348 -35.06 -27.37 -20.53
N SER B 349 -36.04 -28.22 -20.29
CA SER B 349 -36.32 -29.26 -21.28
C SER B 349 -36.97 -28.69 -22.54
N PHE B 350 -38.05 -27.92 -22.36
CA PHE B 350 -38.79 -27.36 -23.47
C PHE B 350 -38.38 -26.00 -23.99
N HIS B 351 -37.53 -25.30 -23.24
CA HIS B 351 -37.11 -23.97 -23.67
C HIS B 351 -38.31 -23.00 -23.76
N TYR B 352 -39.16 -23.06 -22.74
CA TYR B 352 -40.34 -22.21 -22.67
C TYR B 352 -39.96 -20.92 -21.97
N HIS B 353 -40.10 -19.80 -22.68
CA HIS B 353 -39.76 -18.52 -22.09
C HIS B 353 -40.98 -17.67 -21.73
N GLY B 354 -42.16 -18.25 -21.88
CA GLY B 354 -43.38 -17.53 -21.56
C GLY B 354 -43.64 -17.55 -20.07
N LEU B 355 -44.84 -17.12 -19.71
CA LEU B 355 -45.27 -17.07 -18.32
C LEU B 355 -45.53 -18.50 -17.83
N GLY B 356 -44.78 -18.91 -16.81
CA GLY B 356 -44.95 -20.25 -16.32
C GLY B 356 -46.11 -20.50 -15.38
N LEU B 357 -45.92 -21.48 -14.50
CA LEU B 357 -46.92 -21.86 -13.51
C LEU B 357 -46.86 -20.94 -12.28
N VAL B 358 -45.76 -20.23 -12.07
CA VAL B 358 -45.66 -19.34 -10.91
C VAL B 358 -46.81 -18.36 -10.85
N SER B 359 -47.29 -17.93 -12.02
CA SER B 359 -48.38 -16.96 -12.05
C SER B 359 -49.65 -17.46 -11.36
N LEU B 360 -49.70 -18.75 -11.01
CA LEU B 360 -50.89 -19.26 -10.33
C LEU B 360 -50.79 -18.92 -8.86
N ILE B 361 -49.59 -18.87 -8.31
CA ILE B 361 -49.46 -18.52 -6.90
C ILE B 361 -49.82 -17.04 -6.72
N SER B 362 -50.88 -16.81 -5.95
CA SER B 362 -51.44 -15.49 -5.67
C SER B 362 -50.68 -14.71 -4.60
N ASP B 363 -50.81 -13.38 -4.64
CA ASP B 363 -50.16 -12.53 -3.64
C ASP B 363 -50.62 -12.92 -2.25
N GLU B 364 -51.83 -13.46 -2.15
CA GLU B 364 -52.34 -13.85 -0.86
C GLU B 364 -51.46 -14.96 -0.29
N VAL B 365 -51.15 -15.95 -1.12
CA VAL B 365 -50.33 -17.07 -0.71
C VAL B 365 -48.86 -16.71 -0.54
N TRP B 366 -48.35 -15.87 -1.43
CA TRP B 366 -46.97 -15.45 -1.35
C TRP B 366 -46.73 -14.81 0.01
N GLU B 367 -47.71 -14.03 0.47
CA GLU B 367 -47.55 -13.37 1.76
C GLU B 367 -47.76 -14.31 2.94
N LYS B 368 -48.53 -15.37 2.77
CA LYS B 368 -48.70 -16.31 3.87
C LYS B 368 -47.36 -17.05 3.98
N TRP B 369 -46.59 -17.02 2.90
CA TRP B 369 -45.30 -17.69 2.82
C TRP B 369 -44.13 -16.86 3.39
N ILE B 370 -44.00 -15.60 3.00
CA ILE B 370 -42.91 -14.81 3.55
C ILE B 370 -43.09 -14.85 5.05
N ASN B 371 -44.31 -14.52 5.45
CA ASN B 371 -44.72 -14.50 6.84
C ASN B 371 -44.23 -15.73 7.61
N TYR B 372 -44.49 -16.90 7.06
CA TYR B 372 -44.08 -18.15 7.68
C TYR B 372 -42.58 -18.21 7.79
N GLU B 373 -41.92 -17.91 6.68
CA GLU B 373 -40.48 -17.94 6.62
C GLU B 373 -39.83 -17.01 7.62
N VAL B 374 -40.42 -15.82 7.80
CA VAL B 374 -39.89 -14.83 8.71
C VAL B 374 -39.98 -15.33 10.14
N GLU B 375 -40.95 -16.20 10.39
CA GLU B 375 -41.14 -16.76 11.72
C GLU B 375 -40.12 -17.85 12.00
N ALA B 377 -37.21 -18.14 10.69
CA ALA B 377 -35.89 -17.56 10.81
C ALA B 377 -35.72 -17.16 12.25
N ASN B 378 -36.72 -16.46 12.77
CA ASN B 378 -36.70 -16.00 14.15
C ASN B 378 -36.67 -17.14 15.16
N ARG B 379 -37.33 -18.25 14.87
CA ARG B 379 -37.28 -19.37 15.80
C ARG B 379 -35.85 -19.88 15.83
N GLN B 380 -35.33 -20.21 14.65
CA GLN B 380 -33.98 -20.72 14.57
C GLN B 380 -32.99 -19.78 15.25
N PHE B 381 -33.12 -18.48 14.99
CA PHE B 381 -32.22 -17.50 15.60
C PHE B 381 -32.29 -17.56 17.12
N ILE B 382 -33.48 -17.79 17.63
CA ILE B 382 -33.66 -17.88 19.07
C ILE B 382 -33.02 -19.13 19.62
N ASN B 383 -33.14 -20.23 18.89
CA ASN B 383 -32.55 -21.48 19.37
C ASN B 383 -31.04 -21.46 19.43
N ILE B 384 -30.41 -20.79 18.47
CA ILE B 384 -28.95 -20.75 18.48
C ILE B 384 -28.49 -19.60 19.34
N THR B 385 -29.41 -18.99 20.06
CA THR B 385 -29.06 -17.84 20.85
C THR B 385 -29.65 -17.70 22.27
N LYS B 386 -30.65 -18.52 22.60
CA LYS B 386 -31.30 -18.40 23.90
C LYS B 386 -30.56 -18.77 25.18
N ASN B 387 -29.62 -19.72 25.13
CA ASN B 387 -28.90 -20.10 26.34
C ASN B 387 -27.48 -19.55 26.30
N PRO B 388 -26.93 -19.15 27.46
CA PRO B 388 -25.57 -18.61 27.54
C PRO B 388 -24.53 -19.63 27.12
N GLU B 389 -24.89 -20.90 27.20
CA GLU B 389 -23.98 -21.97 26.79
C GLU B 389 -23.92 -22.06 25.27
N ASP B 390 -24.67 -21.21 24.58
CA ASP B 390 -24.66 -21.21 23.12
C ASP B 390 -23.73 -20.16 22.58
N PHE B 391 -23.40 -19.19 23.44
CA PHE B 391 -22.53 -18.09 23.07
C PHE B 391 -21.28 -18.42 22.25
N PRO B 392 -20.37 -19.25 22.79
CA PRO B 392 -19.15 -19.63 22.10
C PRO B 392 -19.24 -20.05 20.63
N LYS B 393 -20.34 -20.66 20.21
CA LYS B 393 -20.48 -21.08 18.81
C LYS B 393 -21.50 -20.22 18.02
N SER B 394 -22.09 -19.24 18.70
CA SER B 394 -23.09 -18.36 18.13
C SER B 394 -22.80 -17.82 16.74
N SER B 395 -21.66 -17.15 16.57
CA SER B 395 -21.32 -16.58 15.26
C SER B 395 -21.23 -17.66 14.20
N GLN B 396 -20.66 -18.81 14.56
CA GLN B 396 -20.56 -19.90 13.61
C GLN B 396 -21.96 -20.36 13.20
N ASN B 397 -22.78 -20.68 14.18
CA ASN B 397 -24.13 -21.15 13.90
C ASN B 397 -24.97 -20.13 13.20
N PHE B 398 -24.78 -18.87 13.55
CA PHE B 398 -25.55 -17.79 12.94
C PHE B 398 -25.35 -17.79 11.42
N VAL B 399 -24.08 -17.85 11.00
CA VAL B 399 -23.74 -17.88 9.58
C VAL B 399 -24.29 -19.14 8.94
N LYS B 400 -24.22 -20.27 9.63
CA LYS B 400 -24.77 -21.50 9.09
C LYS B 400 -26.23 -21.21 8.78
N LEU B 401 -26.93 -20.63 9.75
CA LEU B 401 -28.34 -20.29 9.61
C LEU B 401 -28.56 -19.42 8.40
N ILE B 402 -27.71 -18.42 8.24
CA ILE B 402 -27.83 -17.54 7.10
C ILE B 402 -27.71 -18.27 5.78
N ASN B 403 -26.68 -19.08 5.60
CA ASN B 403 -26.55 -19.81 4.34
C ASN B 403 -27.72 -20.78 4.16
N LYS B 404 -28.15 -21.40 5.26
CA LYS B 404 -29.26 -22.34 5.27
C LYS B 404 -30.42 -21.65 4.55
N ILE B 405 -30.77 -20.46 5.04
CA ILE B 405 -31.86 -19.69 4.47
C ILE B 405 -31.58 -19.21 3.04
N TYR B 406 -30.35 -18.82 2.78
CA TYR B 406 -30.01 -18.34 1.45
C TYR B 406 -30.07 -19.48 0.42
N ASP B 407 -29.59 -20.66 0.78
CA ASP B 407 -29.62 -21.81 -0.13
C ASP B 407 -31.06 -22.18 -0.43
N TYR B 408 -31.88 -22.17 0.61
CA TYR B 408 -33.28 -22.50 0.46
C TYR B 408 -33.98 -21.54 -0.49
N LEU B 409 -33.63 -20.27 -0.45
CA LEU B 409 -34.30 -19.34 -1.32
C LEU B 409 -33.74 -19.31 -2.73
N GLU B 410 -32.71 -20.10 -3.01
CA GLU B 410 -32.11 -20.06 -4.33
C GLU B 410 -33.10 -20.12 -5.49
N PRO B 411 -33.83 -21.25 -5.64
CA PRO B 411 -34.79 -21.35 -6.72
C PRO B 411 -35.75 -20.18 -6.83
N PHE B 412 -35.95 -19.46 -5.74
CA PHE B 412 -36.85 -18.30 -5.69
C PHE B 412 -36.14 -17.07 -6.23
N TYR B 413 -34.89 -16.89 -5.82
CA TYR B 413 -34.07 -15.76 -6.28
C TYR B 413 -33.71 -15.92 -7.75
N ASP B 414 -33.74 -17.15 -8.25
CA ASP B 414 -33.40 -17.44 -9.63
C ASP B 414 -34.41 -16.87 -10.60
N LEU B 415 -35.69 -16.95 -10.26
CA LEU B 415 -36.77 -16.45 -11.10
C LEU B 415 -36.70 -14.95 -11.39
N ASP B 416 -37.01 -14.59 -12.63
CA ASP B 416 -36.99 -13.18 -13.01
C ASP B 416 -38.37 -12.52 -12.94
N PHE B 417 -39.42 -13.32 -12.82
CA PHE B 417 -40.79 -12.82 -12.73
C PHE B 417 -40.85 -11.54 -11.89
N ASP B 418 -41.37 -10.46 -12.49
CA ASP B 418 -41.46 -9.15 -11.81
C ASP B 418 -42.46 -9.09 -10.66
N LEU B 419 -43.59 -9.77 -10.81
CA LEU B 419 -44.61 -9.77 -9.78
C LEU B 419 -44.05 -10.10 -8.39
N LEU B 420 -42.92 -10.80 -8.33
CA LEU B 420 -42.38 -11.16 -7.03
C LEU B 420 -41.13 -10.44 -6.55
N VAL B 421 -40.68 -9.45 -7.31
CA VAL B 421 -39.51 -8.67 -6.93
C VAL B 421 -39.77 -7.92 -5.63
N ARG B 422 -41.04 -7.80 -5.25
CA ARG B 422 -41.38 -7.14 -3.99
C ARG B 422 -41.20 -8.13 -2.86
N TYR B 423 -41.59 -9.38 -3.08
CA TYR B 423 -41.45 -10.42 -2.06
C TYR B 423 -39.97 -10.74 -1.87
N LYS B 424 -39.18 -10.43 -2.89
CA LYS B 424 -37.75 -10.66 -2.83
C LYS B 424 -37.13 -9.63 -1.91
N LEU B 425 -37.69 -8.42 -1.92
CA LEU B 425 -37.19 -7.34 -1.08
C LEU B 425 -37.64 -7.51 0.35
N THR B 427 -38.01 -10.47 1.73
CA THR B 427 -37.13 -11.55 2.11
C THR B 427 -35.82 -10.93 2.64
N CYS B 428 -35.35 -9.95 1.88
CA CYS B 428 -34.14 -9.22 2.19
C CYS B 428 -34.19 -8.39 3.48
N SER B 429 -35.28 -7.64 3.68
CA SER B 429 -35.42 -6.80 4.88
C SER B 429 -35.89 -7.53 6.10
N LEU B 430 -36.99 -8.25 5.95
CA LEU B 430 -37.58 -8.96 7.08
C LEU B 430 -36.89 -10.26 7.48
N ILE B 431 -35.71 -10.55 6.93
CA ILE B 431 -34.98 -11.77 7.29
C ILE B 431 -33.48 -11.57 7.40
N PHE B 432 -32.82 -11.31 6.29
CA PHE B 432 -31.38 -11.15 6.34
C PHE B 432 -30.95 -9.92 7.12
N ASN B 434 -32.94 -8.30 9.30
CA ASN B 434 -33.47 -8.45 10.64
C ASN B 434 -32.48 -9.26 11.44
N LEU B 435 -32.36 -10.54 11.10
CA LEU B 435 -31.46 -11.50 11.75
C LEU B 435 -30.08 -10.91 12.01
N THR B 436 -29.50 -10.29 10.99
CA THR B 436 -28.19 -9.74 11.17
C THR B 436 -28.10 -8.67 12.24
N SER B 437 -29.07 -7.77 12.29
CA SER B 437 -28.97 -6.77 13.34
C SER B 437 -29.40 -7.40 14.67
N SER B 438 -30.22 -8.45 14.62
CA SER B 438 -30.63 -9.14 15.84
C SER B 438 -29.42 -9.78 16.50
N TYR B 439 -28.46 -10.21 15.69
CA TYR B 439 -27.25 -10.82 16.19
C TYR B 439 -26.41 -9.76 16.86
N LEU B 440 -26.14 -8.66 16.15
CA LEU B 440 -25.32 -7.59 16.72
C LEU B 440 -25.92 -7.15 18.05
N ASP B 441 -27.23 -7.12 18.09
CA ASP B 441 -27.95 -6.74 19.27
C ASP B 441 -27.69 -7.77 20.36
N TYR B 442 -27.76 -9.03 19.97
CA TYR B 442 -27.54 -10.16 20.86
C TYR B 442 -26.15 -10.13 21.48
N ILE B 443 -25.16 -9.75 20.67
CA ILE B 443 -23.79 -9.69 21.14
C ILE B 443 -23.54 -8.54 22.11
N LEU B 444 -24.11 -7.37 21.79
CA LEU B 444 -23.91 -6.21 22.64
C LEU B 444 -24.55 -6.34 24.01
N THR B 445 -25.55 -7.22 24.14
CA THR B 445 -26.21 -7.41 25.43
C THR B 445 -26.31 -8.90 25.79
N VAL B 446 -25.21 -9.48 26.21
CA VAL B 446 -25.22 -10.87 26.61
C VAL B 446 -24.08 -11.14 27.54
N ASP B 447 -24.30 -12.08 28.44
CA ASP B 447 -23.25 -12.45 29.36
C ASP B 447 -23.39 -13.93 29.60
N SER B 448 -22.39 -14.67 29.16
CA SER B 448 -22.37 -16.11 29.28
C SER B 448 -21.46 -16.54 30.41
N LEU B 449 -21.11 -15.61 31.29
CA LEU B 449 -20.25 -15.90 32.42
C LEU B 449 -21.10 -16.23 33.64
N ASN B 450 -20.47 -16.75 34.69
CA ASN B 450 -21.21 -17.09 35.91
C ASN B 450 -21.57 -15.84 36.68
N GLU B 451 -22.54 -15.96 37.57
CA GLU B 451 -22.94 -14.81 38.37
C GLU B 451 -21.67 -14.15 38.90
N THR B 452 -20.74 -14.96 39.40
CA THR B 452 -19.48 -14.42 39.89
C THR B 452 -18.48 -14.53 38.76
N ARG B 453 -17.49 -13.65 38.74
CA ARG B 453 -16.54 -13.62 37.64
C ARG B 453 -15.30 -12.81 37.97
N THR B 454 -14.27 -13.04 37.17
CA THR B 454 -13.01 -12.35 37.35
C THR B 454 -12.81 -11.31 36.24
N LYS B 455 -12.05 -10.26 36.56
CA LYS B 455 -11.75 -9.18 35.63
C LYS B 455 -11.22 -9.72 34.31
N GLU B 456 -10.48 -10.83 34.38
CA GLU B 456 -9.91 -11.41 33.17
C GLU B 456 -10.93 -12.19 32.34
N GLN B 457 -11.83 -12.87 33.03
CA GLN B 457 -12.87 -13.62 32.34
C GLN B 457 -13.65 -12.65 31.46
N GLU B 458 -13.89 -11.47 32.02
CA GLU B 458 -14.63 -10.43 31.33
C GLU B 458 -13.91 -9.88 30.12
N LEU B 459 -12.59 -9.72 30.21
CA LEU B 459 -11.83 -9.21 29.10
C LEU B 459 -11.89 -10.21 27.96
N TYR B 460 -11.64 -11.46 28.29
CA TYR B 460 -11.65 -12.55 27.34
C TYR B 460 -12.98 -12.69 26.65
N GLN B 461 -14.04 -12.28 27.34
CA GLN B 461 -15.36 -12.37 26.74
C GLN B 461 -15.58 -11.21 25.78
N THR B 462 -14.99 -10.06 26.06
CA THR B 462 -15.13 -8.92 25.17
C THR B 462 -14.41 -9.28 23.87
N ALA B 464 -13.85 -12.23 22.66
CA ALA B 464 -14.69 -13.21 22.01
C ALA B 464 -15.83 -12.48 21.32
N LYS B 465 -16.50 -11.59 22.05
CA LYS B 465 -17.61 -10.80 21.50
C LYS B 465 -17.13 -10.18 20.16
N LEU B 466 -15.93 -9.60 20.15
CA LEU B 466 -15.39 -8.95 18.95
C LEU B 466 -15.11 -9.95 17.82
N GLN B 467 -14.56 -11.09 18.17
CA GLN B 467 -14.27 -12.09 17.16
C GLN B 467 -15.58 -12.48 16.51
N HIS B 468 -16.62 -12.66 17.31
CA HIS B 468 -17.92 -13.03 16.77
C HIS B 468 -18.43 -11.98 15.81
N VAL B 469 -18.46 -10.74 16.27
CA VAL B 469 -18.94 -9.67 15.41
C VAL B 469 -18.21 -9.71 14.08
N ASN B 470 -16.88 -9.83 14.12
CA ASN B 470 -16.12 -9.87 12.89
C ASN B 470 -16.43 -11.05 11.97
N PHE B 471 -16.71 -12.21 12.57
CA PHE B 471 -16.99 -13.37 11.76
C PHE B 471 -18.28 -13.12 11.00
N VAL B 472 -19.26 -12.55 11.67
CA VAL B 472 -20.54 -12.27 11.04
C VAL B 472 -20.40 -11.04 10.12
N TYR B 473 -19.59 -10.08 10.54
CA TYR B 473 -19.39 -8.90 9.73
C TYR B 473 -18.97 -9.27 8.34
N ARG B 474 -18.02 -10.17 8.20
CA ARG B 474 -17.58 -10.48 6.86
C ARG B 474 -18.58 -11.33 6.09
N LYS B 475 -19.46 -12.04 6.79
CA LYS B 475 -20.46 -12.81 6.08
C LYS B 475 -21.45 -11.80 5.53
N ILE B 476 -21.56 -10.66 6.21
CA ILE B 476 -22.46 -9.61 5.77
C ILE B 476 -21.83 -8.95 4.57
N LYS B 477 -20.55 -8.65 4.64
CA LYS B 477 -19.86 -8.03 3.52
C LYS B 477 -20.00 -8.92 2.31
N SER B 478 -20.12 -10.22 2.56
CA SER B 478 -20.28 -11.19 1.49
C SER B 478 -21.65 -10.98 0.86
N LEU B 479 -22.70 -11.00 1.67
CA LEU B 479 -24.07 -10.78 1.18
C LEU B 479 -24.17 -9.48 0.39
N SER B 480 -23.58 -8.42 0.94
CA SER B 480 -23.58 -7.10 0.31
C SER B 480 -23.16 -7.12 -1.14
N SER B 481 -22.30 -8.05 -1.53
CA SER B 481 -21.85 -8.10 -2.91
C SER B 481 -22.40 -9.29 -3.66
N ASN B 482 -23.37 -9.98 -3.05
CA ASN B 482 -23.97 -11.15 -3.67
C ASN B 482 -24.69 -10.72 -4.94
N PHE B 483 -24.55 -11.48 -6.03
CA PHE B 483 -25.19 -11.07 -7.27
C PHE B 483 -26.66 -10.77 -7.07
N ILE B 484 -27.33 -11.54 -6.23
CA ILE B 484 -28.74 -11.34 -5.99
C ILE B 484 -29.06 -10.08 -5.22
N PHE B 485 -28.34 -9.82 -4.14
CA PHE B 485 -28.60 -8.62 -3.38
C PHE B 485 -28.19 -7.33 -4.08
N ILE B 486 -27.15 -7.39 -4.90
CA ILE B 486 -26.77 -6.20 -5.61
C ILE B 486 -27.91 -5.85 -6.57
N GLN B 487 -28.42 -6.86 -7.26
CA GLN B 487 -29.50 -6.65 -8.21
C GLN B 487 -30.71 -5.99 -7.57
N LEU B 488 -31.05 -6.40 -6.36
CA LEU B 488 -32.19 -5.81 -5.67
C LEU B 488 -31.85 -4.39 -5.32
N THR B 489 -30.64 -4.18 -4.82
CA THR B 489 -30.22 -2.84 -4.44
C THR B 489 -30.36 -1.97 -5.68
N ASP B 490 -29.88 -2.45 -6.82
CA ASP B 490 -29.98 -1.70 -8.06
C ASP B 490 -31.42 -1.33 -8.36
N ILE B 491 -32.33 -2.27 -8.18
CA ILE B 491 -33.74 -1.99 -8.44
C ILE B 491 -34.21 -0.86 -7.53
N VAL B 492 -34.12 -1.06 -6.22
CA VAL B 492 -34.54 -0.04 -5.29
C VAL B 492 -33.92 1.33 -5.62
N ASN B 493 -32.68 1.32 -6.06
CA ASN B 493 -31.97 2.54 -6.41
C ASN B 493 -32.57 3.28 -7.60
N SER B 494 -33.32 2.53 -8.42
CA SER B 494 -33.94 3.10 -9.61
C SER B 494 -35.41 3.39 -9.35
N THR B 495 -35.91 2.91 -8.22
CA THR B 495 -37.31 3.09 -7.87
C THR B 495 -37.50 4.21 -6.86
N GLU B 496 -36.39 4.81 -6.41
CA GLU B 496 -36.49 5.89 -5.43
C GLU B 496 -35.40 6.92 -5.62
N SER B 497 -34.78 6.90 -6.78
CA SER B 497 -33.72 7.83 -7.11
C SER B 497 -32.73 7.89 -5.94
N LYS B 498 -32.44 6.73 -5.36
CA LYS B 498 -31.51 6.64 -4.23
C LYS B 498 -30.14 6.22 -4.75
N LYS B 499 -29.12 6.33 -3.91
CA LYS B 499 -27.78 5.93 -4.31
C LYS B 499 -27.14 4.98 -3.28
N TYR B 500 -27.92 4.00 -2.86
CA TYR B 500 -27.49 2.99 -1.89
C TYR B 500 -26.40 2.14 -2.51
N ASN B 501 -25.41 1.79 -1.72
CA ASN B 501 -24.31 0.94 -2.18
C ASN B 501 -24.81 -0.47 -2.03
N SER B 502 -25.57 -0.69 -0.96
CA SER B 502 -26.18 -1.98 -0.66
C SER B 502 -27.34 -1.74 0.29
N LEU B 503 -28.28 -2.66 0.32
CA LEU B 503 -29.39 -2.53 1.22
C LEU B 503 -28.86 -2.82 2.61
N PHE B 504 -27.69 -3.46 2.65
CA PHE B 504 -27.05 -3.85 3.90
C PHE B 504 -26.22 -2.73 4.51
N GLN B 505 -26.10 -1.65 3.77
CA GLN B 505 -25.38 -0.45 4.19
C GLN B 505 -25.39 -0.13 5.66
N ASN B 506 -26.57 -0.06 6.25
CA ASN B 506 -26.64 0.31 7.64
C ASN B 506 -26.22 -0.78 8.59
N VAL B 507 -26.72 -1.99 8.36
CA VAL B 507 -26.36 -3.13 9.17
C VAL B 507 -24.84 -3.20 9.20
N GLU B 508 -24.22 -2.94 8.05
CA GLU B 508 -22.77 -2.95 7.95
C GLU B 508 -22.12 -1.87 8.81
N ASN B 509 -22.67 -0.66 8.75
CA ASN B 509 -22.09 0.42 9.54
C ASN B 509 -22.19 0.10 11.02
N ASP B 510 -23.33 -0.43 11.44
CA ASP B 510 -23.52 -0.78 12.85
C ASP B 510 -22.41 -1.70 13.33
N TYR B 511 -22.11 -2.72 12.53
CA TYR B 511 -21.06 -3.69 12.83
C TYR B 511 -19.70 -3.00 12.83
N GLU B 512 -19.44 -2.27 11.76
CA GLU B 512 -18.17 -1.57 11.61
C GLU B 512 -17.91 -0.62 12.76
N LYS B 513 -18.99 -0.07 13.33
CA LYS B 513 -18.86 0.87 14.45
C LYS B 513 -18.75 0.15 15.76
N ALA B 514 -19.59 -0.84 15.98
CA ALA B 514 -19.54 -1.60 17.22
C ALA B 514 -18.12 -2.09 17.43
N SER B 516 -14.99 -0.96 15.87
CA SER B 516 -13.93 0.03 16.04
C SER B 516 -14.17 1.11 17.09
N THR B 517 -15.19 0.94 17.92
CA THR B 517 -15.40 1.91 18.98
C THR B 517 -15.78 1.15 20.24
N ASP B 518 -17.04 0.78 20.37
CA ASP B 518 -17.49 0.06 21.55
C ASP B 518 -16.48 -0.94 22.06
N GLN B 520 -13.55 -2.05 20.74
CA GLN B 520 -12.15 -1.69 20.70
C GLN B 520 -11.78 -0.95 21.97
N ASN B 521 -12.59 0.05 22.32
CA ASN B 521 -12.35 0.84 23.52
C ASN B 521 -12.55 0.00 24.75
N SER B 522 -13.46 -0.94 24.67
CA SER B 522 -13.72 -1.82 25.80
C SER B 522 -12.43 -2.59 26.06
N ILE B 523 -11.96 -3.35 25.07
CA ILE B 523 -10.72 -4.11 25.19
C ILE B 523 -9.59 -3.24 25.77
N VAL B 524 -9.38 -2.06 25.19
CA VAL B 524 -8.33 -1.19 25.70
C VAL B 524 -8.49 -0.71 27.13
N HIS B 525 -9.70 -0.38 27.57
CA HIS B 525 -9.86 0.06 28.95
C HIS B 525 -9.75 -1.09 29.95
N ARG B 526 -10.24 -2.26 29.56
CA ARG B 526 -10.16 -3.42 30.42
C ARG B 526 -8.71 -3.86 30.61
N ILE B 527 -7.92 -3.89 29.53
CA ILE B 527 -6.52 -4.31 29.62
C ILE B 527 -5.78 -3.29 30.48
N GLN B 528 -6.07 -2.02 30.24
CA GLN B 528 -5.43 -0.94 31.00
C GLN B 528 -5.71 -1.13 32.49
N LYS B 529 -6.93 -1.54 32.81
CA LYS B 529 -7.30 -1.79 34.20
C LYS B 529 -6.55 -2.99 34.77
N LEU B 530 -6.55 -4.13 34.08
CA LEU B 530 -5.80 -5.32 34.58
C LEU B 530 -4.35 -4.92 34.81
N LEU B 531 -3.79 -4.20 33.84
CA LEU B 531 -2.42 -3.76 33.90
C LEU B 531 -2.05 -2.90 35.11
N LYS B 532 -2.85 -1.89 35.44
CA LYS B 532 -2.53 -1.04 36.59
C LYS B 532 -2.56 -1.84 37.89
N GLU B 533 -3.47 -2.80 37.97
CA GLU B 533 -3.62 -3.65 39.14
C GLU B 533 -2.34 -4.44 39.41
N THR B 534 -1.47 -4.56 38.41
CA THR B 534 -0.23 -5.32 38.54
C THR B 534 1.01 -4.44 38.74
N LEU B 535 0.88 -3.15 38.50
CA LEU B 535 2.00 -2.26 38.66
C LEU B 535 2.01 -1.65 40.05
N ARG B 536 1.23 -2.22 40.96
CA ARG B 536 1.17 -1.69 42.30
C ARG B 536 2.57 -1.66 42.95
N ASN B 537 3.28 -2.78 42.90
CA ASN B 537 4.60 -2.82 43.52
C ASN B 537 5.65 -2.03 42.77
N TYR B 538 5.66 -2.13 41.45
CA TYR B 538 6.63 -1.40 40.63
C TYR B 538 6.59 0.09 41.03
N PHE B 539 5.38 0.58 41.29
CA PHE B 539 5.17 1.96 41.66
C PHE B 539 5.79 2.36 42.99
N LYS B 540 5.97 1.37 43.86
CA LYS B 540 6.55 1.59 45.17
C LYS B 540 8.07 1.44 45.23
N ILE B 541 8.70 1.15 44.10
CA ILE B 541 10.15 1.02 44.09
C ILE B 541 10.76 2.35 44.56
N SER B 542 11.89 2.27 45.28
CA SER B 542 12.58 3.46 45.80
C SER B 542 14.03 3.54 45.31
N THR B 543 14.52 2.42 44.80
CA THR B 543 15.87 2.27 44.30
C THR B 543 16.36 3.24 43.19
N TRP B 544 15.45 3.86 42.46
CA TRP B 544 15.86 4.74 41.36
C TRP B 544 16.97 5.74 41.67
N SER B 545 17.23 5.95 42.96
CA SER B 545 18.26 6.89 43.39
C SER B 545 19.38 6.23 44.18
N THR B 546 19.21 4.94 44.51
CA THR B 546 20.19 4.18 45.30
C THR B 546 20.79 2.99 44.56
N LEU B 547 20.45 2.79 43.29
CA LEU B 547 20.99 1.62 42.59
C LEU B 547 22.22 1.88 41.73
N GLU B 548 22.98 0.81 41.52
CA GLU B 548 24.22 0.84 40.75
C GLU B 548 24.24 -0.37 39.82
N SER B 550 25.29 -3.03 38.26
CA SER B 550 26.51 -3.83 38.28
C SER B 550 26.86 -4.36 36.89
N PRO B 557 27.75 -6.14 31.17
CA PRO B 557 26.62 -6.18 32.15
C PRO B 557 25.26 -6.54 31.54
N SER B 558 24.91 -7.82 31.58
CA SER B 558 23.64 -8.32 31.02
C SER B 558 22.42 -7.98 31.90
N SER B 559 21.69 -6.95 31.47
CA SER B 559 20.51 -6.46 32.20
C SER B 559 19.24 -7.32 32.04
N VAL B 560 18.33 -7.15 33.00
CA VAL B 560 17.06 -7.86 33.05
C VAL B 560 16.04 -6.84 33.56
N PRO B 561 14.74 -7.07 33.37
CA PRO B 561 13.81 -6.06 33.89
C PRO B 561 13.71 -6.06 35.41
N SER B 562 13.33 -4.92 35.99
CA SER B 562 13.19 -4.82 37.44
C SER B 562 12.30 -5.96 37.94
N ALA B 563 12.74 -6.61 39.01
CA ALA B 563 12.02 -7.74 39.57
C ALA B 563 10.52 -7.57 39.69
N GLU B 564 10.07 -6.38 40.09
CA GLU B 564 8.64 -6.15 40.25
C GLU B 564 7.84 -5.78 39.01
N LEU B 565 8.46 -5.86 37.83
CA LEU B 565 7.73 -5.54 36.60
C LEU B 565 7.44 -6.82 35.79
N VAL B 566 8.03 -7.92 36.23
CA VAL B 566 7.87 -9.20 35.55
C VAL B 566 6.46 -9.78 35.47
N ASN B 567 5.63 -9.59 36.49
CA ASN B 567 4.30 -10.13 36.33
C ASN B 567 3.56 -9.26 35.31
N SER B 568 3.71 -7.95 35.44
CA SER B 568 3.09 -7.03 34.50
C SER B 568 3.46 -7.46 33.10
N ILE B 569 4.74 -7.71 32.87
CA ILE B 569 5.20 -8.14 31.56
C ILE B 569 4.56 -9.46 31.20
N ASN B 570 4.58 -10.42 32.11
CA ASN B 570 3.98 -11.72 31.83
C ASN B 570 2.50 -11.64 31.51
N VAL B 571 1.79 -10.75 32.18
CA VAL B 571 0.35 -10.59 31.97
C VAL B 571 0.03 -9.99 30.62
N LEU B 572 0.60 -8.81 30.38
CA LEU B 572 0.38 -8.10 29.14
C LEU B 572 0.67 -9.00 27.98
N ARG B 573 1.83 -9.67 28.01
CA ARG B 573 2.22 -10.57 26.92
C ARG B 573 1.23 -11.70 26.72
N ARG B 574 0.52 -12.07 27.77
CA ARG B 574 -0.44 -13.15 27.61
C ARG B 574 -1.68 -12.59 26.96
N LEU B 575 -2.06 -11.38 27.34
CA LEU B 575 -3.24 -10.73 26.77
C LEU B 575 -3.05 -10.41 25.28
N ILE B 576 -1.90 -9.82 24.95
CA ILE B 576 -1.63 -9.47 23.56
C ILE B 576 -1.55 -10.68 22.62
N ASN B 577 -1.19 -11.86 23.15
CA ASN B 577 -1.15 -13.04 22.29
C ASN B 577 -2.57 -13.53 22.08
N LYS B 578 -3.37 -13.46 23.14
CA LYS B 578 -4.76 -13.86 23.06
C LYS B 578 -5.31 -12.95 21.97
N LEU B 579 -4.94 -11.66 22.04
CA LEU B 579 -5.39 -10.72 21.04
C LEU B 579 -4.88 -11.12 19.65
N ASP B 580 -3.58 -11.35 19.53
CA ASP B 580 -2.96 -11.74 18.26
C ASP B 580 -3.55 -12.99 17.61
N SER B 581 -4.12 -13.87 18.42
CA SER B 581 -4.70 -15.10 17.92
C SER B 581 -6.19 -15.01 17.59
N ASP B 583 -9.52 -13.79 15.49
CA ASP B 583 -9.85 -13.53 14.10
C ASP B 583 -10.45 -12.15 14.11
N ILE B 584 -9.58 -11.17 14.29
CA ILE B 584 -9.95 -9.77 14.40
C ILE B 584 -9.31 -8.98 13.28
N PRO B 585 -9.96 -7.91 12.80
CA PRO B 585 -9.34 -7.14 11.72
C PRO B 585 -8.11 -6.41 12.23
N LEU B 586 -7.01 -6.58 11.49
CA LEU B 586 -5.71 -5.98 11.80
C LEU B 586 -5.70 -4.49 12.14
N ALA B 587 -6.58 -3.72 11.52
CA ALA B 587 -6.63 -2.29 11.80
C ALA B 587 -6.90 -2.09 13.27
N ILE B 588 -7.92 -2.76 13.78
CA ILE B 588 -8.29 -2.69 15.19
C ILE B 588 -7.22 -3.24 16.12
N SER B 589 -6.72 -4.42 15.77
CA SER B 589 -5.68 -5.06 16.55
C SER B 589 -4.55 -4.07 16.80
N LEU B 590 -4.13 -3.37 15.74
CA LEU B 590 -3.06 -2.38 15.86
C LEU B 590 -3.42 -1.14 16.65
N LYS B 591 -4.67 -0.67 16.49
CA LYS B 591 -5.07 0.53 17.21
C LYS B 591 -5.07 0.26 18.71
N VAL B 592 -5.44 -0.95 19.09
CA VAL B 592 -5.44 -1.35 20.50
C VAL B 592 -4.02 -1.31 21.02
N LYS B 593 -3.11 -2.03 20.37
CA LYS B 593 -1.73 -2.04 20.81
C LYS B 593 -1.18 -0.62 20.84
N ASN B 594 -1.68 0.22 19.94
CA ASN B 594 -1.21 1.57 19.87
C ASN B 594 -1.69 2.41 21.05
N GLU B 595 -2.98 2.32 21.36
CA GLU B 595 -3.55 3.04 22.48
C GLU B 595 -2.83 2.58 23.77
N LEU B 596 -2.69 1.26 23.91
CA LEU B 596 -2.04 0.68 25.07
C LEU B 596 -0.67 1.25 25.29
N LEU B 597 0.10 1.29 24.22
CA LEU B 597 1.45 1.81 24.25
C LEU B 597 1.41 3.26 24.75
N ASN B 598 0.50 4.05 24.22
CA ASN B 598 0.38 5.44 24.66
C ASN B 598 0.13 5.48 26.16
N VAL B 599 -0.79 4.64 26.62
CA VAL B 599 -1.13 4.58 28.04
C VAL B 599 0.08 4.20 28.89
N ILE B 600 0.80 3.18 28.46
CA ILE B 600 1.95 2.74 29.20
C ILE B 600 2.98 3.86 29.24
N VAL B 601 3.16 4.56 28.13
CA VAL B 601 4.12 5.64 28.11
C VAL B 601 3.77 6.70 29.13
N ASN B 602 2.48 7.03 29.24
CA ASN B 602 2.06 8.02 30.20
C ASN B 602 2.38 7.57 31.61
N TYR B 603 2.04 6.32 31.89
CA TYR B 603 2.30 5.77 33.20
C TYR B 603 3.77 5.92 33.60
N PHE B 604 4.69 5.57 32.70
CA PHE B 604 6.11 5.65 33.05
C PHE B 604 6.63 7.09 33.23
N THR B 605 6.09 8.00 32.44
CA THR B 605 6.47 9.41 32.47
C THR B 605 5.88 10.15 33.68
N GLU B 606 4.61 9.89 33.95
CA GLU B 606 3.90 10.54 35.04
C GLU B 606 3.91 9.84 36.38
N SER B 607 3.89 8.51 36.38
CA SER B 607 3.86 7.77 37.65
C SER B 607 5.22 7.22 38.11
N ILE B 608 6.19 7.16 37.20
CA ILE B 608 7.50 6.64 37.56
C ILE B 608 8.60 7.70 37.43
N LEU B 609 8.73 8.29 36.25
CA LEU B 609 9.77 9.29 36.06
C LEU B 609 9.57 10.53 36.94
N LYS B 610 8.54 11.33 36.66
CA LYS B 610 8.29 12.56 37.41
C LYS B 610 8.12 12.48 38.94
N LEU B 611 7.90 11.27 39.47
CA LEU B 611 7.72 11.11 40.90
C LEU B 611 8.91 10.47 41.62
N ASN B 612 10.10 10.55 41.03
CA ASN B 612 11.26 9.93 41.65
C ASN B 612 12.55 10.66 41.29
N LYS B 613 13.61 10.30 41.99
CA LYS B 613 14.94 10.84 41.74
C LYS B 613 15.76 9.69 41.14
N PHE B 614 16.47 9.96 40.05
CA PHE B 614 17.26 8.90 39.41
C PHE B 614 18.74 9.21 39.34
N ASN B 615 19.55 8.16 39.34
CA ASN B 615 21.00 8.31 39.20
C ASN B 615 21.39 7.64 37.88
N GLN B 616 22.59 7.96 37.38
CA GLN B 616 23.09 7.41 36.13
C GLN B 616 22.56 6.02 35.79
N ASN B 617 22.70 5.08 36.72
CA ASN B 617 22.26 3.70 36.53
C ASN B 617 20.75 3.51 36.53
N GLY B 618 20.12 3.83 37.66
CA GLY B 618 18.67 3.69 37.77
C GLY B 618 17.91 4.29 36.60
N LEU B 619 18.52 5.27 35.93
CA LEU B 619 17.88 5.90 34.80
C LEU B 619 17.87 4.96 33.62
N ASN B 620 18.88 4.09 33.52
CA ASN B 620 18.97 3.11 32.43
C ASN B 620 17.96 1.99 32.70
N GLN B 621 17.95 1.52 33.94
CA GLN B 621 17.05 0.46 34.36
C GLN B 621 15.63 0.81 33.91
N PHE B 622 15.26 2.07 34.11
CA PHE B 622 13.95 2.58 33.74
C PHE B 622 13.74 2.50 32.23
N LEU B 623 14.77 2.82 31.46
CA LEU B 623 14.68 2.79 30.02
C LEU B 623 14.62 1.34 29.53
N HIS B 624 15.23 0.45 30.30
CA HIS B 624 15.25 -0.97 29.97
C HIS B 624 13.88 -1.57 30.29
N ASP B 625 13.33 -1.19 31.44
CA ASP B 625 12.02 -1.67 31.86
C ASP B 625 10.95 -1.29 30.85
N PHE B 626 10.90 0.00 30.51
CA PHE B 626 9.94 0.50 29.55
C PHE B 626 10.02 -0.22 28.22
N LYS B 627 11.22 -0.63 27.83
CA LYS B 627 11.38 -1.34 26.57
C LYS B 627 10.85 -2.76 26.70
N SER B 628 11.11 -3.39 27.83
CA SER B 628 10.64 -4.77 28.03
C SER B 628 9.14 -4.83 27.92
N LEU B 629 8.48 -3.92 28.63
CA LEU B 629 7.03 -3.90 28.61
C LEU B 629 6.51 -3.57 27.24
N SER B 630 6.88 -2.39 26.74
CA SER B 630 6.41 -1.94 25.44
C SER B 630 6.69 -2.83 24.24
N SER B 631 7.85 -3.47 24.18
CA SER B 631 8.18 -4.34 23.04
C SER B 631 7.09 -5.38 22.79
N ILE B 632 6.29 -5.67 23.80
CA ILE B 632 5.19 -6.61 23.69
C ILE B 632 4.14 -6.01 22.77
N LEU B 633 4.23 -4.71 22.54
CA LEU B 633 3.28 -3.99 21.71
C LEU B 633 3.81 -3.42 20.41
N SER B 634 5.03 -3.81 20.02
CA SER B 634 5.64 -3.33 18.79
C SER B 634 4.73 -3.63 17.61
N LEU B 635 4.43 -2.60 16.84
CA LEU B 635 3.55 -2.70 15.68
C LEU B 635 4.20 -3.57 14.61
N PRO B 636 3.46 -3.88 13.51
CA PRO B 636 3.98 -4.72 12.42
C PRO B 636 5.49 -4.91 12.44
N SER B 637 6.21 -3.86 12.02
CA SER B 637 7.67 -3.87 12.01
C SER B 637 8.21 -2.46 11.79
N HIS B 638 9.03 -2.03 12.74
CA HIS B 638 9.69 -0.72 12.69
C HIS B 638 8.72 0.46 12.62
N ALA B 639 7.48 0.24 13.07
CA ALA B 639 6.46 1.28 13.09
C ALA B 639 6.69 2.15 14.33
N THR B 640 6.90 3.44 14.09
CA THR B 640 7.18 4.38 15.16
C THR B 640 5.94 4.93 15.86
N ASN B 641 6.01 4.99 17.20
CA ASN B 641 4.94 5.53 18.03
C ASN B 641 5.43 6.82 18.65
N TYR B 642 4.79 7.91 18.27
CA TYR B 642 5.15 9.25 18.73
C TYR B 642 5.49 9.33 20.22
N LYS B 643 4.58 8.91 21.09
CA LYS B 643 4.82 8.96 22.51
C LYS B 643 6.06 8.22 22.95
N CYS B 644 6.28 7.03 22.39
CA CYS B 644 7.46 6.24 22.75
C CYS B 644 8.76 6.91 22.43
N SER B 646 9.26 10.13 22.16
CA SER B 646 9.36 11.25 23.07
C SER B 646 9.94 10.83 24.41
N LEU B 647 9.55 9.66 24.92
CA LEU B 647 10.09 9.22 26.19
C LEU B 647 11.56 8.89 26.02
N HIS B 648 11.91 8.29 24.88
CA HIS B 648 13.31 7.96 24.66
C HIS B 648 14.12 9.25 24.69
N GLU B 649 13.65 10.26 23.96
CA GLU B 649 14.36 11.55 23.94
C GLU B 649 14.32 12.18 25.33
N LEU B 650 13.21 12.01 26.03
CA LEU B 650 13.12 12.59 27.36
C LEU B 650 14.22 11.99 28.23
N VAL B 651 14.45 10.69 28.13
CA VAL B 651 15.48 10.08 28.96
C VAL B 651 16.88 10.52 28.49
N LYS B 652 17.01 10.86 27.20
CA LYS B 652 18.30 11.33 26.70
C LYS B 652 18.63 12.65 27.41
N ILE B 653 17.77 13.64 27.21
CA ILE B 653 17.94 14.95 27.81
C ILE B 653 18.16 14.87 29.32
N LEU B 654 17.67 13.81 29.96
CA LEU B 654 17.86 13.67 31.39
C LEU B 654 19.26 13.17 31.68
N LYS B 655 19.97 12.74 30.64
CA LYS B 655 21.33 12.25 30.80
C LYS B 655 22.39 13.34 30.62
N LEU B 656 21.94 14.58 30.39
CA LEU B 656 22.85 15.71 30.22
C LEU B 656 23.60 15.93 31.52
N LYS B 657 23.11 15.32 32.59
CA LYS B 657 23.76 15.42 33.87
C LYS B 657 25.11 14.74 33.80
N TYR B 658 25.30 13.87 32.81
CA TYR B 658 26.55 13.12 32.66
C TYR B 658 27.30 13.29 31.33
N ASP B 659 26.94 14.31 30.57
CA ASP B 659 27.59 14.59 29.28
C ASP B 659 28.51 15.81 29.42
N PRO B 660 29.84 15.58 29.43
CA PRO B 660 30.79 16.69 29.57
C PRO B 660 30.81 17.64 28.36
N ASN B 661 30.71 17.08 27.16
CA ASN B 661 30.72 17.85 25.91
C ASN B 661 29.73 19.01 25.88
N ASN B 662 28.50 18.75 26.32
CA ASN B 662 27.45 19.76 26.31
C ASN B 662 26.82 20.07 27.66
N GLN B 663 27.57 19.90 28.75
CA GLN B 663 27.00 20.20 30.06
C GLN B 663 26.84 21.71 30.19
N GLN B 664 26.61 22.35 29.05
CA GLN B 664 26.43 23.80 28.95
C GLN B 664 24.95 24.16 28.96
N PHE B 665 24.12 23.28 28.41
CA PHE B 665 22.69 23.51 28.35
C PHE B 665 22.13 23.42 29.76
N LEU B 666 22.97 23.03 30.71
CA LEU B 666 22.53 22.87 32.09
C LEU B 666 22.71 24.14 32.92
N ASN B 667 22.81 25.30 32.27
CA ASN B 667 22.97 26.53 33.03
C ASN B 667 21.67 27.33 32.98
N PRO B 668 21.23 27.80 34.16
CA PRO B 668 20.00 28.59 34.34
C PRO B 668 19.58 29.44 33.15
N GLU B 669 20.37 30.48 32.86
CA GLU B 669 20.06 31.37 31.76
C GLU B 669 19.50 30.71 30.52
N TYR B 670 20.14 29.63 30.08
CA TYR B 670 19.69 28.94 28.87
C TYR B 670 18.33 28.29 28.99
N ILE B 671 18.09 27.65 30.12
CA ILE B 671 16.83 26.98 30.35
C ILE B 671 15.67 27.96 30.45
N LYS B 672 15.89 29.08 31.14
CA LYS B 672 14.84 30.08 31.29
C LYS B 672 14.56 30.77 29.95
N THR B 673 15.56 30.75 29.07
CA THR B 673 15.45 31.36 27.75
C THR B 673 14.21 30.87 26.98
N GLY B 674 14.11 29.56 26.82
CA GLY B 674 12.98 29.00 26.11
C GLY B 674 13.31 28.72 24.66
N ASN B 675 14.58 28.92 24.31
CA ASN B 675 15.03 28.68 22.95
C ASN B 675 15.96 27.47 22.94
N PHE B 676 15.49 26.36 22.38
CA PHE B 676 16.29 25.14 22.34
C PHE B 676 16.62 24.62 20.94
N THR B 677 17.20 25.47 20.10
CA THR B 677 17.56 25.03 18.77
C THR B 677 18.97 24.46 18.82
N SER B 678 19.67 24.73 19.92
CA SER B 678 21.03 24.24 20.09
C SER B 678 21.01 22.79 20.57
N LEU B 679 20.12 22.50 21.50
CA LEU B 679 19.99 21.17 22.06
C LEU B 679 19.32 20.24 21.07
N LYS B 680 18.25 20.71 20.44
CA LYS B 680 17.50 19.92 19.46
C LYS B 680 18.38 19.37 18.34
N GLU B 681 19.56 19.97 18.16
CA GLU B 681 20.48 19.52 17.11
C GLU B 681 21.57 18.61 17.63
N ALA B 682 22.21 19.01 18.73
CA ALA B 682 23.28 18.21 19.31
C ALA B 682 22.78 16.82 19.71
N TYR B 683 21.49 16.73 20.02
CA TYR B 683 20.89 15.46 20.44
C TYR B 683 19.83 14.91 19.50
N SER B 684 19.67 15.53 18.33
CA SER B 684 18.69 15.09 17.34
C SER B 684 17.34 14.80 17.98
N ILE B 685 16.75 15.83 18.56
CA ILE B 685 15.47 15.74 19.23
C ILE B 685 14.34 16.20 18.31
N LYS B 686 13.58 15.25 17.79
CA LYS B 686 12.49 15.54 16.85
C LYS B 686 11.06 15.49 17.37
N TYR B 687 10.82 14.82 18.50
CA TYR B 687 9.45 14.72 19.01
C TYR B 687 9.08 15.49 20.27
N LEU B 688 10.05 15.69 21.15
CA LEU B 688 9.80 16.40 22.40
C LEU B 688 9.50 17.89 22.20
N LYS B 689 8.31 18.31 22.59
CA LYS B 689 7.91 19.71 22.46
C LYS B 689 8.78 20.57 23.38
N ASP B 690 8.92 21.85 23.03
CA ASP B 690 9.75 22.79 23.78
C ASP B 690 9.44 22.84 25.27
N THR B 691 8.16 22.93 25.61
CA THR B 691 7.76 22.99 27.00
C THR B 691 8.32 21.83 27.80
N LYS B 692 8.13 20.62 27.29
CA LYS B 692 8.59 19.43 27.98
C LYS B 692 10.10 19.25 28.03
N ILE B 693 10.83 19.91 27.13
CA ILE B 693 12.29 19.80 27.12
C ILE B 693 12.83 20.68 28.23
N GLN B 694 12.20 21.82 28.42
CA GLN B 694 12.61 22.77 29.44
C GLN B 694 12.55 22.13 30.81
N ASP B 695 11.40 21.52 31.10
CA ASP B 695 11.20 20.86 32.37
C ASP B 695 12.20 19.76 32.59
N ALA B 696 12.58 19.10 31.52
CA ALA B 696 13.57 18.02 31.60
C ALA B 696 14.80 18.61 32.25
N LEU B 697 15.31 19.67 31.64
CA LEU B 697 16.48 20.36 32.13
C LEU B 697 16.29 20.79 33.57
N TYR B 698 15.26 21.59 33.83
CA TYR B 698 14.98 22.05 35.20
C TYR B 698 15.07 20.87 36.16
N ARG B 699 14.67 19.71 35.68
CA ARG B 699 14.67 18.51 36.48
C ARG B 699 16.08 18.15 36.92
N ILE B 700 17.05 18.39 36.03
CA ILE B 700 18.43 18.09 36.34
C ILE B 700 18.97 19.16 37.30
N ILE B 701 18.94 20.41 36.85
CA ILE B 701 19.40 21.52 37.66
C ILE B 701 18.89 21.52 39.11
N TYR B 702 17.71 20.96 39.34
CA TYR B 702 17.13 20.92 40.69
C TYR B 702 17.54 19.71 41.52
N GLY B 703 18.43 18.90 40.98
CA GLY B 703 18.92 17.74 41.70
C GLY B 703 18.07 16.49 41.67
N ASN B 704 17.04 16.47 40.82
CA ASN B 704 16.15 15.31 40.71
C ASN B 704 16.89 14.16 40.06
N ILE B 705 17.96 14.49 39.36
CA ILE B 705 18.76 13.49 38.69
C ILE B 705 20.18 13.47 39.25
N LEU B 706 20.35 12.71 40.34
CA LEU B 706 21.64 12.55 41.03
C LEU B 706 22.67 11.85 40.15
N ASP C 10 28.55 -25.17 -85.11
CA ASP C 10 27.66 -26.09 -84.34
C ASP C 10 26.40 -25.38 -83.82
N ASP C 11 26.56 -24.12 -83.37
CA ASP C 11 25.42 -23.34 -82.88
C ASP C 11 24.56 -22.97 -84.07
N LEU C 12 24.93 -23.51 -85.23
CA LEU C 12 24.24 -23.28 -86.47
C LEU C 12 22.92 -24.04 -86.50
N LEU C 13 22.91 -25.22 -85.88
CA LEU C 13 21.71 -26.05 -85.82
C LEU C 13 20.71 -25.33 -84.91
N ASN C 14 21.24 -24.71 -83.87
CA ASN C 14 20.46 -23.95 -82.92
C ASN C 14 19.90 -22.70 -83.64
N ILE C 15 20.69 -22.15 -84.56
CA ILE C 15 20.29 -20.99 -85.33
C ILE C 15 19.18 -21.38 -86.29
N ASN C 16 19.36 -22.48 -87.00
CA ASN C 16 18.36 -22.93 -87.95
C ASN C 16 17.00 -23.22 -87.33
N ASP C 17 17.00 -23.57 -86.05
CA ASP C 17 15.72 -23.86 -85.40
C ASP C 17 15.12 -22.61 -84.77
N ARG C 18 15.98 -21.72 -84.27
CA ARG C 18 15.47 -20.49 -83.69
C ARG C 18 14.80 -19.63 -84.77
N ILE C 19 15.08 -19.94 -86.03
CA ILE C 19 14.45 -19.24 -87.14
C ILE C 19 13.03 -19.78 -87.27
N LYS C 20 12.88 -21.09 -87.29
CA LYS C 20 11.55 -21.69 -87.39
C LYS C 20 10.75 -21.24 -86.20
N GLN C 21 11.40 -21.08 -85.04
CA GLN C 21 10.71 -20.62 -83.84
C GLN C 21 10.15 -19.23 -84.09
N VAL C 22 11.01 -18.31 -84.49
CA VAL C 22 10.57 -16.97 -84.79
C VAL C 22 9.42 -16.96 -85.79
N GLN C 23 9.51 -17.78 -86.83
CA GLN C 23 8.45 -17.83 -87.83
C GLN C 23 7.12 -18.24 -87.21
N ASN C 24 7.16 -19.16 -86.26
CA ASN C 24 5.94 -19.62 -85.61
C ASN C 24 5.39 -18.57 -84.70
N GLU C 25 6.25 -17.92 -83.92
CA GLU C 25 5.77 -16.89 -83.02
C GLU C 25 5.05 -15.82 -83.83
N ARG C 26 5.68 -15.33 -84.90
CA ARG C 26 5.04 -14.34 -85.74
C ARG C 26 3.65 -14.84 -86.11
N ASN C 27 3.56 -16.12 -86.42
CA ASN C 27 2.31 -16.76 -86.80
C ASN C 27 1.28 -16.74 -85.70
N GLU C 28 1.68 -17.19 -84.51
CA GLU C 28 0.80 -17.22 -83.36
C GLU C 28 0.35 -15.82 -83.02
N LEU C 29 1.32 -14.91 -82.93
CA LEU C 29 1.03 -13.52 -82.61
C LEU C 29 0.01 -12.96 -83.56
N ALA C 30 0.16 -13.26 -84.84
CA ALA C 30 -0.79 -12.80 -85.83
C ALA C 30 -2.14 -13.41 -85.47
N SER C 31 -2.30 -14.71 -85.67
CA SER C 31 -3.58 -15.34 -85.38
C SER C 31 -4.18 -14.97 -84.04
N LYS C 32 -3.35 -14.80 -83.01
CA LYS C 32 -3.90 -14.44 -81.70
C LYS C 32 -4.47 -13.03 -81.82
N LEU C 33 -3.69 -12.18 -82.48
CA LEU C 33 -4.06 -10.79 -82.69
C LEU C 33 -5.38 -10.71 -83.46
N GLN C 34 -5.61 -11.65 -84.36
CA GLN C 34 -6.84 -11.63 -85.13
C GLN C 34 -8.05 -12.01 -84.28
N ASN C 35 -7.93 -13.09 -83.51
CA ASN C 35 -9.02 -13.52 -82.66
C ASN C 35 -9.37 -12.47 -81.63
N LEU C 36 -8.41 -11.61 -81.31
CA LEU C 36 -8.70 -10.58 -80.33
C LEU C 36 -9.64 -9.59 -81.00
N LYS C 37 -9.34 -9.26 -82.26
CA LYS C 37 -10.15 -8.34 -83.04
C LYS C 37 -11.57 -8.88 -83.05
N GLN C 38 -11.68 -10.17 -83.40
CA GLN C 38 -12.95 -10.87 -83.50
C GLN C 38 -13.74 -10.81 -82.21
N SER C 39 -13.03 -10.82 -81.08
CA SER C 39 -13.69 -10.75 -79.80
C SER C 39 -14.30 -9.38 -79.62
N LEU C 40 -13.47 -8.35 -79.68
CA LEU C 40 -13.98 -6.99 -79.55
C LEU C 40 -15.25 -6.85 -80.38
N ALA C 41 -15.26 -7.41 -81.59
CA ALA C 41 -16.43 -7.33 -82.44
C ALA C 41 -17.62 -7.94 -81.71
N SER C 42 -17.53 -9.23 -81.41
CA SER C 42 -18.60 -9.93 -80.72
C SER C 42 -19.13 -9.14 -79.55
N ASN C 43 -18.22 -8.63 -78.73
CA ASN C 43 -18.64 -7.88 -77.58
C ASN C 43 -19.06 -6.44 -77.85
N ASP C 44 -18.98 -6.03 -79.11
CA ASP C 44 -19.40 -4.68 -79.52
C ASP C 44 -20.77 -4.83 -80.15
N THR C 45 -21.79 -4.99 -79.30
CA THR C 45 -23.17 -5.18 -79.75
C THR C 45 -23.68 -3.98 -80.51
N GLU C 46 -23.04 -2.85 -80.23
CA GLU C 46 -23.35 -1.57 -80.85
C GLU C 46 -22.90 -1.50 -82.32
N VAL C 47 -22.05 -2.46 -82.72
CA VAL C 47 -21.50 -2.54 -84.08
C VAL C 47 -20.91 -1.21 -84.47
N ALA C 48 -20.11 -0.64 -83.57
CA ALA C 48 -19.51 0.66 -83.80
C ALA C 48 -18.00 0.66 -84.03
N LEU C 49 -17.38 -0.50 -83.98
CA LEU C 49 -15.93 -0.57 -84.16
C LEU C 49 -15.50 -0.62 -85.60
N SER C 50 -14.31 -0.10 -85.85
CA SER C 50 -13.67 -0.09 -87.16
C SER C 50 -12.30 -0.73 -86.91
N GLU C 51 -11.62 -1.15 -87.98
CA GLU C 51 -10.33 -1.78 -87.84
C GLU C 51 -9.29 -0.91 -87.15
N VAL C 52 -9.33 0.40 -87.35
CA VAL C 52 -8.34 1.27 -86.74
C VAL C 52 -8.63 1.55 -85.25
N ILE C 53 -9.90 1.44 -84.84
CA ILE C 53 -10.20 1.67 -83.43
C ILE C 53 -9.78 0.40 -82.69
N ALA C 54 -9.96 -0.75 -83.32
CA ALA C 54 -9.56 -1.97 -82.67
C ALA C 54 -8.05 -1.90 -82.52
N GLN C 55 -7.37 -1.36 -83.52
CA GLN C 55 -5.92 -1.25 -83.44
C GLN C 55 -5.57 -0.50 -82.17
N ASP C 56 -6.16 0.68 -82.00
CA ASP C 56 -5.91 1.53 -80.83
C ASP C 56 -6.22 0.81 -79.54
N ILE C 57 -7.39 0.17 -79.50
CA ILE C 57 -7.76 -0.55 -78.31
C ILE C 57 -6.66 -1.56 -77.98
N ILE C 58 -6.34 -2.42 -78.94
CA ILE C 58 -5.31 -3.41 -78.74
C ILE C 58 -3.98 -2.79 -78.27
N GLU C 59 -3.76 -1.54 -78.60
CA GLU C 59 -2.51 -0.90 -78.23
C GLU C 59 -2.53 -0.24 -76.86
N VAL C 60 -3.70 0.19 -76.43
CA VAL C 60 -3.78 0.88 -75.15
C VAL C 60 -5.09 0.65 -74.37
N GLY C 61 -5.79 -0.44 -74.66
CA GLY C 61 -7.04 -0.73 -73.99
C GLY C 61 -6.98 -1.44 -72.65
N ALA C 62 -5.78 -1.69 -72.15
CA ALA C 62 -5.68 -2.38 -70.86
C ALA C 62 -5.42 -1.39 -69.73
N SER C 63 -5.24 -0.12 -70.06
CA SER C 63 -5.00 0.89 -69.04
C SER C 63 -6.19 1.81 -69.02
N VAL C 64 -6.54 2.33 -67.84
CA VAL C 64 -7.68 3.22 -67.75
C VAL C 64 -7.45 4.50 -68.52
N GLU C 65 -6.33 5.17 -68.24
CA GLU C 65 -6.00 6.43 -68.91
C GLU C 65 -6.00 6.29 -70.44
N GLY C 66 -5.62 5.12 -70.92
CA GLY C 66 -5.60 4.90 -72.34
C GLY C 66 -7.01 4.89 -72.85
N LEU C 67 -7.85 4.07 -72.24
CA LEU C 67 -9.24 3.99 -72.62
C LEU C 67 -9.90 5.36 -72.59
N GLU C 68 -9.56 6.14 -71.56
CA GLU C 68 -10.07 7.51 -71.39
C GLU C 68 -9.77 8.29 -72.65
N GLN C 69 -8.51 8.24 -73.08
CA GLN C 69 -8.03 8.90 -74.29
C GLN C 69 -8.83 8.43 -75.50
N LEU C 70 -9.07 7.13 -75.58
CA LEU C 70 -9.83 6.64 -76.70
C LEU C 70 -11.27 7.16 -76.67
N ARG C 71 -11.83 7.38 -75.48
CA ARG C 71 -13.18 7.89 -75.39
C ARG C 71 -13.23 9.34 -75.86
N ALA C 72 -12.23 10.11 -75.44
CA ALA C 72 -12.15 11.50 -75.84
C ALA C 72 -12.01 11.59 -77.34
N LYS C 73 -11.34 10.59 -77.91
CA LYS C 73 -11.08 10.55 -79.35
C LYS C 73 -12.16 10.00 -80.26
N TYR C 74 -12.81 8.89 -79.90
CA TYR C 74 -13.85 8.33 -80.76
C TYR C 74 -15.26 8.36 -80.17
N GLY C 75 -15.44 9.05 -79.04
CA GLY C 75 -16.76 9.13 -78.42
C GLY C 75 -17.02 7.98 -77.47
N ASP C 76 -18.07 8.08 -76.65
CA ASP C 76 -18.41 7.03 -75.70
C ASP C 76 -18.95 5.81 -76.44
N LEU C 77 -18.06 4.86 -76.72
CA LEU C 77 -18.39 3.65 -77.48
C LEU C 77 -19.11 2.48 -76.83
N GLN C 78 -19.26 2.48 -75.51
CA GLN C 78 -19.96 1.38 -74.86
C GLN C 78 -19.14 0.09 -74.83
N ILE C 79 -18.30 -0.14 -75.82
CA ILE C 79 -17.46 -1.32 -75.72
C ILE C 79 -16.23 -0.79 -75.01
N LEU C 80 -15.99 0.50 -75.15
CA LEU C 80 -14.87 1.13 -74.46
C LEU C 80 -15.28 1.20 -72.98
N ASN C 81 -16.57 1.34 -72.75
CA ASN C 81 -17.10 1.40 -71.39
C ASN C 81 -16.88 0.01 -70.78
N LYS C 82 -17.26 -1.01 -71.52
CA LYS C 82 -17.10 -2.39 -71.08
C LYS C 82 -15.63 -2.68 -70.74
N LEU C 83 -14.72 -2.16 -71.54
CA LEU C 83 -13.31 -2.40 -71.31
C LEU C 83 -12.81 -1.64 -70.10
N GLU C 84 -13.29 -0.41 -69.95
CA GLU C 84 -12.86 0.42 -68.83
C GLU C 84 -13.27 -0.18 -67.47
N LYS C 85 -14.48 -0.74 -67.40
CA LYS C 85 -14.93 -1.37 -66.17
C LYS C 85 -13.83 -2.33 -65.76
N VAL C 86 -13.56 -3.31 -66.62
CA VAL C 86 -12.54 -4.33 -66.38
C VAL C 86 -11.15 -3.77 -66.09
N ALA C 87 -10.78 -2.69 -66.76
CA ALA C 87 -9.47 -2.10 -66.54
C ALA C 87 -9.36 -1.51 -65.15
N VAL C 88 -10.41 -0.83 -64.72
CA VAL C 88 -10.44 -0.20 -63.40
C VAL C 88 -10.32 -1.24 -62.32
N GLN C 89 -11.01 -2.34 -62.52
CA GLN C 89 -10.99 -3.42 -61.57
C GLN C 89 -9.57 -3.95 -61.42
N GLN C 90 -9.00 -4.45 -62.52
CA GLN C 90 -7.66 -4.99 -62.50
C GLN C 90 -6.67 -4.00 -61.94
N THR C 91 -6.82 -2.73 -62.29
CA THR C 91 -5.92 -1.71 -61.81
C THR C 91 -5.98 -1.52 -60.31
N GLN C 92 -7.18 -1.52 -59.74
CA GLN C 92 -7.35 -1.34 -58.31
C GLN C 92 -6.72 -2.48 -57.55
N GLN C 94 -4.32 -4.55 -58.53
CA GLN C 94 -2.88 -4.50 -58.59
C GLN C 94 -2.37 -3.45 -57.62
N ALA C 95 -3.06 -2.32 -57.53
CA ALA C 95 -2.65 -1.27 -56.61
C ALA C 95 -2.85 -1.80 -55.19
N GLY C 96 -3.83 -2.69 -55.04
CA GLY C 96 -4.12 -3.30 -53.76
C GLY C 96 -2.90 -4.08 -53.29
N VAL C 97 -2.45 -5.02 -54.11
CA VAL C 97 -1.28 -5.80 -53.78
C VAL C 97 -0.10 -4.89 -53.47
N ASP C 98 0.12 -3.89 -54.30
CA ASP C 98 1.20 -2.94 -54.09
C ASP C 98 1.13 -2.33 -52.70
N LYS C 99 -0.09 -2.07 -52.22
CA LYS C 99 -0.25 -1.47 -50.90
C LYS C 99 -0.08 -2.47 -49.78
N LEU C 100 -0.56 -3.69 -49.97
CA LEU C 100 -0.41 -4.73 -48.96
C LEU C 100 1.05 -5.11 -48.80
N ASP C 101 1.74 -5.23 -49.94
CA ASP C 101 3.15 -5.56 -49.98
C ASP C 101 3.91 -4.51 -49.19
N SER C 102 3.44 -3.28 -49.28
CA SER C 102 4.06 -2.16 -48.62
C SER C 102 3.74 -2.08 -47.13
N PHE C 103 2.55 -2.57 -46.78
CA PHE C 103 2.10 -2.54 -45.38
C PHE C 103 2.83 -3.63 -44.64
N GLU C 104 3.03 -4.76 -45.30
CA GLU C 104 3.75 -5.88 -44.72
C GLU C 104 5.17 -5.45 -44.37
N ARG C 105 5.83 -4.76 -45.30
CA ARG C 105 7.19 -4.29 -45.04
C ARG C 105 7.22 -3.41 -43.79
N GLN C 106 6.12 -2.69 -43.55
CA GLN C 106 6.03 -1.82 -42.38
C GLN C 106 5.81 -2.66 -41.12
N LEU C 107 5.18 -3.81 -41.30
CA LEU C 107 4.92 -4.70 -40.17
C LEU C 107 6.20 -5.39 -39.78
N ASP C 108 6.88 -5.99 -40.76
CA ASP C 108 8.10 -6.70 -40.46
C ASP C 108 9.05 -5.77 -39.72
N GLU C 109 8.86 -4.47 -39.87
CA GLU C 109 9.71 -3.51 -39.18
C GLU C 109 9.17 -3.13 -37.79
N LEU C 110 7.84 -3.06 -37.65
CA LEU C 110 7.25 -2.73 -36.36
C LEU C 110 7.39 -3.95 -35.47
N ALA C 111 7.63 -5.09 -36.11
CA ALA C 111 7.78 -6.35 -35.41
C ALA C 111 8.99 -6.32 -34.50
N GLU C 112 9.86 -5.35 -34.71
CA GLU C 112 11.06 -5.27 -33.90
C GLU C 112 10.97 -4.21 -32.82
N GLN C 113 9.95 -3.37 -32.89
CA GLN C 113 9.75 -2.32 -31.89
C GLN C 113 9.16 -2.94 -30.61
N PRO C 114 9.75 -2.64 -29.44
CA PRO C 114 9.25 -3.19 -28.17
C PRO C 114 7.80 -2.85 -27.88
N PRO C 115 6.99 -3.86 -27.56
CA PRO C 115 5.57 -3.73 -27.25
C PRO C 115 5.18 -2.58 -26.33
N ASP C 116 6.02 -2.26 -25.36
CA ASP C 116 5.69 -1.18 -24.45
C ASP C 116 5.76 0.22 -25.09
N GLN C 117 6.20 0.30 -26.35
CA GLN C 117 6.30 1.60 -27.03
C GLN C 117 5.07 2.06 -27.81
N PHE C 118 4.24 1.12 -28.26
CA PHE C 118 3.05 1.50 -29.01
C PHE C 118 2.01 2.03 -28.04
N THR C 119 1.24 3.02 -28.47
CA THR C 119 0.16 3.53 -27.64
C THR C 119 -1.10 2.93 -28.26
N LEU C 120 -2.23 3.02 -27.57
CA LEU C 120 -3.44 2.47 -28.14
C LEU C 120 -3.67 3.08 -29.50
N ASP C 121 -3.46 4.39 -29.58
CA ASP C 121 -3.64 5.15 -30.82
C ASP C 121 -2.78 4.68 -31.97
N ASP C 122 -1.54 4.32 -31.68
CA ASP C 122 -0.68 3.84 -32.73
C ASP C 122 -1.30 2.64 -33.43
N VAL C 123 -1.87 1.73 -32.64
CA VAL C 123 -2.49 0.52 -33.21
C VAL C 123 -3.79 0.91 -33.89
N LYS C 124 -4.50 1.81 -33.23
CA LYS C 124 -5.77 2.32 -33.71
C LYS C 124 -5.54 2.85 -35.14
N ALA C 125 -4.42 3.53 -35.35
CA ALA C 125 -4.05 4.08 -36.66
C ALA C 125 -3.62 2.98 -37.63
N LEU C 126 -2.85 2.02 -37.14
CA LEU C 126 -2.39 0.90 -37.95
C LEU C 126 -3.57 0.09 -38.49
N HIS C 127 -4.66 0.09 -37.72
CA HIS C 127 -5.85 -0.63 -38.09
C HIS C 127 -6.60 0.12 -39.17
N SER C 128 -6.78 1.42 -38.97
CA SER C 128 -7.48 2.24 -39.94
C SER C 128 -6.76 2.18 -41.28
N LYS C 129 -5.43 2.22 -41.23
CA LYS C 129 -4.63 2.17 -42.44
C LYS C 129 -4.82 0.85 -43.20
N LEU C 130 -4.75 -0.27 -42.50
CA LEU C 130 -4.91 -1.54 -43.17
C LEU C 130 -6.34 -1.74 -43.68
N THR C 131 -7.35 -1.30 -42.92
CA THR C 131 -8.72 -1.48 -43.41
C THR C 131 -9.03 -0.52 -44.55
N SER C 132 -8.26 0.55 -44.62
CA SER C 132 -8.40 1.56 -45.65
C SER C 132 -7.93 0.93 -46.96
N VAL C 133 -6.91 0.11 -46.87
CA VAL C 133 -6.37 -0.54 -48.04
C VAL C 133 -7.30 -1.65 -48.50
N PHE C 134 -8.08 -2.18 -47.58
CA PHE C 134 -9.02 -3.24 -47.95
C PHE C 134 -10.16 -2.62 -48.77
N ALA C 135 -10.51 -1.38 -48.43
CA ALA C 135 -11.58 -0.62 -49.07
C ALA C 135 -11.22 -0.27 -50.49
N THR C 136 -9.92 -0.18 -50.74
CA THR C 136 -9.39 0.14 -52.04
C THR C 136 -9.84 -0.86 -53.11
N VAL C 137 -9.87 -2.13 -52.75
CA VAL C 137 -10.25 -3.19 -53.67
C VAL C 137 -11.68 -3.64 -53.44
N PRO C 138 -12.66 -3.01 -54.10
CA PRO C 138 -14.05 -3.41 -53.92
C PRO C 138 -14.23 -4.89 -54.19
N GLN C 139 -14.96 -5.54 -53.28
CA GLN C 139 -15.19 -6.98 -53.35
C GLN C 139 -16.15 -7.41 -54.47
N ILE C 140 -15.62 -8.10 -55.47
CA ILE C 140 -16.42 -8.62 -56.57
C ILE C 140 -16.32 -10.15 -56.52
N ASN C 141 -17.22 -10.83 -57.22
CA ASN C 141 -17.22 -12.30 -57.20
C ASN C 141 -16.99 -13.00 -58.54
N ASN C 142 -15.96 -12.57 -59.26
CA ASN C 142 -15.64 -13.19 -60.55
C ASN C 142 -14.75 -14.39 -60.28
N ILE C 143 -15.25 -15.58 -60.60
CA ILE C 143 -14.54 -16.85 -60.38
C ILE C 143 -13.02 -16.77 -60.47
N ASP C 144 -12.38 -16.61 -59.32
CA ASP C 144 -10.93 -16.54 -59.20
C ASP C 144 -10.13 -15.80 -60.26
N SER C 145 -10.26 -14.48 -60.31
CA SER C 145 -9.48 -13.71 -61.28
C SER C 145 -8.07 -13.78 -60.69
N GLN C 146 -7.25 -12.78 -60.97
CA GLN C 146 -5.92 -12.75 -60.37
C GLN C 146 -6.30 -12.31 -58.94
N TYR C 147 -7.62 -12.31 -58.71
CA TYR C 147 -8.25 -11.94 -57.45
C TYR C 147 -7.85 -12.83 -56.28
N ALA C 148 -7.55 -14.10 -56.55
CA ALA C 148 -7.14 -15.04 -55.52
C ALA C 148 -5.77 -14.66 -54.97
N ALA C 149 -4.85 -14.31 -55.87
CA ALA C 149 -3.51 -13.90 -55.49
C ALA C 149 -3.59 -12.78 -54.47
N TYR C 150 -4.59 -11.92 -54.65
CA TYR C 150 -4.81 -10.78 -53.77
C TYR C 150 -5.40 -11.22 -52.43
N ASN C 151 -6.35 -12.15 -52.45
CA ASN C 151 -6.94 -12.63 -51.21
C ASN C 151 -5.90 -13.35 -50.34
N LYS C 152 -5.08 -14.17 -50.97
CA LYS C 152 -4.03 -14.89 -50.26
C LYS C 152 -3.09 -13.88 -49.61
N LEU C 153 -2.60 -12.94 -50.41
CA LEU C 153 -1.73 -11.92 -49.85
C LEU C 153 -2.50 -11.20 -48.74
N LYS C 154 -3.79 -10.94 -48.97
CA LYS C 154 -4.61 -10.24 -47.98
C LYS C 154 -4.59 -10.97 -46.67
N SER C 155 -4.98 -12.24 -46.70
CA SER C 155 -4.97 -13.06 -45.49
C SER C 155 -3.59 -13.02 -44.81
N LYS C 156 -2.58 -13.44 -45.55
CA LYS C 156 -1.21 -13.46 -45.05
C LYS C 156 -0.84 -12.17 -44.34
N VAL C 157 -1.20 -11.03 -44.91
CA VAL C 157 -0.87 -9.78 -44.28
C VAL C 157 -1.74 -9.51 -43.04
N THR C 158 -2.97 -10.02 -43.03
CA THR C 158 -3.83 -9.81 -41.86
C THR C 158 -3.27 -10.63 -40.71
N GLY C 159 -3.04 -11.92 -40.96
CA GLY C 159 -2.49 -12.78 -39.93
C GLY C 159 -1.24 -12.20 -39.28
N LYS C 160 -0.39 -11.56 -40.07
CA LYS C 160 0.81 -10.97 -39.52
C LYS C 160 0.41 -9.78 -38.65
N TYR C 161 -0.62 -9.05 -39.06
CA TYR C 161 -1.03 -7.90 -38.29
C TYR C 161 -1.61 -8.39 -36.98
N ASN C 162 -2.39 -9.46 -37.05
CA ASN C 162 -2.98 -10.02 -35.85
C ASN C 162 -1.91 -10.46 -34.89
N ASP C 163 -0.93 -11.19 -35.42
CA ASP C 163 0.18 -11.72 -34.64
C ASP C 163 1.19 -10.66 -34.16
N VAL C 164 2.03 -10.19 -35.05
CA VAL C 164 3.04 -9.19 -34.69
C VAL C 164 2.57 -7.90 -34.00
N ILE C 165 1.29 -7.54 -34.15
CA ILE C 165 0.80 -6.31 -33.52
C ILE C 165 -0.22 -6.53 -32.42
N ILE C 166 -1.41 -7.05 -32.76
CA ILE C 166 -2.46 -7.24 -31.77
C ILE C 166 -2.12 -8.29 -30.73
N GLN C 167 -1.82 -9.50 -31.20
CA GLN C 167 -1.43 -10.62 -30.34
C GLN C 167 -0.35 -10.20 -29.34
N ARG C 168 0.79 -9.78 -29.87
CA ARG C 168 1.92 -9.35 -29.07
C ARG C 168 1.61 -8.29 -28.01
N LEU C 169 1.03 -7.17 -28.41
CA LEU C 169 0.74 -6.11 -27.43
C LEU C 169 -0.32 -6.55 -26.44
N ALA C 170 -1.33 -7.25 -26.93
CA ALA C 170 -2.41 -7.73 -26.07
C ALA C 170 -1.80 -8.47 -24.92
N THR C 171 -0.92 -9.43 -25.24
CA THR C 171 -0.24 -10.22 -24.22
C THR C 171 0.49 -9.32 -23.23
N ASN C 172 1.42 -8.54 -23.75
CA ASN C 172 2.20 -7.63 -22.93
C ASN C 172 1.36 -6.76 -22.00
N TRP C 173 0.44 -5.99 -22.56
CA TRP C 173 -0.41 -5.12 -21.75
C TRP C 173 -1.23 -5.94 -20.80
N SER C 174 -1.64 -7.11 -21.26
CA SER C 174 -2.45 -8.02 -20.46
C SER C 174 -1.76 -8.54 -19.20
N ASN C 175 -0.45 -8.80 -19.26
CA ASN C 175 0.25 -9.29 -18.07
C ASN C 175 0.45 -8.12 -17.13
N THR C 176 0.77 -6.98 -17.68
CA THR C 176 0.97 -5.83 -16.84
C THR C 176 -0.32 -5.46 -16.14
N PHE C 177 -1.44 -5.83 -16.74
CA PHE C 177 -2.73 -5.49 -16.17
C PHE C 177 -3.19 -6.47 -15.10
N ASP C 178 -2.98 -7.76 -15.33
CA ASP C 178 -3.42 -8.69 -14.31
C ASP C 178 -2.51 -8.57 -13.09
N GLN C 179 -1.32 -8.02 -13.31
CA GLN C 179 -0.37 -7.83 -12.22
C GLN C 179 -0.80 -6.65 -11.37
N LYS C 180 -1.60 -5.76 -11.95
CA LYS C 180 -2.09 -4.60 -11.22
C LYS C 180 -3.38 -5.01 -10.56
N LEU C 181 -4.00 -6.05 -11.12
CA LEU C 181 -5.24 -6.58 -10.61
C LEU C 181 -4.99 -7.45 -9.38
N LEU C 182 -3.80 -8.03 -9.31
CA LEU C 182 -3.43 -8.84 -8.15
C LEU C 182 -3.22 -7.92 -6.96
N GLU C 183 -2.45 -6.84 -7.17
CA GLU C 183 -2.19 -5.89 -6.09
C GLU C 183 -3.46 -5.28 -5.53
N ALA C 184 -4.36 -4.85 -6.40
CA ALA C 184 -5.60 -4.23 -5.96
C ALA C 184 -6.52 -5.21 -5.25
N GLN C 185 -6.27 -6.51 -5.45
CA GLN C 185 -7.10 -7.54 -4.85
C GLN C 185 -8.57 -7.15 -5.01
N TRP C 186 -8.98 -6.81 -6.22
CA TRP C 186 -10.35 -6.36 -6.41
C TRP C 186 -11.43 -7.40 -6.09
N ASP C 187 -11.15 -8.67 -6.33
CA ASP C 187 -12.14 -9.72 -6.07
C ASP C 187 -12.00 -10.28 -4.65
N THR C 188 -11.70 -9.39 -3.73
CA THR C 188 -11.48 -9.69 -2.33
C THR C 188 -12.23 -8.64 -1.53
N GLN C 189 -12.33 -8.80 -0.21
CA GLN C 189 -13.04 -7.78 0.57
C GLN C 189 -12.02 -6.71 0.97
N LYS C 190 -10.75 -6.98 0.66
CA LYS C 190 -9.66 -6.06 0.96
C LYS C 190 -9.65 -4.89 0.01
N PHE C 191 -10.28 -5.10 -1.16
CA PHE C 191 -10.35 -4.08 -2.22
C PHE C 191 -10.87 -2.72 -1.77
N ALA C 192 -10.02 -1.70 -1.90
CA ALA C 192 -10.33 -0.32 -1.52
C ALA C 192 -11.31 0.35 -2.50
N SER C 193 -12.50 -0.24 -2.64
CA SER C 193 -13.54 0.23 -3.56
C SER C 193 -13.90 1.72 -3.53
N THR C 194 -13.62 2.39 -2.42
CA THR C 194 -13.96 3.80 -2.34
C THR C 194 -12.78 4.69 -2.68
N SER C 195 -11.68 4.08 -3.11
CA SER C 195 -10.51 4.86 -3.46
C SER C 195 -10.92 5.74 -4.65
N VAL C 196 -11.97 5.31 -5.35
CA VAL C 196 -12.55 5.99 -6.53
C VAL C 196 -11.53 6.25 -7.64
N GLY C 197 -10.35 6.73 -7.25
CA GLY C 197 -9.28 6.98 -8.21
C GLY C 197 -8.76 5.63 -8.65
N LEU C 198 -8.74 4.67 -7.72
CA LEU C 198 -8.27 3.32 -8.01
C LEU C 198 -9.24 2.62 -8.95
N VAL C 199 -10.52 2.73 -8.66
CA VAL C 199 -11.48 2.09 -9.53
C VAL C 199 -11.28 2.61 -10.94
N LYS C 200 -11.37 3.92 -11.15
CA LYS C 200 -11.21 4.49 -12.49
C LYS C 200 -9.91 4.12 -13.20
N CYS C 201 -8.85 3.94 -12.43
CA CYS C 201 -7.58 3.56 -13.01
C CYS C 201 -7.73 2.18 -13.63
N LEU C 202 -8.30 1.26 -12.85
CA LEU C 202 -8.53 -0.13 -13.29
C LEU C 202 -9.50 -0.23 -14.45
N ARG C 203 -10.53 0.60 -14.46
CA ARG C 203 -11.53 0.59 -15.52
C ARG C 203 -10.88 0.98 -16.83
N GLU C 204 -10.13 2.07 -16.81
CA GLU C 204 -9.44 2.55 -18.01
C GLU C 204 -8.55 1.48 -18.63
N ASN C 205 -7.81 0.79 -17.77
CA ASN C 205 -6.92 -0.27 -18.23
C ASN C 205 -7.68 -1.41 -18.86
N SER C 206 -8.88 -1.67 -18.36
CA SER C 206 -9.71 -2.72 -18.91
C SER C 206 -10.09 -2.26 -20.29
N THR C 207 -10.81 -1.13 -20.36
CA THR C 207 -11.27 -0.57 -21.62
C THR C 207 -10.17 -0.53 -22.66
N LYS C 208 -9.04 0.10 -22.31
CA LYS C 208 -7.92 0.19 -23.24
C LYS C 208 -7.62 -1.18 -23.85
N LEU C 209 -7.49 -2.20 -23.01
CA LEU C 209 -7.19 -3.53 -23.47
C LEU C 209 -8.36 -4.12 -24.29
N TYR C 210 -9.59 -3.82 -23.87
CA TYR C 210 -10.78 -4.32 -24.56
C TYR C 210 -10.82 -3.81 -26.01
N GLN C 211 -10.40 -2.56 -26.20
CA GLN C 211 -10.38 -1.94 -27.52
C GLN C 211 -9.24 -2.49 -28.37
N LEU C 212 -8.06 -2.64 -27.77
CA LEU C 212 -6.95 -3.21 -28.51
C LEU C 212 -7.43 -4.55 -29.03
N SER C 213 -8.21 -5.25 -28.20
CA SER C 213 -8.71 -6.57 -28.56
C SER C 213 -9.57 -6.55 -29.79
N LEU C 214 -10.46 -5.57 -29.86
CA LEU C 214 -11.36 -5.43 -30.99
C LEU C 214 -10.68 -4.94 -32.27
N LEU C 215 -9.41 -4.58 -32.20
CA LEU C 215 -8.66 -4.11 -33.38
C LEU C 215 -8.17 -5.30 -34.19
N TYR C 216 -8.53 -6.47 -33.71
CA TYR C 216 -8.18 -7.71 -34.38
C TYR C 216 -9.01 -7.76 -35.66
N LEU C 217 -8.43 -8.24 -36.76
CA LEU C 217 -9.19 -8.32 -38.01
C LEU C 217 -9.39 -9.77 -38.31
N PRO C 218 -10.64 -10.19 -38.47
CA PRO C 218 -10.90 -11.59 -38.78
C PRO C 218 -10.52 -11.91 -40.21
N LEU C 219 -9.93 -13.09 -40.42
CA LEU C 219 -9.55 -13.51 -41.75
C LEU C 219 -10.81 -14.03 -42.41
N GLU C 220 -11.08 -13.58 -43.63
CA GLU C 220 -12.27 -14.02 -44.34
C GLU C 220 -12.17 -15.51 -44.70
N GLU C 221 -12.91 -16.32 -43.93
CA GLU C 221 -12.95 -17.78 -44.05
C GLU C 221 -11.87 -18.48 -43.23
N GLU C 240 -15.69 -14.52 -31.23
CA GLU C 240 -14.47 -14.96 -31.98
C GLU C 240 -13.15 -14.38 -31.45
N PRO C 241 -12.98 -13.03 -31.51
CA PRO C 241 -11.74 -12.41 -31.03
C PRO C 241 -11.46 -12.66 -29.54
N VAL C 242 -10.21 -12.90 -29.20
CA VAL C 242 -9.87 -13.09 -27.80
C VAL C 242 -10.01 -11.72 -27.14
N LEU C 243 -10.71 -11.70 -26.00
CA LEU C 243 -10.90 -10.47 -25.25
C LEU C 243 -9.94 -10.43 -24.07
N TRP C 244 -8.78 -9.83 -24.32
CA TRP C 244 -7.70 -9.74 -23.36
C TRP C 244 -8.03 -9.10 -22.03
N ASN C 245 -8.82 -8.04 -22.04
CA ASN C 245 -9.14 -7.41 -20.76
C ASN C 245 -9.79 -8.46 -19.89
N PHE C 246 -10.62 -9.30 -20.47
CA PHE C 246 -11.29 -10.32 -19.70
C PHE C 246 -10.37 -11.46 -19.33
N LYS C 247 -9.34 -11.69 -20.14
CA LYS C 247 -8.40 -12.73 -19.82
C LYS C 247 -7.76 -12.32 -18.50
N SER C 248 -7.54 -11.01 -18.33
CA SER C 248 -6.93 -10.46 -17.12
C SER C 248 -7.89 -10.46 -15.94
N LEU C 249 -9.09 -9.91 -16.15
CA LEU C 249 -10.08 -9.83 -15.09
C LEU C 249 -10.27 -11.18 -14.44
N ALA C 250 -10.21 -12.23 -15.25
CA ALA C 250 -10.36 -13.58 -14.72
C ALA C 250 -9.05 -14.16 -14.17
N ASN C 251 -7.99 -13.37 -14.17
CA ASN C 251 -6.73 -13.92 -13.69
C ASN C 251 -6.63 -14.13 -12.18
N ASN C 252 -7.19 -13.22 -11.40
CA ASN C 252 -7.14 -13.42 -9.97
C ASN C 252 -7.80 -14.75 -9.69
N PHE C 253 -8.93 -15.00 -10.34
CA PHE C 253 -9.58 -16.28 -10.11
C PHE C 253 -8.66 -17.42 -10.58
N ASN C 254 -8.10 -17.29 -11.75
CA ASN C 254 -7.21 -18.31 -12.30
C ASN C 254 -6.03 -18.61 -11.35
N VAL C 255 -5.49 -17.58 -10.71
CA VAL C 255 -4.39 -17.78 -9.81
C VAL C 255 -4.86 -18.59 -8.61
N ARG C 256 -5.93 -18.11 -7.99
CA ARG C 256 -6.53 -18.77 -6.83
C ARG C 256 -6.92 -20.20 -7.16
N PHE C 257 -7.67 -20.38 -8.24
CA PHE C 257 -8.13 -21.69 -8.62
C PHE C 257 -7.00 -22.66 -8.88
N THR C 258 -5.97 -22.20 -9.56
CA THR C 258 -4.85 -23.06 -9.88
C THR C 258 -4.07 -23.52 -8.65
N TYR C 259 -3.75 -22.60 -7.76
CA TYR C 259 -3.01 -22.97 -6.57
C TYR C 259 -3.76 -23.98 -5.71
N HIS C 260 -5.00 -23.65 -5.41
CA HIS C 260 -5.83 -24.48 -4.55
C HIS C 260 -6.13 -25.87 -5.08
N PHE C 261 -6.09 -26.03 -6.40
CA PHE C 261 -6.37 -27.32 -7.02
C PHE C 261 -5.18 -27.89 -7.75
N HIS C 262 -3.98 -27.55 -7.30
CA HIS C 262 -2.78 -28.02 -7.96
C HIS C 262 -2.76 -29.53 -8.03
N ALA C 263 -3.19 -30.18 -6.95
CA ALA C 263 -3.23 -31.63 -6.93
C ALA C 263 -3.91 -32.15 -8.20
N THR C 264 -3.78 -33.44 -8.45
CA THR C 264 -4.36 -34.07 -9.63
C THR C 264 -5.86 -33.75 -9.79
N SER C 265 -6.43 -34.22 -10.89
CA SER C 265 -7.85 -34.04 -11.16
C SER C 265 -8.49 -35.35 -10.71
N SER C 266 -9.28 -35.28 -9.63
CA SER C 266 -9.94 -36.46 -9.08
C SER C 266 -11.44 -36.53 -9.28
N SER C 267 -11.92 -37.77 -9.48
CA SER C 267 -13.32 -38.08 -9.71
C SER C 267 -14.29 -37.28 -8.82
N SER C 268 -14.02 -37.27 -7.51
CA SER C 268 -14.87 -36.56 -6.56
C SER C 268 -14.46 -35.12 -6.34
N LYS C 269 -13.26 -34.76 -6.79
CA LYS C 269 -12.77 -33.41 -6.61
C LYS C 269 -13.32 -32.41 -7.61
N ILE C 270 -13.73 -32.90 -8.79
CA ILE C 270 -14.27 -32.04 -9.84
C ILE C 270 -15.51 -31.27 -9.39
N GLU C 271 -16.24 -31.84 -8.44
CA GLU C 271 -17.43 -31.18 -7.93
C GLU C 271 -17.04 -29.96 -7.08
N THR C 272 -15.83 -29.98 -6.53
CA THR C 272 -15.32 -28.90 -5.70
C THR C 272 -14.95 -27.68 -6.53
N TYR C 273 -14.51 -27.92 -7.77
CA TYR C 273 -14.15 -26.85 -8.67
C TYR C 273 -15.42 -26.04 -8.84
N PHE C 274 -16.48 -26.77 -9.15
CA PHE C 274 -17.77 -26.18 -9.38
C PHE C 274 -18.29 -25.39 -8.19
N GLN C 275 -17.98 -25.86 -6.99
CA GLN C 275 -18.43 -25.17 -5.80
C GLN C 275 -17.71 -23.83 -5.66
N PHE C 276 -16.40 -23.83 -5.80
CA PHE C 276 -15.64 -22.59 -5.70
C PHE C 276 -16.14 -21.62 -6.74
N LEU C 277 -16.31 -22.11 -7.96
CA LEU C 277 -16.77 -21.29 -9.07
C LEU C 277 -18.06 -20.60 -8.68
N ASN C 278 -19.04 -21.41 -8.32
CA ASN C 278 -20.34 -20.91 -7.96
C ASN C 278 -20.28 -19.85 -6.88
N ASP C 279 -19.48 -20.08 -5.85
CA ASP C 279 -19.39 -19.11 -4.77
C ASP C 279 -18.66 -17.88 -5.25
N TYR C 280 -17.55 -18.08 -5.94
CA TYR C 280 -16.73 -16.99 -6.45
C TYR C 280 -17.53 -16.05 -7.35
N LEU C 281 -18.36 -16.61 -8.20
CA LEU C 281 -19.18 -15.78 -9.09
C LEU C 281 -20.26 -15.05 -8.29
N ALA C 282 -20.85 -15.76 -7.33
CA ALA C 282 -21.89 -15.19 -6.50
C ALA C 282 -21.37 -13.94 -5.82
N GLU C 283 -20.12 -13.99 -5.39
CA GLU C 283 -19.54 -12.88 -4.68
C GLU C 283 -18.89 -11.80 -5.50
N ASN C 284 -18.49 -12.12 -6.72
CA ASN C 284 -17.81 -11.13 -7.54
C ASN C 284 -18.39 -10.75 -8.87
N LEU C 285 -19.26 -11.58 -9.42
CA LEU C 285 -19.83 -11.27 -10.72
C LEU C 285 -20.27 -9.82 -10.88
N TYR C 286 -21.14 -9.33 -10.01
CA TYR C 286 -21.60 -7.95 -10.14
C TYR C 286 -20.63 -6.91 -9.61
N LYS C 287 -19.67 -7.37 -8.81
CA LYS C 287 -18.67 -6.46 -8.28
C LYS C 287 -17.83 -6.08 -9.49
N CYS C 288 -17.59 -7.07 -10.35
CA CYS C 288 -16.84 -6.89 -11.58
C CYS C 288 -17.62 -5.90 -12.47
N ILE C 289 -18.87 -6.24 -12.72
CA ILE C 289 -19.76 -5.41 -13.53
C ILE C 289 -19.76 -3.96 -13.06
N ASN C 290 -19.83 -3.76 -11.75
CA ASN C 290 -19.85 -2.39 -11.24
C ASN C 290 -18.53 -1.66 -11.39
N ILE C 291 -17.43 -2.36 -11.17
CA ILE C 291 -16.12 -1.73 -11.29
C ILE C 291 -15.76 -1.41 -12.73
N PHE C 292 -15.78 -2.40 -13.59
CA PHE C 292 -15.36 -2.19 -14.95
C PHE C 292 -16.34 -1.85 -16.03
N HIS C 293 -17.62 -1.67 -15.74
CA HIS C 293 -18.51 -1.35 -16.84
C HIS C 293 -18.21 0.04 -17.36
N ASP C 294 -18.20 0.18 -18.69
CA ASP C 294 -17.91 1.44 -19.35
C ASP C 294 -18.77 1.53 -20.62
N ASP C 295 -20.08 1.74 -20.41
CA ASP C 295 -21.08 1.84 -21.47
C ASP C 295 -20.71 2.54 -22.76
N CYS C 296 -20.24 3.78 -22.67
CA CYS C 296 -19.86 4.54 -23.85
C CYS C 296 -18.60 3.97 -24.50
N ASN C 297 -18.41 2.66 -24.39
CA ASN C 297 -17.25 2.04 -24.97
C ASN C 297 -17.51 0.61 -25.36
N GLY C 298 -18.74 0.17 -25.16
CA GLY C 298 -19.08 -1.19 -25.52
C GLY C 298 -19.15 -2.11 -24.32
N LEU C 299 -18.39 -1.76 -23.28
CA LEU C 299 -18.37 -2.56 -22.06
C LEU C 299 -19.62 -2.36 -21.22
N THR C 300 -20.76 -2.68 -21.81
CA THR C 300 -22.02 -2.56 -21.11
C THR C 300 -22.14 -3.67 -20.08
N LYS C 301 -22.96 -3.43 -19.05
CA LYS C 301 -23.16 -4.42 -18.01
C LYS C 301 -23.35 -5.85 -18.55
N PRO C 302 -24.20 -6.04 -19.58
CA PRO C 302 -24.43 -7.37 -20.13
C PRO C 302 -23.15 -8.00 -20.67
N VAL C 303 -22.36 -7.18 -21.34
CA VAL C 303 -21.11 -7.65 -21.91
C VAL C 303 -20.15 -8.13 -20.82
N ILE C 304 -19.97 -7.34 -19.75
CA ILE C 304 -19.08 -7.75 -18.66
C ILE C 304 -19.62 -9.04 -18.07
N HIS C 305 -20.90 -9.04 -17.75
CA HIS C 305 -21.55 -10.20 -17.17
C HIS C 305 -21.26 -11.47 -17.95
N GLU C 306 -21.54 -11.43 -19.25
CA GLU C 306 -21.37 -12.57 -20.10
C GLU C 306 -19.92 -12.99 -20.30
N GLN C 307 -19.08 -12.05 -20.71
CA GLN C 307 -17.69 -12.35 -20.95
C GLN C 307 -16.92 -12.72 -19.70
N PHE C 308 -17.21 -12.06 -18.59
CA PHE C 308 -16.52 -12.39 -17.34
C PHE C 308 -16.74 -13.87 -16.94
N ILE C 309 -17.97 -14.36 -17.03
CA ILE C 309 -18.23 -15.75 -16.68
C ILE C 309 -17.57 -16.69 -17.68
N ASN C 310 -17.50 -16.28 -18.95
CA ASN C 310 -16.89 -17.13 -19.97
C ASN C 310 -15.37 -17.29 -19.77
N TYR C 311 -14.70 -16.21 -19.37
CA TYR C 311 -13.26 -16.26 -19.15
C TYR C 311 -12.87 -16.84 -17.80
N VAL C 312 -13.76 -16.72 -16.81
CA VAL C 312 -13.49 -17.24 -15.47
C VAL C 312 -13.68 -18.75 -15.53
N LEU C 313 -14.27 -19.22 -16.63
CA LEU C 313 -14.48 -20.65 -16.78
C LEU C 313 -13.33 -21.39 -17.44
N GLN C 314 -12.42 -20.69 -18.12
CA GLN C 314 -11.32 -21.38 -18.80
C GLN C 314 -10.39 -22.18 -17.91
N PRO C 315 -9.89 -21.57 -16.83
CA PRO C 315 -9.01 -22.38 -15.99
C PRO C 315 -9.68 -23.71 -15.62
N ILE C 316 -11.00 -23.68 -15.46
CA ILE C 316 -11.76 -24.87 -15.13
C ILE C 316 -11.94 -25.81 -16.31
N ARG C 317 -12.06 -25.25 -17.51
CA ARG C 317 -12.23 -26.08 -18.69
C ARG C 317 -10.93 -26.86 -18.91
N ASP C 318 -9.81 -26.16 -18.83
CA ASP C 318 -8.50 -26.77 -19.01
C ASP C 318 -8.29 -27.88 -17.99
N LYS C 319 -8.43 -27.53 -16.72
CA LYS C 319 -8.25 -28.47 -15.64
C LYS C 319 -8.96 -29.78 -15.92
N VAL C 320 -10.26 -29.70 -16.13
CA VAL C 320 -11.03 -30.91 -16.39
C VAL C 320 -10.68 -31.61 -17.71
N ARG C 321 -10.42 -30.84 -18.75
CA ARG C 321 -10.12 -31.44 -20.04
C ARG C 321 -8.86 -32.27 -20.06
N SER C 322 -7.87 -31.91 -19.25
CA SER C 322 -6.61 -32.62 -19.24
C SER C 322 -6.66 -34.01 -18.61
N THR C 323 -7.85 -34.50 -18.33
CA THR C 323 -7.94 -35.78 -17.67
C THR C 323 -9.19 -36.53 -18.06
N LEU C 324 -10.25 -35.77 -18.23
CA LEU C 324 -11.55 -36.32 -18.57
C LEU C 324 -11.46 -37.57 -19.44
N PHE C 325 -10.75 -37.47 -20.55
CA PHE C 325 -10.61 -38.60 -21.48
C PHE C 325 -10.11 -39.87 -20.81
N GLN C 326 -9.09 -39.73 -19.96
CA GLN C 326 -8.48 -40.87 -19.31
C GLN C 326 -9.19 -41.41 -18.07
N ASN C 327 -10.52 -41.44 -18.10
CA ASN C 327 -11.28 -41.99 -16.98
C ASN C 327 -12.06 -43.17 -17.56
N ASP C 328 -12.48 -44.09 -16.71
CA ASP C 328 -13.24 -45.25 -17.15
C ASP C 328 -14.66 -44.78 -17.42
N LEU C 329 -15.30 -45.41 -18.39
CA LEU C 329 -16.63 -45.03 -18.77
C LEU C 329 -17.63 -44.91 -17.62
N LYS C 330 -17.49 -45.74 -16.59
CA LYS C 330 -18.42 -45.67 -15.46
C LYS C 330 -18.25 -44.35 -14.71
N THR C 331 -17.04 -43.79 -14.77
CA THR C 331 -16.71 -42.53 -14.13
C THR C 331 -16.92 -41.38 -15.10
N LEU C 332 -16.54 -41.58 -16.36
CA LEU C 332 -16.75 -40.52 -17.34
C LEU C 332 -18.22 -40.13 -17.27
N ILE C 333 -19.10 -41.13 -17.39
CA ILE C 333 -20.53 -40.88 -17.33
C ILE C 333 -20.95 -39.99 -16.15
N VAL C 334 -20.34 -40.19 -14.99
CA VAL C 334 -20.66 -39.39 -13.81
C VAL C 334 -20.09 -37.96 -13.86
N LEU C 335 -18.91 -37.80 -14.43
CA LEU C 335 -18.30 -36.48 -14.52
C LEU C 335 -19.02 -35.63 -15.56
N ILE C 336 -19.46 -36.28 -16.64
CA ILE C 336 -20.16 -35.58 -17.70
C ILE C 336 -21.44 -34.97 -17.16
N SER C 337 -22.14 -35.73 -16.34
CA SER C 337 -23.38 -35.24 -15.78
C SER C 337 -23.09 -34.02 -14.88
N GLN C 338 -22.09 -34.14 -14.02
CA GLN C 338 -21.76 -33.03 -13.15
C GLN C 338 -21.45 -31.81 -14.01
N ILE C 339 -20.67 -32.01 -15.06
CA ILE C 339 -20.31 -30.92 -15.93
C ILE C 339 -21.57 -30.25 -16.50
N LEU C 340 -22.55 -31.06 -16.89
CA LEU C 340 -23.77 -30.48 -17.44
C LEU C 340 -24.57 -29.74 -16.36
N ALA C 341 -24.56 -30.27 -15.15
CA ALA C 341 -25.28 -29.66 -14.03
C ALA C 341 -24.81 -28.23 -13.80
N THR C 342 -23.52 -28.10 -13.50
CA THR C 342 -22.93 -26.81 -13.25
C THR C 342 -23.38 -25.88 -14.35
N ASP C 343 -23.27 -26.34 -15.59
CA ASP C 343 -23.67 -25.51 -16.70
C ASP C 343 -25.11 -25.12 -16.60
N LYS C 344 -25.94 -26.09 -16.23
CA LYS C 344 -27.37 -25.84 -16.07
C LYS C 344 -27.54 -24.74 -15.02
N ASN C 345 -26.79 -24.83 -13.93
CA ASN C 345 -26.90 -23.83 -12.89
C ASN C 345 -26.47 -22.41 -13.33
N LEU C 346 -25.41 -22.30 -14.13
CA LEU C 346 -24.95 -20.99 -14.61
C LEU C 346 -26.10 -20.33 -15.38
N LEU C 347 -26.91 -21.16 -16.02
CA LEU C 347 -28.06 -20.70 -16.79
C LEU C 347 -29.22 -20.28 -15.89
N ASN C 348 -29.59 -21.11 -14.93
CA ASN C 348 -30.70 -20.76 -14.07
C ASN C 348 -30.39 -19.77 -12.95
N SER C 349 -29.20 -19.83 -12.36
CA SER C 349 -28.86 -18.90 -11.30
C SER C 349 -28.26 -17.61 -11.83
N PHE C 350 -27.11 -17.69 -12.48
CA PHE C 350 -26.48 -16.49 -13.00
C PHE C 350 -27.02 -15.96 -14.30
N HIS C 351 -28.01 -16.65 -14.85
CA HIS C 351 -28.59 -16.22 -16.10
C HIS C 351 -27.53 -16.04 -17.18
N TYR C 352 -26.57 -16.96 -17.20
CA TYR C 352 -25.50 -16.97 -18.16
C TYR C 352 -25.99 -17.69 -19.39
N HIS C 353 -25.67 -17.14 -20.56
CA HIS C 353 -26.11 -17.71 -21.81
C HIS C 353 -24.97 -18.01 -22.79
N GLY C 354 -23.74 -17.68 -22.41
CA GLY C 354 -22.63 -17.96 -23.29
C GLY C 354 -22.33 -19.45 -23.35
N LEU C 355 -21.12 -19.76 -23.80
CA LEU C 355 -20.68 -21.14 -23.92
C LEU C 355 -20.32 -21.65 -22.53
N GLY C 356 -21.07 -22.63 -22.06
CA GLY C 356 -20.80 -23.14 -20.73
C GLY C 356 -19.56 -24.02 -20.62
N LEU C 357 -19.53 -24.85 -19.59
CA LEU C 357 -18.44 -25.76 -19.36
C LEU C 357 -18.47 -26.89 -20.38
N VAL C 358 -19.62 -27.12 -21.00
CA VAL C 358 -19.74 -28.23 -21.94
C VAL C 358 -18.72 -28.22 -23.06
N SER C 359 -18.18 -27.05 -23.37
CA SER C 359 -17.21 -26.95 -24.43
C SER C 359 -15.91 -27.66 -24.07
N LEU C 360 -15.72 -28.00 -22.80
CA LEU C 360 -14.51 -28.70 -22.39
C LEU C 360 -14.53 -30.14 -22.83
N ILE C 361 -15.70 -30.75 -22.92
CA ILE C 361 -15.78 -32.15 -23.35
C ILE C 361 -15.46 -32.23 -24.84
N SER C 362 -14.43 -33.01 -25.17
CA SER C 362 -13.96 -33.17 -26.55
C SER C 362 -14.66 -34.24 -27.36
N ASP C 363 -14.61 -34.09 -28.68
CA ASP C 363 -15.20 -35.04 -29.61
C ASP C 363 -14.76 -36.46 -29.29
N GLU C 364 -13.50 -36.62 -28.91
CA GLU C 364 -12.99 -37.93 -28.56
C GLU C 364 -13.75 -38.50 -27.37
N VAL C 365 -13.96 -37.68 -26.34
CA VAL C 365 -14.68 -38.16 -25.17
C VAL C 365 -16.14 -38.36 -25.52
N TRP C 366 -16.69 -37.47 -26.33
CA TRP C 366 -18.08 -37.62 -26.74
C TRP C 366 -18.20 -38.93 -27.53
N GLU C 367 -17.19 -39.24 -28.33
CA GLU C 367 -17.14 -40.46 -29.14
C GLU C 367 -17.18 -41.71 -28.29
N LYS C 368 -16.27 -41.83 -27.32
CA LYS C 368 -16.24 -43.02 -26.49
C LYS C 368 -17.42 -43.12 -25.54
N TRP C 369 -18.14 -42.02 -25.38
CA TRP C 369 -19.31 -41.98 -24.52
C TRP C 369 -20.49 -42.64 -25.22
N ILE C 370 -20.79 -42.20 -26.43
CA ILE C 370 -21.89 -42.76 -27.19
C ILE C 370 -21.64 -44.23 -27.39
N ASN C 371 -20.37 -44.56 -27.66
CA ASN C 371 -19.99 -45.94 -27.86
C ASN C 371 -20.40 -46.77 -26.64
N TYR C 372 -19.96 -46.32 -25.47
CA TYR C 372 -20.29 -47.01 -24.23
C TYR C 372 -21.78 -47.17 -24.05
N GLU C 373 -22.52 -46.09 -24.21
CA GLU C 373 -23.97 -46.16 -24.04
C GLU C 373 -24.62 -47.09 -25.05
N VAL C 374 -24.12 -47.16 -26.28
CA VAL C 374 -24.70 -48.07 -27.26
C VAL C 374 -24.45 -49.51 -26.83
N GLU C 375 -23.26 -49.79 -26.32
CA GLU C 375 -22.98 -51.14 -25.90
C GLU C 375 -23.81 -51.50 -24.70
N ALA C 377 -26.73 -50.42 -23.85
CA ALA C 377 -28.12 -50.62 -24.22
C ALA C 377 -28.28 -51.98 -24.85
N ASN C 378 -27.30 -52.37 -25.65
CA ASN C 378 -27.32 -53.67 -26.31
C ASN C 378 -27.25 -54.77 -25.26
N ARG C 379 -26.57 -54.51 -24.16
CA ARG C 379 -26.48 -55.52 -23.12
C ARG C 379 -27.85 -55.66 -22.49
N GLN C 380 -28.37 -54.55 -21.95
CA GLN C 380 -29.67 -54.56 -21.30
C GLN C 380 -30.71 -55.18 -22.19
N PHE C 381 -30.64 -54.90 -23.48
CA PHE C 381 -31.60 -55.46 -24.42
C PHE C 381 -31.49 -56.96 -24.45
N ILE C 382 -30.27 -57.46 -24.40
CA ILE C 382 -30.07 -58.90 -24.40
C ILE C 382 -30.65 -59.50 -23.11
N ASN C 383 -30.28 -58.96 -21.96
CA ASN C 383 -30.78 -59.44 -20.67
C ASN C 383 -32.29 -59.63 -20.59
N ILE C 384 -33.07 -58.68 -21.13
CA ILE C 384 -34.53 -58.82 -21.08
C ILE C 384 -35.05 -59.62 -22.26
N THR C 385 -34.14 -60.13 -23.07
CA THR C 385 -34.54 -60.87 -24.26
C THR C 385 -33.84 -62.20 -24.52
N LYS C 386 -32.81 -62.50 -23.74
CA LYS C 386 -32.02 -63.73 -23.91
C LYS C 386 -32.67 -65.06 -23.58
N ASN C 387 -33.69 -65.09 -22.73
CA ASN C 387 -34.32 -66.37 -22.40
C ASN C 387 -35.80 -66.43 -22.76
N PRO C 388 -36.33 -67.64 -22.98
CA PRO C 388 -37.74 -67.84 -23.33
C PRO C 388 -38.68 -67.45 -22.19
N GLU C 389 -38.14 -67.38 -20.98
CA GLU C 389 -38.94 -66.98 -19.83
C GLU C 389 -39.30 -65.49 -19.95
N ASP C 390 -38.34 -64.69 -20.41
CA ASP C 390 -38.53 -63.25 -20.58
C ASP C 390 -39.54 -62.83 -21.67
N PHE C 391 -39.96 -63.78 -22.49
CA PHE C 391 -40.89 -63.48 -23.58
C PHE C 391 -42.20 -62.79 -23.18
N PRO C 392 -43.00 -63.42 -22.29
CA PRO C 392 -44.28 -62.86 -21.84
C PRO C 392 -44.31 -61.39 -21.42
N LYS C 393 -43.18 -60.84 -21.01
CA LYS C 393 -43.15 -59.43 -20.62
C LYS C 393 -42.01 -58.67 -21.30
N SER C 394 -41.66 -59.13 -22.50
CA SER C 394 -40.61 -58.53 -23.27
C SER C 394 -40.98 -57.12 -23.71
N SER C 395 -42.19 -56.93 -24.23
CA SER C 395 -42.60 -55.60 -24.67
C SER C 395 -42.72 -54.70 -23.46
N GLN C 396 -43.22 -55.26 -22.38
CA GLN C 396 -43.39 -54.50 -21.15
C GLN C 396 -41.99 -54.05 -20.71
N ASN C 397 -41.03 -54.96 -20.74
CA ASN C 397 -39.65 -54.64 -20.35
C ASN C 397 -38.86 -53.81 -21.35
N PHE C 398 -39.12 -54.04 -22.63
CA PHE C 398 -38.44 -53.29 -23.67
C PHE C 398 -38.76 -51.82 -23.51
N VAL C 399 -40.05 -51.49 -23.47
CA VAL C 399 -40.49 -50.12 -23.30
C VAL C 399 -39.91 -49.48 -22.03
N LYS C 400 -39.74 -50.24 -20.96
CA LYS C 400 -39.15 -49.63 -19.78
C LYS C 400 -37.70 -49.28 -20.11
N LEU C 401 -37.00 -50.18 -20.81
CA LEU C 401 -35.61 -49.94 -21.17
C LEU C 401 -35.50 -48.68 -22.01
N ILE C 402 -36.42 -48.55 -22.97
CA ILE C 402 -36.41 -47.36 -23.80
C ILE C 402 -36.67 -46.14 -22.93
N ASN C 403 -37.71 -46.16 -22.10
CA ASN C 403 -37.96 -45.01 -21.25
C ASN C 403 -36.75 -44.76 -20.36
N LYS C 404 -36.19 -45.81 -19.79
CA LYS C 404 -35.04 -45.68 -18.91
C LYS C 404 -33.93 -44.91 -19.63
N ILE C 405 -33.54 -45.38 -20.81
CA ILE C 405 -32.50 -44.70 -21.55
C ILE C 405 -32.85 -43.25 -21.86
N TYR C 406 -34.05 -43.02 -22.36
CA TYR C 406 -34.52 -41.69 -22.71
C TYR C 406 -34.47 -40.73 -21.52
N ASP C 407 -34.90 -41.19 -20.35
CA ASP C 407 -34.89 -40.36 -19.14
C ASP C 407 -33.46 -39.93 -18.87
N TYR C 408 -32.54 -40.87 -19.02
CA TYR C 408 -31.12 -40.64 -18.81
C TYR C 408 -30.61 -39.53 -19.72
N LEU C 409 -30.84 -39.66 -21.02
CA LEU C 409 -30.36 -38.67 -21.97
C LEU C 409 -31.03 -37.31 -21.90
N GLU C 410 -32.09 -37.19 -21.12
CA GLU C 410 -32.82 -35.92 -21.00
C GLU C 410 -31.92 -34.68 -20.84
N PRO C 411 -31.13 -34.61 -19.75
CA PRO C 411 -30.26 -33.46 -19.55
C PRO C 411 -29.24 -33.25 -20.66
N PHE C 412 -29.14 -34.22 -21.57
CA PHE C 412 -28.22 -34.14 -22.70
C PHE C 412 -28.98 -33.56 -23.89
N TYR C 413 -30.25 -33.93 -24.01
CA TYR C 413 -31.12 -33.43 -25.08
C TYR C 413 -31.57 -31.99 -24.80
N ASP C 414 -31.59 -31.62 -23.52
CA ASP C 414 -31.96 -30.28 -23.11
C ASP C 414 -31.01 -29.28 -23.74
N LEU C 415 -29.71 -29.56 -23.67
CA LEU C 415 -28.68 -28.70 -24.24
C LEU C 415 -28.94 -28.29 -25.69
N ASP C 416 -28.66 -27.04 -26.01
CA ASP C 416 -28.86 -26.58 -27.37
C ASP C 416 -27.55 -26.47 -28.14
N PHE C 417 -26.44 -26.41 -27.42
CA PHE C 417 -25.08 -26.35 -27.99
C PHE C 417 -25.08 -27.22 -29.26
N ASP C 418 -25.38 -26.60 -30.41
CA ASP C 418 -25.51 -27.30 -31.69
C ASP C 418 -24.29 -28.05 -32.23
N LEU C 419 -23.14 -27.86 -31.60
CA LEU C 419 -21.96 -28.54 -32.06
C LEU C 419 -22.03 -30.00 -31.64
N LEU C 420 -22.98 -30.33 -30.78
CA LEU C 420 -23.09 -31.71 -30.32
C LEU C 420 -24.35 -32.42 -30.82
N VAL C 421 -24.98 -31.82 -31.82
CA VAL C 421 -26.18 -32.37 -32.43
C VAL C 421 -25.79 -33.63 -33.17
N ARG C 422 -24.55 -33.70 -33.59
CA ARG C 422 -24.04 -34.85 -34.31
C ARG C 422 -24.23 -36.10 -33.48
N TYR C 423 -23.94 -35.99 -32.19
CA TYR C 423 -24.04 -37.11 -31.26
C TYR C 423 -25.47 -37.38 -30.84
N LYS C 424 -26.32 -36.39 -30.97
CA LYS C 424 -27.71 -36.59 -30.63
C LYS C 424 -28.25 -37.49 -31.71
N LEU C 425 -27.91 -37.17 -32.96
CA LEU C 425 -28.37 -37.97 -34.09
C LEU C 425 -27.83 -39.39 -34.00
N THR C 427 -27.00 -41.08 -31.04
CA THR C 427 -27.75 -41.69 -29.96
C THR C 427 -29.11 -42.14 -30.52
N CYS C 428 -29.67 -41.35 -31.41
CA CYS C 428 -30.94 -41.65 -32.05
C CYS C 428 -30.84 -42.92 -32.89
N SER C 429 -29.94 -42.93 -33.87
CA SER C 429 -29.73 -44.08 -34.76
C SER C 429 -29.15 -45.35 -34.11
N LEU C 430 -28.04 -45.20 -33.42
CA LEU C 430 -27.40 -46.34 -32.81
C LEU C 430 -28.00 -46.86 -31.53
N ILE C 431 -29.11 -46.27 -31.08
CA ILE C 431 -29.73 -46.77 -29.86
C ILE C 431 -31.23 -46.96 -29.99
N PHE C 432 -32.00 -45.87 -30.05
CA PHE C 432 -33.44 -46.02 -30.19
C PHE C 432 -33.77 -46.69 -31.51
N ASN C 434 -31.88 -48.53 -33.48
CA ASN C 434 -31.41 -49.89 -33.39
C ASN C 434 -32.25 -50.79 -32.49
N LEU C 435 -32.28 -50.52 -31.19
CA LEU C 435 -33.05 -51.33 -30.23
C LEU C 435 -34.45 -51.56 -30.75
N THR C 436 -35.06 -50.51 -31.27
CA THR C 436 -36.39 -50.65 -31.78
C THR C 436 -36.51 -51.78 -32.79
N SER C 437 -35.70 -51.73 -33.85
CA SER C 437 -35.80 -52.78 -34.86
C SER C 437 -35.13 -54.07 -34.44
N SER C 438 -34.11 -54.01 -33.58
CA SER C 438 -33.50 -55.26 -33.16
C SER C 438 -34.49 -56.00 -32.25
N TYR C 439 -35.56 -55.30 -31.87
CA TYR C 439 -36.61 -55.90 -31.05
C TYR C 439 -37.55 -56.60 -32.00
N LEU C 440 -37.99 -55.90 -33.05
CA LEU C 440 -38.90 -56.49 -34.03
C LEU C 440 -38.29 -57.76 -34.56
N ASP C 441 -36.97 -57.86 -34.50
CA ASP C 441 -36.33 -59.06 -34.98
C ASP C 441 -36.64 -60.16 -33.98
N TYR C 442 -36.20 -59.94 -32.74
CA TYR C 442 -36.43 -60.92 -31.68
C TYR C 442 -37.82 -61.51 -31.70
N ILE C 443 -38.81 -60.67 -31.98
CA ILE C 443 -40.18 -61.16 -32.02
C ILE C 443 -40.55 -61.95 -33.27
N LEU C 444 -39.94 -61.62 -34.41
CA LEU C 444 -40.23 -62.34 -35.63
C LEU C 444 -39.34 -63.56 -35.75
N THR C 445 -38.73 -63.96 -34.63
CA THR C 445 -37.84 -65.12 -34.61
C THR C 445 -37.43 -65.55 -33.22
N VAL C 446 -38.30 -66.32 -32.57
CA VAL C 446 -38.04 -66.82 -31.23
C VAL C 446 -39.26 -67.61 -30.82
N ASP C 447 -39.03 -68.72 -30.12
CA ASP C 447 -40.11 -69.58 -29.63
C ASP C 447 -39.86 -69.71 -28.14
N SER C 448 -40.89 -69.48 -27.34
CA SER C 448 -40.77 -69.58 -25.89
C SER C 448 -41.50 -70.81 -25.39
N LEU C 449 -42.14 -71.52 -26.31
CA LEU C 449 -42.87 -72.73 -25.98
C LEU C 449 -41.85 -73.85 -25.84
N ASN C 450 -42.09 -74.77 -24.92
CA ASN C 450 -41.17 -75.89 -24.68
C ASN C 450 -41.03 -76.77 -25.93
N GLU C 451 -40.08 -77.70 -25.89
CA GLU C 451 -39.85 -78.60 -27.02
C GLU C 451 -41.19 -79.19 -27.50
N THR C 452 -42.05 -79.56 -26.55
CA THR C 452 -43.36 -80.12 -26.83
C THR C 452 -44.45 -79.07 -26.78
N ARG C 453 -45.27 -78.99 -27.82
CA ARG C 453 -46.31 -77.97 -27.89
C ARG C 453 -47.60 -78.42 -28.56
N THR C 454 -48.62 -77.59 -28.39
CA THR C 454 -49.95 -77.80 -28.94
C THR C 454 -50.23 -76.81 -30.06
N LYS C 455 -50.87 -77.26 -31.13
CA LYS C 455 -51.20 -76.39 -32.24
C LYS C 455 -51.85 -75.12 -31.68
N GLU C 456 -52.61 -75.30 -30.60
CA GLU C 456 -53.31 -74.18 -29.96
C GLU C 456 -52.42 -73.21 -29.20
N GLN C 457 -51.35 -73.72 -28.58
CA GLN C 457 -50.42 -72.87 -27.85
C GLN C 457 -49.64 -72.01 -28.85
N GLU C 458 -49.31 -72.58 -30.00
CA GLU C 458 -48.59 -71.85 -31.01
C GLU C 458 -49.47 -70.73 -31.59
N LEU C 459 -50.79 -70.94 -31.63
CA LEU C 459 -51.70 -69.89 -32.12
C LEU C 459 -51.73 -68.77 -31.10
N TYR C 460 -51.81 -69.14 -29.82
CA TYR C 460 -51.83 -68.16 -28.75
C TYR C 460 -50.49 -67.43 -28.68
N GLN C 461 -49.42 -68.11 -29.06
CA GLN C 461 -48.11 -67.50 -29.04
C GLN C 461 -47.94 -66.42 -30.11
N THR C 462 -48.29 -66.73 -31.36
CA THR C 462 -48.14 -65.73 -32.39
C THR C 462 -49.18 -64.65 -32.18
N ALA C 464 -49.94 -63.57 -29.19
CA ALA C 464 -49.30 -62.78 -28.15
C ALA C 464 -48.22 -61.92 -28.78
N LYS C 465 -47.51 -62.48 -29.76
CA LYS C 465 -46.48 -61.75 -30.45
C LYS C 465 -47.08 -60.51 -31.11
N LEU C 466 -48.12 -60.72 -31.89
CA LEU C 466 -48.79 -59.59 -32.56
C LEU C 466 -49.00 -58.51 -31.53
N GLN C 467 -49.44 -58.93 -30.35
CA GLN C 467 -49.72 -57.99 -29.27
C GLN C 467 -48.48 -57.28 -28.72
N HIS C 468 -47.37 -57.99 -28.53
CA HIS C 468 -46.15 -57.34 -28.04
C HIS C 468 -45.69 -56.32 -29.06
N VAL C 469 -45.83 -56.67 -30.33
CA VAL C 469 -45.44 -55.76 -31.36
C VAL C 469 -46.29 -54.50 -31.24
N ASN C 470 -47.61 -54.60 -31.38
CA ASN C 470 -48.44 -53.41 -31.26
C ASN C 470 -48.10 -52.53 -30.06
N PHE C 471 -47.78 -53.18 -28.94
CA PHE C 471 -47.44 -52.46 -27.73
C PHE C 471 -46.22 -51.58 -27.94
N VAL C 472 -45.18 -52.13 -28.57
CA VAL C 472 -43.96 -51.37 -28.85
C VAL C 472 -44.23 -50.36 -29.97
N TYR C 473 -44.98 -50.79 -30.97
CA TYR C 473 -45.35 -49.93 -32.07
C TYR C 473 -45.87 -48.63 -31.47
N ARG C 474 -46.64 -48.74 -30.39
CA ARG C 474 -47.21 -47.60 -29.68
C ARG C 474 -46.09 -46.67 -29.18
N LYS C 475 -45.15 -47.24 -28.45
CA LYS C 475 -44.05 -46.47 -27.92
C LYS C 475 -43.30 -45.83 -29.06
N ILE C 476 -43.10 -46.58 -30.13
CA ILE C 476 -42.42 -46.05 -31.30
C ILE C 476 -43.18 -44.85 -31.81
N LYS C 477 -44.46 -45.01 -32.15
CA LYS C 477 -45.24 -43.88 -32.63
C LYS C 477 -45.12 -42.72 -31.65
N SER C 478 -44.96 -43.02 -30.38
CA SER C 478 -44.82 -41.97 -29.41
C SER C 478 -43.45 -41.30 -29.61
N LEU C 479 -42.39 -42.08 -29.62
CA LEU C 479 -41.03 -41.56 -29.82
C LEU C 479 -40.92 -40.68 -31.05
N SER C 480 -41.59 -41.08 -32.11
CA SER C 480 -41.53 -40.34 -33.37
C SER C 480 -42.30 -39.03 -33.42
N SER C 481 -42.92 -38.62 -32.32
CA SER C 481 -43.62 -37.35 -32.31
C SER C 481 -43.14 -36.60 -31.09
N ASN C 482 -42.11 -37.15 -30.46
CA ASN C 482 -41.48 -36.60 -29.27
C ASN C 482 -40.78 -35.31 -29.66
N PHE C 483 -40.95 -34.26 -28.86
CA PHE C 483 -40.34 -32.98 -29.17
C PHE C 483 -38.86 -33.04 -29.56
N ILE C 484 -38.09 -33.88 -28.89
CA ILE C 484 -36.67 -33.98 -29.21
C ILE C 484 -36.47 -34.60 -30.57
N PHE C 485 -37.01 -35.79 -30.78
CA PHE C 485 -36.86 -36.47 -32.06
C PHE C 485 -37.48 -35.78 -33.26
N ILE C 486 -38.52 -34.99 -33.03
CA ILE C 486 -39.11 -34.30 -34.15
C ILE C 486 -38.12 -33.24 -34.62
N GLN C 487 -37.64 -32.40 -33.71
CA GLN C 487 -36.69 -31.36 -34.13
C GLN C 487 -35.38 -31.92 -34.64
N LEU C 488 -34.99 -33.12 -34.21
CA LEU C 488 -33.76 -33.72 -34.73
C LEU C 488 -34.01 -34.17 -36.16
N THR C 489 -35.26 -34.46 -36.48
CA THR C 489 -35.64 -34.90 -37.81
C THR C 489 -35.54 -33.69 -38.74
N ASP C 490 -36.04 -32.56 -38.29
CA ASP C 490 -35.99 -31.32 -39.07
C ASP C 490 -34.56 -30.88 -39.37
N ILE C 491 -33.62 -31.23 -38.51
CA ILE C 491 -32.23 -30.87 -38.74
C ILE C 491 -31.70 -31.72 -39.87
N VAL C 492 -31.86 -33.03 -39.77
CA VAL C 492 -31.39 -33.92 -40.83
C VAL C 492 -32.13 -33.56 -42.13
N ASN C 493 -33.38 -33.13 -41.99
CA ASN C 493 -34.22 -32.72 -43.11
C ASN C 493 -33.57 -31.58 -43.89
N SER C 494 -33.11 -30.56 -43.16
CA SER C 494 -32.49 -29.38 -43.76
C SER C 494 -31.06 -29.66 -44.23
N THR C 495 -30.22 -30.20 -43.35
CA THR C 495 -28.82 -30.51 -43.66
C THR C 495 -28.60 -31.36 -44.93
N GLU C 496 -29.67 -31.90 -45.50
CA GLU C 496 -29.54 -32.71 -46.72
C GLU C 496 -30.86 -32.79 -47.49
N SER C 497 -31.53 -31.63 -47.57
CA SER C 497 -32.80 -31.47 -48.25
C SER C 497 -33.62 -32.71 -48.56
N LYS C 498 -33.96 -33.46 -47.50
CA LYS C 498 -34.77 -34.65 -47.63
C LYS C 498 -36.11 -34.30 -46.98
N LYS C 499 -37.10 -35.17 -47.12
CA LYS C 499 -38.40 -34.87 -46.53
C LYS C 499 -38.95 -35.93 -45.59
N TYR C 500 -38.12 -36.37 -44.65
CA TYR C 500 -38.53 -37.36 -43.67
C TYR C 500 -39.65 -36.81 -42.81
N ASN C 501 -40.52 -37.70 -42.32
CA ASN C 501 -41.62 -37.29 -41.46
C ASN C 501 -41.11 -37.45 -40.03
N SER C 502 -40.31 -38.48 -39.84
CA SER C 502 -39.69 -38.79 -38.57
C SER C 502 -38.50 -39.64 -38.91
N LEU C 503 -37.45 -39.58 -38.12
CA LEU C 503 -36.29 -40.40 -38.40
C LEU C 503 -36.65 -41.84 -38.14
N PHE C 504 -37.77 -42.05 -37.45
CA PHE C 504 -38.26 -43.38 -37.12
C PHE C 504 -39.16 -44.04 -38.17
N GLN C 505 -39.44 -43.33 -39.26
CA GLN C 505 -40.29 -43.83 -40.33
C GLN C 505 -40.04 -45.27 -40.72
N ASN C 506 -38.77 -45.62 -40.92
CA ASN C 506 -38.43 -46.98 -41.33
C ASN C 506 -38.94 -47.99 -40.34
N VAL C 507 -38.37 -47.99 -39.14
CA VAL C 507 -38.77 -48.92 -38.08
C VAL C 507 -40.27 -48.88 -37.83
N GLU C 508 -40.88 -47.74 -38.05
CA GLU C 508 -42.31 -47.61 -37.85
C GLU C 508 -43.07 -48.27 -38.98
N ASN C 509 -42.39 -48.58 -40.07
CA ASN C 509 -43.05 -49.25 -41.18
C ASN C 509 -42.81 -50.73 -41.04
N ASP C 510 -41.59 -51.08 -40.64
CA ASP C 510 -41.26 -52.48 -40.42
C ASP C 510 -42.27 -53.07 -39.48
N TYR C 511 -42.67 -52.28 -38.48
CA TYR C 511 -43.65 -52.75 -37.53
C TYR C 511 -44.99 -52.86 -38.22
N GLU C 512 -45.49 -51.75 -38.74
CA GLU C 512 -46.78 -51.75 -39.43
C GLU C 512 -46.94 -52.87 -40.43
N LYS C 513 -45.85 -53.27 -41.07
CA LYS C 513 -45.92 -54.33 -42.04
C LYS C 513 -45.99 -55.68 -41.35
N ALA C 514 -45.03 -55.96 -40.48
CA ALA C 514 -45.01 -57.22 -39.77
C ALA C 514 -46.41 -57.55 -39.25
N SER C 516 -49.50 -56.19 -40.22
CA SER C 516 -50.50 -56.32 -41.27
C SER C 516 -50.23 -57.43 -42.27
N THR C 517 -49.11 -58.13 -42.11
CA THR C 517 -48.77 -59.21 -43.01
C THR C 517 -48.29 -60.47 -42.31
N ASP C 518 -46.98 -60.61 -42.18
CA ASP C 518 -46.43 -61.80 -41.58
C ASP C 518 -47.14 -62.38 -40.37
N GLN C 520 -50.53 -61.13 -38.99
CA GLN C 520 -51.97 -61.14 -39.21
C GLN C 520 -52.32 -62.38 -40.02
N ASN C 521 -51.46 -62.74 -40.97
CA ASN C 521 -51.70 -63.91 -41.80
C ASN C 521 -51.44 -65.18 -41.04
N SER C 522 -50.43 -65.15 -40.17
CA SER C 522 -50.10 -66.32 -39.38
C SER C 522 -51.26 -66.70 -38.44
N ILE C 523 -51.95 -65.68 -37.92
CA ILE C 523 -53.09 -65.90 -37.04
C ILE C 523 -54.21 -66.55 -37.84
N VAL C 524 -54.40 -66.10 -39.07
CA VAL C 524 -55.46 -66.63 -39.94
C VAL C 524 -55.18 -68.04 -40.44
N HIS C 525 -53.93 -68.34 -40.76
CA HIS C 525 -53.57 -69.65 -41.23
C HIS C 525 -53.67 -70.60 -40.04
N ARG C 526 -53.13 -70.20 -38.90
CA ARG C 526 -53.17 -71.06 -37.73
C ARG C 526 -54.60 -71.37 -37.25
N ILE C 527 -55.53 -70.44 -37.43
CA ILE C 527 -56.92 -70.65 -37.02
C ILE C 527 -57.65 -71.54 -38.03
N GLN C 528 -57.40 -71.33 -39.31
CA GLN C 528 -58.03 -72.14 -40.35
C GLN C 528 -57.67 -73.59 -40.09
N LYS C 529 -56.42 -73.85 -39.69
CA LYS C 529 -55.96 -75.20 -39.40
C LYS C 529 -56.77 -75.75 -38.23
N LEU C 530 -56.91 -74.97 -37.17
CA LEU C 530 -57.68 -75.41 -36.02
C LEU C 530 -59.16 -75.60 -36.35
N LEU C 531 -59.66 -74.79 -37.28
CA LEU C 531 -61.06 -74.84 -37.68
C LEU C 531 -61.32 -75.99 -38.67
N LYS C 532 -60.31 -76.38 -39.44
CA LYS C 532 -60.48 -77.47 -40.40
C LYS C 532 -60.69 -78.82 -39.73
N GLU C 533 -59.87 -79.11 -38.72
CA GLU C 533 -59.93 -80.38 -37.99
C GLU C 533 -61.28 -80.70 -37.34
N THR C 534 -62.06 -79.69 -36.97
CA THR C 534 -63.37 -79.92 -36.36
C THR C 534 -64.45 -80.11 -37.41
N LEU C 535 -64.17 -79.72 -38.64
CA LEU C 535 -65.13 -79.83 -39.72
C LEU C 535 -65.11 -81.14 -40.51
N ARG C 536 -64.55 -82.21 -39.94
CA ARG C 536 -64.52 -83.47 -40.67
C ARG C 536 -65.87 -84.19 -40.57
N ASN C 537 -66.58 -83.97 -39.46
CA ASN C 537 -67.88 -84.58 -39.25
C ASN C 537 -68.90 -83.87 -40.12
N TYR C 538 -68.87 -82.55 -40.06
CA TYR C 538 -69.80 -81.76 -40.84
C TYR C 538 -69.66 -82.15 -42.30
N PHE C 539 -68.43 -82.45 -42.71
CA PHE C 539 -68.17 -82.81 -44.09
C PHE C 539 -68.86 -84.10 -44.52
N LYS C 540 -68.90 -85.07 -43.61
CA LYS C 540 -69.50 -86.36 -43.88
C LYS C 540 -71.04 -86.42 -43.80
N ILE C 541 -71.68 -85.27 -43.60
CA ILE C 541 -73.14 -85.23 -43.53
C ILE C 541 -73.74 -85.68 -44.85
N SER C 542 -74.78 -86.52 -44.77
CA SER C 542 -75.46 -87.06 -45.96
C SER C 542 -76.93 -86.66 -46.06
N THR C 543 -77.52 -86.34 -44.90
CA THR C 543 -78.92 -85.95 -44.78
C THR C 543 -79.31 -84.71 -45.57
N TRP C 544 -78.37 -84.15 -46.33
CA TRP C 544 -78.63 -82.94 -47.11
C TRP C 544 -79.75 -83.05 -48.14
N SER C 545 -80.25 -84.26 -48.37
CA SER C 545 -81.33 -84.45 -49.33
C SER C 545 -82.42 -85.35 -48.76
N THR C 546 -82.12 -86.02 -47.64
CA THR C 546 -83.06 -86.93 -46.97
C THR C 546 -83.76 -86.22 -45.82
N LEU C 547 -83.25 -85.06 -45.41
CA LEU C 547 -83.85 -84.33 -44.29
C LEU C 547 -85.07 -83.53 -44.67
N GLU C 548 -85.94 -83.32 -43.67
CA GLU C 548 -87.16 -82.55 -43.81
C GLU C 548 -87.47 -81.89 -42.47
N SER C 550 -88.64 -80.94 -39.42
CA SER C 550 -89.81 -81.34 -38.66
C SER C 550 -90.25 -80.11 -37.87
N PRO C 557 -91.68 -72.92 -36.00
CA PRO C 557 -90.45 -73.72 -36.25
C PRO C 557 -89.14 -73.07 -35.78
N SER C 558 -88.59 -73.61 -34.70
CA SER C 558 -87.32 -73.14 -34.12
C SER C 558 -86.18 -74.04 -34.58
N SER C 559 -85.26 -73.47 -35.36
CA SER C 559 -84.12 -74.23 -35.89
C SER C 559 -82.80 -74.02 -35.13
N VAL C 560 -82.04 -75.10 -35.01
CA VAL C 560 -80.74 -75.12 -34.34
C VAL C 560 -79.74 -75.50 -35.43
N PRO C 561 -78.45 -75.15 -35.24
CA PRO C 561 -77.48 -75.51 -36.27
C PRO C 561 -77.27 -77.02 -36.32
N SER C 562 -76.91 -77.53 -37.50
CA SER C 562 -76.66 -78.97 -37.66
C SER C 562 -75.82 -79.46 -36.48
N ALA C 563 -76.27 -80.54 -35.85
CA ALA C 563 -75.57 -81.08 -34.68
C ALA C 563 -74.07 -81.21 -34.82
N GLU C 564 -73.61 -81.75 -35.95
CA GLU C 564 -72.19 -81.94 -36.16
C GLU C 564 -71.34 -80.67 -36.45
N LEU C 565 -71.95 -79.49 -36.32
CA LEU C 565 -71.27 -78.21 -36.56
C LEU C 565 -71.08 -77.39 -35.27
N VAL C 566 -71.72 -77.82 -34.19
CA VAL C 566 -71.63 -77.11 -32.92
C VAL C 566 -70.24 -76.98 -32.30
N ASN C 567 -69.45 -78.05 -32.32
CA ASN C 567 -68.11 -78.00 -31.74
C ASN C 567 -67.31 -76.96 -32.52
N SER C 568 -67.36 -77.06 -33.84
CA SER C 568 -66.67 -76.11 -34.69
C SER C 568 -67.10 -74.71 -34.25
N ILE C 569 -68.39 -74.54 -34.02
CA ILE C 569 -68.89 -73.25 -33.58
C ILE C 569 -68.33 -72.86 -32.20
N ASN C 570 -68.25 -73.82 -31.29
CA ASN C 570 -67.70 -73.56 -29.95
C ASN C 570 -66.21 -73.20 -30.03
N VAL C 571 -65.47 -73.94 -30.84
CA VAL C 571 -64.03 -73.71 -30.98
C VAL C 571 -63.73 -72.36 -31.63
N LEU C 572 -64.49 -72.02 -32.67
CA LEU C 572 -64.31 -70.75 -33.38
C LEU C 572 -64.62 -69.59 -32.46
N ARG C 573 -65.72 -69.68 -31.71
CA ARG C 573 -66.08 -68.61 -30.79
C ARG C 573 -65.09 -68.47 -29.64
N ARG C 574 -64.36 -69.53 -29.33
CA ARG C 574 -63.40 -69.47 -28.24
C ARG C 574 -62.11 -68.82 -28.74
N LEU C 575 -61.79 -69.05 -30.01
CA LEU C 575 -60.58 -68.47 -30.60
C LEU C 575 -60.77 -66.99 -30.91
N ILE C 576 -61.95 -66.63 -31.41
CA ILE C 576 -62.24 -65.24 -31.71
C ILE C 576 -62.31 -64.45 -30.41
N ASN C 577 -62.71 -65.13 -29.33
CA ASN C 577 -62.80 -64.51 -28.01
C ASN C 577 -61.40 -64.13 -27.60
N LYS C 578 -60.47 -65.01 -27.92
CA LYS C 578 -59.08 -64.82 -27.59
C LYS C 578 -58.60 -63.57 -28.32
N LEU C 579 -59.00 -63.45 -29.58
CA LEU C 579 -58.61 -62.31 -30.38
C LEU C 579 -59.18 -61.01 -29.82
N ASP C 580 -60.49 -60.98 -29.59
CA ASP C 580 -61.11 -59.76 -29.07
C ASP C 580 -60.48 -59.22 -27.79
N SER C 581 -59.89 -60.10 -26.98
CA SER C 581 -59.29 -59.64 -25.74
C SER C 581 -57.79 -59.37 -25.87
N ASP C 583 -54.64 -56.89 -27.12
CA ASP C 583 -54.36 -55.48 -27.32
C ASP C 583 -53.79 -55.32 -28.73
N ILE C 584 -54.63 -55.63 -29.71
CA ILE C 584 -54.32 -55.56 -31.12
C ILE C 584 -55.05 -54.34 -31.68
N PRO C 585 -54.52 -53.73 -32.76
CA PRO C 585 -55.23 -52.57 -33.32
C PRO C 585 -56.50 -53.07 -34.01
N LEU C 586 -57.62 -52.39 -33.79
CA LEU C 586 -58.89 -52.81 -34.38
C LEU C 586 -58.80 -53.09 -35.87
N ALA C 587 -57.98 -52.32 -36.57
CA ALA C 587 -57.81 -52.49 -38.00
C ALA C 587 -57.43 -53.93 -38.36
N ILE C 588 -56.42 -54.46 -37.67
CA ILE C 588 -55.92 -55.82 -37.88
C ILE C 588 -56.92 -56.86 -37.44
N SER C 589 -57.55 -56.64 -36.29
CA SER C 589 -58.55 -57.56 -35.75
C SER C 589 -59.65 -57.82 -36.79
N LEU C 590 -60.18 -56.77 -37.39
CA LEU C 590 -61.22 -56.91 -38.40
C LEU C 590 -60.65 -57.62 -39.63
N LYS C 591 -59.52 -57.14 -40.13
CA LYS C 591 -58.90 -57.76 -41.29
C LYS C 591 -58.77 -59.27 -41.12
N VAL C 592 -58.58 -59.74 -39.88
CA VAL C 592 -58.46 -61.18 -39.64
C VAL C 592 -59.82 -61.83 -39.73
N LYS C 593 -60.78 -61.25 -39.02
CA LYS C 593 -62.13 -61.79 -39.03
C LYS C 593 -62.71 -61.81 -40.43
N ASN C 594 -62.21 -60.93 -41.30
CA ASN C 594 -62.74 -60.94 -42.64
C ASN C 594 -62.08 -62.02 -43.48
N GLU C 595 -60.78 -62.19 -43.29
CA GLU C 595 -60.04 -63.22 -44.01
C GLU C 595 -60.74 -64.55 -43.71
N LEU C 596 -61.13 -64.74 -42.44
CA LEU C 596 -61.80 -65.96 -42.02
C LEU C 596 -63.17 -66.16 -42.65
N LEU C 597 -63.95 -65.08 -42.73
CA LEU C 597 -65.27 -65.16 -43.35
C LEU C 597 -65.15 -65.70 -44.76
N ASN C 598 -64.10 -65.30 -45.46
CA ASN C 598 -63.87 -65.76 -46.83
C ASN C 598 -63.51 -67.24 -46.82
N VAL C 599 -62.56 -67.61 -45.96
CA VAL C 599 -62.12 -68.99 -45.83
C VAL C 599 -63.33 -69.87 -45.56
N ILE C 600 -64.22 -69.38 -44.70
CA ILE C 600 -65.41 -70.12 -44.34
C ILE C 600 -66.38 -70.18 -45.54
N VAL C 601 -66.63 -69.05 -46.18
CA VAL C 601 -67.52 -69.04 -47.34
C VAL C 601 -66.99 -70.03 -48.39
N ASN C 602 -65.70 -69.97 -48.69
CA ASN C 602 -65.12 -70.90 -49.66
C ASN C 602 -65.35 -72.34 -49.23
N TYR C 603 -65.27 -72.60 -47.94
CA TYR C 603 -65.47 -73.96 -47.49
C TYR C 603 -66.91 -74.38 -47.69
N PHE C 604 -67.83 -73.59 -47.16
CA PHE C 604 -69.25 -73.92 -47.28
C PHE C 604 -69.67 -74.05 -48.74
N THR C 605 -68.98 -73.35 -49.63
CA THR C 605 -69.32 -73.42 -51.04
C THR C 605 -68.69 -74.60 -51.77
N GLU C 606 -67.40 -74.81 -51.57
CA GLU C 606 -66.71 -75.89 -52.27
C GLU C 606 -66.82 -77.27 -51.66
N SER C 607 -66.76 -77.34 -50.34
CA SER C 607 -66.81 -78.62 -49.65
C SER C 607 -68.19 -79.11 -49.28
N ILE C 608 -69.20 -78.27 -49.50
CA ILE C 608 -70.55 -78.65 -49.15
C ILE C 608 -71.58 -78.47 -50.24
N LEU C 609 -71.84 -77.21 -50.60
CA LEU C 609 -72.83 -76.90 -51.62
C LEU C 609 -72.57 -77.57 -52.98
N LYS C 610 -71.30 -77.61 -53.40
CA LYS C 610 -70.95 -78.23 -54.68
C LYS C 610 -70.67 -79.72 -54.63
N LEU C 611 -70.81 -80.33 -53.45
CA LEU C 611 -70.55 -81.76 -53.32
C LEU C 611 -71.76 -82.51 -52.82
N ASN C 612 -72.92 -81.88 -52.87
CA ASN C 612 -74.14 -82.52 -52.40
C ASN C 612 -75.38 -82.07 -53.16
N LYS C 613 -76.44 -82.86 -53.00
CA LYS C 613 -77.72 -82.56 -53.61
C LYS C 613 -78.61 -82.17 -52.44
N PHE C 614 -79.18 -80.97 -52.49
CA PHE C 614 -80.02 -80.50 -51.40
C PHE C 614 -81.51 -80.52 -51.74
N ASN C 615 -82.34 -80.46 -50.72
CA ASN C 615 -83.79 -80.42 -50.89
C ASN C 615 -84.27 -79.15 -50.21
N GLN C 616 -85.46 -78.68 -50.59
CA GLN C 616 -86.04 -77.47 -50.02
C GLN C 616 -85.56 -77.15 -48.58
N ASN C 617 -85.85 -78.06 -47.64
CA ASN C 617 -85.46 -77.86 -46.24
C ASN C 617 -83.95 -77.84 -46.06
N GLY C 618 -83.28 -78.87 -46.57
CA GLY C 618 -81.83 -78.96 -46.45
C GLY C 618 -81.07 -77.77 -46.99
N LEU C 619 -81.70 -77.00 -47.87
CA LEU C 619 -81.07 -75.82 -48.45
C LEU C 619 -81.19 -74.64 -47.50
N ASN C 620 -82.06 -74.77 -46.49
CA ASN C 620 -82.24 -73.71 -45.51
C ASN C 620 -81.34 -73.99 -44.32
N GLN C 621 -81.20 -75.27 -44.00
CA GLN C 621 -80.36 -75.69 -42.90
C GLN C 621 -78.96 -75.16 -43.20
N PHE C 622 -78.49 -75.44 -44.42
CA PHE C 622 -77.20 -74.99 -44.90
C PHE C 622 -77.02 -73.52 -44.60
N LEU C 623 -77.98 -72.72 -45.01
CA LEU C 623 -77.91 -71.27 -44.80
C LEU C 623 -77.95 -70.89 -43.31
N HIS C 624 -78.71 -71.64 -42.51
CA HIS C 624 -78.81 -71.38 -41.07
C HIS C 624 -77.46 -71.69 -40.39
N ASP C 625 -76.85 -72.79 -40.80
CA ASP C 625 -75.56 -73.20 -40.27
C ASP C 625 -74.51 -72.17 -40.61
N PHE C 626 -74.55 -71.66 -41.84
CA PHE C 626 -73.59 -70.66 -42.28
C PHE C 626 -73.76 -69.38 -41.49
N LYS C 627 -75.00 -69.03 -41.18
CA LYS C 627 -75.21 -67.81 -40.41
C LYS C 627 -74.66 -68.02 -39.01
N SER C 628 -74.95 -69.18 -38.45
CA SER C 628 -74.52 -69.53 -37.10
C SER C 628 -73.01 -69.46 -36.86
N LEU C 629 -72.24 -70.04 -37.77
CA LEU C 629 -70.79 -70.06 -37.66
C LEU C 629 -70.16 -68.72 -38.04
N SER C 630 -70.70 -68.08 -39.07
CA SER C 630 -70.20 -66.81 -39.58
C SER C 630 -70.44 -65.64 -38.65
N SER C 631 -71.56 -65.67 -37.94
CA SER C 631 -71.92 -64.59 -37.02
C SER C 631 -70.94 -64.40 -35.85
N ILE C 632 -69.95 -65.28 -35.73
CA ILE C 632 -68.97 -65.18 -34.67
C ILE C 632 -67.91 -64.16 -35.12
N LEU C 633 -67.92 -63.89 -36.42
CA LEU C 633 -66.98 -62.99 -37.04
C LEU C 633 -67.60 -61.67 -37.52
N SER C 634 -68.84 -61.41 -37.15
CA SER C 634 -69.49 -60.17 -37.56
C SER C 634 -68.64 -58.99 -37.07
N LEU C 635 -68.35 -58.07 -37.99
CA LEU C 635 -67.55 -56.88 -37.69
C LEU C 635 -68.46 -55.79 -37.11
N PRO C 636 -67.87 -54.66 -36.62
CA PRO C 636 -68.61 -53.56 -36.03
C PRO C 636 -70.12 -53.49 -36.30
N SER C 637 -70.56 -52.55 -37.14
CA SER C 637 -71.98 -52.43 -37.43
C SER C 637 -72.36 -52.71 -38.89
N HIS C 638 -72.80 -53.94 -39.15
CA HIS C 638 -73.21 -54.40 -40.48
C HIS C 638 -72.16 -54.40 -41.60
N ALA C 639 -70.89 -54.14 -41.27
CA ALA C 639 -69.84 -54.13 -42.29
C ALA C 639 -69.97 -55.37 -43.20
N THR C 640 -70.34 -55.14 -44.45
CA THR C 640 -70.55 -56.21 -45.42
C THR C 640 -69.29 -56.85 -45.99
N ASN C 641 -69.33 -58.18 -46.10
CA ASN C 641 -68.23 -58.95 -46.68
C ASN C 641 -68.74 -59.38 -48.04
N TYR C 642 -67.95 -59.14 -49.07
CA TYR C 642 -68.37 -59.50 -50.43
C TYR C 642 -68.77 -60.96 -50.57
N LYS C 643 -67.86 -61.87 -50.21
CA LYS C 643 -68.11 -63.29 -50.31
C LYS C 643 -69.35 -63.76 -49.57
N CYS C 644 -69.54 -63.28 -48.33
CA CYS C 644 -70.71 -63.66 -47.54
C CYS C 644 -71.99 -63.34 -48.26
N SER C 646 -72.33 -62.99 -51.60
CA SER C 646 -72.38 -63.85 -52.77
C SER C 646 -73.02 -65.17 -52.37
N LEU C 647 -72.59 -65.75 -51.26
CA LEU C 647 -73.15 -67.02 -50.83
C LEU C 647 -74.64 -66.93 -50.49
N HIS C 648 -75.06 -65.78 -49.95
CA HIS C 648 -76.47 -65.61 -49.62
C HIS C 648 -77.29 -65.59 -50.90
N GLU C 649 -76.80 -64.86 -51.90
CA GLU C 649 -77.49 -64.75 -53.17
C GLU C 649 -77.38 -66.05 -53.97
N LEU C 650 -76.27 -66.75 -53.82
CA LEU C 650 -76.07 -68.02 -54.51
C LEU C 650 -77.15 -69.00 -54.08
N VAL C 651 -77.41 -69.08 -52.78
CA VAL C 651 -78.42 -69.99 -52.28
C VAL C 651 -79.83 -69.54 -52.69
N LYS C 652 -80.01 -68.24 -52.92
CA LYS C 652 -81.31 -67.70 -53.34
C LYS C 652 -81.63 -68.18 -54.75
N ILE C 653 -80.64 -68.11 -55.62
CA ILE C 653 -80.80 -68.56 -56.99
C ILE C 653 -81.00 -70.08 -57.00
N LEU C 654 -80.49 -70.77 -55.98
CA LEU C 654 -80.63 -72.21 -55.90
C LEU C 654 -82.07 -72.58 -55.55
N LYS C 655 -82.78 -71.65 -54.93
CA LYS C 655 -84.17 -71.89 -54.58
C LYS C 655 -85.12 -71.58 -55.73
N LEU C 656 -84.56 -71.17 -56.86
CA LEU C 656 -85.33 -70.83 -58.05
C LEU C 656 -85.98 -72.10 -58.60
N LYS C 657 -85.76 -73.22 -57.90
CA LYS C 657 -86.31 -74.53 -58.28
C LYS C 657 -87.71 -74.67 -57.69
N TYR C 658 -88.00 -73.85 -56.68
CA TYR C 658 -89.30 -73.89 -56.00
C TYR C 658 -90.06 -72.58 -56.17
N ASP C 659 -89.79 -71.90 -57.28
CA ASP C 659 -90.42 -70.62 -57.60
C ASP C 659 -91.16 -70.81 -58.93
N PRO C 660 -92.50 -70.91 -58.89
CA PRO C 660 -93.29 -71.09 -60.11
C PRO C 660 -93.40 -69.84 -61.01
N ASN C 661 -93.54 -68.68 -60.37
CA ASN C 661 -93.68 -67.40 -61.07
C ASN C 661 -92.50 -66.97 -61.93
N ASN C 662 -91.36 -67.64 -61.77
CA ASN C 662 -90.17 -67.30 -62.57
C ASN C 662 -89.35 -68.52 -62.94
N GLN C 663 -90.00 -69.69 -62.99
CA GLN C 663 -89.28 -70.89 -63.34
C GLN C 663 -89.00 -70.89 -64.83
N GLN C 664 -88.89 -69.69 -65.38
CA GLN C 664 -88.62 -69.47 -66.80
C GLN C 664 -87.11 -69.37 -67.01
N PHE C 665 -86.39 -69.12 -65.92
CA PHE C 665 -84.94 -68.99 -65.96
C PHE C 665 -84.27 -70.35 -66.07
N LEU C 666 -85.03 -71.41 -65.76
CA LEU C 666 -84.53 -72.77 -65.83
C LEU C 666 -84.59 -73.34 -67.25
N ASN C 667 -84.65 -72.45 -68.24
CA ASN C 667 -84.71 -72.86 -69.65
C ASN C 667 -83.29 -72.99 -70.18
N PRO C 668 -82.88 -74.23 -70.52
CA PRO C 668 -81.53 -74.50 -71.03
C PRO C 668 -80.99 -73.47 -72.04
N GLU C 669 -81.85 -72.97 -72.92
CA GLU C 669 -81.44 -71.98 -73.92
C GLU C 669 -81.13 -70.62 -73.31
N TYR C 670 -81.85 -70.25 -72.25
CA TYR C 670 -81.61 -68.98 -71.58
C TYR C 670 -80.33 -69.03 -70.76
N ILE C 671 -80.09 -70.19 -70.16
CA ILE C 671 -78.91 -70.39 -69.33
C ILE C 671 -77.63 -70.38 -70.16
N LYS C 672 -77.66 -71.03 -71.31
CA LYS C 672 -76.49 -71.10 -72.18
C LYS C 672 -76.17 -69.77 -72.87
N THR C 673 -77.18 -68.93 -73.02
CA THR C 673 -77.03 -67.62 -73.66
C THR C 673 -76.10 -66.71 -72.86
N GLY C 674 -76.10 -66.89 -71.54
CA GLY C 674 -75.24 -66.08 -70.70
C GLY C 674 -75.71 -64.67 -70.49
N ASN C 675 -76.94 -64.39 -70.90
CA ASN C 675 -77.48 -63.06 -70.74
C ASN C 675 -78.36 -63.03 -69.49
N PHE C 676 -77.79 -62.60 -68.38
CA PHE C 676 -78.54 -62.54 -67.13
C PHE C 676 -78.70 -61.09 -66.67
N THR C 677 -79.84 -60.51 -67.03
CA THR C 677 -80.19 -59.15 -66.68
C THR C 677 -81.57 -59.25 -66.07
N SER C 678 -82.40 -60.08 -66.67
CA SER C 678 -83.76 -60.29 -66.20
C SER C 678 -83.74 -60.86 -64.80
N LEU C 679 -82.94 -61.92 -64.63
CA LEU C 679 -82.81 -62.58 -63.34
C LEU C 679 -82.21 -61.67 -62.29
N LYS C 680 -81.17 -60.95 -62.68
CA LYS C 680 -80.47 -60.05 -61.78
C LYS C 680 -81.36 -58.94 -61.21
N GLU C 681 -82.48 -58.66 -61.88
CA GLU C 681 -83.41 -57.62 -61.43
C GLU C 681 -84.56 -58.24 -60.65
N ALA C 682 -84.94 -59.45 -61.04
CA ALA C 682 -86.03 -60.17 -60.39
C ALA C 682 -85.65 -60.60 -58.98
N TYR C 683 -84.40 -60.99 -58.81
CA TYR C 683 -83.91 -61.42 -57.49
C TYR C 683 -82.88 -60.43 -56.93
N SER C 684 -82.94 -59.18 -57.39
CA SER C 684 -82.03 -58.13 -56.93
C SER C 684 -80.64 -58.68 -56.55
N ILE C 685 -80.00 -59.32 -57.52
CA ILE C 685 -78.66 -59.90 -57.35
C ILE C 685 -77.59 -58.84 -57.66
N LYS C 686 -76.83 -58.44 -56.63
CA LYS C 686 -75.81 -57.41 -56.81
C LYS C 686 -74.36 -57.89 -56.71
N TYR C 687 -74.12 -59.00 -56.02
CA TYR C 687 -72.75 -59.48 -55.85
C TYR C 687 -72.34 -60.65 -56.75
N LEU C 688 -73.21 -61.64 -56.88
CA LEU C 688 -72.92 -62.81 -57.71
C LEU C 688 -72.60 -62.42 -59.15
N LYS C 689 -71.39 -62.77 -59.61
CA LYS C 689 -70.96 -62.44 -60.96
C LYS C 689 -71.38 -63.46 -62.01
N ASP C 690 -71.79 -62.97 -63.18
CA ASP C 690 -72.26 -63.77 -64.31
C ASP C 690 -71.81 -65.23 -64.37
N THR C 691 -70.49 -65.44 -64.32
CA THR C 691 -69.92 -66.78 -64.36
C THR C 691 -70.61 -67.77 -63.41
N LYS C 692 -70.65 -67.40 -62.13
CA LYS C 692 -71.24 -68.23 -61.08
C LYS C 692 -72.75 -68.28 -61.14
N ILE C 693 -73.36 -67.34 -61.85
CA ILE C 693 -74.83 -67.32 -61.98
C ILE C 693 -75.22 -68.52 -62.82
N GLN C 694 -74.52 -68.68 -63.93
CA GLN C 694 -74.78 -69.79 -64.85
C GLN C 694 -74.70 -71.11 -64.14
N ASP C 695 -73.54 -71.37 -63.56
CA ASP C 695 -73.30 -72.61 -62.85
C ASP C 695 -74.32 -72.88 -61.77
N ALA C 696 -74.82 -71.82 -61.16
CA ALA C 696 -75.83 -71.94 -60.13
C ALA C 696 -77.07 -72.53 -60.80
N LEU C 697 -77.44 -71.94 -61.94
CA LEU C 697 -78.61 -72.38 -62.69
C LEU C 697 -78.47 -73.81 -63.20
N TYR C 698 -77.30 -74.13 -63.77
CA TYR C 698 -77.03 -75.48 -64.26
C TYR C 698 -77.09 -76.44 -63.07
N ARG C 699 -76.80 -75.94 -61.87
CA ARG C 699 -76.83 -76.75 -60.67
C ARG C 699 -78.24 -77.31 -60.48
N ILE C 700 -79.22 -76.52 -60.87
CA ILE C 700 -80.62 -76.90 -60.76
C ILE C 700 -81.04 -77.82 -61.94
N ILE C 701 -80.66 -77.40 -63.14
CA ILE C 701 -80.94 -78.11 -64.39
C ILE C 701 -80.40 -79.54 -64.37
N TYR C 702 -79.20 -79.72 -63.83
CA TYR C 702 -78.60 -81.06 -63.77
C TYR C 702 -79.15 -81.87 -62.58
N GLY C 703 -80.27 -81.41 -62.03
CA GLY C 703 -80.92 -82.11 -60.93
C GLY C 703 -80.20 -82.20 -59.59
N ASN C 704 -79.22 -81.34 -59.38
CA ASN C 704 -78.46 -81.34 -58.14
C ASN C 704 -79.33 -80.80 -57.02
N ILE C 705 -80.33 -80.00 -57.39
CA ILE C 705 -81.25 -79.45 -56.39
C ILE C 705 -82.58 -80.17 -56.53
N LEU C 706 -82.90 -80.97 -55.51
CA LEU C 706 -84.13 -81.76 -55.46
C LEU C 706 -85.25 -81.07 -54.69
N ASP D 10 9.37 53.40 2.00
CA ASP D 10 10.41 52.44 2.51
C ASP D 10 11.58 52.32 1.54
N ASP D 11 11.31 52.59 0.26
CA ASP D 11 12.34 52.53 -0.77
C ASP D 11 13.17 53.81 -0.72
N LEU D 12 12.67 54.80 0.01
CA LEU D 12 13.35 56.08 0.19
C LEU D 12 14.57 55.89 1.09
N LEU D 13 14.63 54.72 1.74
CA LEU D 13 15.72 54.35 2.64
C LEU D 13 16.93 53.85 1.83
N ASN D 14 16.68 52.92 0.90
CA ASN D 14 17.74 52.38 0.07
C ASN D 14 18.28 53.48 -0.84
N ILE D 15 17.37 54.22 -1.45
CA ILE D 15 17.74 55.32 -2.33
C ILE D 15 18.85 56.18 -1.75
N ASN D 16 18.71 56.59 -0.50
CA ASN D 16 19.75 57.45 0.08
C ASN D 16 21.06 56.71 0.36
N ASP D 17 20.98 55.41 0.55
CA ASP D 17 22.18 54.62 0.84
C ASP D 17 22.92 54.31 -0.45
N ARG D 18 22.18 53.97 -1.49
CA ARG D 18 22.79 53.66 -2.79
C ARG D 18 23.54 54.87 -3.35
N ILE D 19 23.10 56.08 -2.98
CA ILE D 19 23.78 57.28 -3.43
C ILE D 19 25.18 57.22 -2.83
N LYS D 20 25.26 56.97 -1.52
CA LYS D 20 26.55 56.87 -0.85
C LYS D 20 27.34 55.74 -1.50
N GLN D 21 26.70 54.59 -1.64
CA GLN D 21 27.33 53.42 -2.25
C GLN D 21 27.95 53.77 -3.62
N VAL D 22 27.23 54.56 -4.42
CA VAL D 22 27.73 54.99 -5.72
C VAL D 22 28.84 56.02 -5.56
N GLN D 23 28.68 56.95 -4.64
CA GLN D 23 29.70 57.96 -4.40
C GLN D 23 31.01 57.31 -3.98
N ASN D 24 30.91 56.18 -3.27
CA ASN D 24 32.10 55.45 -2.81
C ASN D 24 32.75 54.71 -3.96
N GLU D 25 31.99 53.80 -4.58
CA GLU D 25 32.52 53.06 -5.72
C GLU D 25 33.17 54.03 -6.70
N ARG D 26 32.52 55.16 -6.94
CA ARG D 26 33.08 56.16 -7.82
C ARG D 26 34.46 56.55 -7.33
N ASN D 27 34.57 56.75 -6.03
CA ASN D 27 35.84 57.14 -5.42
C ASN D 27 36.89 56.05 -5.39
N GLU D 28 36.49 54.83 -5.04
CA GLU D 28 37.43 53.73 -5.01
C GLU D 28 37.97 53.52 -6.42
N LEU D 29 37.07 53.40 -7.38
CA LEU D 29 37.44 53.21 -8.77
C LEU D 29 38.39 54.30 -9.24
N ALA D 30 38.19 55.50 -8.73
CA ALA D 30 39.03 56.63 -9.10
C ALA D 30 40.47 56.35 -8.73
N SER D 31 40.69 56.00 -7.47
CA SER D 31 42.04 55.73 -7.00
C SER D 31 42.64 54.45 -7.56
N LYS D 32 41.85 53.40 -7.66
CA LYS D 32 42.38 52.17 -8.22
C LYS D 32 42.93 52.52 -9.61
N LEU D 33 42.20 53.39 -10.30
CA LEU D 33 42.57 53.83 -11.63
C LEU D 33 43.84 54.64 -11.56
N GLN D 34 43.94 55.47 -10.52
CA GLN D 34 45.13 56.28 -10.34
C GLN D 34 46.36 55.40 -10.16
N ASN D 35 46.33 54.51 -9.17
CA ASN D 35 47.47 53.61 -8.89
C ASN D 35 47.85 52.77 -10.10
N LEU D 36 46.85 52.24 -10.78
CA LEU D 36 47.11 51.43 -11.95
C LEU D 36 47.90 52.24 -12.95
N LYS D 37 47.62 53.53 -13.03
CA LYS D 37 48.35 54.39 -13.96
C LYS D 37 49.76 54.60 -13.45
N GLN D 38 49.93 54.58 -12.14
CA GLN D 38 51.25 54.79 -11.56
C GLN D 38 52.06 53.50 -11.61
N SER D 39 51.37 52.35 -11.56
CA SER D 39 52.06 51.07 -11.62
C SER D 39 52.57 50.91 -13.04
N LEU D 40 51.73 51.26 -14.01
CA LEU D 40 52.13 51.18 -15.40
C LEU D 40 53.34 52.06 -15.59
N ALA D 41 53.30 53.26 -15.03
CA ALA D 41 54.41 54.19 -15.16
C ALA D 41 55.72 53.58 -14.66
N SER D 42 55.67 52.93 -13.50
CA SER D 42 56.85 52.32 -12.92
C SER D 42 57.54 51.33 -13.83
N ASN D 43 56.76 50.39 -14.38
CA ASN D 43 57.33 49.39 -15.27
C ASN D 43 57.66 49.91 -16.66
N ASP D 44 57.30 51.15 -16.96
CA ASP D 44 57.62 51.72 -18.26
C ASP D 44 59.04 52.22 -18.10
N THR D 45 59.99 51.30 -18.15
CA THR D 45 61.39 51.60 -17.98
C THR D 45 61.92 52.68 -18.95
N GLU D 46 61.39 52.68 -20.16
CA GLU D 46 61.80 53.62 -21.22
C GLU D 46 61.02 54.94 -21.20
N VAL D 47 60.45 55.30 -20.04
CA VAL D 47 59.67 56.53 -19.88
C VAL D 47 59.03 56.91 -21.20
N ALA D 48 58.18 56.04 -21.72
CA ALA D 48 57.54 56.28 -23.01
C ALA D 48 56.02 56.38 -22.98
N LEU D 49 55.42 56.38 -21.79
CA LEU D 49 53.97 56.46 -21.74
C LEU D 49 53.41 57.86 -21.61
N SER D 50 52.10 57.96 -21.82
CA SER D 50 51.38 59.23 -21.75
C SER D 50 50.04 58.89 -21.12
N GLU D 51 49.26 59.91 -20.79
CA GLU D 51 47.96 59.68 -20.18
C GLU D 51 46.99 59.02 -21.14
N VAL D 52 47.20 59.25 -22.43
CA VAL D 52 46.32 58.67 -23.44
C VAL D 52 46.59 57.20 -23.56
N ILE D 53 47.84 56.85 -23.85
CA ILE D 53 48.21 55.45 -24.01
C ILE D 53 47.75 54.62 -22.81
N ALA D 54 48.02 55.10 -21.60
CA ALA D 54 47.61 54.40 -20.39
C ALA D 54 46.10 54.20 -20.40
N GLN D 55 45.34 55.24 -20.73
CA GLN D 55 43.89 55.07 -20.76
C GLN D 55 43.51 53.98 -21.76
N ASP D 56 44.19 53.94 -22.90
CA ASP D 56 43.89 52.92 -23.89
C ASP D 56 44.28 51.51 -23.41
N ILE D 57 45.41 51.40 -22.71
CA ILE D 57 45.85 50.12 -22.18
C ILE D 57 44.81 49.66 -21.15
N ILE D 58 44.54 50.51 -20.17
CA ILE D 58 43.58 50.17 -19.14
C ILE D 58 42.24 49.78 -19.74
N GLU D 59 41.98 50.20 -20.96
CA GLU D 59 40.71 49.89 -21.61
C GLU D 59 40.73 48.53 -22.32
N VAL D 60 41.89 48.15 -22.83
CA VAL D 60 41.99 46.91 -23.57
C VAL D 60 43.12 45.95 -23.17
N GLY D 61 44.26 46.52 -22.81
CA GLY D 61 45.45 45.75 -22.43
C GLY D 61 45.40 44.47 -21.62
N ALA D 62 44.23 43.83 -21.51
CA ALA D 62 44.13 42.58 -20.78
C ALA D 62 44.02 41.42 -21.78
N SER D 63 43.95 41.75 -23.06
CA SER D 63 43.84 40.74 -24.10
C SER D 63 45.01 40.85 -25.07
N VAL D 64 45.39 39.72 -25.64
CA VAL D 64 46.50 39.68 -26.57
C VAL D 64 46.19 40.40 -27.87
N GLU D 65 44.94 40.38 -28.27
CA GLU D 65 44.57 41.05 -29.52
C GLU D 65 44.61 42.56 -29.41
N GLY D 66 44.06 43.10 -28.33
CA GLY D 66 44.06 44.54 -28.13
C GLY D 66 45.46 45.08 -28.00
N LEU D 67 46.30 44.39 -27.22
CA LEU D 67 47.68 44.81 -27.05
C LEU D 67 48.41 44.86 -28.39
N GLU D 68 48.02 43.99 -29.33
CA GLU D 68 48.62 43.96 -30.66
C GLU D 68 48.22 45.26 -31.35
N GLN D 69 46.92 45.57 -31.28
CA GLN D 69 46.36 46.78 -31.84
C GLN D 69 47.19 47.97 -31.35
N LEU D 70 47.38 48.04 -30.04
CA LEU D 70 48.14 49.12 -29.45
C LEU D 70 49.57 49.24 -29.95
N ARG D 71 50.29 48.13 -30.12
CA ARG D 71 51.67 48.25 -30.58
C ARG D 71 51.74 48.60 -32.07
N ALA D 72 50.64 48.34 -32.77
CA ALA D 72 50.59 48.67 -34.19
C ALA D 72 50.31 50.15 -34.29
N LYS D 73 49.85 50.75 -33.19
CA LYS D 73 49.51 52.18 -33.13
C LYS D 73 50.55 53.07 -32.45
N TYR D 74 51.12 52.64 -31.32
CA TYR D 74 52.10 53.46 -30.63
C TYR D 74 53.55 52.96 -30.69
N GLY D 75 53.81 51.97 -31.53
CA GLY D 75 55.16 51.43 -31.65
C GLY D 75 55.36 50.18 -30.81
N ASP D 76 56.58 49.67 -30.75
CA ASP D 76 56.87 48.45 -29.97
C ASP D 76 57.40 48.75 -28.57
N LEU D 77 56.60 49.46 -27.78
CA LEU D 77 56.99 49.83 -26.44
C LEU D 77 57.22 48.63 -25.55
N GLN D 78 58.44 48.49 -25.03
CA GLN D 78 58.81 47.39 -24.16
C GLN D 78 57.73 47.10 -23.10
N ILE D 79 57.04 48.14 -22.64
CA ILE D 79 55.99 47.97 -21.63
C ILE D 79 54.81 47.18 -22.18
N LEU D 80 54.52 47.35 -23.46
CA LEU D 80 53.41 46.64 -24.08
C LEU D 80 53.77 45.16 -24.24
N ASN D 81 55.02 44.89 -24.58
CA ASN D 81 55.48 43.52 -24.71
C ASN D 81 55.31 42.85 -23.34
N LYS D 82 55.80 43.52 -22.30
CA LYS D 82 55.68 42.98 -20.96
C LYS D 82 54.23 42.60 -20.62
N LEU D 83 53.28 43.42 -21.07
CA LEU D 83 51.89 43.14 -20.80
C LEU D 83 51.39 42.03 -21.67
N GLU D 84 51.88 41.97 -22.91
CA GLU D 84 51.46 40.93 -23.84
C GLU D 84 51.97 39.54 -23.47
N LYS D 85 53.11 39.48 -22.81
CA LYS D 85 53.68 38.22 -22.36
C LYS D 85 52.69 37.68 -21.35
N VAL D 86 52.42 38.48 -20.33
CA VAL D 86 51.48 38.10 -19.29
C VAL D 86 50.08 37.80 -19.84
N ALA D 87 49.67 38.46 -20.91
CA ALA D 87 48.35 38.21 -21.47
C ALA D 87 48.32 36.88 -22.16
N VAL D 88 49.36 36.59 -22.93
CA VAL D 88 49.43 35.32 -23.63
C VAL D 88 49.37 34.19 -22.60
N GLN D 89 50.05 34.37 -21.47
CA GLN D 89 50.02 33.34 -20.44
C GLN D 89 48.60 33.13 -19.92
N GLN D 90 48.03 34.16 -19.31
CA GLN D 90 46.68 34.06 -18.75
C GLN D 90 45.68 33.58 -19.81
N THR D 91 45.93 33.89 -21.08
CA THR D 91 45.04 33.48 -22.16
C THR D 91 45.07 31.97 -22.38
N GLN D 92 46.27 31.39 -22.34
CA GLN D 92 46.45 29.95 -22.54
C GLN D 92 45.77 29.14 -21.46
N GLN D 94 43.51 29.85 -19.38
CA GLN D 94 42.05 29.94 -19.34
C GLN D 94 41.49 29.11 -20.47
N ALA D 95 42.15 29.15 -21.62
CA ALA D 95 41.68 28.37 -22.75
C ALA D 95 41.89 26.91 -22.38
N GLY D 96 43.02 26.61 -21.74
CA GLY D 96 43.32 25.25 -21.32
C GLY D 96 42.24 24.73 -20.38
N VAL D 97 41.77 25.59 -19.49
CA VAL D 97 40.72 25.22 -18.56
C VAL D 97 39.41 25.00 -19.32
N ASP D 98 39.12 25.84 -20.29
CA ASP D 98 37.89 25.67 -21.05
C ASP D 98 37.91 24.33 -21.74
N LYS D 99 39.07 23.98 -22.32
CA LYS D 99 39.24 22.72 -23.02
C LYS D 99 38.98 21.53 -22.10
N LEU D 100 39.48 21.60 -20.88
CA LEU D 100 39.24 20.51 -19.94
C LEU D 100 37.74 20.39 -19.70
N ASP D 101 37.12 21.46 -19.21
CA ASP D 101 35.69 21.43 -18.96
C ASP D 101 34.90 20.91 -20.15
N SER D 102 35.40 21.16 -21.36
CA SER D 102 34.72 20.69 -22.56
C SER D 102 34.98 19.21 -22.75
N PHE D 103 36.06 18.72 -22.15
CA PHE D 103 36.42 17.31 -22.24
C PHE D 103 35.56 16.55 -21.24
N GLU D 104 35.41 17.10 -20.04
CA GLU D 104 34.61 16.47 -19.01
C GLU D 104 33.16 16.38 -19.55
N ARG D 105 32.74 17.42 -20.26
CA ARG D 105 31.40 17.44 -20.82
C ARG D 105 31.27 16.23 -21.76
N GLN D 106 32.38 15.86 -22.39
CA GLN D 106 32.41 14.73 -23.31
C GLN D 106 32.43 13.40 -22.54
N LEU D 107 33.16 13.37 -21.42
CA LEU D 107 33.27 12.17 -20.61
C LEU D 107 31.96 11.82 -19.96
N ASP D 108 31.41 12.77 -19.20
CA ASP D 108 30.14 12.56 -18.50
C ASP D 108 29.04 12.11 -19.46
N GLU D 109 29.37 12.12 -20.76
CA GLU D 109 28.44 11.71 -21.78
C GLU D 109 28.80 10.30 -22.21
N LEU D 110 30.09 10.04 -22.38
CA LEU D 110 30.60 8.73 -22.77
C LEU D 110 30.34 7.70 -21.69
N ALA D 111 30.14 8.18 -20.46
CA ALA D 111 29.89 7.33 -19.30
C ALA D 111 28.58 6.56 -19.48
N GLU D 112 27.86 6.88 -20.54
CA GLU D 112 26.58 6.25 -20.86
C GLU D 112 26.82 5.18 -21.89
N GLN D 113 27.50 5.56 -22.96
CA GLN D 113 27.82 4.65 -24.05
C GLN D 113 28.36 3.34 -23.45
N PRO D 114 27.63 2.23 -23.63
CA PRO D 114 28.01 0.92 -23.10
C PRO D 114 29.40 0.42 -23.53
N PRO D 115 30.22 0.03 -22.54
CA PRO D 115 31.59 -0.48 -22.59
C PRO D 115 32.02 -1.33 -23.77
N ASP D 116 31.10 -2.05 -24.39
CA ASP D 116 31.47 -2.90 -25.53
C ASP D 116 31.28 -2.22 -26.88
N GLN D 117 30.91 -0.95 -26.86
CA GLN D 117 30.71 -0.20 -28.09
C GLN D 117 31.97 0.57 -28.55
N PHE D 118 32.91 0.77 -27.64
CA PHE D 118 34.14 1.48 -27.96
C PHE D 118 35.11 0.59 -28.76
N THR D 119 36.22 1.19 -29.19
CA THR D 119 37.23 0.47 -29.92
C THR D 119 38.58 0.84 -29.34
N LEU D 120 39.61 0.05 -29.61
CA LEU D 120 40.92 0.38 -29.09
C LEU D 120 41.29 1.70 -29.71
N ASP D 121 40.61 2.03 -30.79
CA ASP D 121 40.83 3.25 -31.54
C ASP D 121 40.09 4.45 -30.95
N ASP D 122 38.84 4.25 -30.56
CA ASP D 122 38.12 5.38 -29.98
C ASP D 122 38.83 5.85 -28.72
N VAL D 123 39.40 4.91 -27.99
CA VAL D 123 40.11 5.22 -26.76
C VAL D 123 41.43 5.88 -27.09
N LYS D 124 42.13 5.38 -28.10
CA LYS D 124 43.40 6.00 -28.50
C LYS D 124 43.14 7.46 -28.87
N ALA D 125 42.03 7.71 -29.58
CA ALA D 125 41.65 9.06 -29.95
C ALA D 125 41.55 9.87 -28.65
N LEU D 126 40.55 9.57 -27.85
CA LEU D 126 40.37 10.26 -26.58
C LEU D 126 41.68 10.50 -25.80
N HIS D 127 42.56 9.51 -25.77
CA HIS D 127 43.82 9.61 -25.03
C HIS D 127 44.69 10.70 -25.60
N SER D 128 44.85 10.68 -26.92
CA SER D 128 45.64 11.69 -27.58
C SER D 128 44.92 13.05 -27.47
N LYS D 129 43.61 13.07 -27.67
CA LYS D 129 42.86 14.30 -27.58
C LYS D 129 43.07 15.01 -26.25
N LEU D 130 43.20 14.24 -25.18
CA LEU D 130 43.38 14.82 -23.86
C LEU D 130 44.83 15.18 -23.58
N THR D 131 45.77 14.36 -24.03
CA THR D 131 47.18 14.67 -23.81
C THR D 131 47.55 15.87 -24.70
N SER D 132 46.75 16.13 -25.73
CA SER D 132 47.01 17.25 -26.62
C SER D 132 46.56 18.51 -25.91
N VAL D 133 45.52 18.37 -25.11
CA VAL D 133 45.01 19.49 -24.35
C VAL D 133 46.07 19.82 -23.33
N PHE D 134 46.63 18.80 -22.72
CA PHE D 134 47.66 19.01 -21.72
C PHE D 134 48.82 19.87 -22.20
N ALA D 135 49.17 19.71 -23.48
CA ALA D 135 50.28 20.46 -24.08
C ALA D 135 49.94 21.92 -24.32
N THR D 136 48.65 22.20 -24.47
CA THR D 136 48.15 23.55 -24.69
C THR D 136 48.63 24.48 -23.60
N VAL D 137 48.86 23.92 -22.41
CA VAL D 137 49.32 24.71 -21.28
C VAL D 137 50.71 24.32 -20.82
N PRO D 138 51.75 24.96 -21.38
CA PRO D 138 53.16 24.70 -21.05
C PRO D 138 53.44 24.93 -19.56
N GLN D 139 54.44 24.22 -19.05
CA GLN D 139 54.81 24.29 -17.63
C GLN D 139 55.52 25.55 -17.13
N ILE D 140 54.75 26.56 -16.73
CA ILE D 140 55.32 27.79 -16.18
C ILE D 140 55.30 27.60 -14.66
N ASN D 141 56.35 28.05 -13.98
CA ASN D 141 56.44 27.89 -12.53
C ASN D 141 56.29 29.18 -11.70
N ASN D 142 55.04 29.68 -11.62
CA ASN D 142 54.70 30.87 -10.85
C ASN D 142 53.99 30.41 -9.58
N ILE D 143 54.59 30.70 -8.42
CA ILE D 143 54.06 30.31 -7.11
C ILE D 143 52.53 30.31 -6.99
N ASP D 144 51.95 29.12 -7.01
CA ASP D 144 50.51 28.94 -6.91
C ASP D 144 49.80 29.92 -7.82
N SER D 145 50.38 30.18 -8.99
CA SER D 145 49.76 31.10 -9.93
C SER D 145 48.37 30.51 -10.12
N GLN D 146 47.49 31.17 -10.87
CA GLN D 146 46.15 30.62 -11.07
C GLN D 146 46.31 29.21 -11.64
N TYR D 147 47.58 28.80 -11.71
CA TYR D 147 48.00 27.48 -12.19
C TYR D 147 47.36 26.38 -11.33
N ALA D 148 47.23 26.64 -10.03
CA ALA D 148 46.63 25.68 -9.12
C ALA D 148 45.19 25.34 -9.52
N ALA D 149 44.53 26.25 -10.21
CA ALA D 149 43.15 26.01 -10.66
C ALA D 149 43.14 25.01 -11.81
N TYR D 150 44.02 25.23 -12.80
CA TYR D 150 44.13 24.35 -13.96
C TYR D 150 44.60 22.97 -13.47
N ASN D 151 45.68 22.96 -12.68
CA ASN D 151 46.23 21.72 -12.15
C ASN D 151 45.17 20.87 -11.42
N LYS D 152 44.41 21.51 -10.55
CA LYS D 152 43.35 20.82 -9.83
C LYS D 152 42.41 20.20 -10.88
N LEU D 153 41.81 21.05 -11.72
CA LEU D 153 40.89 20.57 -12.75
C LEU D 153 41.52 19.51 -13.64
N LYS D 154 42.79 19.67 -14.00
CA LYS D 154 43.47 18.68 -14.83
C LYS D 154 43.48 17.35 -14.10
N SER D 155 43.86 17.41 -12.84
CA SER D 155 43.90 16.23 -11.99
C SER D 155 42.53 15.54 -12.07
N LYS D 156 41.48 16.28 -11.73
CA LYS D 156 40.12 15.77 -11.76
C LYS D 156 39.72 15.13 -13.09
N VAL D 157 39.89 15.85 -14.20
CA VAL D 157 39.52 15.29 -15.50
C VAL D 157 40.33 14.04 -15.86
N THR D 158 41.54 13.93 -15.30
CA THR D 158 42.36 12.77 -15.60
C THR D 158 41.73 11.56 -14.91
N GLY D 159 41.50 11.68 -13.62
CA GLY D 159 40.89 10.59 -12.87
C GLY D 159 39.61 10.14 -13.57
N LYS D 160 38.80 11.10 -13.96
CA LYS D 160 37.54 10.84 -14.66
C LYS D 160 37.77 9.95 -15.90
N TYR D 161 38.76 10.33 -16.70
CA TYR D 161 39.09 9.59 -17.90
C TYR D 161 39.52 8.19 -17.53
N ASN D 162 40.44 8.07 -16.59
CA ASN D 162 40.92 6.77 -16.14
C ASN D 162 39.75 5.90 -15.71
N ASP D 163 38.92 6.46 -14.84
CA ASP D 163 37.75 5.78 -14.34
C ASP D 163 36.71 5.49 -15.43
N VAL D 164 35.86 6.48 -15.68
CA VAL D 164 34.79 6.36 -16.68
C VAL D 164 35.16 5.72 -18.02
N ILE D 165 36.43 5.71 -18.38
CA ILE D 165 36.80 5.12 -19.67
C ILE D 165 37.77 3.95 -19.63
N ILE D 166 38.97 4.15 -19.09
CA ILE D 166 39.94 3.04 -19.03
C ILE D 166 39.46 1.97 -18.06
N GLN D 167 39.03 2.36 -16.87
CA GLN D 167 38.52 1.43 -15.86
C GLN D 167 37.37 0.59 -16.41
N ARG D 168 36.23 1.23 -16.66
CA ARG D 168 35.07 0.52 -17.19
C ARG D 168 35.45 -0.37 -18.34
N LEU D 169 35.84 0.23 -19.45
CA LEU D 169 36.21 -0.56 -20.60
C LEU D 169 37.13 -1.72 -20.24
N ALA D 170 38.21 -1.43 -19.50
CA ALA D 170 39.16 -2.46 -19.10
C ALA D 170 38.44 -3.63 -18.44
N THR D 171 37.62 -3.32 -17.44
CA THR D 171 36.87 -4.37 -16.77
C THR D 171 36.03 -5.17 -17.77
N ASN D 172 35.01 -4.54 -18.33
CA ASN D 172 34.13 -5.19 -19.28
C ASN D 172 34.85 -6.08 -20.30
N TRP D 173 35.80 -5.52 -21.03
CA TRP D 173 36.55 -6.28 -22.03
C TRP D 173 37.26 -7.44 -21.38
N SER D 174 37.69 -7.22 -20.13
CA SER D 174 38.39 -8.25 -19.37
C SER D 174 37.48 -9.42 -18.97
N ASN D 175 36.27 -9.14 -18.47
CA ASN D 175 35.33 -10.20 -18.11
C ASN D 175 35.11 -11.08 -19.35
N THR D 176 34.80 -10.42 -20.46
CA THR D 176 34.57 -11.12 -21.69
C THR D 176 35.76 -11.97 -22.10
N PHE D 177 36.95 -11.45 -21.87
CA PHE D 177 38.17 -12.14 -22.26
C PHE D 177 38.52 -13.36 -21.42
N ASP D 178 38.37 -13.30 -20.10
CA ASP D 178 38.70 -14.47 -19.31
C ASP D 178 37.61 -15.54 -19.41
N GLN D 179 36.49 -15.15 -20.02
CA GLN D 179 35.40 -16.09 -20.23
C GLN D 179 35.81 -16.84 -21.47
N LYS D 180 36.37 -16.14 -22.42
CA LYS D 180 36.82 -16.77 -23.64
C LYS D 180 38.04 -17.62 -23.31
N LEU D 181 38.64 -17.38 -22.15
CA LEU D 181 39.83 -18.14 -21.74
C LEU D 181 39.47 -19.43 -21.02
N LEU D 182 38.40 -19.41 -20.23
CA LEU D 182 37.93 -20.61 -19.53
C LEU D 182 37.46 -21.57 -20.60
N GLU D 183 36.65 -21.02 -21.51
CA GLU D 183 36.07 -21.74 -22.62
C GLU D 183 37.14 -22.49 -23.40
N ALA D 184 38.30 -21.88 -23.61
CA ALA D 184 39.37 -22.53 -24.37
C ALA D 184 40.26 -23.45 -23.53
N GLN D 185 40.11 -23.39 -22.22
CA GLN D 185 40.90 -24.21 -21.29
C GLN D 185 42.36 -24.31 -21.77
N TRP D 186 42.99 -23.16 -21.97
CA TRP D 186 44.37 -23.11 -22.49
C TRP D 186 45.46 -23.61 -21.55
N ASP D 187 45.24 -23.47 -20.25
CA ASP D 187 46.20 -23.89 -19.23
C ASP D 187 45.91 -25.35 -18.89
N THR D 188 45.37 -26.06 -19.87
CA THR D 188 44.99 -27.44 -19.72
C THR D 188 45.48 -28.22 -20.94
N GLN D 189 45.38 -29.54 -20.89
CA GLN D 189 45.80 -30.38 -22.00
C GLN D 189 44.74 -30.39 -23.10
N LYS D 190 43.50 -30.08 -22.72
CA LYS D 190 42.39 -30.02 -23.68
C LYS D 190 42.77 -29.10 -24.81
N PHE D 191 43.08 -27.85 -24.44
CA PHE D 191 43.46 -26.80 -25.37
C PHE D 191 44.05 -27.25 -26.70
N ALA D 192 43.29 -27.01 -27.77
CA ALA D 192 43.68 -27.37 -29.14
C ALA D 192 44.60 -26.30 -29.74
N SER D 193 45.86 -26.31 -29.32
CA SER D 193 46.86 -25.35 -29.82
C SER D 193 47.07 -25.51 -31.32
N THR D 194 46.37 -26.48 -31.88
CA THR D 194 46.43 -26.78 -33.30
C THR D 194 45.65 -25.76 -34.12
N SER D 195 44.45 -25.41 -33.64
CA SER D 195 43.55 -24.47 -34.31
C SER D 195 44.15 -23.20 -34.91
N VAL D 196 45.30 -22.74 -34.38
CA VAL D 196 45.99 -21.53 -34.86
C VAL D 196 45.09 -20.30 -34.85
N GLY D 197 43.89 -20.45 -35.41
CA GLY D 197 42.93 -19.36 -35.43
C GLY D 197 42.45 -19.10 -34.02
N LEU D 198 42.40 -20.15 -33.20
CA LEU D 198 41.98 -20.00 -31.82
C LEU D 198 43.12 -19.32 -31.10
N VAL D 199 44.34 -19.63 -31.52
CA VAL D 199 45.51 -19.03 -30.93
C VAL D 199 45.59 -17.56 -31.29
N LYS D 200 45.57 -17.25 -32.58
CA LYS D 200 45.64 -15.86 -33.05
C LYS D 200 44.56 -15.00 -32.39
N CYS D 201 43.37 -15.57 -32.21
CA CYS D 201 42.27 -14.86 -31.59
C CYS D 201 42.62 -14.50 -30.15
N LEU D 202 43.08 -15.49 -29.39
CA LEU D 202 43.45 -15.30 -27.99
C LEU D 202 44.60 -14.34 -27.79
N ARG D 203 45.48 -14.26 -28.78
CA ARG D 203 46.64 -13.37 -28.73
C ARG D 203 46.23 -11.94 -28.97
N GLU D 204 45.54 -11.71 -30.08
CA GLU D 204 45.11 -10.37 -30.43
C GLU D 204 44.11 -9.85 -29.41
N ASN D 205 43.47 -10.75 -28.68
CA ASN D 205 42.51 -10.34 -27.67
C ASN D 205 43.25 -9.84 -26.45
N SER D 206 44.40 -10.43 -26.22
CA SER D 206 45.28 -10.08 -25.11
C SER D 206 45.95 -8.77 -25.42
N THR D 207 46.53 -8.67 -26.62
CA THR D 207 47.22 -7.46 -27.05
C THR D 207 46.30 -6.25 -26.95
N LYS D 208 45.11 -6.37 -27.55
CA LYS D 208 44.13 -5.29 -27.54
C LYS D 208 43.95 -4.80 -26.10
N LEU D 209 43.68 -5.75 -25.22
CA LEU D 209 43.48 -5.45 -23.81
C LEU D 209 44.74 -4.87 -23.16
N TYR D 210 45.89 -5.26 -23.67
CA TYR D 210 47.16 -4.78 -23.13
C TYR D 210 47.35 -3.32 -23.48
N GLN D 211 47.03 -2.99 -24.73
CA GLN D 211 47.17 -1.63 -25.19
C GLN D 211 46.16 -0.73 -24.52
N LEU D 212 45.00 -1.26 -24.18
CA LEU D 212 44.03 -0.42 -23.51
C LEU D 212 44.57 -0.06 -22.13
N SER D 213 45.20 -1.02 -21.47
CA SER D 213 45.77 -0.82 -20.14
C SER D 213 46.80 0.31 -20.12
N LEU D 214 47.61 0.37 -21.16
CA LEU D 214 48.64 1.38 -21.26
C LEU D 214 48.09 2.77 -21.50
N LEU D 215 46.85 2.89 -22.01
CA LEU D 215 46.23 4.20 -22.24
C LEU D 215 45.77 4.88 -20.95
N TYR D 216 46.22 4.36 -19.82
CA TYR D 216 45.90 4.92 -18.51
C TYR D 216 46.80 6.14 -18.31
N LEU D 217 46.24 7.30 -18.00
CA LEU D 217 47.07 8.48 -17.76
C LEU D 217 47.39 8.61 -16.28
N PRO D 218 48.67 8.60 -15.94
CA PRO D 218 49.10 8.72 -14.55
C PRO D 218 48.89 10.12 -13.99
N LEU D 219 48.33 10.20 -12.78
CA LEU D 219 48.09 11.49 -12.13
C LEU D 219 49.41 12.09 -11.62
N GLU D 220 49.58 13.40 -11.85
CA GLU D 220 50.78 14.11 -11.42
C GLU D 220 50.83 14.32 -9.91
N GLU D 221 51.85 13.73 -9.28
CA GLU D 221 52.06 13.75 -7.83
C GLU D 221 51.20 12.68 -7.18
N GLU D 240 49.19 1.71 -11.99
CA GLU D 240 50.48 1.02 -11.68
C GLU D 240 51.40 0.88 -12.92
N PRO D 241 50.81 0.71 -14.12
CA PRO D 241 49.36 0.65 -14.36
C PRO D 241 48.90 -0.80 -14.39
N VAL D 242 47.62 -1.02 -14.07
CA VAL D 242 47.08 -2.36 -14.07
C VAL D 242 47.05 -2.93 -15.49
N LEU D 243 47.62 -4.12 -15.66
CA LEU D 243 47.66 -4.77 -16.96
C LEU D 243 46.56 -5.83 -17.13
N TRP D 244 45.36 -5.35 -17.44
CA TRP D 244 44.18 -6.18 -17.61
C TRP D 244 44.31 -7.43 -18.46
N ASN D 245 45.18 -7.40 -19.46
CA ASN D 245 45.33 -8.60 -20.25
C ASN D 245 45.91 -9.66 -19.32
N PHE D 246 46.94 -9.32 -18.54
CA PHE D 246 47.52 -10.30 -17.63
C PHE D 246 46.59 -10.70 -16.48
N LYS D 247 45.74 -9.76 -16.03
CA LYS D 247 44.78 -10.09 -14.99
C LYS D 247 43.94 -11.23 -15.57
N SER D 248 43.53 -11.09 -16.83
CA SER D 248 42.75 -12.12 -17.51
C SER D 248 43.45 -13.45 -17.65
N LEU D 249 44.70 -13.43 -18.09
CA LEU D 249 45.43 -14.67 -18.27
C LEU D 249 45.54 -15.48 -16.98
N ALA D 250 45.63 -14.78 -15.85
CA ALA D 250 45.75 -15.46 -14.58
C ALA D 250 44.39 -15.86 -14.02
N ASN D 251 43.31 -15.32 -14.56
CA ASN D 251 41.98 -15.66 -14.06
C ASN D 251 41.77 -17.16 -13.91
N ASN D 252 42.03 -17.92 -14.97
CA ASN D 252 41.87 -19.38 -14.92
C ASN D 252 42.52 -19.92 -13.67
N PHE D 253 43.79 -19.58 -13.49
CA PHE D 253 44.52 -19.99 -12.31
C PHE D 253 43.78 -19.56 -11.05
N ASN D 254 43.33 -18.30 -11.02
CA ASN D 254 42.62 -17.77 -9.86
C ASN D 254 41.34 -18.56 -9.53
N VAL D 255 40.61 -18.98 -10.54
CA VAL D 255 39.38 -19.73 -10.32
C VAL D 255 39.73 -21.04 -9.63
N ARG D 256 40.64 -21.79 -10.26
CA ARG D 256 41.09 -23.06 -9.72
C ARG D 256 41.65 -22.93 -8.30
N PHE D 257 42.49 -21.93 -8.08
CA PHE D 257 43.08 -21.70 -6.77
C PHE D 257 42.06 -21.37 -5.71
N THR D 258 41.05 -20.58 -6.07
CA THR D 258 40.02 -20.18 -5.13
C THR D 258 39.12 -21.34 -4.71
N TYR D 259 38.71 -22.18 -5.66
CA TYR D 259 37.85 -23.31 -5.33
C TYR D 259 38.55 -24.32 -4.43
N HIS D 260 39.76 -24.68 -4.81
CA HIS D 260 40.55 -25.65 -4.09
C HIS D 260 41.01 -25.23 -2.71
N PHE D 261 41.31 -23.94 -2.54
CA PHE D 261 41.78 -23.48 -1.23
C PHE D 261 40.79 -22.64 -0.46
N HIS D 262 39.59 -23.17 -0.25
CA HIS D 262 38.55 -22.44 0.47
C HIS D 262 38.97 -22.04 1.88
N ALA D 263 39.46 -23.02 2.65
CA ALA D 263 39.90 -22.78 4.02
C ALA D 263 40.82 -21.57 4.17
N THR D 264 40.93 -21.05 5.39
CA THR D 264 41.77 -19.88 5.66
C THR D 264 43.26 -20.21 5.48
N SER D 265 44.12 -19.21 5.64
CA SER D 265 45.55 -19.41 5.49
C SER D 265 46.21 -19.84 6.79
N SER D 266 46.97 -20.92 6.69
CA SER D 266 47.70 -21.49 7.81
C SER D 266 49.17 -21.34 7.46
N SER D 267 50.04 -21.82 8.34
CA SER D 267 51.47 -21.76 8.09
C SER D 267 51.81 -22.88 7.10
N SER D 268 51.17 -24.03 7.31
CA SER D 268 51.37 -25.20 6.46
C SER D 268 50.71 -25.01 5.10
N LYS D 269 49.49 -24.49 5.12
CA LYS D 269 48.74 -24.28 3.89
C LYS D 269 49.48 -23.39 2.90
N ILE D 270 50.25 -22.43 3.40
CA ILE D 270 51.01 -21.55 2.51
C ILE D 270 52.00 -22.35 1.67
N GLU D 271 52.56 -23.42 2.24
CA GLU D 271 53.50 -24.24 1.48
C GLU D 271 52.74 -24.90 0.35
N THR D 272 51.51 -25.31 0.63
CA THR D 272 50.65 -25.96 -0.36
C THR D 272 50.27 -25.05 -1.52
N TYR D 273 50.31 -23.74 -1.29
CA TYR D 273 49.98 -22.80 -2.34
C TYR D 273 51.14 -22.83 -3.34
N PHE D 274 52.36 -22.71 -2.83
CA PHE D 274 53.53 -22.72 -3.69
C PHE D 274 53.63 -24.03 -4.44
N GLN D 275 53.30 -25.12 -3.76
CA GLN D 275 53.37 -26.41 -4.40
C GLN D 275 52.55 -26.36 -5.69
N PHE D 276 51.31 -25.87 -5.58
CA PHE D 276 50.43 -25.76 -6.73
C PHE D 276 50.97 -24.74 -7.72
N LEU D 277 51.34 -23.57 -7.21
CA LEU D 277 51.88 -22.52 -8.05
C LEU D 277 52.98 -23.10 -8.90
N ASN D 278 53.91 -23.79 -8.24
CA ASN D 278 55.04 -24.38 -8.93
C ASN D 278 54.65 -25.34 -10.03
N ASP D 279 53.77 -26.28 -9.71
CA ASP D 279 53.34 -27.28 -10.68
C ASP D 279 52.57 -26.63 -11.81
N TYR D 280 51.86 -25.55 -11.52
CA TYR D 280 51.08 -24.86 -12.54
C TYR D 280 51.99 -24.17 -13.53
N LEU D 281 52.97 -23.43 -13.01
CA LEU D 281 53.89 -22.72 -13.86
C LEU D 281 54.70 -23.70 -14.69
N ALA D 282 55.26 -24.71 -14.02
CA ALA D 282 56.06 -25.71 -14.73
C ALA D 282 55.29 -26.25 -15.91
N GLU D 283 53.97 -26.23 -15.79
CA GLU D 283 53.12 -26.75 -16.82
C GLU D 283 52.51 -25.73 -17.77
N ASN D 284 52.51 -24.46 -17.37
CA ASN D 284 51.90 -23.47 -18.24
C ASN D 284 52.71 -22.25 -18.59
N LEU D 285 53.80 -22.01 -17.87
CA LEU D 285 54.59 -20.83 -18.14
C LEU D 285 54.98 -20.77 -19.60
N TYR D 286 55.62 -21.83 -20.10
CA TYR D 286 56.02 -21.84 -21.50
C TYR D 286 54.80 -21.71 -22.44
N LYS D 287 53.72 -22.44 -22.15
CA LYS D 287 52.52 -22.40 -23.00
C LYS D 287 51.91 -21.01 -23.08
N CYS D 288 52.08 -20.24 -22.00
CA CYS D 288 51.57 -18.88 -21.93
C CYS D 288 52.42 -17.96 -22.81
N ILE D 289 53.73 -18.01 -22.60
CA ILE D 289 54.71 -17.24 -23.38
C ILE D 289 54.58 -17.57 -24.86
N ASN D 290 54.31 -18.84 -25.17
CA ASN D 290 54.16 -19.24 -26.56
C ASN D 290 52.90 -18.63 -27.18
N ILE D 291 51.75 -18.86 -26.57
CA ILE D 291 50.49 -18.35 -27.10
C ILE D 291 50.33 -16.85 -27.19
N PHE D 292 50.76 -16.13 -26.16
CA PHE D 292 50.54 -14.69 -26.14
C PHE D 292 51.64 -13.70 -26.48
N HIS D 293 52.83 -14.18 -26.82
CA HIS D 293 53.89 -13.24 -27.11
C HIS D 293 53.66 -12.52 -28.43
N ASP D 294 53.69 -11.19 -28.35
CA ASP D 294 53.45 -10.31 -29.50
C ASP D 294 54.56 -9.26 -29.48
N ASP D 295 55.73 -9.59 -30.01
CA ASP D 295 56.86 -8.65 -29.99
C ASP D 295 56.62 -7.30 -30.67
N CYS D 296 55.77 -7.28 -31.68
CA CYS D 296 55.47 -6.04 -32.38
C CYS D 296 54.89 -5.02 -31.43
N ASN D 297 53.93 -5.45 -30.62
CA ASN D 297 53.24 -4.56 -29.71
C ASN D 297 53.66 -4.48 -28.25
N GLY D 298 54.89 -4.91 -27.95
CA GLY D 298 55.38 -4.81 -26.59
C GLY D 298 55.41 -6.08 -25.76
N LEU D 299 54.48 -6.98 -26.02
CA LEU D 299 54.40 -8.23 -25.27
C LEU D 299 55.53 -9.17 -25.67
N THR D 300 56.74 -8.87 -25.22
CA THR D 300 57.89 -9.70 -25.54
C THR D 300 57.86 -10.94 -24.68
N LYS D 301 58.60 -11.96 -25.08
CA LYS D 301 58.65 -13.19 -24.32
C LYS D 301 58.96 -12.87 -22.86
N PRO D 302 59.91 -11.96 -22.58
CA PRO D 302 60.22 -11.62 -21.18
C PRO D 302 59.10 -10.82 -20.49
N VAL D 303 58.48 -9.92 -21.25
CA VAL D 303 57.39 -9.09 -20.74
C VAL D 303 56.28 -9.99 -20.24
N ILE D 304 56.03 -11.05 -20.99
CA ILE D 304 55.00 -12.00 -20.66
C ILE D 304 55.44 -12.91 -19.54
N HIS D 305 56.64 -13.45 -19.64
CA HIS D 305 57.16 -14.34 -18.62
C HIS D 305 57.04 -13.69 -17.24
N GLU D 306 57.52 -12.47 -17.14
CA GLU D 306 57.52 -11.72 -15.89
C GLU D 306 56.14 -11.25 -15.41
N GLN D 307 55.32 -10.72 -16.32
CA GLN D 307 53.99 -10.25 -15.93
C GLN D 307 53.06 -11.36 -15.48
N PHE D 308 53.05 -12.45 -16.24
CA PHE D 308 52.19 -13.58 -15.92
C PHE D 308 52.41 -14.08 -14.49
N ILE D 309 53.67 -14.36 -14.14
CA ILE D 309 53.94 -14.84 -12.79
C ILE D 309 53.38 -13.81 -11.81
N ASN D 310 53.75 -12.57 -12.04
CA ASN D 310 53.31 -11.47 -11.20
C ASN D 310 51.80 -11.50 -10.97
N TYR D 311 51.01 -11.61 -12.01
CA TYR D 311 49.57 -11.64 -11.79
C TYR D 311 49.04 -12.96 -11.26
N VAL D 312 49.70 -14.06 -11.61
CA VAL D 312 49.32 -15.39 -11.14
C VAL D 312 49.45 -15.42 -9.63
N LEU D 313 50.46 -14.74 -9.11
CA LEU D 313 50.71 -14.66 -7.68
C LEU D 313 49.62 -13.94 -6.89
N GLN D 314 48.94 -12.96 -7.48
CA GLN D 314 47.89 -12.22 -6.74
C GLN D 314 46.90 -13.07 -5.95
N PRO D 315 46.25 -14.05 -6.57
CA PRO D 315 45.31 -14.84 -5.78
C PRO D 315 45.96 -15.36 -4.49
N ILE D 316 47.27 -15.57 -4.53
CA ILE D 316 48.02 -16.06 -3.36
C ILE D 316 48.31 -14.90 -2.41
N ARG D 317 48.65 -13.73 -2.96
CA ARG D 317 48.93 -12.58 -2.12
C ARG D 317 47.66 -12.24 -1.36
N ASP D 318 46.53 -12.26 -2.05
CA ASP D 318 45.26 -11.92 -1.43
C ASP D 318 44.79 -12.92 -0.39
N LYS D 319 45.04 -14.21 -0.61
CA LYS D 319 44.63 -15.24 0.35
C LYS D 319 45.36 -14.99 1.67
N VAL D 320 46.66 -14.86 1.57
CA VAL D 320 47.51 -14.62 2.74
C VAL D 320 47.23 -13.28 3.40
N ARG D 321 47.14 -12.22 2.59
CA ARG D 321 46.91 -10.87 3.09
C ARG D 321 45.59 -10.73 3.86
N SER D 322 44.57 -11.48 3.45
CA SER D 322 43.26 -11.40 4.09
C SER D 322 43.25 -11.90 5.53
N THR D 323 44.02 -12.94 5.80
CA THR D 323 44.08 -13.50 7.15
C THR D 323 45.11 -12.80 8.03
N LEU D 324 46.14 -12.23 7.42
CA LEU D 324 47.21 -11.54 8.13
C LEU D 324 46.71 -10.85 9.39
N PHE D 325 45.83 -9.86 9.24
CA PHE D 325 45.29 -9.16 10.40
C PHE D 325 44.33 -10.05 11.19
N GLN D 326 44.87 -11.17 11.67
CA GLN D 326 44.09 -12.14 12.44
C GLN D 326 45.06 -13.16 13.02
N ASN D 327 46.35 -12.84 12.96
CA ASN D 327 47.41 -13.71 13.48
C ASN D 327 48.26 -12.98 14.50
N ASP D 328 49.21 -13.71 15.06
CA ASP D 328 50.15 -13.16 16.05
C ASP D 328 51.30 -12.60 15.25
N LEU D 329 51.81 -11.46 15.70
CA LEU D 329 52.95 -10.87 15.01
C LEU D 329 54.15 -11.75 15.31
N LYS D 330 53.93 -12.81 16.10
CA LYS D 330 54.98 -13.75 16.45
C LYS D 330 55.17 -14.80 15.36
N THR D 331 54.22 -14.89 14.43
CA THR D 331 54.30 -15.86 13.35
C THR D 331 54.55 -15.19 12.02
N LEU D 332 55.15 -13.99 12.07
CA LEU D 332 55.44 -13.23 10.86
C LEU D 332 56.82 -13.57 10.28
N ILE D 333 57.75 -13.92 11.16
CA ILE D 333 59.09 -14.29 10.72
C ILE D 333 58.95 -15.58 9.91
N VAL D 334 58.01 -16.41 10.33
CA VAL D 334 57.74 -17.67 9.67
C VAL D 334 57.23 -17.42 8.24
N LEU D 335 56.38 -16.41 8.09
CA LEU D 335 55.85 -16.07 6.77
C LEU D 335 56.97 -15.45 5.91
N ILE D 336 57.69 -14.50 6.49
CA ILE D 336 58.79 -13.80 5.83
C ILE D 336 59.77 -14.77 5.16
N SER D 337 60.18 -15.78 5.90
CA SER D 337 61.10 -16.80 5.41
C SER D 337 60.48 -17.53 4.22
N GLN D 338 59.22 -17.92 4.36
CA GLN D 338 58.51 -18.61 3.28
C GLN D 338 58.49 -17.73 2.03
N ILE D 339 58.20 -16.45 2.24
CA ILE D 339 58.19 -15.48 1.16
C ILE D 339 59.58 -15.47 0.55
N LEU D 340 60.57 -15.79 1.38
CA LEU D 340 61.97 -15.82 0.97
C LEU D 340 62.27 -17.08 0.17
N ALA D 341 61.85 -18.23 0.69
CA ALA D 341 62.05 -19.51 0.03
C ALA D 341 61.40 -19.50 -1.34
N THR D 342 60.36 -18.66 -1.46
CA THR D 342 59.62 -18.52 -2.70
C THR D 342 60.37 -17.64 -3.69
N ASP D 343 60.85 -16.50 -3.22
CA ASP D 343 61.59 -15.62 -4.11
C ASP D 343 62.75 -16.43 -4.65
N LYS D 344 63.28 -17.33 -3.82
CA LYS D 344 64.41 -18.17 -4.22
C LYS D 344 63.98 -19.32 -5.12
N ASN D 345 62.94 -20.05 -4.72
CA ASN D 345 62.43 -21.17 -5.51
C ASN D 345 62.01 -20.65 -6.87
N LEU D 346 61.26 -19.56 -6.84
CA LEU D 346 60.77 -18.90 -8.04
C LEU D 346 61.91 -18.28 -8.83
N LEU D 347 63.13 -18.37 -8.30
CA LEU D 347 64.29 -17.80 -8.97
C LEU D 347 65.12 -18.93 -9.62
N ASN D 348 65.05 -20.12 -9.04
CA ASN D 348 65.77 -21.28 -9.56
C ASN D 348 65.01 -21.80 -10.76
N SER D 349 63.74 -22.14 -10.52
CA SER D 349 62.86 -22.69 -11.55
C SER D 349 62.79 -21.82 -12.80
N PHE D 350 62.30 -20.60 -12.64
CA PHE D 350 62.20 -19.65 -13.74
C PHE D 350 62.96 -18.48 -13.20
N HIS D 351 63.85 -17.90 -14.00
CA HIS D 351 64.62 -16.77 -13.51
C HIS D 351 63.65 -15.60 -13.34
N TYR D 352 62.76 -15.71 -12.36
CA TYR D 352 61.77 -14.68 -12.11
C TYR D 352 62.21 -13.67 -11.06
N HIS D 353 62.71 -12.54 -11.53
CA HIS D 353 63.12 -11.46 -10.66
C HIS D 353 62.04 -10.38 -10.79
N GLY D 354 61.10 -10.39 -9.86
CA GLY D 354 60.03 -9.42 -9.91
C GLY D 354 59.29 -9.45 -8.59
N LEU D 355 58.37 -8.53 -8.41
CA LEU D 355 57.61 -8.44 -7.17
C LEU D 355 57.03 -9.81 -6.85
N GLY D 356 57.38 -10.37 -5.70
CA GLY D 356 56.87 -11.68 -5.37
C GLY D 356 56.46 -11.92 -3.94
N LEU D 357 55.15 -11.84 -3.68
CA LEU D 357 54.57 -12.08 -2.36
C LEU D 357 54.89 -11.02 -1.30
N VAL D 358 56.14 -10.56 -1.28
CA VAL D 358 56.58 -9.54 -0.32
C VAL D 358 55.64 -8.35 -0.31
N SER D 359 54.96 -8.11 -1.43
CA SER D 359 54.03 -6.99 -1.55
C SER D 359 52.67 -7.35 -0.92
N LEU D 360 52.55 -8.55 -0.38
CA LEU D 360 51.31 -8.94 0.26
C LEU D 360 51.32 -8.33 1.65
N ILE D 361 52.48 -8.40 2.33
CA ILE D 361 52.62 -7.84 3.67
C ILE D 361 52.47 -6.35 3.60
N SER D 362 51.37 -5.87 4.19
CA SER D 362 51.02 -4.46 4.24
C SER D 362 52.06 -3.55 4.93
N ASP D 363 52.23 -2.36 4.38
CA ASP D 363 53.16 -1.35 4.91
C ASP D 363 52.68 -0.95 6.31
N GLU D 364 51.44 -1.30 6.61
CA GLU D 364 50.81 -1.02 7.89
C GLU D 364 51.11 -2.17 8.86
N VAL D 365 51.35 -3.36 8.32
CA VAL D 365 51.67 -4.53 9.14
C VAL D 365 53.15 -4.51 9.52
N TRP D 366 54.01 -4.18 8.56
CA TRP D 366 55.44 -4.10 8.80
C TRP D 366 55.67 -3.25 10.06
N GLU D 367 54.92 -2.15 10.16
CA GLU D 367 55.00 -1.23 11.31
C GLU D 367 54.66 -1.87 12.66
N LYS D 368 53.51 -2.55 12.74
CA LYS D 368 53.09 -3.22 13.98
C LYS D 368 54.12 -4.27 14.37
N TRP D 369 54.66 -4.95 13.36
CA TRP D 369 55.64 -5.99 13.58
C TRP D 369 56.89 -5.44 14.25
N ILE D 370 57.48 -4.41 13.63
CA ILE D 370 58.69 -3.79 14.18
C ILE D 370 58.44 -3.29 15.58
N ASN D 371 57.28 -2.66 15.77
CA ASN D 371 56.90 -2.14 17.07
C ASN D 371 56.91 -3.30 18.06
N TYR D 372 56.35 -4.43 17.64
CA TYR D 372 56.28 -5.63 18.45
C TYR D 372 57.67 -6.17 18.80
N GLU D 373 58.49 -6.37 17.76
CA GLU D 373 59.84 -6.89 17.92
C GLU D 373 60.76 -6.00 18.77
N VAL D 374 60.51 -4.69 18.76
CA VAL D 374 61.30 -3.74 19.55
C VAL D 374 60.91 -3.90 21.02
N GLU D 375 59.65 -4.20 21.26
CA GLU D 375 59.17 -4.39 22.60
C GLU D 375 59.81 -5.68 23.12
N ALA D 377 62.49 -6.88 22.40
CA ALA D 377 63.91 -6.63 22.64
C ALA D 377 64.10 -5.91 23.97
N ASN D 378 63.42 -4.80 24.13
CA ASN D 378 63.50 -4.03 25.37
C ASN D 378 63.12 -4.87 26.57
N ARG D 379 62.37 -5.96 26.34
CA ARG D 379 61.95 -6.82 27.44
C ARG D 379 62.97 -7.90 27.74
N GLN D 380 63.60 -8.46 26.70
CA GLN D 380 64.62 -9.50 26.89
C GLN D 380 65.87 -8.89 27.48
N PHE D 381 66.10 -7.62 27.20
CA PHE D 381 67.27 -6.92 27.72
C PHE D 381 67.10 -6.83 29.21
N ILE D 382 65.97 -6.28 29.62
CA ILE D 382 65.67 -6.15 31.04
C ILE D 382 65.76 -7.51 31.73
N ASN D 383 65.39 -8.58 31.02
CA ASN D 383 65.45 -9.91 31.61
C ASN D 383 66.84 -10.35 32.00
N ILE D 384 67.84 -9.88 31.26
CA ILE D 384 69.21 -10.26 31.58
C ILE D 384 69.97 -9.09 32.21
N THR D 385 69.26 -8.20 32.89
CA THR D 385 69.89 -7.04 33.48
C THR D 385 69.05 -6.46 34.64
N LYS D 386 67.95 -7.11 34.97
CA LYS D 386 67.07 -6.63 36.04
C LYS D 386 67.62 -6.81 37.45
N ASN D 387 68.33 -7.93 37.69
CA ASN D 387 68.88 -8.19 39.02
C ASN D 387 70.39 -7.97 39.10
N PRO D 388 70.89 -7.71 40.32
CA PRO D 388 72.31 -7.48 40.59
C PRO D 388 73.18 -8.75 40.40
N GLU D 389 72.50 -9.88 40.40
CA GLU D 389 73.15 -11.19 40.21
C GLU D 389 73.45 -11.43 38.73
N ASP D 390 72.86 -10.60 37.88
CA ASP D 390 73.06 -10.71 36.43
C ASP D 390 74.24 -9.88 35.95
N PHE D 391 74.85 -9.11 36.85
CA PHE D 391 75.98 -8.27 36.47
C PHE D 391 77.21 -9.03 35.98
N PRO D 392 77.75 -9.95 36.80
CA PRO D 392 78.93 -10.68 36.36
C PRO D 392 78.90 -11.20 34.92
N LYS D 393 77.84 -11.88 34.53
CA LYS D 393 77.77 -12.41 33.18
C LYS D 393 76.88 -11.66 32.19
N SER D 394 76.74 -10.36 32.42
CA SER D 394 75.91 -9.49 31.59
C SER D 394 76.51 -9.20 30.21
N SER D 395 77.84 -9.15 30.13
CA SER D 395 78.49 -8.88 28.86
C SER D 395 78.22 -10.05 27.91
N GLN D 396 78.36 -11.27 28.43
CA GLN D 396 78.13 -12.46 27.64
C GLN D 396 76.69 -12.49 27.15
N ASN D 397 75.76 -12.44 28.10
CA ASN D 397 74.33 -12.46 27.82
C ASN D 397 73.85 -11.39 26.84
N PHE D 398 74.36 -10.16 26.95
CA PHE D 398 73.94 -9.11 26.03
C PHE D 398 74.39 -9.48 24.65
N VAL D 399 75.57 -10.10 24.55
CA VAL D 399 76.08 -10.50 23.24
C VAL D 399 75.24 -11.65 22.67
N LYS D 400 74.76 -12.55 23.53
CA LYS D 400 73.92 -13.64 23.05
C LYS D 400 72.63 -13.03 22.52
N LEU D 401 72.07 -12.11 23.29
CA LEU D 401 70.83 -11.43 22.90
C LEU D 401 70.98 -10.68 21.56
N ILE D 402 72.20 -10.22 21.28
CA ILE D 402 72.43 -9.53 20.03
C ILE D 402 72.56 -10.57 18.92
N ASN D 403 73.12 -11.72 19.24
CA ASN D 403 73.28 -12.77 18.25
C ASN D 403 71.95 -13.49 18.03
N LYS D 404 71.19 -13.66 19.10
CA LYS D 404 69.88 -14.29 19.01
C LYS D 404 69.03 -13.41 18.09
N ILE D 405 68.91 -12.13 18.42
CA ILE D 405 68.11 -11.21 17.63
C ILE D 405 68.56 -11.12 16.18
N TYR D 406 69.85 -11.22 15.93
CA TYR D 406 70.33 -11.15 14.57
C TYR D 406 69.98 -12.41 13.77
N ASP D 407 70.20 -13.58 14.36
CA ASP D 407 69.89 -14.82 13.67
C ASP D 407 68.40 -14.90 13.36
N TYR D 408 67.59 -14.40 14.28
CA TYR D 408 66.14 -14.38 14.13
C TYR D 408 65.70 -13.40 13.05
N LEU D 409 66.46 -12.33 12.83
CA LEU D 409 66.09 -11.36 11.82
C LEU D 409 66.67 -11.64 10.45
N GLU D 410 67.55 -12.64 10.35
CA GLU D 410 68.19 -12.95 9.06
C GLU D 410 67.26 -13.01 7.85
N PRO D 411 66.30 -13.96 7.83
CA PRO D 411 65.38 -14.04 6.68
C PRO D 411 64.77 -12.70 6.26
N PHE D 412 64.60 -11.80 7.21
CA PHE D 412 64.05 -10.47 6.93
C PHE D 412 65.08 -9.67 6.15
N TYR D 413 66.31 -9.74 6.62
CA TYR D 413 67.41 -9.04 5.99
C TYR D 413 67.74 -9.63 4.63
N ASP D 414 67.60 -10.94 4.51
CA ASP D 414 67.89 -11.67 3.27
C ASP D 414 66.91 -11.35 2.13
N LEU D 415 65.86 -10.60 2.45
CA LEU D 415 64.84 -10.20 1.47
C LEU D 415 65.28 -9.04 0.60
N ASP D 416 65.45 -9.27 -0.70
CA ASP D 416 65.88 -8.20 -1.59
C ASP D 416 64.98 -6.97 -1.52
N PHE D 417 63.83 -7.03 -2.20
CA PHE D 417 62.87 -5.93 -2.24
C PHE D 417 63.38 -4.63 -1.60
N ASP D 418 63.50 -3.58 -2.40
CA ASP D 418 64.01 -2.30 -1.90
C ASP D 418 63.05 -1.42 -1.12
N LEU D 419 61.75 -1.66 -1.24
CA LEU D 419 60.79 -0.85 -0.50
C LEU D 419 60.84 -1.15 1.00
N LEU D 420 61.47 -2.25 1.38
CA LEU D 420 61.59 -2.61 2.79
C LEU D 420 62.97 -2.29 3.38
N VAL D 421 63.70 -1.41 2.71
CA VAL D 421 65.02 -1.00 3.19
C VAL D 421 64.80 0.08 4.26
N ARG D 422 63.58 0.61 4.28
CA ARG D 422 63.19 1.62 5.25
C ARG D 422 63.01 0.98 6.62
N TYR D 423 62.47 -0.23 6.61
CA TYR D 423 62.22 -0.99 7.83
C TYR D 423 63.47 -1.64 8.34
N LYS D 424 64.32 -2.05 7.40
CA LYS D 424 65.58 -2.69 7.75
C LYS D 424 66.54 -1.74 8.48
N LEU D 425 66.40 -0.44 8.25
CA LEU D 425 67.25 0.54 8.94
C LEU D 425 66.67 0.84 10.34
N THR D 427 64.85 -1.33 12.26
CA THR D 427 65.21 -2.48 13.05
C THR D 427 66.64 -2.25 13.55
N CYS D 428 67.46 -1.64 12.68
CA CYS D 428 68.86 -1.34 13.00
C CYS D 428 69.03 -0.37 14.17
N SER D 429 68.30 0.74 14.14
CA SER D 429 68.39 1.76 15.19
C SER D 429 67.49 1.56 16.41
N LEU D 430 66.26 1.11 16.19
CA LEU D 430 65.32 0.92 17.29
C LEU D 430 65.51 -0.41 18.01
N ILE D 431 66.42 -1.23 17.51
CA ILE D 431 66.69 -2.51 18.16
C ILE D 431 68.17 -2.66 18.50
N PHE D 432 69.02 -2.74 17.49
CA PHE D 432 70.44 -2.88 17.76
C PHE D 432 71.01 -1.61 18.40
N ASN D 434 69.48 0.78 19.83
CA ASN D 434 68.78 0.93 21.09
C ASN D 434 69.30 0.02 22.21
N LEU D 435 69.37 -1.28 21.94
CA LEU D 435 69.85 -2.24 22.91
C LEU D 435 71.29 -1.95 23.36
N THR D 436 72.12 -1.57 22.40
CA THR D 436 73.52 -1.25 22.68
C THR D 436 73.65 -0.01 23.56
N SER D 437 72.80 0.97 23.34
CA SER D 437 72.81 2.19 24.15
C SER D 437 72.35 1.78 25.53
N SER D 438 71.31 0.97 25.57
CA SER D 438 70.74 0.48 26.83
C SER D 438 71.82 -0.14 27.70
N TYR D 439 72.64 -1.01 27.12
CA TYR D 439 73.71 -1.66 27.87
C TYR D 439 74.68 -0.65 28.47
N LEU D 440 75.26 0.22 27.66
CA LEU D 440 76.20 1.22 28.16
C LEU D 440 75.54 2.03 29.29
N ASP D 441 74.23 2.27 29.15
CA ASP D 441 73.52 2.99 30.19
C ASP D 441 73.53 2.08 31.43
N TYR D 442 73.11 0.84 31.24
CA TYR D 442 73.08 -0.14 32.31
C TYR D 442 74.40 -0.16 33.09
N ILE D 443 75.51 -0.39 32.40
CA ILE D 443 76.82 -0.45 33.04
C ILE D 443 77.26 0.82 33.77
N LEU D 444 76.97 1.97 33.21
CA LEU D 444 77.36 3.19 33.88
C LEU D 444 76.44 3.44 35.09
N THR D 445 75.27 2.78 35.12
CA THR D 445 74.29 2.95 36.20
C THR D 445 73.87 1.66 36.87
N VAL D 446 74.82 0.93 37.44
CA VAL D 446 74.46 -0.31 38.10
C VAL D 446 75.28 -0.50 39.36
N ASP D 447 74.63 -1.03 40.38
CA ASP D 447 75.28 -1.34 41.63
C ASP D 447 74.84 -2.76 41.94
N SER D 448 75.77 -3.70 41.76
CA SER D 448 75.51 -5.11 42.00
C SER D 448 76.05 -5.57 43.35
N LEU D 449 76.63 -4.65 44.10
CA LEU D 449 77.18 -5.00 45.41
C LEU D 449 76.06 -4.91 46.44
N ASN D 450 76.16 -5.69 47.50
CA ASN D 450 75.14 -5.70 48.55
C ASN D 450 75.01 -4.35 49.25
N GLU D 451 73.97 -4.22 50.07
CA GLU D 451 73.76 -2.99 50.81
C GLU D 451 75.05 -2.63 51.52
N THR D 452 75.81 -3.67 51.90
CA THR D 452 77.09 -3.51 52.57
C THR D 452 78.22 -3.91 51.63
N ARG D 453 79.25 -3.06 51.57
CA ARG D 453 80.37 -3.31 50.68
C ARG D 453 81.69 -2.72 51.17
N THR D 454 82.70 -2.80 50.31
CA THR D 454 84.05 -2.32 50.59
C THR D 454 84.58 -1.38 49.52
N LYS D 455 85.41 -0.41 49.91
CA LYS D 455 85.98 0.54 48.96
C LYS D 455 86.70 -0.27 47.89
N GLU D 456 87.29 -1.38 48.34
CA GLU D 456 88.03 -2.27 47.46
C GLU D 456 87.08 -2.91 46.44
N GLN D 457 86.01 -3.54 46.95
CA GLN D 457 85.00 -4.18 46.10
C GLN D 457 84.45 -3.21 45.05
N GLU D 458 84.19 -1.97 45.47
CA GLU D 458 83.66 -0.92 44.58
C GLU D 458 84.62 -0.65 43.44
N LEU D 459 85.91 -0.63 43.76
CA LEU D 459 86.93 -0.38 42.77
C LEU D 459 86.97 -1.53 41.76
N TYR D 460 86.82 -2.76 42.25
CA TYR D 460 86.81 -3.91 41.37
C TYR D 460 85.58 -3.94 40.48
N GLN D 461 84.41 -3.61 41.03
CA GLN D 461 83.20 -3.59 40.24
C GLN D 461 83.39 -2.57 39.14
N THR D 462 84.01 -1.44 39.48
CA THR D 462 84.25 -0.39 38.51
C THR D 462 85.22 -0.84 37.43
N ALA D 464 85.54 -4.14 36.52
CA ALA D 464 84.79 -5.14 35.78
C ALA D 464 83.93 -4.41 34.74
N LYS D 465 83.41 -3.24 35.10
CA LYS D 465 82.56 -2.47 34.19
C LYS D 465 83.33 -2.12 32.92
N LEU D 466 84.57 -1.69 33.08
CA LEU D 466 85.38 -1.33 31.91
C LEU D 466 85.68 -2.57 31.09
N GLN D 467 85.74 -3.73 31.73
CA GLN D 467 86.00 -4.96 31.00
C GLN D 467 84.72 -5.39 30.30
N HIS D 468 83.58 -5.17 30.96
CA HIS D 468 82.27 -5.50 30.41
C HIS D 468 82.07 -4.66 29.15
N VAL D 469 82.34 -3.37 29.27
CA VAL D 469 82.17 -2.47 28.13
C VAL D 469 83.09 -2.80 26.99
N ASN D 470 84.28 -3.29 27.30
CA ASN D 470 85.25 -3.62 26.27
C ASN D 470 84.87 -4.89 25.49
N PHE D 471 84.08 -5.76 26.12
CA PHE D 471 83.62 -7.02 25.52
C PHE D 471 82.48 -6.81 24.55
N VAL D 472 81.55 -5.94 24.91
CA VAL D 472 80.42 -5.62 24.06
C VAL D 472 80.89 -4.69 22.94
N TYR D 473 81.90 -3.89 23.23
CA TYR D 473 82.42 -2.97 22.22
C TYR D 473 83.05 -3.73 21.07
N ARG D 474 83.81 -4.75 21.44
CA ARG D 474 84.54 -5.59 20.49
C ARG D 474 83.59 -6.42 19.64
N LYS D 475 82.49 -6.87 20.25
CA LYS D 475 81.50 -7.68 19.53
C LYS D 475 80.63 -6.81 18.61
N ILE D 476 80.40 -5.54 18.99
CA ILE D 476 79.62 -4.66 18.15
C ILE D 476 80.38 -4.57 16.84
N LYS D 477 81.69 -4.39 16.93
CA LYS D 477 82.56 -4.30 15.76
C LYS D 477 82.45 -5.54 14.87
N SER D 478 82.65 -6.72 15.43
CA SER D 478 82.55 -7.94 14.62
C SER D 478 81.12 -8.17 14.12
N LEU D 479 80.19 -7.28 14.46
CA LEU D 479 78.81 -7.42 14.01
C LEU D 479 78.56 -6.44 12.86
N SER D 480 79.17 -5.25 12.95
CA SER D 480 79.04 -4.24 11.92
C SER D 480 79.85 -4.67 10.70
N SER D 481 80.58 -5.78 10.87
CA SER D 481 81.42 -6.36 9.82
C SER D 481 80.65 -7.50 9.18
N ASN D 482 79.34 -7.52 9.45
CA ASN D 482 78.41 -8.52 8.94
C ASN D 482 77.89 -8.08 7.56
N PHE D 483 77.63 -9.06 6.69
CA PHE D 483 77.15 -8.77 5.34
C PHE D 483 76.04 -7.71 5.19
N ILE D 484 74.89 -7.95 5.82
CA ILE D 484 73.76 -7.03 5.71
C ILE D 484 74.02 -5.61 6.19
N PHE D 485 74.81 -5.45 7.25
CA PHE D 485 75.09 -4.13 7.77
C PHE D 485 76.05 -3.35 6.88
N ILE D 486 77.01 -4.06 6.29
CA ILE D 486 77.96 -3.41 5.39
C ILE D 486 77.17 -2.79 4.23
N GLN D 487 76.18 -3.53 3.72
CA GLN D 487 75.38 -3.02 2.62
C GLN D 487 74.34 -2.01 3.07
N LEU D 488 73.75 -2.24 4.24
CA LEU D 488 72.78 -1.26 4.72
C LEU D 488 73.52 0.05 4.94
N THR D 489 74.80 -0.05 5.29
CA THR D 489 75.61 1.13 5.53
C THR D 489 75.91 1.87 4.24
N ASP D 490 76.38 1.15 3.23
CA ASP D 490 76.71 1.77 1.94
C ASP D 490 75.46 2.45 1.35
N ILE D 491 74.29 1.85 1.57
CA ILE D 491 73.03 2.42 1.10
C ILE D 491 72.81 3.73 1.86
N VAL D 492 72.84 3.66 3.18
CA VAL D 492 72.66 4.86 3.99
C VAL D 492 73.62 5.97 3.53
N ASN D 493 74.84 5.60 3.17
CA ASN D 493 75.86 6.54 2.71
C ASN D 493 75.57 7.21 1.37
N SER D 494 74.41 6.93 0.79
CA SER D 494 74.02 7.52 -0.48
C SER D 494 72.56 7.97 -0.44
N THR D 495 71.75 7.28 0.38
CA THR D 495 70.32 7.59 0.56
C THR D 495 70.18 9.01 1.13
N GLU D 496 70.86 9.25 2.25
CA GLU D 496 70.83 10.57 2.87
C GLU D 496 72.14 11.29 2.53
N SER D 497 72.86 10.72 1.56
CA SER D 497 74.13 11.29 1.10
C SER D 497 75.16 11.56 2.20
N LYS D 498 75.13 10.76 3.27
CA LYS D 498 76.10 10.91 4.37
C LYS D 498 77.40 10.13 4.09
N LYS D 499 78.22 9.95 5.13
CA LYS D 499 79.48 9.22 5.00
C LYS D 499 79.94 8.56 6.31
N TYR D 500 79.22 7.51 6.72
CA TYR D 500 79.52 6.76 7.95
C TYR D 500 80.29 5.47 7.67
N ASN D 501 81.12 5.05 8.63
CA ASN D 501 81.92 3.82 8.47
C ASN D 501 81.19 2.53 8.89
N SER D 502 79.93 2.69 9.28
CA SER D 502 79.04 1.60 9.68
C SER D 502 77.83 2.24 10.33
N LEU D 503 76.76 1.47 10.49
CA LEU D 503 75.60 2.05 11.11
C LEU D 503 75.81 2.02 12.63
N PHE D 504 76.94 1.46 13.06
CA PHE D 504 77.26 1.35 14.49
C PHE D 504 78.26 2.40 15.00
N GLN D 505 78.73 3.28 14.12
CA GLN D 505 79.69 4.32 14.49
C GLN D 505 79.41 5.12 15.75
N ASN D 506 78.23 5.73 15.83
CA ASN D 506 77.85 6.55 16.98
C ASN D 506 77.89 5.78 18.28
N VAL D 507 76.98 4.82 18.41
CA VAL D 507 76.89 4.00 19.62
C VAL D 507 78.20 3.23 19.85
N GLU D 508 79.11 3.32 18.88
CA GLU D 508 80.40 2.64 18.97
C GLU D 508 81.40 3.60 19.60
N ASN D 509 81.21 4.89 19.36
CA ASN D 509 82.08 5.94 19.90
C ASN D 509 81.73 6.28 21.32
N ASP D 510 80.45 6.17 21.68
CA ASP D 510 80.04 6.47 23.04
C ASP D 510 80.78 5.47 23.93
N TYR D 511 81.00 4.28 23.39
CA TYR D 511 81.73 3.24 24.10
C TYR D 511 83.18 3.68 24.31
N GLU D 512 83.81 4.17 23.26
CA GLU D 512 85.20 4.64 23.34
C GLU D 512 85.31 5.87 24.23
N LYS D 513 84.33 6.78 24.12
CA LYS D 513 84.32 8.00 24.92
C LYS D 513 84.08 7.66 26.38
N ALA D 514 83.17 6.73 26.63
CA ALA D 514 82.89 6.33 28.01
C ALA D 514 84.11 5.62 28.58
N SER D 516 87.15 5.92 27.86
CA SER D 516 88.21 6.87 28.12
C SER D 516 87.65 8.23 28.58
N THR D 517 86.99 8.18 29.73
CA THR D 517 86.38 9.35 30.38
C THR D 517 85.83 8.81 31.69
N ASP D 518 84.52 8.67 31.79
CA ASP D 518 83.92 8.16 33.03
C ASP D 518 84.72 7.03 33.64
N GLN D 520 87.57 5.38 32.80
CA GLN D 520 89.01 5.55 32.97
C GLN D 520 89.25 6.35 34.26
N ASN D 521 88.61 7.53 34.35
CA ASN D 521 88.74 8.40 35.53
C ASN D 521 88.29 7.70 36.81
N SER D 522 87.07 7.20 36.81
CA SER D 522 86.54 6.54 37.98
C SER D 522 87.48 5.47 38.51
N ILE D 523 88.18 4.77 37.62
CA ILE D 523 89.12 3.74 38.07
C ILE D 523 90.27 4.42 38.82
N VAL D 524 90.71 5.56 38.29
CA VAL D 524 91.78 6.33 38.90
C VAL D 524 91.32 6.84 40.25
N HIS D 525 90.29 7.68 40.26
CA HIS D 525 89.76 8.22 41.51
C HIS D 525 89.64 7.15 42.60
N ARG D 526 88.91 6.06 42.32
CA ARG D 526 88.75 4.99 43.30
C ARG D 526 90.12 4.50 43.77
N ILE D 527 91.13 4.54 42.90
CA ILE D 527 92.48 4.10 43.28
C ILE D 527 93.20 5.20 44.09
N GLN D 528 93.17 6.43 43.60
CA GLN D 528 93.80 7.55 44.29
C GLN D 528 93.36 7.53 45.74
N LYS D 529 92.05 7.46 45.93
CA LYS D 529 91.47 7.44 47.27
C LYS D 529 92.00 6.27 48.08
N LEU D 530 92.16 5.12 47.44
CA LEU D 530 92.66 3.94 48.15
C LEU D 530 94.16 4.10 48.44
N LEU D 531 94.83 4.94 47.65
CA LEU D 531 96.26 5.20 47.85
C LEU D 531 96.47 6.12 49.04
N LYS D 532 95.78 7.26 49.03
CA LYS D 532 95.86 8.24 50.12
C LYS D 532 95.74 7.48 51.44
N GLU D 533 94.71 6.64 51.52
CA GLU D 533 94.43 5.85 52.71
C GLU D 533 95.62 5.08 53.26
N THR D 534 96.49 4.59 52.38
CA THR D 534 97.65 3.81 52.83
C THR D 534 98.86 4.67 53.18
N LEU D 535 98.95 5.84 52.55
CA LEU D 535 100.06 6.74 52.77
C LEU D 535 99.96 7.61 54.03
N ARG D 536 99.02 7.29 54.92
CA ARG D 536 98.87 8.07 56.15
C ARG D 536 100.14 8.01 56.98
N ASN D 537 100.66 6.80 57.18
CA ASN D 537 101.89 6.62 57.96
C ASN D 537 103.04 7.39 57.34
N TYR D 538 103.14 7.31 56.02
CA TYR D 538 104.19 8.00 55.27
C TYR D 538 104.06 9.52 55.42
N PHE D 539 102.82 9.99 55.58
CA PHE D 539 102.54 11.40 55.75
C PHE D 539 103.12 11.93 57.06
N LYS D 540 102.99 11.11 58.10
CA LYS D 540 103.44 11.40 59.46
C LYS D 540 104.96 11.29 59.75
N ILE D 541 105.76 10.82 58.79
CA ILE D 541 107.20 10.71 59.04
C ILE D 541 107.78 12.09 59.36
N SER D 542 108.82 12.14 60.18
CA SER D 542 109.49 13.38 60.56
C SER D 542 110.99 13.31 60.26
N THR D 543 111.46 12.08 60.04
CA THR D 543 112.86 11.76 59.73
C THR D 543 113.50 12.59 58.61
N TRP D 544 112.68 13.31 57.87
CA TRP D 544 113.15 14.10 56.74
C TRP D 544 114.33 15.05 56.88
N SER D 545 114.69 15.41 58.10
CA SER D 545 115.83 16.31 58.30
C SER D 545 116.81 15.85 59.38
N THR D 546 116.61 14.62 59.86
CA THR D 546 117.45 14.04 60.91
C THR D 546 117.91 12.63 60.55
N LEU D 547 118.32 12.40 59.32
CA LEU D 547 118.73 11.06 58.94
C LEU D 547 120.05 11.01 58.18
N GLU D 548 120.82 9.95 58.42
CA GLU D 548 122.10 9.73 57.74
C GLU D 548 122.11 8.31 57.16
N SER D 550 123.11 5.00 56.11
CA SER D 550 124.13 4.03 56.48
C SER D 550 125.02 3.62 55.29
N PRO D 557 126.66 1.31 50.53
CA PRO D 557 125.36 1.81 51.04
C PRO D 557 124.19 1.63 50.06
N SER D 558 123.49 0.51 50.21
CA SER D 558 122.34 0.19 49.36
C SER D 558 121.06 0.72 49.99
N SER D 559 120.45 1.70 49.32
CA SER D 559 119.22 2.34 49.79
C SER D 559 117.97 1.47 49.79
N VAL D 560 116.98 1.93 50.54
CA VAL D 560 115.73 1.22 50.70
C VAL D 560 114.60 2.24 50.82
N PRO D 561 113.42 1.95 50.25
CA PRO D 561 112.33 2.92 50.37
C PRO D 561 111.85 2.96 51.83
N SER D 562 111.56 4.15 52.34
CA SER D 562 111.13 4.31 53.73
C SER D 562 110.19 3.22 54.19
N ALA D 563 110.56 2.57 55.28
CA ALA D 563 109.80 1.48 55.87
C ALA D 563 108.30 1.73 55.95
N GLU D 564 107.90 2.98 56.20
CA GLU D 564 106.49 3.29 56.30
C GLU D 564 105.80 3.33 54.93
N LEU D 565 106.57 3.15 53.86
CA LEU D 565 106.04 3.18 52.50
C LEU D 565 105.79 1.77 51.94
N VAL D 566 106.26 0.76 52.67
CA VAL D 566 106.13 -0.65 52.31
C VAL D 566 104.70 -1.10 51.93
N ASN D 567 103.80 -1.05 52.90
CA ASN D 567 102.42 -1.46 52.69
C ASN D 567 101.73 -0.75 51.52
N SER D 568 102.17 0.46 51.20
CA SER D 568 101.58 1.25 50.11
C SER D 568 102.08 0.77 48.76
N ILE D 569 103.24 0.14 48.77
CA ILE D 569 103.86 -0.40 47.57
C ILE D 569 103.24 -1.77 47.28
N ASN D 570 103.02 -2.54 48.34
CA ASN D 570 102.42 -3.87 48.26
C ASN D 570 101.00 -3.78 47.69
N VAL D 571 100.32 -2.68 47.98
CA VAL D 571 98.96 -2.45 47.52
C VAL D 571 98.88 -2.01 46.06
N LEU D 572 99.58 -0.93 45.71
CA LEU D 572 99.53 -0.47 44.33
C LEU D 572 99.98 -1.60 43.43
N ARG D 573 100.82 -2.48 43.99
CA ARG D 573 101.34 -3.67 43.30
C ARG D 573 100.25 -4.69 42.97
N ARG D 574 99.38 -4.94 43.93
CA ARG D 574 98.27 -5.88 43.75
C ARG D 574 97.18 -5.29 42.86
N LEU D 575 96.81 -4.03 43.11
CA LEU D 575 95.77 -3.35 42.33
C LEU D 575 96.19 -3.05 40.89
N ILE D 576 97.47 -2.81 40.66
CA ILE D 576 97.90 -2.54 39.31
C ILE D 576 98.01 -3.89 38.60
N ASN D 577 98.27 -4.93 39.39
CA ASN D 577 98.39 -6.30 38.89
C ASN D 577 97.01 -6.83 38.50
N LYS D 578 95.97 -6.23 39.08
CA LYS D 578 94.58 -6.59 38.81
C LYS D 578 94.15 -5.89 37.52
N LEU D 579 94.70 -4.69 37.27
CA LEU D 579 94.39 -3.93 36.08
C LEU D 579 95.10 -4.51 34.86
N ASP D 580 96.32 -4.96 35.07
CA ASP D 580 97.10 -5.54 33.98
C ASP D 580 96.56 -6.92 33.59
N SER D 581 95.68 -7.46 34.42
CA SER D 581 95.08 -8.77 34.15
C SER D 581 93.61 -8.61 33.74
N ASP D 583 90.74 -7.70 30.78
CA ASP D 583 90.53 -7.79 29.33
C ASP D 583 90.15 -6.37 28.88
N ILE D 584 91.10 -5.45 29.01
CA ILE D 584 90.92 -4.04 28.67
C ILE D 584 91.87 -3.63 27.55
N PRO D 585 91.45 -2.70 26.68
CA PRO D 585 92.35 -2.26 25.58
C PRO D 585 93.60 -1.62 26.18
N LEU D 586 94.76 -1.87 25.57
CA LEU D 586 96.02 -1.34 26.09
C LEU D 586 96.09 0.20 26.11
N ALA D 587 95.46 0.87 25.16
CA ALA D 587 95.47 2.33 25.12
C ALA D 587 94.92 2.88 26.45
N ILE D 588 93.81 2.31 26.90
CA ILE D 588 93.16 2.71 28.14
C ILE D 588 93.99 2.30 29.35
N SER D 589 94.63 1.14 29.25
CA SER D 589 95.45 0.61 30.33
C SER D 589 96.56 1.59 30.73
N LEU D 590 97.12 2.30 29.75
CA LEU D 590 98.18 3.26 30.03
C LEU D 590 97.61 4.60 30.49
N LYS D 591 96.49 5.03 29.92
CA LYS D 591 95.85 6.28 30.33
C LYS D 591 95.74 6.25 31.86
N VAL D 592 95.27 5.11 32.36
CA VAL D 592 95.12 4.90 33.81
C VAL D 592 96.47 5.08 34.47
N LYS D 593 97.43 4.25 34.06
CA LYS D 593 98.81 4.26 34.57
C LYS D 593 99.47 5.65 34.54
N ASN D 594 99.28 6.37 33.44
CA ASN D 594 99.84 7.71 33.30
C ASN D 594 99.09 8.68 34.22
N GLU D 595 97.77 8.53 34.31
CA GLU D 595 97.00 9.42 35.17
C GLU D 595 97.36 9.16 36.65
N LEU D 596 97.55 7.89 37.00
CA LEU D 596 97.93 7.52 38.36
C LEU D 596 99.27 8.11 38.75
N LEU D 597 100.18 8.21 37.78
CA LEU D 597 101.50 8.77 38.03
C LEU D 597 101.38 10.24 38.44
N ASN D 598 100.55 11.00 37.73
CA ASN D 598 100.38 12.41 38.07
C ASN D 598 99.85 12.53 39.48
N VAL D 599 98.89 11.67 39.83
CA VAL D 599 98.31 11.69 41.16
C VAL D 599 99.41 11.47 42.18
N ILE D 600 100.27 10.49 41.90
CA ILE D 600 101.36 10.18 42.81
C ILE D 600 102.40 11.29 42.88
N VAL D 601 102.63 11.99 41.77
CA VAL D 601 103.59 13.09 41.79
C VAL D 601 103.03 14.23 42.62
N ASN D 602 101.76 14.52 42.46
CA ASN D 602 101.13 15.59 43.24
C ASN D 602 101.26 15.30 44.71
N TYR D 603 100.78 14.13 45.13
CA TYR D 603 100.85 13.76 46.53
C TYR D 603 102.28 13.95 47.06
N PHE D 604 103.27 13.62 46.23
CA PHE D 604 104.66 13.78 46.66
C PHE D 604 105.12 15.23 46.71
N THR D 605 104.68 16.05 45.75
CA THR D 605 105.06 17.46 45.74
C THR D 605 104.36 18.29 46.82
N GLU D 606 103.06 18.03 47.00
CA GLU D 606 102.21 18.77 47.94
C GLU D 606 102.04 18.22 49.35
N SER D 607 101.97 16.90 49.49
CA SER D 607 101.79 16.29 50.79
C SER D 607 103.09 16.03 51.53
N ILE D 608 104.19 15.90 50.80
CA ILE D 608 105.47 15.62 51.44
C ILE D 608 106.56 16.66 51.26
N LEU D 609 106.82 17.09 50.03
CA LEU D 609 107.87 18.08 49.81
C LEU D 609 107.60 19.44 50.43
N LYS D 610 106.53 20.10 49.97
CA LYS D 610 106.17 21.43 50.45
C LYS D 610 105.81 21.57 51.93
N LEU D 611 105.63 20.46 52.63
CA LEU D 611 105.24 20.50 54.03
C LEU D 611 106.31 19.99 55.01
N ASN D 612 107.54 19.80 54.54
CA ASN D 612 108.61 19.32 55.40
C ASN D 612 109.91 20.01 55.07
N LYS D 613 110.90 19.84 55.94
CA LYS D 613 112.22 20.40 55.74
C LYS D 613 113.16 19.21 55.50
N PHE D 614 113.98 19.28 54.47
CA PHE D 614 114.89 18.18 54.17
C PHE D 614 116.36 18.57 54.20
N ASN D 615 117.21 17.57 54.43
CA ASN D 615 118.66 17.76 54.42
C ASN D 615 119.09 16.88 53.25
N GLN D 616 120.37 16.90 52.89
CA GLN D 616 120.80 16.08 51.75
C GLN D 616 120.26 14.65 51.78
N ASN D 617 120.45 13.94 52.89
CA ASN D 617 119.98 12.57 53.01
C ASN D 617 118.49 12.43 52.71
N GLY D 618 117.67 13.15 53.48
CA GLY D 618 116.24 13.08 53.28
C GLY D 618 115.71 13.54 51.92
N LEU D 619 116.47 14.36 51.20
CA LEU D 619 116.03 14.85 49.91
C LEU D 619 116.20 13.76 48.84
N ASN D 620 117.06 12.79 49.14
CA ASN D 620 117.31 11.69 48.22
C ASN D 620 116.36 10.55 48.57
N GLN D 621 116.20 10.30 49.87
CA GLN D 621 115.29 9.28 50.35
C GLN D 621 113.97 9.51 49.62
N PHE D 622 113.55 10.77 49.62
CA PHE D 622 112.34 11.24 48.95
C PHE D 622 112.28 10.76 47.51
N LEU D 623 113.39 10.90 46.80
CA LEU D 623 113.49 10.49 45.41
C LEU D 623 113.48 8.97 45.20
N HIS D 624 114.07 8.23 46.15
CA HIS D 624 114.08 6.77 46.05
C HIS D 624 112.64 6.34 46.31
N ASP D 625 112.08 6.80 47.43
CA ASP D 625 110.70 6.50 47.80
C ASP D 625 109.76 6.80 46.63
N PHE D 626 109.92 7.96 46.02
CA PHE D 626 109.07 8.30 44.90
C PHE D 626 109.14 7.22 43.83
N LYS D 627 110.33 6.94 43.31
CA LYS D 627 110.44 5.91 42.27
C LYS D 627 109.99 4.53 42.71
N SER D 628 110.31 4.14 43.93
CA SER D 628 109.91 2.82 44.45
C SER D 628 108.40 2.61 44.29
N LEU D 629 107.66 3.70 44.15
CA LEU D 629 106.21 3.60 44.01
C LEU D 629 105.72 3.93 42.59
N SER D 630 106.37 4.87 41.92
CA SER D 630 105.93 5.21 40.57
C SER D 630 106.43 4.16 39.57
N SER D 631 107.32 3.28 40.03
CA SER D 631 107.88 2.23 39.19
C SER D 631 106.98 1.00 39.06
N ILE D 632 106.10 0.78 40.04
CA ILE D 632 105.21 -0.36 39.96
C ILE D 632 104.22 -0.16 38.83
N LEU D 633 104.04 1.10 38.42
CA LEU D 633 103.12 1.40 37.34
C LEU D 633 103.40 0.56 36.09
N SER D 634 104.53 -0.13 36.08
CA SER D 634 104.92 -0.96 34.95
C SER D 634 104.70 -0.14 33.68
N LEU D 635 104.82 1.16 33.82
CA LEU D 635 104.63 2.07 32.71
C LEU D 635 106.00 2.38 32.14
N PRO D 636 106.25 1.96 30.88
CA PRO D 636 107.55 2.23 30.25
C PRO D 636 107.58 3.60 29.57
N SER D 637 106.63 4.46 29.92
CA SER D 637 106.53 5.81 29.37
C SER D 637 107.18 6.85 30.28
N HIS D 638 107.42 6.45 31.53
CA HIS D 638 108.05 7.30 32.56
C HIS D 638 108.37 8.74 32.17
N ALA D 639 109.35 8.91 31.30
CA ALA D 639 109.82 10.22 30.84
C ALA D 639 108.78 11.12 30.16
N THR D 640 107.96 10.55 29.28
CA THR D 640 106.95 11.35 28.59
C THR D 640 106.02 12.10 29.54
N ASN D 641 106.18 11.87 30.85
CA ASN D 641 105.31 12.52 31.83
C ASN D 641 105.80 13.89 32.29
N TYR D 642 105.05 14.92 31.89
CA TYR D 642 105.37 16.30 32.23
C TYR D 642 105.66 16.44 33.72
N LYS D 643 104.63 16.13 34.52
CA LYS D 643 104.70 16.22 35.97
C LYS D 643 105.79 15.37 36.63
N CYS D 644 106.25 14.33 35.96
CA CYS D 644 107.27 13.47 36.56
C CYS D 644 108.68 14.04 36.44
N SER D 646 109.23 17.26 36.08
CA SER D 646 109.18 18.51 36.80
C SER D 646 109.58 18.26 38.25
N LEU D 647 109.05 17.19 38.84
CA LEU D 647 109.40 16.86 40.22
C LEU D 647 110.92 16.69 40.30
N HIS D 648 111.48 15.94 39.35
CA HIS D 648 112.93 15.70 39.30
C HIS D 648 113.70 17.02 39.13
N GLU D 649 113.16 17.94 38.34
CA GLU D 649 113.78 19.24 38.14
C GLU D 649 113.58 20.10 39.39
N LEU D 650 112.56 19.77 40.16
CA LEU D 650 112.26 20.50 41.38
C LEU D 650 113.26 20.12 42.46
N VAL D 651 113.46 18.83 42.68
CA VAL D 651 114.39 18.36 43.71
C VAL D 651 115.86 18.67 43.37
N LYS D 652 116.13 18.93 42.09
CA LYS D 652 117.49 19.24 41.65
C LYS D 652 117.81 20.69 42.05
N ILE D 653 116.86 21.57 41.77
CA ILE D 653 116.97 22.99 42.10
C ILE D 653 117.05 23.20 43.61
N LEU D 654 116.40 22.32 44.36
CA LEU D 654 116.41 22.40 45.81
C LEU D 654 117.76 21.96 46.37
N LYS D 655 118.54 21.26 45.55
CA LYS D 655 119.86 20.78 45.96
C LYS D 655 120.95 21.81 45.69
N LEU D 656 120.54 23.01 45.27
CA LEU D 656 121.47 24.10 45.01
C LEU D 656 122.17 24.43 46.31
N LYS D 657 121.53 24.06 47.42
CA LYS D 657 122.08 24.29 48.74
C LYS D 657 123.41 23.56 48.90
N TYR D 658 123.46 22.31 48.45
CA TYR D 658 124.67 21.53 48.57
C TYR D 658 125.51 21.56 47.30
N ASP D 659 125.41 22.67 46.56
CA ASP D 659 126.19 22.85 45.33
C ASP D 659 127.12 24.03 45.55
N PRO D 660 128.45 23.77 45.56
CA PRO D 660 129.40 24.86 45.77
C PRO D 660 129.79 25.61 44.49
N ASN D 661 129.62 24.96 43.34
CA ASN D 661 129.98 25.54 42.05
C ASN D 661 128.96 26.49 41.43
N ASN D 662 127.77 26.56 42.02
CA ASN D 662 126.73 27.46 41.51
C ASN D 662 126.05 28.19 42.65
N GLN D 663 126.67 28.14 43.82
CA GLN D 663 126.16 28.78 45.03
C GLN D 663 125.81 30.25 44.83
N GLN D 664 125.91 30.74 43.60
CA GLN D 664 125.61 32.13 43.31
C GLN D 664 124.21 32.42 42.78
N PHE D 665 123.33 31.42 42.82
CA PHE D 665 121.96 31.64 42.38
C PHE D 665 121.14 31.88 43.64
N LEU D 666 121.71 31.48 44.79
CA LEU D 666 121.08 31.63 46.10
C LEU D 666 121.15 33.06 46.62
N ASN D 667 121.58 33.99 45.77
CA ASN D 667 121.69 35.38 46.17
C ASN D 667 120.31 36.04 46.11
N PRO D 668 119.85 36.58 47.24
CA PRO D 668 118.55 37.24 47.28
C PRO D 668 118.26 38.16 46.08
N GLU D 669 119.28 38.89 45.64
CA GLU D 669 119.14 39.82 44.52
C GLU D 669 118.66 39.13 43.25
N TYR D 670 119.23 37.97 42.97
CA TYR D 670 118.88 37.20 41.78
C TYR D 670 117.47 36.62 41.86
N ILE D 671 117.15 35.98 42.98
CA ILE D 671 115.83 35.40 43.16
C ILE D 671 114.78 36.48 42.91
N LYS D 672 114.86 37.58 43.65
CA LYS D 672 113.89 38.67 43.47
C LYS D 672 113.89 39.17 42.03
N THR D 673 115.04 39.06 41.36
CA THR D 673 115.15 39.49 39.97
C THR D 673 114.03 38.86 39.14
N GLY D 674 113.85 37.55 39.29
CA GLY D 674 112.80 36.85 38.58
C GLY D 674 113.16 36.35 37.19
N ASN D 675 114.43 36.50 36.81
CA ASN D 675 114.87 36.06 35.51
C ASN D 675 115.83 34.90 35.69
N PHE D 676 115.35 33.69 35.36
CA PHE D 676 116.17 32.48 35.52
C PHE D 676 116.60 31.86 34.18
N THR D 677 117.36 32.60 33.39
CA THR D 677 117.84 32.07 32.11
C THR D 677 119.19 31.42 32.37
N SER D 678 119.87 31.87 33.42
CA SER D 678 121.16 31.34 33.78
C SER D 678 121.06 29.95 34.39
N LEU D 679 120.22 29.81 35.42
CA LEU D 679 120.05 28.51 36.07
C LEU D 679 119.32 27.52 35.18
N LYS D 680 118.47 28.03 34.28
CA LYS D 680 117.72 27.16 33.37
C LYS D 680 118.67 26.43 32.41
N GLU D 681 119.86 26.99 32.19
CA GLU D 681 120.84 26.40 31.29
C GLU D 681 121.84 25.49 32.00
N ALA D 682 122.35 25.94 33.14
CA ALA D 682 123.33 25.16 33.91
C ALA D 682 122.74 23.84 34.42
N TYR D 683 121.47 23.86 34.79
CA TYR D 683 120.80 22.66 35.30
C TYR D 683 119.84 22.02 34.28
N SER D 684 119.80 22.61 33.09
CA SER D 684 118.94 22.13 32.00
C SER D 684 117.48 21.95 32.41
N ILE D 685 116.92 22.94 33.10
CA ILE D 685 115.53 22.89 33.51
C ILE D 685 114.69 23.25 32.27
N LYS D 686 113.84 22.31 31.84
CA LYS D 686 113.02 22.53 30.65
C LYS D 686 111.54 22.63 30.94
N TYR D 687 111.11 22.16 32.11
CA TYR D 687 109.70 22.16 32.44
C TYR D 687 109.25 23.18 33.49
N LEU D 688 109.80 23.09 34.70
CA LEU D 688 109.46 24.00 35.79
C LEU D 688 109.39 25.46 35.32
N LYS D 689 108.20 26.06 35.39
CA LYS D 689 108.02 27.44 34.97
C LYS D 689 108.49 28.44 36.03
N ASP D 690 109.11 29.52 35.55
CA ASP D 690 109.65 30.59 36.41
C ASP D 690 108.99 30.78 37.76
N THR D 691 107.65 30.79 37.77
CA THR D 691 106.92 30.96 39.01
C THR D 691 107.37 29.94 40.04
N LYS D 692 107.45 28.67 39.64
CA LYS D 692 107.84 27.58 40.53
C LYS D 692 109.32 27.38 40.85
N ILE D 693 110.20 28.09 40.16
CA ILE D 693 111.63 28.00 40.44
C ILE D 693 111.89 29.07 41.49
N GLN D 694 111.12 30.14 41.38
CA GLN D 694 111.16 31.28 42.28
C GLN D 694 111.07 30.78 43.71
N ASP D 695 109.90 30.27 44.08
CA ASP D 695 109.67 29.76 45.43
C ASP D 695 110.55 28.57 45.75
N ALA D 696 111.06 27.90 44.71
CA ALA D 696 111.94 26.76 44.91
C ALA D 696 113.21 27.28 45.60
N LEU D 697 113.80 28.32 45.01
CA LEU D 697 114.99 28.94 45.56
C LEU D 697 114.66 29.44 46.95
N TYR D 698 113.56 30.19 47.03
CA TYR D 698 113.09 30.76 48.27
C TYR D 698 113.03 29.78 49.43
N ARG D 699 112.70 28.51 49.15
CA ARG D 699 112.62 27.53 50.22
C ARG D 699 113.99 27.26 50.81
N ILE D 700 115.04 27.44 50.01
CA ILE D 700 116.39 27.23 50.48
C ILE D 700 116.75 28.39 51.38
N ILE D 701 116.62 29.59 50.82
CA ILE D 701 116.91 30.84 51.51
C ILE D 701 116.17 31.02 52.84
N TYR D 702 114.95 30.50 52.92
CA TYR D 702 114.17 30.63 54.15
C TYR D 702 114.43 29.49 55.14
N GLY D 703 115.39 28.64 54.85
CA GLY D 703 115.72 27.54 55.74
C GLY D 703 114.89 26.26 55.66
N ASN D 704 114.04 26.15 54.63
CA ASN D 704 113.20 24.95 54.45
C ASN D 704 114.02 23.72 54.08
N ILE D 705 115.25 23.95 53.62
CA ILE D 705 116.15 22.87 53.23
C ILE D 705 117.51 22.99 53.89
N LEU D 706 117.66 22.26 54.99
CA LEU D 706 118.88 22.22 55.79
C LEU D 706 120.01 21.46 55.09
#